data_7OM0
#
_entry.id   7OM0
#
_cell.length_a   1.00
_cell.length_b   1.00
_cell.length_c   1.00
_cell.angle_alpha   90.00
_cell.angle_beta   90.00
_cell.angle_gamma   90.00
#
_symmetry.space_group_name_H-M   'P 1'
#
loop_
_entity.id
_entity.type
_entity.pdbx_description
1 polymer 'DNA primase'
2 non-polymer 'PHOSPHOAMINOPHOSPHONIC ACID-ADENYLATE ESTER'
#
_entity_poly.entity_id   1
_entity_poly.type   'polypeptide(L)'
_entity_poly.pdbx_seq_one_letter_code
;MGHHHHHHAIKKKDRIIGVKELEIPQELKLVPNWVLWRAEWNEKQQNFGKVPYSINGYRASTTNKKTWCDFESVSIEYEV
DEQYSGIGFVLSDGNNFVCLDIDNAIDKKGQINSELALKMMQLTYCEKSPSGTGLHCFFKGKLPDNRKKKRTDLDIELYD
SARFMTVTGCTIGQSDICDNQEVLNTLVDEYFKENLPANEVVREESNTNIQLSDEDIINIMMKSKQKDKIKDLLQGTYES
YFESSSEAVQSLLHYLAFYTGKNKQQMERIFLNYNNLTDKWESKRGNTTWGQLELDKAIKNQKTIYTKSIDEFNVIPQGS
KDVKQLLNQLGHEERTKMEENWIEEGKRGRKPTTISPIKCAYILNEHLTFILFDDEENTKLAMYQFDEGIYTQNTTIIKR
VISYLEPKHNSNKADEVIYHLTNMVDIKEKTNSPYLIPVKNGVFNRKTKQLESFTPDYIFTSKIDTSYVRQDIVPEINGW
NIDRWIEEIACNDNQVVKLLWQVINDSMNGNYTRKKAIFFVGDGNNGKGTFQELLSNVIGYSNIASLKVNEFDERFKLSV
LEGKTAVIGDDVPVGVYVDDSSNFKSVVTGDPVLVEFKNKPLYRATFKCTVIQSTNGMPKFKDKTGGTLRRLLIVPFNAN
FNGIKENFKIKEDYIKNQQVLEYVLYKAINLDFETFDIPDASKKMLEVFKEDNDPVYGFKVNMFDQWTIRKVPKYIVYAF
YKEYCDENGYNALSSNKFYKQFEHYLENYWKTDAQRRYDNEELAKRIYNFNDNRNYIEPIESGKNYKSYEKVKLKAI
;
_entity_poly.pdbx_strand_id   A,B,F,D,E,C
#
# COMPACT_ATOMS: atom_id res chain seq x y z
N VAL A 323 -46.76 -7.82 7.22
CA VAL A 323 -46.33 -8.42 8.48
C VAL A 323 -46.23 -7.34 9.55
N LYS A 324 -46.27 -6.07 9.13
CA LYS A 324 -46.21 -4.97 10.09
C LYS A 324 -47.42 -4.98 11.01
N GLN A 325 -48.60 -5.23 10.46
CA GLN A 325 -49.80 -5.31 11.28
C GLN A 325 -49.72 -6.48 12.26
N LEU A 326 -49.23 -7.63 11.80
CA LEU A 326 -49.15 -8.80 12.66
C LEU A 326 -48.20 -8.57 13.83
N LEU A 327 -47.04 -7.98 13.55
CA LEU A 327 -46.05 -7.77 14.62
C LEU A 327 -46.50 -6.66 15.56
N ASN A 328 -47.16 -5.63 15.04
CA ASN A 328 -47.66 -4.57 15.90
C ASN A 328 -48.70 -5.11 16.88
N GLN A 329 -49.60 -5.97 16.40
CA GLN A 329 -50.57 -6.59 17.28
C GLN A 329 -49.89 -7.51 18.29
N LEU A 330 -48.89 -8.27 17.85
CA LEU A 330 -48.18 -9.16 18.76
C LEU A 330 -47.43 -8.37 19.83
N GLY A 331 -46.80 -7.27 19.45
CA GLY A 331 -46.07 -6.48 20.42
C GLY A 331 -46.96 -5.88 21.48
N HIS A 332 -48.11 -5.34 21.07
CA HIS A 332 -49.05 -4.79 22.04
C HIS A 332 -49.60 -5.88 22.96
N GLU A 333 -49.91 -7.06 22.40
CA GLU A 333 -50.42 -8.16 23.21
C GLU A 333 -49.38 -8.61 24.23
N GLU A 334 -48.12 -8.74 23.80
CA GLU A 334 -47.07 -9.17 24.71
C GLU A 334 -46.80 -8.11 25.78
N ARG A 335 -46.80 -6.83 25.39
CA ARG A 335 -46.60 -5.76 26.37
C ARG A 335 -47.74 -5.74 27.39
N THR A 336 -48.97 -5.96 26.93
CA THR A 336 -50.09 -6.04 27.86
C THR A 336 -49.93 -7.21 28.82
N LYS A 337 -49.48 -8.36 28.32
CA LYS A 337 -49.28 -9.52 29.18
C LYS A 337 -48.21 -9.25 30.23
N MET A 338 -47.13 -8.58 29.84
CA MET A 338 -46.08 -8.23 30.80
C MET A 338 -46.62 -7.32 31.90
N GLU A 339 -47.45 -6.34 31.52
CA GLU A 339 -48.01 -5.43 32.51
C GLU A 339 -48.93 -6.17 33.49
N GLU A 340 -49.73 -7.10 32.98
CA GLU A 340 -50.68 -7.81 33.84
C GLU A 340 -49.95 -8.62 34.90
N ASN A 341 -48.87 -9.29 34.53
CA ASN A 341 -48.08 -10.04 35.51
C ASN A 341 -47.47 -9.10 36.56
N TRP A 342 -46.99 -7.94 36.12
CA TRP A 342 -46.43 -6.97 37.06
C TRP A 342 -47.50 -6.42 37.99
N ILE A 343 -48.71 -6.20 37.46
CA ILE A 343 -49.82 -5.80 38.32
C ILE A 343 -50.12 -6.89 39.34
N GLU A 344 -50.07 -8.16 38.91
CA GLU A 344 -50.29 -9.26 39.83
C GLU A 344 -49.25 -9.28 40.95
N GLU A 345 -47.98 -9.03 40.60
CA GLU A 345 -46.92 -8.96 41.60
C GLU A 345 -46.80 -7.59 42.24
N GLY A 346 -47.57 -6.60 41.78
CA GLY A 346 -47.51 -5.27 42.35
C GLY A 346 -46.32 -4.48 41.83
N LYS A 347 -46.23 -3.24 42.31
CA LYS A 347 -45.17 -2.31 41.90
C LYS A 347 -43.86 -2.71 42.58
N ARG A 348 -43.29 -3.83 42.11
CA ARG A 348 -42.02 -4.28 42.64
C ARG A 348 -40.89 -3.31 42.30
N GLY A 349 -40.78 -2.94 41.03
CA GLY A 349 -39.82 -1.95 40.61
C GLY A 349 -40.07 -1.44 39.21
N ARG A 350 -40.14 -0.11 39.06
CA ARG A 350 -40.38 0.56 37.77
C ARG A 350 -41.62 -0.08 37.12
N LYS A 351 -41.60 -0.39 35.83
CA LYS A 351 -42.71 -1.04 35.15
C LYS A 351 -42.22 -1.66 33.85
N PRO A 352 -42.49 -2.95 33.63
CA PRO A 352 -42.02 -3.59 32.39
C PRO A 352 -42.82 -3.14 31.17
N THR A 353 -42.20 -2.31 30.33
CA THR A 353 -42.82 -1.83 29.11
C THR A 353 -42.07 -2.23 27.85
N THR A 354 -40.85 -2.76 27.98
CA THR A 354 -40.04 -3.16 26.84
C THR A 354 -39.88 -4.67 26.84
N ILE A 355 -40.21 -5.30 25.72
CA ILE A 355 -40.02 -6.75 25.60
C ILE A 355 -38.53 -7.06 25.59
N SER A 356 -38.14 -8.06 26.37
CA SER A 356 -36.73 -8.43 26.45
C SER A 356 -36.25 -8.96 25.11
N PRO A 357 -34.99 -8.72 24.76
CA PRO A 357 -34.49 -9.18 23.45
C PRO A 357 -34.65 -10.68 23.23
N ILE A 358 -34.47 -11.49 24.27
CA ILE A 358 -34.64 -12.93 24.12
C ILE A 358 -36.11 -13.27 23.84
N LYS A 359 -37.03 -12.58 24.51
CA LYS A 359 -38.44 -12.81 24.25
C LYS A 359 -38.82 -12.38 22.85
N CYS A 360 -38.22 -11.31 22.34
CA CYS A 360 -38.50 -10.87 20.98
C CYS A 360 -38.09 -11.94 19.97
N ALA A 361 -36.94 -12.59 20.19
CA ALA A 361 -36.49 -13.62 19.26
C ALA A 361 -37.46 -14.78 19.22
N TYR A 362 -38.00 -15.18 20.37
CA TYR A 362 -38.96 -16.28 20.40
C TYR A 362 -40.22 -15.93 19.62
N ILE A 363 -40.72 -14.70 19.77
CA ILE A 363 -41.92 -14.29 19.06
C ILE A 363 -41.66 -14.24 17.56
N LEU A 364 -40.53 -13.64 17.16
CA LEU A 364 -40.23 -13.52 15.74
C LEU A 364 -40.01 -14.87 15.08
N ASN A 365 -39.30 -15.78 15.75
CA ASN A 365 -39.04 -17.09 15.17
C ASN A 365 -40.34 -17.86 14.97
N GLU A 366 -41.32 -17.65 15.84
CA GLU A 366 -42.58 -18.37 15.72
C GLU A 366 -43.41 -17.86 14.55
N HIS A 367 -43.50 -16.54 14.39
CA HIS A 367 -44.39 -15.93 13.41
C HIS A 367 -43.68 -15.44 12.16
N LEU A 368 -42.40 -15.75 12.00
CA LEU A 368 -41.66 -15.36 10.81
C LEU A 368 -40.71 -16.49 10.44
N THR A 369 -40.00 -16.31 9.32
CA THR A 369 -39.10 -17.33 8.79
C THR A 369 -37.69 -16.75 8.76
N PHE A 370 -36.88 -17.11 9.75
CA PHE A 370 -35.46 -16.77 9.79
C PHE A 370 -34.64 -18.04 9.62
N ILE A 371 -33.67 -18.00 8.71
CA ILE A 371 -32.79 -19.13 8.46
C ILE A 371 -31.35 -18.65 8.50
N LEU A 372 -30.43 -19.60 8.56
CA LEU A 372 -29.01 -19.35 8.54
C LEU A 372 -28.41 -20.14 7.38
N PHE A 373 -27.71 -19.43 6.48
CA PHE A 373 -27.26 -20.07 5.25
C PHE A 373 -26.27 -21.20 5.53
N ASP A 374 -25.32 -20.98 6.44
CA ASP A 374 -24.33 -21.99 6.77
C ASP A 374 -23.78 -21.72 8.16
N ASP A 375 -23.17 -22.75 8.74
CA ASP A 375 -22.60 -22.68 10.08
C ASP A 375 -21.24 -21.98 10.12
N GLU A 376 -20.85 -21.30 9.05
CA GLU A 376 -19.58 -20.61 9.03
C GLU A 376 -19.58 -19.46 10.03
N GLU A 377 -18.38 -19.09 10.48
CA GLU A 377 -18.24 -18.05 11.50
C GLU A 377 -18.72 -16.71 10.96
N ASN A 378 -19.41 -15.96 11.82
CA ASN A 378 -19.90 -14.61 11.50
C ASN A 378 -20.85 -14.62 10.31
N THR A 379 -21.62 -15.70 10.15
CA THR A 379 -22.61 -15.75 9.09
C THR A 379 -23.80 -14.87 9.44
N LYS A 380 -24.21 -14.02 8.51
CA LYS A 380 -25.29 -13.09 8.75
C LYS A 380 -26.64 -13.80 8.72
N LEU A 381 -27.52 -13.41 9.63
CA LEU A 381 -28.87 -13.98 9.67
C LEU A 381 -29.65 -13.59 8.43
N ALA A 382 -30.46 -14.51 7.92
CA ALA A 382 -31.27 -14.30 6.73
C ALA A 382 -32.76 -14.34 7.11
N MET A 383 -33.51 -13.38 6.60
CA MET A 383 -34.94 -13.28 6.86
C MET A 383 -35.71 -13.40 5.56
N TYR A 384 -36.78 -14.18 5.56
CA TYR A 384 -37.63 -14.34 4.39
C TYR A 384 -38.69 -13.25 4.42
N GLN A 385 -38.51 -12.24 3.57
CA GLN A 385 -39.51 -11.19 3.41
C GLN A 385 -40.62 -11.70 2.50
N PHE A 386 -41.85 -11.73 3.04
CA PHE A 386 -42.94 -12.45 2.37
C PHE A 386 -43.30 -11.82 1.04
N ASP A 387 -43.36 -10.48 0.98
CA ASP A 387 -43.79 -9.82 -0.25
C ASP A 387 -42.80 -10.04 -1.38
N GLU A 388 -41.50 -9.94 -1.10
CA GLU A 388 -40.51 -10.14 -2.15
C GLU A 388 -40.33 -11.62 -2.48
N GLY A 389 -40.49 -12.50 -1.50
CA GLY A 389 -40.34 -13.93 -1.73
C GLY A 389 -38.91 -14.43 -1.73
N ILE A 390 -37.95 -13.59 -1.39
CA ILE A 390 -36.54 -13.98 -1.37
C ILE A 390 -35.95 -13.64 0.00
N TYR A 391 -35.07 -14.52 0.48
CA TYR A 391 -34.40 -14.29 1.74
C TYR A 391 -33.41 -13.13 1.59
N THR A 392 -33.31 -12.31 2.63
CA THR A 392 -32.39 -11.18 2.63
C THR A 392 -31.56 -11.18 3.89
N GLN A 393 -30.31 -10.74 3.75
CA GLN A 393 -29.38 -10.61 4.87
C GLN A 393 -29.15 -9.16 5.26
N ASN A 394 -29.95 -8.23 4.73
CA ASN A 394 -29.80 -6.82 5.04
C ASN A 394 -30.22 -6.56 6.48
N THR A 395 -29.27 -6.10 7.31
CA THR A 395 -29.58 -5.86 8.72
C THR A 395 -30.62 -4.77 8.90
N THR A 396 -30.55 -3.71 8.08
CA THR A 396 -31.52 -2.62 8.22
C THR A 396 -32.94 -3.11 7.94
N ILE A 397 -33.10 -3.99 6.95
CA ILE A 397 -34.42 -4.59 6.71
C ILE A 397 -34.84 -5.42 7.91
N ILE A 398 -33.91 -6.22 8.44
CA ILE A 398 -34.23 -7.05 9.61
C ILE A 398 -34.49 -6.16 10.83
N LYS A 399 -33.63 -5.17 11.05
CA LYS A 399 -33.79 -4.29 12.22
C LYS A 399 -35.09 -3.51 12.16
N ARG A 400 -35.54 -3.13 10.96
CA ARG A 400 -36.85 -2.50 10.83
C ARG A 400 -37.96 -3.44 11.26
N VAL A 401 -37.83 -4.72 10.92
CA VAL A 401 -38.82 -5.71 11.36
C VAL A 401 -38.84 -5.81 12.89
N ILE A 402 -37.68 -5.70 13.52
CA ILE A 402 -37.62 -5.72 14.98
C ILE A 402 -38.43 -4.56 15.55
N SER A 403 -38.32 -3.39 14.93
CA SER A 403 -39.01 -2.20 15.43
C SER A 403 -40.52 -2.37 15.42
N TYR A 404 -41.04 -3.17 14.49
CA TYR A 404 -42.48 -3.44 14.48
C TYR A 404 -42.90 -4.14 15.76
N LEU A 405 -42.14 -5.14 16.20
CA LEU A 405 -42.48 -5.86 17.41
C LEU A 405 -42.19 -5.02 18.66
N GLU A 406 -41.03 -4.36 18.68
CA GLU A 406 -40.61 -3.57 19.84
C GLU A 406 -39.88 -2.32 19.35
N PRO A 407 -40.60 -1.22 19.18
CA PRO A 407 -39.95 0.01 18.69
C PRO A 407 -38.95 0.61 19.65
N LYS A 408 -39.02 0.27 20.94
CA LYS A 408 -38.17 0.91 21.93
C LYS A 408 -36.74 0.37 21.94
N HIS A 409 -36.45 -0.69 21.20
CA HIS A 409 -35.10 -1.22 21.15
C HIS A 409 -34.21 -0.34 20.30
N ASN A 410 -33.03 0.00 20.82
CA ASN A 410 -32.05 0.76 20.05
C ASN A 410 -31.23 -0.21 19.20
N SER A 411 -30.14 0.28 18.62
CA SER A 411 -29.32 -0.56 17.75
C SER A 411 -28.70 -1.71 18.52
N ASN A 412 -28.22 -1.45 19.74
CA ASN A 412 -27.56 -2.50 20.51
C ASN A 412 -28.51 -3.63 20.87
N LYS A 413 -29.69 -3.30 21.39
CA LYS A 413 -30.65 -4.34 21.74
C LYS A 413 -31.21 -5.03 20.51
N ALA A 414 -31.35 -4.31 19.40
CA ALA A 414 -31.76 -4.96 18.15
C ALA A 414 -30.72 -5.97 17.70
N ASP A 415 -29.44 -5.63 17.86
CA ASP A 415 -28.38 -6.60 17.56
C ASP A 415 -28.48 -7.81 18.48
N GLU A 416 -28.85 -7.59 19.74
CA GLU A 416 -29.05 -8.71 20.66
C GLU A 416 -30.18 -9.61 20.20
N VAL A 417 -31.26 -9.03 19.68
CA VAL A 417 -32.35 -9.83 19.12
C VAL A 417 -31.85 -10.64 17.93
N ILE A 418 -31.05 -10.02 17.06
CA ILE A 418 -30.50 -10.74 15.92
C ILE A 418 -29.58 -11.86 16.39
N TYR A 419 -28.76 -11.58 17.41
CA TYR A 419 -27.85 -12.60 17.93
C TYR A 419 -28.62 -13.79 18.49
N HIS A 420 -29.69 -13.53 19.24
CA HIS A 420 -30.50 -14.62 19.78
C HIS A 420 -31.15 -15.44 18.67
N LEU A 421 -31.63 -14.77 17.62
CA LEU A 421 -32.22 -15.49 16.50
C LEU A 421 -31.18 -16.36 15.80
N THR A 422 -29.95 -15.88 15.68
CA THR A 422 -28.90 -16.65 15.03
C THR A 422 -28.70 -17.99 15.71
N ASN A 423 -28.77 -18.01 17.05
CA ASN A 423 -28.58 -19.25 17.79
C ASN A 423 -29.79 -20.16 17.68
N MET A 424 -30.99 -19.60 17.54
CA MET A 424 -32.22 -20.38 17.60
C MET A 424 -32.60 -20.99 16.26
N VAL A 425 -32.37 -20.27 15.16
CA VAL A 425 -32.87 -20.74 13.87
C VAL A 425 -32.04 -21.92 13.36
N ASP A 426 -32.62 -22.67 12.45
CA ASP A 426 -31.96 -23.81 11.83
C ASP A 426 -31.13 -23.36 10.64
N ILE A 427 -30.28 -24.27 10.16
CA ILE A 427 -29.34 -23.98 9.09
C ILE A 427 -29.84 -24.65 7.82
N LYS A 428 -30.04 -23.86 6.76
CA LYS A 428 -30.43 -24.36 5.45
C LYS A 428 -29.56 -23.71 4.39
N GLU A 429 -29.21 -24.48 3.38
CA GLU A 429 -28.37 -24.01 2.29
C GLU A 429 -29.23 -23.44 1.17
N LYS A 430 -28.65 -22.50 0.42
CA LYS A 430 -29.37 -21.88 -0.68
C LYS A 430 -29.66 -22.88 -1.79
N THR A 431 -30.87 -22.81 -2.33
CA THR A 431 -31.25 -23.69 -3.45
C THR A 431 -30.51 -23.26 -4.70
N ASN A 432 -29.48 -24.02 -5.07
CA ASN A 432 -28.65 -23.71 -6.23
C ASN A 432 -28.97 -24.57 -7.43
N SER A 433 -30.20 -25.06 -7.53
CA SER A 433 -30.60 -25.89 -8.65
C SER A 433 -30.63 -25.05 -9.93
N PRO A 434 -29.90 -25.44 -10.98
CA PRO A 434 -29.95 -24.66 -12.23
C PRO A 434 -31.31 -24.67 -12.90
N TYR A 435 -32.18 -25.62 -12.54
CA TYR A 435 -33.50 -25.71 -13.16
C TYR A 435 -34.49 -24.69 -12.61
N LEU A 436 -34.16 -23.99 -11.53
CA LEU A 436 -35.03 -23.02 -10.92
C LEU A 436 -34.45 -21.62 -11.09
N ILE A 437 -35.24 -20.71 -11.63
CA ILE A 437 -34.83 -19.33 -11.85
C ILE A 437 -35.83 -18.41 -11.17
N PRO A 438 -35.46 -17.66 -10.14
CA PRO A 438 -36.43 -16.79 -9.47
C PRO A 438 -36.75 -15.57 -10.30
N VAL A 439 -38.05 -15.25 -10.38
CA VAL A 439 -38.55 -14.12 -11.13
C VAL A 439 -39.43 -13.30 -10.18
N LYS A 440 -39.71 -12.07 -10.58
CA LYS A 440 -40.47 -11.16 -9.71
C LYS A 440 -41.84 -11.76 -9.35
N ASN A 441 -42.55 -12.32 -10.33
CA ASN A 441 -43.82 -12.97 -10.03
C ASN A 441 -43.63 -14.19 -9.15
N GLY A 442 -42.62 -14.99 -9.43
CA GLY A 442 -42.37 -16.19 -8.65
C GLY A 442 -41.24 -16.99 -9.24
N VAL A 443 -41.01 -18.16 -8.64
CA VAL A 443 -39.93 -19.04 -9.10
C VAL A 443 -40.35 -19.71 -10.41
N PHE A 444 -39.41 -19.77 -11.35
CA PHE A 444 -39.64 -20.41 -12.64
C PHE A 444 -38.85 -21.72 -12.67
N ASN A 445 -39.56 -22.83 -12.86
CA ASN A 445 -38.95 -24.14 -12.95
C ASN A 445 -38.74 -24.49 -14.41
N ARG A 446 -37.48 -24.60 -14.83
CA ARG A 446 -37.18 -24.86 -16.23
C ARG A 446 -37.51 -26.29 -16.64
N LYS A 447 -37.50 -27.23 -15.68
CA LYS A 447 -37.87 -28.60 -15.99
C LYS A 447 -39.32 -28.70 -16.42
N THR A 448 -40.21 -28.02 -15.71
CA THR A 448 -41.64 -28.03 -16.03
C THR A 448 -42.07 -26.84 -16.88
N LYS A 449 -41.18 -25.87 -17.10
CA LYS A 449 -41.51 -24.66 -17.86
C LYS A 449 -42.74 -23.97 -17.29
N GLN A 450 -42.82 -23.92 -15.96
CA GLN A 450 -43.97 -23.38 -15.26
C GLN A 450 -43.52 -22.43 -14.16
N LEU A 451 -44.38 -21.47 -13.84
CA LEU A 451 -44.10 -20.49 -12.79
C LEU A 451 -44.70 -20.97 -11.48
N GLU A 452 -43.90 -20.92 -10.42
CA GLU A 452 -44.33 -21.36 -9.09
C GLU A 452 -44.33 -20.17 -8.14
N SER A 453 -45.34 -20.11 -7.28
CA SER A 453 -45.47 -19.01 -6.33
C SER A 453 -44.35 -19.07 -5.29
N PHE A 454 -44.09 -17.92 -4.68
CA PHE A 454 -43.03 -17.83 -3.68
C PHE A 454 -43.40 -18.65 -2.44
N THR A 455 -42.41 -19.37 -1.93
CA THR A 455 -42.54 -20.12 -0.69
C THR A 455 -41.23 -20.03 0.09
N PRO A 456 -41.29 -20.08 1.41
CA PRO A 456 -40.05 -20.10 2.20
C PRO A 456 -39.18 -21.32 1.93
N ASP A 457 -39.73 -22.38 1.34
CA ASP A 457 -38.95 -23.57 1.05
C ASP A 457 -37.81 -23.28 0.08
N TYR A 458 -38.07 -22.43 -0.93
CA TYR A 458 -37.03 -22.04 -1.88
C TYR A 458 -36.19 -20.92 -1.27
N ILE A 459 -34.92 -21.20 -1.04
CA ILE A 459 -34.01 -20.20 -0.48
C ILE A 459 -33.34 -19.48 -1.64
N PHE A 460 -33.76 -18.23 -1.87
CA PHE A 460 -33.17 -17.38 -2.89
C PHE A 460 -32.79 -16.04 -2.27
N THR A 461 -31.63 -15.52 -2.70
CA THR A 461 -31.14 -14.24 -2.21
C THR A 461 -31.37 -13.11 -3.20
N SER A 462 -31.76 -13.40 -4.43
CA SER A 462 -31.99 -12.37 -5.43
C SER A 462 -32.90 -12.96 -6.51
N LYS A 463 -33.54 -12.07 -7.26
CA LYS A 463 -34.49 -12.48 -8.29
C LYS A 463 -34.44 -11.49 -9.45
N ILE A 464 -34.91 -11.96 -10.61
CA ILE A 464 -34.98 -11.11 -11.80
C ILE A 464 -36.03 -10.02 -11.58
N ASP A 465 -35.67 -8.78 -11.94
CA ASP A 465 -36.54 -7.65 -11.64
C ASP A 465 -37.84 -7.70 -12.43
N THR A 466 -37.77 -8.06 -13.71
CA THR A 466 -38.96 -7.99 -14.55
C THR A 466 -39.95 -9.10 -14.21
N SER A 467 -41.23 -8.78 -14.35
CA SER A 467 -42.29 -9.73 -14.08
C SER A 467 -42.44 -10.72 -15.22
N TYR A 468 -42.81 -11.95 -14.88
CA TYR A 468 -43.01 -13.02 -15.85
C TYR A 468 -44.51 -13.15 -16.14
N VAL A 469 -44.92 -12.73 -17.33
CA VAL A 469 -46.30 -12.86 -17.76
C VAL A 469 -46.32 -13.47 -19.15
N ARG A 470 -47.38 -14.21 -19.44
CA ARG A 470 -47.51 -14.84 -20.75
C ARG A 470 -47.74 -13.79 -21.83
N GLN A 471 -46.95 -13.86 -22.89
CA GLN A 471 -47.01 -12.89 -23.98
C GLN A 471 -47.40 -13.59 -25.27
N ASP A 472 -48.36 -13.01 -25.97
CA ASP A 472 -48.84 -13.56 -27.25
C ASP A 472 -48.49 -12.70 -28.46
N ILE A 473 -48.47 -11.38 -28.31
CA ILE A 473 -48.13 -10.47 -29.40
C ILE A 473 -46.95 -9.62 -28.96
N VAL A 474 -46.04 -9.35 -29.90
CA VAL A 474 -44.86 -8.54 -29.62
C VAL A 474 -45.30 -7.11 -29.32
N PRO A 475 -44.93 -6.56 -28.16
CA PRO A 475 -45.31 -5.18 -27.85
C PRO A 475 -44.68 -4.19 -28.82
N GLU A 476 -45.43 -3.13 -29.13
CA GLU A 476 -44.97 -2.08 -30.03
C GLU A 476 -45.14 -0.75 -29.33
N ILE A 477 -44.05 0.00 -29.21
CA ILE A 477 -44.06 1.35 -28.64
C ILE A 477 -43.59 2.31 -29.73
N ASN A 478 -44.45 3.26 -30.08
CA ASN A 478 -44.18 4.22 -31.16
C ASN A 478 -43.84 3.49 -32.46
N GLY A 479 -44.51 2.37 -32.70
CA GLY A 479 -44.25 1.58 -33.88
C GLY A 479 -42.86 0.99 -33.96
N TRP A 480 -42.28 0.63 -32.82
CA TRP A 480 -40.96 0.02 -32.77
C TRP A 480 -41.10 -1.40 -32.24
N ASN A 481 -40.58 -2.37 -32.99
CA ASN A 481 -40.67 -3.78 -32.64
C ASN A 481 -39.34 -4.24 -32.06
N ILE A 482 -39.39 -4.83 -30.86
CA ILE A 482 -38.18 -5.29 -30.20
C ILE A 482 -37.54 -6.43 -30.97
N ASP A 483 -38.36 -7.37 -31.48
CA ASP A 483 -37.82 -8.48 -32.25
C ASP A 483 -37.17 -8.00 -33.54
N ARG A 484 -37.79 -7.04 -34.22
CA ARG A 484 -37.18 -6.45 -35.40
C ARG A 484 -35.90 -5.69 -35.04
N TRP A 485 -35.86 -5.08 -33.86
CA TRP A 485 -34.64 -4.41 -33.42
C TRP A 485 -33.50 -5.42 -33.26
N ILE A 486 -33.80 -6.61 -32.73
CA ILE A 486 -32.80 -7.66 -32.65
C ILE A 486 -32.34 -8.07 -34.05
N GLU A 487 -33.28 -8.17 -34.99
CA GLU A 487 -32.91 -8.48 -36.37
C GLU A 487 -32.03 -7.38 -36.96
N GLU A 488 -32.34 -6.12 -36.66
CA GLU A 488 -31.52 -5.02 -37.15
C GLU A 488 -30.11 -5.08 -36.57
N ILE A 489 -29.99 -5.44 -35.29
CA ILE A 489 -28.68 -5.53 -34.66
C ILE A 489 -27.82 -6.58 -35.35
N ALA A 490 -28.40 -7.73 -35.65
CA ALA A 490 -27.66 -8.86 -36.21
C ALA A 490 -27.64 -8.86 -37.74
N CYS A 491 -28.02 -7.76 -38.38
CA CYS A 491 -28.07 -7.66 -39.84
C CYS A 491 -28.95 -8.75 -40.45
N ASN A 492 -30.09 -9.01 -39.80
CA ASN A 492 -31.07 -9.99 -40.27
C ASN A 492 -30.43 -11.37 -40.46
N ASP A 493 -29.62 -11.78 -39.50
CA ASP A 493 -28.98 -13.09 -39.52
C ASP A 493 -29.72 -14.01 -38.56
N ASN A 494 -30.26 -15.11 -39.10
CA ASN A 494 -31.08 -16.01 -38.29
C ASN A 494 -30.25 -16.68 -37.19
N GLN A 495 -29.02 -17.07 -37.51
CA GLN A 495 -28.18 -17.74 -36.52
C GLN A 495 -27.82 -16.78 -35.38
N VAL A 496 -27.51 -15.53 -35.70
CA VAL A 496 -27.06 -14.59 -34.68
C VAL A 496 -28.20 -14.21 -33.75
N VAL A 497 -29.39 -13.94 -34.30
CA VAL A 497 -30.53 -13.61 -33.45
C VAL A 497 -30.91 -14.80 -32.57
N LYS A 498 -30.77 -16.02 -33.10
CA LYS A 498 -30.95 -17.20 -32.28
C LYS A 498 -29.91 -17.26 -31.17
N LEU A 499 -28.66 -16.93 -31.48
CA LEU A 499 -27.63 -16.86 -30.47
C LEU A 499 -27.91 -15.76 -29.45
N LEU A 500 -28.37 -14.60 -29.93
CA LEU A 500 -28.64 -13.48 -29.04
C LEU A 500 -29.71 -13.84 -28.02
N TRP A 501 -30.79 -14.50 -28.46
CA TRP A 501 -31.80 -14.96 -27.52
C TRP A 501 -31.22 -15.98 -26.53
N GLN A 502 -30.37 -16.87 -27.03
CA GLN A 502 -29.71 -17.83 -26.15
C GLN A 502 -28.81 -17.12 -25.15
N VAL A 503 -28.16 -16.03 -25.56
CA VAL A 503 -27.33 -15.27 -24.65
C VAL A 503 -28.16 -14.71 -23.49
N ILE A 504 -29.33 -14.16 -23.80
CA ILE A 504 -30.22 -13.66 -22.76
C ILE A 504 -30.67 -14.80 -21.86
N ASN A 505 -30.97 -15.96 -22.45
CA ASN A 505 -31.41 -17.10 -21.65
C ASN A 505 -30.34 -17.52 -20.65
N ASP A 506 -29.08 -17.55 -21.10
CA ASP A 506 -27.99 -17.92 -20.19
C ASP A 506 -27.77 -16.86 -19.13
N SER A 507 -28.06 -15.59 -19.46
CA SER A 507 -27.75 -14.50 -18.55
C SER A 507 -28.52 -14.61 -17.24
N MET A 508 -29.83 -14.90 -17.32
CA MET A 508 -30.66 -14.89 -16.12
C MET A 508 -30.28 -16.02 -15.17
N ASN A 509 -29.98 -17.19 -15.72
CA ASN A 509 -29.63 -18.34 -14.89
C ASN A 509 -28.23 -18.16 -14.32
N GLY A 510 -28.14 -18.02 -13.00
CA GLY A 510 -26.89 -17.83 -12.31
C GLY A 510 -26.23 -19.08 -11.79
N ASN A 511 -26.80 -20.26 -12.06
CA ASN A 511 -26.24 -21.52 -11.57
C ASN A 511 -25.69 -22.41 -12.67
N TYR A 512 -26.01 -22.14 -13.93
CA TYR A 512 -25.50 -22.90 -15.06
C TYR A 512 -24.69 -21.95 -15.93
N THR A 513 -23.41 -22.29 -16.17
CA THR A 513 -22.50 -21.37 -16.83
C THR A 513 -22.31 -21.67 -18.31
N ARG A 514 -22.53 -22.92 -18.74
CA ARG A 514 -22.40 -23.38 -20.11
C ARG A 514 -20.96 -23.31 -20.63
N LYS A 515 -20.00 -22.88 -19.81
CA LYS A 515 -18.57 -22.93 -20.13
C LYS A 515 -18.24 -22.19 -21.42
N LYS A 516 -18.88 -21.03 -21.63
CA LYS A 516 -18.59 -20.18 -22.77
C LYS A 516 -18.56 -18.73 -22.34
N ALA A 517 -17.72 -17.94 -23.03
CA ALA A 517 -17.60 -16.51 -22.78
C ALA A 517 -18.09 -15.76 -24.02
N ILE A 518 -18.89 -14.72 -23.80
CA ILE A 518 -19.50 -13.95 -24.87
C ILE A 518 -18.81 -12.60 -24.96
N PHE A 519 -18.30 -12.28 -26.15
CA PHE A 519 -17.61 -11.02 -26.40
C PHE A 519 -18.34 -10.26 -27.49
N PHE A 520 -18.57 -8.97 -27.26
CA PHE A 520 -19.21 -8.09 -28.23
C PHE A 520 -18.14 -7.26 -28.92
N VAL A 521 -18.08 -7.33 -30.25
CA VAL A 521 -17.11 -6.57 -31.04
C VAL A 521 -17.89 -5.62 -31.92
N GLY A 522 -17.62 -4.32 -31.79
CA GLY A 522 -18.27 -3.32 -32.60
C GLY A 522 -17.34 -2.19 -33.01
N ASP A 523 -17.31 -1.89 -34.31
CA ASP A 523 -16.43 -0.82 -34.78
C ASP A 523 -16.86 0.54 -34.24
N GLY A 524 -18.16 0.86 -34.34
CA GLY A 524 -18.66 2.12 -33.86
C GLY A 524 -19.95 2.00 -33.07
N ASN A 525 -20.98 2.74 -33.49
CA ASN A 525 -22.29 2.70 -32.84
C ASN A 525 -23.06 1.48 -33.34
N ASN A 526 -22.63 0.32 -32.86
CA ASN A 526 -23.23 -0.96 -33.25
C ASN A 526 -24.34 -1.40 -32.32
N GLY A 527 -24.67 -0.61 -31.29
CA GLY A 527 -25.74 -0.96 -30.38
C GLY A 527 -25.36 -1.92 -29.28
N LYS A 528 -24.06 -2.17 -29.06
CA LYS A 528 -23.64 -3.08 -28.00
C LYS A 528 -24.07 -2.56 -26.63
N GLY A 529 -23.91 -1.25 -26.39
CA GLY A 529 -24.34 -0.68 -25.12
C GLY A 529 -25.83 -0.79 -24.91
N THR A 530 -26.62 -0.62 -25.98
CA THR A 530 -28.07 -0.79 -25.87
C THR A 530 -28.44 -2.20 -25.47
N PHE A 531 -27.79 -3.20 -26.08
CA PHE A 531 -28.05 -4.58 -25.72
C PHE A 531 -27.65 -4.85 -24.27
N GLN A 532 -26.52 -4.31 -23.84
CA GLN A 532 -26.12 -4.46 -22.44
C GLN A 532 -27.11 -3.78 -21.50
N GLU A 533 -27.60 -2.60 -21.89
CA GLU A 533 -28.61 -1.93 -21.09
C GLU A 533 -29.92 -2.71 -21.10
N LEU A 534 -30.23 -3.39 -22.20
CA LEU A 534 -31.41 -4.25 -22.24
C LEU A 534 -31.28 -5.38 -21.21
N LEU A 535 -30.12 -6.03 -21.18
CA LEU A 535 -29.89 -7.06 -20.18
C LEU A 535 -29.90 -6.48 -18.78
N SER A 536 -29.30 -5.30 -18.60
CA SER A 536 -29.33 -4.64 -17.31
C SER A 536 -30.73 -4.21 -16.91
N ASN A 537 -31.68 -4.17 -17.85
CA ASN A 537 -33.05 -3.79 -17.55
C ASN A 537 -33.93 -5.01 -17.32
N VAL A 538 -33.85 -6.02 -18.20
CA VAL A 538 -34.64 -7.23 -18.01
C VAL A 538 -34.22 -7.94 -16.74
N ILE A 539 -32.90 -8.03 -16.51
CA ILE A 539 -32.39 -8.53 -15.24
C ILE A 539 -32.28 -7.38 -14.25
N GLY A 540 -32.30 -7.73 -12.96
CA GLY A 540 -32.18 -6.71 -11.94
C GLY A 540 -30.87 -5.94 -12.07
N TYR A 541 -30.94 -4.64 -11.78
CA TYR A 541 -29.74 -3.81 -11.87
C TYR A 541 -28.68 -4.26 -10.87
N SER A 542 -29.10 -4.63 -9.66
CA SER A 542 -28.15 -5.14 -8.67
C SER A 542 -27.64 -6.52 -9.04
N ASN A 543 -28.41 -7.28 -9.83
CA ASN A 543 -28.03 -8.64 -10.17
C ASN A 543 -26.91 -8.73 -11.19
N ILE A 544 -26.52 -7.62 -11.80
CA ILE A 544 -25.53 -7.62 -12.86
C ILE A 544 -24.22 -7.08 -12.30
N ALA A 545 -23.10 -7.53 -12.89
CA ALA A 545 -21.77 -7.13 -12.47
C ALA A 545 -21.06 -6.41 -13.61
N SER A 546 -20.25 -5.41 -13.25
CA SER A 546 -19.48 -4.63 -14.21
C SER A 546 -18.00 -4.83 -13.95
N LEU A 547 -17.34 -5.63 -14.80
CA LEU A 547 -15.91 -5.85 -14.68
C LEU A 547 -15.39 -6.29 -16.05
N LYS A 548 -14.16 -5.91 -16.37
CA LYS A 548 -13.60 -6.11 -17.69
C LYS A 548 -12.68 -7.32 -17.74
N VAL A 549 -12.34 -7.71 -18.96
CA VAL A 549 -11.54 -8.92 -19.17
C VAL A 549 -10.14 -8.75 -18.58
N ASN A 550 -9.59 -7.54 -18.66
CA ASN A 550 -8.25 -7.30 -18.14
C ASN A 550 -8.24 -7.05 -16.63
N GLU A 551 -9.40 -6.89 -16.01
CA GLU A 551 -9.49 -6.50 -14.61
C GLU A 551 -9.83 -7.66 -13.69
N PHE A 552 -10.08 -8.86 -14.21
CA PHE A 552 -10.45 -9.98 -13.35
C PHE A 552 -9.33 -10.35 -12.39
N ASP A 553 -8.08 -10.30 -12.87
CA ASP A 553 -6.94 -10.74 -12.05
C ASP A 553 -6.45 -9.67 -11.08
N GLU A 554 -7.02 -8.48 -11.10
CA GLU A 554 -6.65 -7.46 -10.14
C GLU A 554 -7.20 -7.80 -8.76
N ARG A 555 -6.57 -7.23 -7.74
CA ARG A 555 -6.98 -7.49 -6.36
C ARG A 555 -8.37 -6.92 -6.09
N PHE A 556 -9.17 -7.69 -5.35
CA PHE A 556 -10.52 -7.34 -4.90
C PHE A 556 -11.51 -7.15 -6.04
N LYS A 557 -11.11 -7.38 -7.29
CA LYS A 557 -12.04 -7.21 -8.40
C LYS A 557 -13.05 -8.35 -8.47
N LEU A 558 -12.61 -9.57 -8.18
CA LEU A 558 -13.53 -10.71 -8.16
C LEU A 558 -14.51 -10.64 -7.00
N SER A 559 -14.28 -9.72 -6.05
CA SER A 559 -15.15 -9.62 -4.89
C SER A 559 -16.57 -9.20 -5.27
N VAL A 560 -16.72 -8.40 -6.33
CA VAL A 560 -18.03 -7.91 -6.71
C VAL A 560 -18.90 -8.98 -7.33
N LEU A 561 -18.32 -10.12 -7.71
CA LEU A 561 -19.04 -11.19 -8.38
C LEU A 561 -19.73 -12.16 -7.42
N GLU A 562 -19.96 -11.74 -6.17
CA GLU A 562 -20.50 -12.67 -5.17
C GLU A 562 -21.94 -13.07 -5.48
N GLY A 563 -22.84 -12.10 -5.53
CA GLY A 563 -24.25 -12.39 -5.74
C GLY A 563 -24.78 -11.87 -7.06
N LYS A 564 -23.99 -12.01 -8.12
CA LYS A 564 -24.35 -11.49 -9.44
C LYS A 564 -24.70 -12.64 -10.37
N THR A 565 -25.85 -12.52 -11.04
CA THR A 565 -26.27 -13.55 -11.98
C THR A 565 -25.42 -13.55 -13.24
N ALA A 566 -24.88 -12.39 -13.62
CA ALA A 566 -24.05 -12.28 -14.81
C ALA A 566 -23.14 -11.07 -14.67
N VAL A 567 -22.06 -11.08 -15.45
CA VAL A 567 -21.10 -9.98 -15.47
C VAL A 567 -21.04 -9.41 -16.88
N ILE A 568 -21.10 -8.08 -16.98
CA ILE A 568 -21.06 -7.39 -18.26
C ILE A 568 -19.91 -6.38 -18.23
N GLY A 569 -19.12 -6.35 -19.30
CA GLY A 569 -18.09 -5.35 -19.44
C GLY A 569 -18.58 -4.17 -20.25
N ASP A 570 -18.70 -3.01 -19.60
CA ASP A 570 -19.22 -1.82 -20.28
C ASP A 570 -18.33 -1.43 -21.46
N ASP A 571 -17.02 -1.45 -21.26
CA ASP A 571 -16.08 -1.15 -22.32
C ASP A 571 -14.78 -1.88 -22.06
N VAL A 572 -14.14 -2.33 -23.14
CA VAL A 572 -12.87 -3.04 -23.08
C VAL A 572 -11.89 -2.32 -24.00
N PRO A 573 -10.66 -2.03 -23.55
CA PRO A 573 -9.70 -1.35 -24.43
C PRO A 573 -9.43 -2.16 -25.68
N VAL A 574 -9.25 -1.45 -26.80
CA VAL A 574 -9.05 -2.10 -28.09
C VAL A 574 -7.73 -2.84 -28.07
N GLY A 575 -7.78 -4.15 -28.28
CA GLY A 575 -6.57 -4.96 -28.31
C GLY A 575 -5.78 -4.95 -27.02
N VAL A 576 -6.47 -4.90 -25.89
CA VAL A 576 -5.79 -4.93 -24.60
C VAL A 576 -5.15 -6.29 -24.40
N TYR A 577 -3.89 -6.28 -23.95
CA TYR A 577 -3.13 -7.51 -23.77
C TYR A 577 -3.48 -8.12 -22.41
N VAL A 578 -4.25 -9.21 -22.43
CA VAL A 578 -4.59 -9.93 -21.21
C VAL A 578 -3.40 -10.77 -20.80
N ASP A 579 -2.61 -10.28 -19.85
CA ASP A 579 -1.41 -11.00 -19.42
C ASP A 579 -1.76 -12.34 -18.81
N ASP A 580 -2.50 -12.32 -17.70
CA ASP A 580 -2.94 -13.54 -17.02
C ASP A 580 -4.45 -13.69 -17.19
N SER A 581 -4.86 -14.73 -17.90
CA SER A 581 -6.27 -15.04 -18.11
C SER A 581 -6.74 -16.22 -17.28
N SER A 582 -5.95 -16.65 -16.29
CA SER A 582 -6.34 -17.79 -15.47
C SER A 582 -7.62 -17.51 -14.70
N ASN A 583 -7.71 -16.34 -14.09
CA ASN A 583 -8.94 -15.97 -13.39
C ASN A 583 -10.11 -15.85 -14.36
N PHE A 584 -9.87 -15.28 -15.54
CA PHE A 584 -10.91 -15.19 -16.55
C PHE A 584 -11.36 -16.58 -17.01
N LYS A 585 -10.40 -17.48 -17.27
CA LYS A 585 -10.74 -18.80 -17.79
C LYS A 585 -11.46 -19.63 -16.74
N SER A 586 -11.07 -19.49 -15.47
CA SER A 586 -11.72 -20.25 -14.41
C SER A 586 -13.19 -19.88 -14.27
N VAL A 587 -13.49 -18.58 -14.32
CA VAL A 587 -14.87 -18.13 -14.16
C VAL A 587 -15.72 -18.59 -15.35
N VAL A 588 -15.18 -18.52 -16.56
CA VAL A 588 -15.92 -18.94 -17.74
C VAL A 588 -16.24 -20.43 -17.67
N THR A 589 -15.25 -21.24 -17.31
CA THR A 589 -15.48 -22.67 -17.17
C THR A 589 -16.32 -22.99 -15.93
N GLY A 590 -16.23 -22.15 -14.90
CA GLY A 590 -16.94 -22.38 -13.67
C GLY A 590 -16.14 -23.05 -12.58
N ASP A 591 -14.82 -23.20 -12.77
CA ASP A 591 -13.99 -23.81 -11.75
C ASP A 591 -13.89 -22.86 -10.55
N PRO A 592 -13.70 -23.39 -9.34
CA PRO A 592 -13.52 -22.51 -8.17
C PRO A 592 -12.30 -21.63 -8.34
N VAL A 593 -12.42 -20.39 -7.87
CA VAL A 593 -11.36 -19.40 -7.99
C VAL A 593 -11.15 -18.73 -6.65
N LEU A 594 -9.92 -18.25 -6.42
CA LEU A 594 -9.59 -17.58 -5.17
C LEU A 594 -10.08 -16.13 -5.22
N VAL A 595 -10.96 -15.78 -4.28
CA VAL A 595 -11.55 -14.44 -4.21
C VAL A 595 -11.33 -13.89 -2.81
N GLU A 596 -10.97 -12.60 -2.74
CA GLU A 596 -10.73 -11.94 -1.46
C GLU A 596 -11.44 -10.60 -1.46
N PHE A 597 -12.19 -10.33 -0.40
CA PHE A 597 -12.74 -9.00 -0.17
C PHE A 597 -11.65 -8.09 0.40
N LYS A 598 -11.82 -6.79 0.21
CA LYS A 598 -10.84 -5.84 0.72
C LYS A 598 -10.84 -5.85 2.24
N ASN A 599 -9.65 -6.04 2.82
CA ASN A 599 -9.47 -6.11 4.27
C ASN A 599 -10.35 -7.19 4.90
N LYS A 600 -10.48 -8.32 4.20
CA LYS A 600 -11.25 -9.45 4.68
C LYS A 600 -10.50 -10.73 4.31
N PRO A 601 -10.70 -11.81 5.06
CA PRO A 601 -9.93 -13.03 4.82
C PRO A 601 -10.22 -13.62 3.45
N LEU A 602 -9.18 -14.21 2.85
CA LEU A 602 -9.32 -14.89 1.57
C LEU A 602 -10.15 -16.16 1.74
N TYR A 603 -10.98 -16.46 0.74
CA TYR A 603 -11.81 -17.65 0.76
C TYR A 603 -12.00 -18.14 -0.67
N ARG A 604 -12.68 -19.28 -0.81
CA ARG A 604 -12.84 -19.97 -2.08
C ARG A 604 -14.32 -20.08 -2.41
N ALA A 605 -14.67 -19.80 -3.65
CA ALA A 605 -16.05 -19.86 -4.10
C ALA A 605 -16.10 -20.15 -5.59
N THR A 606 -17.27 -20.57 -6.05
CA THR A 606 -17.50 -20.93 -7.45
C THR A 606 -18.54 -20.00 -8.05
N PHE A 607 -18.22 -19.42 -9.20
CA PHE A 607 -19.13 -18.52 -9.91
C PHE A 607 -19.61 -19.19 -11.19
N LYS A 608 -20.92 -19.26 -11.37
CA LYS A 608 -21.53 -19.82 -12.57
C LYS A 608 -22.09 -18.74 -13.49
N CYS A 609 -21.83 -17.47 -13.19
CA CYS A 609 -22.35 -16.39 -14.02
C CYS A 609 -21.67 -16.36 -15.38
N THR A 610 -22.45 -15.98 -16.40
CA THR A 610 -21.93 -15.85 -17.75
C THR A 610 -21.12 -14.56 -17.89
N VAL A 611 -20.28 -14.53 -18.92
CA VAL A 611 -19.37 -13.42 -19.14
C VAL A 611 -19.81 -12.66 -20.39
N ILE A 612 -20.09 -11.38 -20.23
CA ILE A 612 -20.44 -10.48 -21.33
C ILE A 612 -19.43 -9.34 -21.34
N GLN A 613 -18.84 -9.08 -22.51
CA GLN A 613 -17.89 -7.98 -22.64
C GLN A 613 -18.09 -7.29 -23.98
N SER A 614 -18.04 -5.97 -23.97
CA SER A 614 -18.16 -5.17 -25.18
C SER A 614 -16.81 -4.52 -25.47
N THR A 615 -16.29 -4.74 -26.67
CA THR A 615 -15.00 -4.20 -27.08
C THR A 615 -15.08 -3.72 -28.51
N ASN A 616 -14.23 -2.74 -28.84
CA ASN A 616 -14.12 -2.23 -30.21
C ASN A 616 -12.97 -2.93 -30.92
N GLY A 617 -13.06 -4.26 -30.96
CA GLY A 617 -12.00 -5.07 -31.52
C GLY A 617 -11.54 -6.15 -30.56
N MET A 618 -11.23 -7.31 -31.09
CA MET A 618 -10.89 -8.45 -30.25
C MET A 618 -9.57 -8.22 -29.51
N PRO A 619 -9.54 -8.36 -28.20
CA PRO A 619 -8.28 -8.23 -27.46
C PRO A 619 -7.37 -9.43 -27.70
N LYS A 620 -6.09 -9.22 -27.41
CA LYS A 620 -5.08 -10.27 -27.54
C LYS A 620 -4.89 -10.99 -26.22
N PHE A 621 -4.73 -12.31 -26.29
CA PHE A 621 -4.53 -13.15 -25.12
C PHE A 621 -3.13 -13.76 -25.17
N LYS A 622 -2.43 -13.73 -24.03
CA LYS A 622 -1.08 -14.25 -23.96
C LYS A 622 -1.01 -15.77 -24.00
N ASP A 623 -2.13 -16.45 -23.76
CA ASP A 623 -2.10 -17.90 -23.64
C ASP A 623 -1.71 -18.57 -24.96
N LYS A 624 -2.38 -18.18 -26.04
CA LYS A 624 -2.17 -18.80 -27.36
C LYS A 624 -2.35 -20.32 -27.29
N THR A 625 -3.32 -20.76 -26.50
CA THR A 625 -3.58 -22.18 -26.27
C THR A 625 -5.03 -22.50 -26.64
N GLY A 626 -5.31 -23.81 -26.68
CA GLY A 626 -6.65 -24.25 -27.02
C GLY A 626 -7.67 -24.00 -25.94
N GLY A 627 -7.21 -23.83 -24.69
CA GLY A 627 -8.14 -23.59 -23.60
C GLY A 627 -8.87 -22.27 -23.74
N THR A 628 -8.14 -21.22 -24.10
CA THR A 628 -8.77 -19.91 -24.30
C THR A 628 -9.71 -19.92 -25.51
N LEU A 629 -9.30 -20.62 -26.58
CA LEU A 629 -10.09 -20.60 -27.82
C LEU A 629 -11.46 -21.23 -27.61
N ARG A 630 -11.52 -22.36 -26.90
CA ARG A 630 -12.80 -23.06 -26.75
C ARG A 630 -13.77 -22.27 -25.87
N ARG A 631 -13.24 -21.52 -24.91
CA ARG A 631 -14.11 -20.76 -24.00
C ARG A 631 -14.71 -19.54 -24.70
N LEU A 632 -14.03 -19.02 -25.72
CA LEU A 632 -14.40 -17.74 -26.30
C LEU A 632 -15.51 -17.90 -27.33
N LEU A 633 -16.49 -17.00 -27.27
CA LEU A 633 -17.54 -16.89 -28.28
C LEU A 633 -17.71 -15.42 -28.64
N ILE A 634 -17.95 -15.15 -29.92
CA ILE A 634 -17.95 -13.79 -30.45
C ILE A 634 -19.27 -13.52 -31.13
N VAL A 635 -19.77 -12.30 -30.97
CA VAL A 635 -21.00 -11.83 -31.63
C VAL A 635 -20.59 -10.77 -32.65
N PRO A 636 -21.00 -10.88 -33.92
CA PRO A 636 -20.47 -9.97 -34.95
C PRO A 636 -20.79 -8.50 -34.71
N PHE A 637 -22.06 -8.17 -34.49
CA PHE A 637 -22.49 -6.77 -34.37
C PHE A 637 -22.07 -5.96 -35.60
N ASN A 638 -22.31 -6.53 -36.79
CA ASN A 638 -21.89 -5.88 -38.02
C ASN A 638 -22.62 -4.56 -38.24
N ALA A 639 -23.91 -4.52 -37.93
CA ALA A 639 -24.70 -3.32 -38.15
C ALA A 639 -24.20 -2.17 -37.29
N ASN A 640 -24.19 -0.97 -37.87
CA ASN A 640 -23.78 0.24 -37.19
C ASN A 640 -24.86 1.31 -37.30
N PHE A 641 -24.99 2.13 -36.26
CA PHE A 641 -25.98 3.19 -36.22
C PHE A 641 -25.36 4.57 -36.42
N ASN A 642 -24.12 4.64 -36.90
CA ASN A 642 -23.52 5.93 -37.22
C ASN A 642 -24.15 6.53 -38.47
N GLY A 643 -24.39 5.70 -39.48
CA GLY A 643 -25.01 6.16 -40.70
C GLY A 643 -26.50 6.42 -40.55
N ILE A 644 -27.26 5.39 -40.19
CA ILE A 644 -28.66 5.57 -39.88
C ILE A 644 -28.78 6.49 -38.68
N LYS A 645 -29.80 7.36 -38.70
CA LYS A 645 -29.96 8.34 -37.64
C LYS A 645 -30.14 7.65 -36.30
N GLU A 646 -29.38 8.10 -35.30
CA GLU A 646 -29.43 7.49 -33.99
C GLU A 646 -30.75 7.79 -33.29
N ASN A 647 -31.37 6.77 -32.73
CA ASN A 647 -32.60 6.90 -31.98
C ASN A 647 -32.27 6.85 -30.49
N PHE A 648 -32.12 8.03 -29.88
CA PHE A 648 -31.82 8.08 -28.45
C PHE A 648 -32.96 7.50 -27.62
N LYS A 649 -34.17 7.45 -28.19
CA LYS A 649 -35.29 6.85 -27.50
C LYS A 649 -35.06 5.36 -27.25
N ILE A 650 -34.31 4.71 -28.15
CA ILE A 650 -34.01 3.29 -27.97
C ILE A 650 -33.21 3.08 -26.69
N LYS A 651 -32.13 3.85 -26.52
CA LYS A 651 -31.25 3.65 -25.37
C LYS A 651 -31.87 4.19 -24.09
N GLU A 652 -32.60 5.30 -24.18
CA GLU A 652 -33.08 5.98 -22.98
C GLU A 652 -34.45 5.52 -22.52
N ASP A 653 -35.40 5.30 -23.45
CA ASP A 653 -36.78 5.06 -23.07
C ASP A 653 -37.31 3.71 -23.51
N TYR A 654 -37.09 3.33 -24.77
CA TYR A 654 -37.81 2.19 -25.34
C TYR A 654 -37.42 0.88 -24.67
N ILE A 655 -36.13 0.68 -24.40
CA ILE A 655 -35.70 -0.53 -23.72
C ILE A 655 -36.07 -0.55 -22.25
N LYS A 656 -36.48 0.59 -21.69
CA LYS A 656 -36.93 0.66 -20.31
C LYS A 656 -38.43 0.44 -20.17
N ASN A 657 -39.15 0.23 -21.28
CA ASN A 657 -40.57 -0.03 -21.21
C ASN A 657 -40.84 -1.37 -20.55
N GLN A 658 -41.79 -1.39 -19.62
CA GLN A 658 -42.09 -2.63 -18.89
C GLN A 658 -42.64 -3.71 -19.82
N GLN A 659 -43.53 -3.33 -20.74
CA GLN A 659 -44.11 -4.32 -21.65
C GLN A 659 -43.05 -4.91 -22.57
N VAL A 660 -42.12 -4.08 -23.05
CA VAL A 660 -41.03 -4.58 -23.89
C VAL A 660 -40.16 -5.55 -23.08
N LEU A 661 -39.84 -5.17 -21.85
CA LEU A 661 -38.98 -6.01 -21.01
C LEU A 661 -39.65 -7.35 -20.71
N GLU A 662 -40.95 -7.33 -20.41
CA GLU A 662 -41.64 -8.56 -20.06
C GLU A 662 -41.65 -9.56 -21.21
N TYR A 663 -41.83 -9.07 -22.43
CA TYR A 663 -41.81 -9.96 -23.59
C TYR A 663 -40.42 -10.58 -23.77
N VAL A 664 -39.36 -9.80 -23.56
CA VAL A 664 -38.01 -10.32 -23.70
C VAL A 664 -37.76 -11.42 -22.69
N LEU A 665 -38.17 -11.20 -21.44
CA LEU A 665 -37.99 -12.22 -20.40
C LEU A 665 -38.80 -13.48 -20.73
N TYR A 666 -40.04 -13.30 -21.19
CA TYR A 666 -40.88 -14.45 -21.49
C TYR A 666 -40.30 -15.30 -22.62
N LYS A 667 -39.84 -14.65 -23.68
CA LYS A 667 -39.31 -15.40 -24.82
C LYS A 667 -37.97 -16.05 -24.49
N ALA A 668 -37.11 -15.33 -23.77
CA ALA A 668 -35.77 -15.86 -23.48
C ALA A 668 -35.82 -17.02 -22.50
N ILE A 669 -36.58 -16.87 -21.41
CA ILE A 669 -36.60 -17.93 -20.40
C ILE A 669 -37.31 -19.17 -20.91
N ASN A 670 -38.28 -19.00 -21.82
CA ASN A 670 -38.96 -20.16 -22.40
C ASN A 670 -38.08 -20.88 -23.41
N LEU A 671 -37.12 -20.19 -24.02
CA LEU A 671 -36.21 -20.82 -24.96
C LEU A 671 -35.40 -21.89 -24.26
N ASP A 672 -35.32 -23.08 -24.87
CA ASP A 672 -34.61 -24.22 -24.30
C ASP A 672 -33.51 -24.65 -25.26
N PHE A 673 -32.28 -24.71 -24.74
CA PHE A 673 -31.15 -25.17 -25.53
C PHE A 673 -30.08 -25.69 -24.58
N GLU A 674 -29.27 -26.62 -25.08
CA GLU A 674 -28.23 -27.24 -24.27
C GLU A 674 -26.88 -26.55 -24.44
N THR A 675 -26.43 -26.38 -25.68
CA THR A 675 -25.14 -25.78 -25.97
C THR A 675 -25.35 -24.55 -26.85
N PHE A 676 -24.52 -23.54 -26.65
CA PHE A 676 -24.59 -22.31 -27.43
C PHE A 676 -24.48 -22.61 -28.92
N ASP A 677 -25.54 -22.31 -29.66
CA ASP A 677 -25.54 -22.51 -31.10
C ASP A 677 -24.64 -21.48 -31.76
N ILE A 678 -23.43 -21.91 -32.11
CA ILE A 678 -22.42 -20.99 -32.67
C ILE A 678 -22.79 -20.63 -34.10
N PRO A 679 -22.95 -19.35 -34.41
CA PRO A 679 -23.19 -18.95 -35.79
C PRO A 679 -21.93 -19.11 -36.65
N ASP A 680 -22.16 -19.23 -37.96
CA ASP A 680 -21.04 -19.35 -38.88
C ASP A 680 -20.20 -18.08 -38.91
N ALA A 681 -20.83 -16.92 -38.70
CA ALA A 681 -20.08 -15.67 -38.65
C ALA A 681 -19.11 -15.65 -37.49
N SER A 682 -19.53 -16.15 -36.33
CA SER A 682 -18.63 -16.24 -35.18
C SER A 682 -17.47 -17.20 -35.47
N LYS A 683 -17.77 -18.34 -36.11
CA LYS A 683 -16.71 -19.28 -36.43
C LYS A 683 -15.67 -18.66 -37.35
N LYS A 684 -16.12 -17.95 -38.38
CA LYS A 684 -15.18 -17.28 -39.28
C LYS A 684 -14.40 -16.19 -38.55
N MET A 685 -15.08 -15.39 -37.73
CA MET A 685 -14.39 -14.35 -36.97
C MET A 685 -13.56 -14.94 -35.84
N LEU A 686 -14.00 -16.07 -35.28
CA LEU A 686 -13.18 -16.77 -34.29
C LEU A 686 -11.89 -17.27 -34.91
N GLU A 687 -11.96 -17.75 -36.16
CA GLU A 687 -10.75 -18.17 -36.87
C GLU A 687 -9.82 -16.99 -37.09
N VAL A 688 -10.37 -15.80 -37.37
CA VAL A 688 -9.55 -14.62 -37.55
C VAL A 688 -8.78 -14.29 -36.28
N PHE A 689 -9.46 -14.36 -35.13
CA PHE A 689 -8.78 -14.12 -33.85
C PHE A 689 -7.71 -15.17 -33.60
N LYS A 690 -8.00 -16.43 -33.90
CA LYS A 690 -7.02 -17.49 -33.70
C LYS A 690 -5.78 -17.26 -34.56
N GLU A 691 -5.97 -16.86 -35.82
CA GLU A 691 -4.84 -16.50 -36.65
C GLU A 691 -4.11 -15.29 -36.11
N ASP A 692 -4.86 -14.28 -35.64
CA ASP A 692 -4.25 -13.10 -35.06
C ASP A 692 -3.51 -13.44 -33.78
N ASN A 693 -4.11 -14.28 -32.93
CA ASN A 693 -3.49 -14.61 -31.64
C ASN A 693 -2.24 -15.45 -31.85
N ASP A 694 -2.30 -16.45 -32.72
CA ASP A 694 -1.17 -17.33 -32.95
C ASP A 694 -0.55 -17.03 -34.31
N PRO A 695 0.62 -16.40 -34.36
CA PRO A 695 1.27 -16.15 -35.66
C PRO A 695 1.57 -17.41 -36.43
N VAL A 696 1.82 -18.53 -35.75
CA VAL A 696 2.14 -19.77 -36.44
C VAL A 696 0.95 -20.24 -37.27
N TYR A 697 -0.26 -20.16 -36.71
CA TYR A 697 -1.45 -20.57 -37.44
C TYR A 697 -1.67 -19.69 -38.66
N GLY A 698 -1.41 -18.38 -38.54
CA GLY A 698 -1.54 -17.50 -39.67
C GLY A 698 -0.65 -17.89 -40.83
N PHE A 699 0.58 -18.29 -40.53
CA PHE A 699 1.47 -18.80 -41.57
C PHE A 699 0.94 -20.10 -42.15
N LYS A 700 0.41 -20.98 -41.31
CA LYS A 700 -0.15 -22.24 -41.79
C LYS A 700 -1.33 -22.01 -42.71
N VAL A 701 -2.22 -21.09 -42.33
CA VAL A 701 -3.37 -20.77 -43.19
C VAL A 701 -2.92 -20.13 -44.49
N ASN A 702 -1.96 -19.21 -44.41
CA ASN A 702 -1.49 -18.46 -45.57
C ASN A 702 -0.39 -19.17 -46.35
N MET A 703 -0.09 -20.43 -46.02
CA MET A 703 0.95 -21.18 -46.70
C MET A 703 0.64 -21.30 -48.19
N PHE A 704 -0.45 -22.00 -48.53
CA PHE A 704 -0.89 -22.16 -49.91
C PHE A 704 0.23 -22.69 -50.80
N ASP A 705 0.99 -23.66 -50.29
CA ASP A 705 2.13 -24.22 -50.98
C ASP A 705 1.94 -25.72 -51.18
N GLN A 706 2.56 -26.24 -52.24
CA GLN A 706 2.48 -27.66 -52.55
C GLN A 706 3.22 -28.50 -51.54
N ARG A 710 9.41 -31.83 -49.95
CA ARG A 710 8.89 -30.49 -49.68
C ARG A 710 8.96 -30.17 -48.19
N LYS A 711 8.81 -31.21 -47.37
CA LYS A 711 8.87 -31.04 -45.92
C LYS A 711 10.30 -30.99 -45.40
N VAL A 712 11.25 -31.56 -46.12
CA VAL A 712 12.65 -31.52 -45.70
C VAL A 712 13.22 -30.12 -45.58
N PRO A 713 13.02 -29.19 -46.54
CA PRO A 713 13.58 -27.84 -46.36
C PRO A 713 12.89 -27.06 -45.26
N LYS A 714 13.25 -27.38 -44.00
CA LYS A 714 12.62 -26.72 -42.86
C LYS A 714 12.86 -25.22 -42.87
N TYR A 715 14.07 -24.78 -43.20
CA TYR A 715 14.34 -23.35 -43.27
C TYR A 715 13.54 -22.67 -44.37
N ILE A 716 13.34 -23.34 -45.51
CA ILE A 716 12.41 -22.83 -46.51
C ILE A 716 11.00 -22.82 -45.95
N VAL A 717 10.62 -23.88 -45.25
CA VAL A 717 9.33 -23.92 -44.57
C VAL A 717 9.28 -22.83 -43.50
N TYR A 718 10.39 -22.63 -42.80
CA TYR A 718 10.48 -21.53 -41.84
C TYR A 718 10.32 -20.18 -42.54
N ALA A 719 11.27 -19.85 -43.41
CA ALA A 719 11.19 -18.64 -44.25
C ALA A 719 10.95 -17.39 -43.41
N PHE A 720 11.47 -17.41 -42.17
CA PHE A 720 11.26 -16.32 -41.21
C PHE A 720 9.77 -16.08 -40.96
N TYR A 721 8.97 -17.11 -41.19
CA TYR A 721 7.51 -17.05 -41.06
C TYR A 721 6.93 -15.90 -41.87
N LYS A 722 7.27 -15.90 -43.17
CA LYS A 722 6.75 -14.92 -44.12
C LYS A 722 6.98 -13.49 -43.64
N GLU A 723 8.20 -13.24 -43.14
CA GLU A 723 8.55 -11.96 -42.53
C GLU A 723 7.58 -11.61 -41.40
N TYR A 724 7.53 -12.50 -40.40
CA TYR A 724 6.57 -12.39 -39.30
C TYR A 724 5.13 -12.39 -39.81
N CYS A 725 4.91 -13.07 -40.93
CA CYS A 725 3.59 -13.13 -41.58
C CYS A 725 3.05 -11.74 -41.91
N ASP A 726 3.94 -10.75 -42.03
CA ASP A 726 3.56 -9.37 -42.29
C ASP A 726 2.55 -8.86 -41.26
N GLU A 727 2.80 -9.19 -39.99
CA GLU A 727 1.96 -8.69 -38.89
C GLU A 727 2.82 -8.22 -37.71
N ASN A 728 4.10 -7.97 -37.94
CA ASN A 728 5.06 -7.49 -36.93
C ASN A 728 4.88 -8.20 -35.60
N GLY A 729 4.86 -9.53 -35.65
CA GLY A 729 4.80 -10.35 -34.46
C GLY A 729 6.03 -11.23 -34.31
N TYR A 730 6.82 -10.99 -33.28
CA TYR A 730 8.09 -11.69 -33.09
C TYR A 730 7.88 -13.20 -33.00
N ASN A 731 8.75 -13.94 -33.64
CA ASN A 731 8.67 -15.40 -33.70
C ASN A 731 10.03 -16.00 -33.38
N ALA A 732 10.02 -17.18 -32.76
CA ALA A 732 11.25 -17.88 -32.47
C ALA A 732 11.70 -18.69 -33.69
N LEU A 733 12.83 -19.37 -33.55
CA LEU A 733 13.40 -20.18 -34.63
C LEU A 733 13.59 -21.60 -34.14
N SER A 734 13.09 -22.57 -34.91
CA SER A 734 13.25 -24.00 -34.66
C SER A 734 12.53 -24.45 -33.39
N SER A 735 11.93 -23.51 -32.67
CA SER A 735 11.07 -23.81 -31.54
C SER A 735 9.60 -23.69 -31.88
N ASN A 736 9.24 -22.69 -32.71
CA ASN A 736 7.89 -22.64 -33.24
C ASN A 736 7.67 -23.72 -34.29
N LYS A 737 8.77 -24.30 -34.81
CA LYS A 737 8.64 -25.46 -35.68
C LYS A 737 7.98 -26.62 -34.96
N PHE A 738 8.37 -26.84 -33.70
CA PHE A 738 7.65 -27.80 -32.87
C PHE A 738 6.21 -27.36 -32.65
N TYR A 739 6.01 -26.05 -32.46
CA TYR A 739 4.65 -25.51 -32.35
C TYR A 739 3.88 -25.71 -33.65
N LYS A 740 4.54 -25.51 -34.80
CA LYS A 740 3.85 -25.63 -36.08
C LYS A 740 3.41 -27.06 -36.34
N GLN A 741 4.31 -28.03 -36.13
CA GLN A 741 3.92 -29.43 -36.32
C GLN A 741 2.90 -29.88 -35.28
N PHE A 742 2.88 -29.24 -34.11
CA PHE A 742 1.80 -29.48 -33.16
C PHE A 742 0.45 -29.04 -33.74
N GLU A 743 0.42 -27.89 -34.40
CA GLU A 743 -0.81 -27.44 -35.05
C GLU A 743 -1.19 -28.37 -36.20
N HIS A 744 -0.21 -28.83 -36.96
CA HIS A 744 -0.47 -29.72 -38.09
C HIS A 744 0.68 -30.71 -38.27
N GLU A 747 -1.36 -34.38 -40.74
CA GLU A 747 -1.52 -35.38 -41.79
C GLU A 747 -0.17 -35.75 -42.37
N ASN A 748 0.47 -34.80 -43.07
CA ASN A 748 1.78 -35.04 -43.65
C ASN A 748 2.86 -35.16 -42.57
N TYR A 749 2.73 -34.40 -41.49
CA TYR A 749 3.67 -34.40 -40.36
C TYR A 749 5.04 -33.99 -40.91
N TRP A 750 6.13 -34.65 -40.52
CA TRP A 750 7.48 -34.25 -40.91
C TRP A 750 8.17 -35.39 -41.64
N LYS A 751 8.80 -35.07 -42.77
CA LYS A 751 9.59 -36.01 -43.53
C LYS A 751 10.99 -35.44 -43.73
N THR A 752 12.00 -36.25 -43.44
CA THR A 752 13.40 -35.80 -43.48
C THR A 752 14.07 -36.34 -44.73
N ASP A 753 14.55 -35.43 -45.58
CA ASP A 753 15.29 -35.77 -46.78
C ASP A 753 16.55 -34.91 -46.84
N ALA A 754 17.70 -35.55 -47.04
CA ALA A 754 18.96 -34.81 -47.11
C ALA A 754 19.05 -34.00 -48.40
N GLN A 755 18.52 -34.54 -49.50
CA GLN A 755 18.62 -33.85 -50.79
C GLN A 755 17.86 -32.53 -50.79
N ARG A 756 16.66 -32.51 -50.21
CA ARG A 756 15.81 -31.33 -50.20
C ARG A 756 16.12 -30.38 -49.05
N ARG A 757 17.04 -30.74 -48.16
CA ARG A 757 17.39 -29.87 -47.04
C ARG A 757 18.88 -29.55 -47.06
N ASN A 760 21.13 -24.90 -47.34
CA ASN A 760 20.88 -23.45 -47.33
C ASN A 760 21.09 -22.87 -48.72
N GLU A 761 20.13 -23.08 -49.61
CA GLU A 761 20.23 -22.54 -50.96
C GLU A 761 20.21 -21.02 -50.95
N GLU A 762 19.33 -20.42 -50.14
CA GLU A 762 19.21 -18.97 -50.06
C GLU A 762 18.99 -18.57 -48.61
N LEU A 763 19.61 -17.46 -48.20
CA LEU A 763 19.44 -16.97 -46.84
C LEU A 763 17.99 -16.61 -46.57
N ALA A 764 17.33 -15.95 -47.52
CA ALA A 764 15.93 -15.56 -47.39
C ALA A 764 15.66 -14.76 -46.13
N ARG A 766 12.06 -8.58 -47.61
CA ARG A 766 13.26 -9.40 -47.51
C ARG A 766 13.40 -10.32 -48.71
N ILE A 767 12.38 -11.14 -48.95
CA ILE A 767 12.37 -12.06 -50.07
C ILE A 767 11.00 -11.98 -50.75
N TYR A 768 10.97 -12.36 -52.03
CA TYR A 768 9.72 -12.35 -52.80
C TYR A 768 9.40 -13.71 -53.40
N ASN A 769 10.14 -14.76 -53.01
CA ASN A 769 9.88 -16.12 -53.50
C ASN A 769 8.71 -16.70 -52.71
N PHE A 770 7.51 -16.28 -53.08
CA PHE A 770 6.31 -16.74 -52.39
C PHE A 770 6.11 -18.24 -52.55
N ASN A 771 6.31 -18.75 -53.76
CA ASN A 771 6.16 -20.18 -54.03
C ASN A 771 7.30 -20.63 -54.93
N ASP A 772 8.01 -21.67 -54.50
CA ASP A 772 9.11 -22.22 -55.27
C ASP A 772 8.60 -23.26 -56.26
N ASN A 773 9.51 -24.00 -56.88
CA ASN A 773 9.14 -25.02 -57.85
C ASN A 773 8.38 -26.18 -57.18
N VAL B 323 -38.37 26.27 12.04
CA VAL B 323 -38.82 25.05 12.69
C VAL B 323 -38.27 24.99 14.11
N LYS B 324 -37.31 25.86 14.41
CA LYS B 324 -36.72 25.90 15.74
C LYS B 324 -37.76 26.27 16.80
N GLN B 325 -38.58 27.28 16.50
CA GLN B 325 -39.62 27.69 17.44
C GLN B 325 -40.63 26.57 17.67
N LEU B 326 -41.06 25.92 16.58
CA LEU B 326 -42.04 24.84 16.69
C LEU B 326 -41.48 23.69 17.52
N LEU B 327 -40.23 23.31 17.27
CA LEU B 327 -39.63 22.21 18.01
C LEU B 327 -39.40 22.56 19.48
N ASN B 328 -39.01 23.82 19.74
CA ASN B 328 -38.85 24.25 21.13
C ASN B 328 -40.18 24.18 21.87
N GLN B 329 -41.25 24.68 21.23
CA GLN B 329 -42.57 24.63 21.87
C GLN B 329 -43.03 23.19 22.08
N LEU B 330 -42.81 22.33 21.11
CA LEU B 330 -43.21 20.93 21.24
C LEU B 330 -42.44 20.24 22.37
N GLY B 331 -41.13 20.49 22.46
CA GLY B 331 -40.35 19.90 23.53
C GLY B 331 -40.78 20.40 24.90
N HIS B 332 -41.05 21.71 25.02
CA HIS B 332 -41.51 22.24 26.29
C HIS B 332 -42.86 21.64 26.68
N GLU B 333 -43.77 21.52 25.71
CA GLU B 333 -45.08 20.93 25.99
C GLU B 333 -44.95 19.47 26.42
N GLU B 334 -44.10 18.71 25.73
CA GLU B 334 -43.93 17.30 26.09
C GLU B 334 -43.30 17.15 27.47
N ARG B 335 -42.30 17.98 27.79
CA ARG B 335 -41.71 17.94 29.11
C ARG B 335 -42.72 18.30 30.19
N THR B 336 -43.57 19.30 29.92
CA THR B 336 -44.62 19.66 30.86
C THR B 336 -45.60 18.51 31.06
N LYS B 337 -45.97 17.83 29.97
CA LYS B 337 -46.89 16.69 30.08
C LYS B 337 -46.27 15.57 30.91
N MET B 338 -45.00 15.27 30.67
CA MET B 338 -44.32 14.23 31.45
C MET B 338 -44.25 14.61 32.92
N GLU B 339 -43.96 15.88 33.21
CA GLU B 339 -43.91 16.33 34.60
C GLU B 339 -45.28 16.21 35.26
N GLU B 340 -46.34 16.59 34.55
CA GLU B 340 -47.68 16.45 35.10
C GLU B 340 -48.03 14.99 35.37
N ASN B 341 -47.67 14.09 34.44
CA ASN B 341 -47.92 12.67 34.67
C ASN B 341 -47.15 12.16 35.88
N TRP B 342 -45.90 12.59 36.04
CA TRP B 342 -45.12 12.16 37.19
C TRP B 342 -45.70 12.70 38.49
N ILE B 343 -46.18 13.95 38.48
CA ILE B 343 -46.86 14.49 39.65
C ILE B 343 -48.11 13.67 39.97
N GLU B 344 -48.87 13.29 38.94
CA GLU B 344 -50.03 12.45 39.15
C GLU B 344 -49.64 11.11 39.79
N GLU B 345 -48.54 10.52 39.33
CA GLU B 345 -48.03 9.29 39.93
C GLU B 345 -47.17 9.55 41.16
N GLY B 346 -46.88 10.80 41.50
CA GLY B 346 -46.08 11.11 42.66
C GLY B 346 -44.60 10.93 42.43
N LYS B 347 -43.83 11.22 43.47
CA LYS B 347 -42.37 11.14 43.42
C LYS B 347 -41.95 9.67 43.52
N ARG B 348 -42.20 8.94 42.44
CA ARG B 348 -41.79 7.54 42.39
C ARG B 348 -40.28 7.41 42.39
N GLY B 349 -39.61 8.13 41.50
CA GLY B 349 -38.16 8.15 41.48
C GLY B 349 -37.60 9.25 40.61
N ARG B 350 -36.66 10.03 41.16
CA ARG B 350 -36.01 11.15 40.47
C ARG B 350 -37.10 12.04 39.86
N LYS B 351 -36.97 12.48 38.61
CA LYS B 351 -37.99 13.29 37.95
C LYS B 351 -37.77 13.24 36.45
N PRO B 352 -38.79 12.89 35.66
CA PRO B 352 -38.59 12.82 34.21
C PRO B 352 -38.52 14.19 33.56
N THR B 353 -37.32 14.57 33.14
CA THR B 353 -37.09 15.85 32.47
C THR B 353 -36.57 15.70 31.05
N THR B 354 -36.18 14.51 30.63
CA THR B 354 -35.64 14.27 29.30
C THR B 354 -36.62 13.41 28.51
N ILE B 355 -37.00 13.88 27.32
CA ILE B 355 -37.88 13.11 26.46
C ILE B 355 -37.15 11.87 25.97
N SER B 356 -37.82 10.73 26.03
CA SER B 356 -37.20 9.49 25.60
C SER B 356 -36.91 9.54 24.09
N PRO B 357 -35.83 8.90 23.64
CA PRO B 357 -35.48 8.96 22.22
C PRO B 357 -36.59 8.49 21.29
N ILE B 358 -37.33 7.46 21.69
CA ILE B 358 -38.41 6.96 20.85
C ILE B 358 -39.54 8.00 20.76
N LYS B 359 -39.84 8.66 21.87
CA LYS B 359 -40.83 9.74 21.85
C LYS B 359 -40.37 10.89 20.99
N CYS B 360 -39.07 11.22 21.05
CA CYS B 360 -38.52 12.25 20.19
C CYS B 360 -38.68 11.87 18.71
N ALA B 361 -38.42 10.62 18.38
CA ALA B 361 -38.59 10.16 17.01
C ALA B 361 -40.05 10.26 16.58
N TYR B 362 -40.98 9.88 17.46
CA TYR B 362 -42.40 10.01 17.17
C TYR B 362 -42.76 11.46 16.86
N ILE B 363 -42.33 12.38 17.73
CA ILE B 363 -42.68 13.79 17.57
C ILE B 363 -42.10 14.33 16.27
N LEU B 364 -40.82 14.02 16.00
CA LEU B 364 -40.18 14.54 14.80
C LEU B 364 -40.82 13.99 13.53
N ASN B 365 -41.14 12.69 13.51
CA ASN B 365 -41.80 12.12 12.34
C ASN B 365 -43.17 12.75 12.15
N GLU B 366 -43.89 13.03 13.24
CA GLU B 366 -45.19 13.67 13.12
C GLU B 366 -45.08 15.08 12.57
N HIS B 367 -44.10 15.87 13.05
CA HIS B 367 -44.05 17.29 12.73
C HIS B 367 -42.92 17.66 11.77
N LEU B 368 -42.28 16.69 11.14
CA LEU B 368 -41.23 16.99 10.17
C LEU B 368 -41.29 15.93 9.07
N THR B 369 -40.40 16.08 8.09
CA THR B 369 -40.35 15.20 6.93
C THR B 369 -39.00 14.51 6.89
N PHE B 370 -38.96 13.26 7.34
CA PHE B 370 -37.78 12.42 7.27
C PHE B 370 -38.06 11.25 6.34
N ILE B 371 -37.10 10.96 5.46
CA ILE B 371 -37.24 9.88 4.48
C ILE B 371 -35.97 9.04 4.48
N LEU B 372 -36.02 7.95 3.72
CA LEU B 372 -34.89 7.05 3.53
C LEU B 372 -34.76 6.79 2.04
N PHE B 373 -33.59 7.10 1.47
CA PHE B 373 -33.45 7.06 0.01
C PHE B 373 -33.65 5.67 -0.53
N ASP B 374 -33.08 4.66 0.11
CA ASP B 374 -33.23 3.29 -0.35
C ASP B 374 -33.04 2.34 0.84
N ASP B 375 -33.44 1.09 0.62
CA ASP B 375 -33.44 0.07 1.66
C ASP B 375 -32.10 -0.63 1.81
N GLU B 376 -31.08 -0.20 1.08
CA GLU B 376 -29.77 -0.83 1.20
C GLU B 376 -29.18 -0.59 2.59
N GLU B 377 -28.27 -1.48 2.97
CA GLU B 377 -27.74 -1.48 4.33
C GLU B 377 -26.99 -0.18 4.63
N ASN B 378 -27.12 0.29 5.87
CA ASN B 378 -26.43 1.48 6.37
C ASN B 378 -26.81 2.72 5.58
N THR B 379 -28.05 2.80 5.12
CA THR B 379 -28.53 4.00 4.44
C THR B 379 -28.73 5.11 5.46
N LYS B 380 -28.29 6.32 5.10
CA LYS B 380 -28.39 7.46 6.00
C LYS B 380 -29.77 8.10 5.88
N LEU B 381 -30.39 8.41 7.03
CA LEU B 381 -31.66 9.10 7.04
C LEU B 381 -31.52 10.48 6.42
N ALA B 382 -32.52 10.88 5.64
CA ALA B 382 -32.52 12.18 4.99
C ALA B 382 -33.63 13.05 5.57
N MET B 383 -33.30 14.31 5.83
CA MET B 383 -34.23 15.27 6.40
C MET B 383 -34.50 16.37 5.40
N TYR B 384 -35.76 16.72 5.21
CA TYR B 384 -36.16 17.81 4.33
C TYR B 384 -36.10 19.11 5.12
N GLN B 385 -35.03 19.86 4.92
CA GLN B 385 -34.90 21.18 5.54
C GLN B 385 -35.76 22.17 4.77
N PHE B 386 -36.73 22.78 5.45
CA PHE B 386 -37.79 23.53 4.77
C PHE B 386 -37.23 24.74 4.05
N ASP B 387 -36.32 25.48 4.70
CA ASP B 387 -35.82 26.72 4.10
C ASP B 387 -35.03 26.44 2.81
N GLU B 388 -34.17 25.42 2.84
CA GLU B 388 -33.38 25.11 1.65
C GLU B 388 -34.20 24.43 0.58
N GLY B 389 -35.21 23.66 0.98
CA GLY B 389 -36.06 22.97 0.03
C GLY B 389 -35.51 21.68 -0.52
N ILE B 390 -34.37 21.21 -0.03
CA ILE B 390 -33.75 19.98 -0.50
C ILE B 390 -33.49 19.06 0.69
N TYR B 391 -33.56 17.76 0.44
CA TYR B 391 -33.27 16.79 1.48
C TYR B 391 -31.77 16.74 1.74
N THR B 392 -31.40 16.57 3.01
CA THR B 392 -30.00 16.50 3.40
C THR B 392 -29.77 15.28 4.27
N GLN B 393 -28.60 14.68 4.11
CA GLN B 393 -28.18 13.54 4.92
C GLN B 393 -27.10 13.94 5.92
N ASN B 394 -26.83 15.22 6.09
CA ASN B 394 -25.82 15.68 7.03
C ASN B 394 -26.28 15.38 8.45
N THR B 395 -25.52 14.55 9.16
CA THR B 395 -25.90 14.16 10.52
C THR B 395 -25.86 15.32 11.48
N THR B 396 -24.98 16.30 11.23
CA THR B 396 -24.89 17.45 12.13
C THR B 396 -26.17 18.28 12.13
N ILE B 397 -26.75 18.50 10.94
CA ILE B 397 -28.00 19.25 10.87
C ILE B 397 -29.12 18.50 11.58
N ILE B 398 -29.19 17.19 11.36
CA ILE B 398 -30.22 16.38 12.01
C ILE B 398 -30.06 16.43 13.52
N LYS B 399 -28.83 16.32 14.01
CA LYS B 399 -28.60 16.36 15.45
C LYS B 399 -28.90 17.75 16.01
N ARG B 400 -28.64 18.81 15.24
CA ARG B 400 -29.05 20.14 15.67
C ARG B 400 -30.56 20.23 15.79
N VAL B 401 -31.29 19.58 14.87
CA VAL B 401 -32.75 19.51 14.99
C VAL B 401 -33.15 18.77 16.25
N ILE B 402 -32.46 17.65 16.55
CA ILE B 402 -32.75 16.92 17.78
C ILE B 402 -32.57 17.83 18.99
N SER B 403 -31.47 18.57 19.01
CA SER B 403 -31.22 19.51 20.10
C SER B 403 -32.29 20.59 20.18
N TYR B 404 -32.81 21.02 19.03
CA TYR B 404 -33.95 21.92 19.03
C TYR B 404 -35.14 21.28 19.73
N LEU B 405 -35.37 20.00 19.49
CA LEU B 405 -36.47 19.32 20.18
C LEU B 405 -36.10 19.03 21.63
N GLU B 406 -35.05 18.23 21.86
CA GLU B 406 -34.60 17.88 23.20
C GLU B 406 -33.11 18.19 23.32
N PRO B 407 -32.76 19.33 23.91
CA PRO B 407 -31.33 19.71 23.96
C PRO B 407 -30.47 18.81 24.83
N LYS B 408 -31.04 18.09 25.79
CA LYS B 408 -30.22 17.37 26.76
C LYS B 408 -29.70 16.04 26.25
N HIS B 409 -30.10 15.60 25.06
CA HIS B 409 -29.52 14.38 24.50
C HIS B 409 -28.09 14.62 24.06
N ASN B 410 -27.20 13.68 24.39
CA ASN B 410 -25.83 13.73 23.91
C ASN B 410 -25.76 13.08 22.53
N SER B 411 -24.55 12.81 22.06
CA SER B 411 -24.38 12.22 20.73
C SER B 411 -25.00 10.84 20.65
N ASN B 412 -24.84 10.04 21.70
CA ASN B 412 -25.37 8.67 21.67
C ASN B 412 -26.89 8.66 21.60
N LYS B 413 -27.56 9.49 22.40
CA LYS B 413 -29.01 9.52 22.36
C LYS B 413 -29.52 10.14 21.06
N ALA B 414 -28.79 11.11 20.50
CA ALA B 414 -29.15 11.63 19.19
C ALA B 414 -29.05 10.55 18.12
N ASP B 415 -28.00 9.72 18.20
CA ASP B 415 -27.89 8.59 17.28
C ASP B 415 -29.03 7.60 17.48
N GLU B 416 -29.44 7.40 18.73
CA GLU B 416 -30.60 6.53 19.00
C GLU B 416 -31.87 7.09 18.37
N VAL B 417 -32.06 8.40 18.47
CA VAL B 417 -33.22 9.04 17.83
C VAL B 417 -33.16 8.86 16.32
N ILE B 418 -31.97 9.03 15.74
CA ILE B 418 -31.81 8.87 14.30
C ILE B 418 -32.13 7.43 13.89
N TYR B 419 -31.67 6.45 14.68
CA TYR B 419 -31.95 5.05 14.39
C TYR B 419 -33.45 4.76 14.46
N HIS B 420 -34.12 5.29 15.49
CA HIS B 420 -35.57 5.11 15.59
C HIS B 420 -36.28 5.73 14.40
N LEU B 421 -35.88 6.93 13.99
CA LEU B 421 -36.48 7.56 12.83
C LEU B 421 -36.24 6.74 11.57
N THR B 422 -35.04 6.18 11.42
CA THR B 422 -34.74 5.32 10.28
C THR B 422 -35.66 4.11 10.26
N ASN B 423 -35.92 3.52 11.43
CA ASN B 423 -36.87 2.42 11.49
C ASN B 423 -38.29 2.87 11.18
N MET B 424 -38.64 4.11 11.50
CA MET B 424 -40.01 4.58 11.33
C MET B 424 -40.31 4.99 9.89
N VAL B 425 -39.46 5.83 9.30
CA VAL B 425 -39.84 6.54 8.09
C VAL B 425 -39.95 5.58 6.91
N ASP B 426 -40.68 6.04 5.89
CA ASP B 426 -40.89 5.28 4.67
C ASP B 426 -39.72 5.51 3.71
N ILE B 427 -39.68 4.69 2.66
CA ILE B 427 -38.58 4.69 1.71
C ILE B 427 -39.06 5.33 0.41
N LYS B 428 -38.38 6.39 -0.02
CA LYS B 428 -38.66 7.06 -1.27
C LYS B 428 -37.36 7.29 -2.03
N GLU B 429 -37.42 7.15 -3.35
CA GLU B 429 -36.25 7.33 -4.19
C GLU B 429 -36.13 8.76 -4.66
N LYS B 430 -34.90 9.17 -4.95
CA LYS B 430 -34.65 10.54 -5.41
C LYS B 430 -35.27 10.76 -6.77
N THR B 431 -35.88 11.94 -6.95
CA THR B 431 -36.48 12.30 -8.23
C THR B 431 -35.37 12.59 -9.23
N ASN B 432 -35.11 11.62 -10.12
CA ASN B 432 -34.05 11.73 -11.10
C ASN B 432 -34.58 12.13 -12.48
N SER B 433 -35.69 12.82 -12.53
CA SER B 433 -36.27 13.25 -13.81
C SER B 433 -35.37 14.30 -14.44
N PRO B 434 -34.90 14.09 -15.68
CA PRO B 434 -34.05 15.11 -16.32
C PRO B 434 -34.77 16.41 -16.60
N TYR B 435 -36.11 16.41 -16.58
CA TYR B 435 -36.87 17.61 -16.86
C TYR B 435 -36.95 18.56 -15.68
N LEU B 436 -36.51 18.14 -14.50
CA LEU B 436 -36.56 18.96 -13.29
C LEU B 436 -35.14 19.30 -12.86
N ILE B 437 -34.87 20.58 -12.69
CA ILE B 437 -33.56 21.08 -12.26
C ILE B 437 -33.76 21.89 -10.99
N PRO B 438 -33.19 21.47 -9.86
CA PRO B 438 -33.36 22.25 -8.62
C PRO B 438 -32.54 23.53 -8.66
N VAL B 439 -33.18 24.64 -8.32
CA VAL B 439 -32.55 25.96 -8.30
C VAL B 439 -32.87 26.60 -6.96
N LYS B 440 -32.04 27.57 -6.55
CA LYS B 440 -32.15 28.15 -5.22
C LYS B 440 -33.56 28.68 -4.95
N ASN B 441 -34.16 29.38 -5.91
CA ASN B 441 -35.54 29.83 -5.72
C ASN B 441 -36.50 28.64 -5.66
N GLY B 442 -36.31 27.66 -6.52
CA GLY B 442 -37.18 26.50 -6.54
C GLY B 442 -36.84 25.60 -7.69
N VAL B 443 -37.64 24.54 -7.84
CA VAL B 443 -37.44 23.62 -8.94
C VAL B 443 -37.78 24.31 -10.26
N PHE B 444 -37.12 23.89 -11.34
CA PHE B 444 -37.42 24.38 -12.68
C PHE B 444 -37.83 23.20 -13.53
N ASN B 445 -39.04 23.26 -14.08
CA ASN B 445 -39.56 22.23 -14.98
C ASN B 445 -39.27 22.66 -16.41
N ARG B 446 -38.42 21.89 -17.09
CA ARG B 446 -38.06 22.20 -18.46
C ARG B 446 -39.18 21.85 -19.43
N LYS B 447 -40.02 20.86 -19.09
CA LYS B 447 -41.17 20.56 -19.93
C LYS B 447 -42.13 21.75 -20.00
N THR B 448 -42.44 22.33 -18.85
CA THR B 448 -43.25 23.54 -18.79
C THR B 448 -42.41 24.81 -18.75
N LYS B 449 -41.09 24.69 -18.60
CA LYS B 449 -40.18 25.84 -18.53
C LYS B 449 -40.64 26.82 -17.45
N GLN B 450 -41.02 26.29 -16.29
CA GLN B 450 -41.64 27.10 -15.25
C GLN B 450 -40.99 26.82 -13.90
N LEU B 451 -41.02 27.82 -13.03
CA LEU B 451 -40.47 27.71 -11.69
C LEU B 451 -41.56 27.28 -10.72
N GLU B 452 -41.26 26.25 -9.92
CA GLU B 452 -42.18 25.71 -8.93
C GLU B 452 -41.54 25.80 -7.55
N SER B 453 -42.35 26.15 -6.56
CA SER B 453 -41.86 26.30 -5.20
C SER B 453 -41.45 24.95 -4.62
N PHE B 454 -40.58 25.01 -3.61
CA PHE B 454 -40.09 23.80 -2.98
C PHE B 454 -41.22 23.05 -2.27
N THR B 455 -41.21 21.73 -2.42
CA THR B 455 -42.14 20.85 -1.73
C THR B 455 -41.40 19.58 -1.31
N PRO B 456 -41.83 18.95 -0.22
CA PRO B 456 -41.23 17.67 0.16
C PRO B 456 -41.43 16.57 -0.87
N ASP B 457 -42.40 16.74 -1.79
CA ASP B 457 -42.64 15.72 -2.80
C ASP B 457 -41.43 15.53 -3.71
N TYR B 458 -40.76 16.61 -4.06
CA TYR B 458 -39.55 16.54 -4.87
C TYR B 458 -38.36 16.20 -3.99
N ILE B 459 -37.78 15.02 -4.18
CA ILE B 459 -36.63 14.59 -3.40
C ILE B 459 -35.37 15.03 -4.14
N PHE B 460 -34.71 16.07 -3.62
CA PHE B 460 -33.45 16.55 -4.18
C PHE B 460 -32.41 16.63 -3.07
N THR B 461 -31.18 16.27 -3.41
CA THR B 461 -30.07 16.32 -2.47
C THR B 461 -29.16 17.52 -2.66
N SER B 462 -29.30 18.25 -3.76
CA SER B 462 -28.48 19.44 -4.02
C SER B 462 -29.23 20.31 -5.02
N LYS B 463 -28.81 21.58 -5.09
CA LYS B 463 -29.47 22.54 -5.94
C LYS B 463 -28.46 23.57 -6.44
N ILE B 464 -28.82 24.24 -7.54
CA ILE B 464 -27.97 25.29 -8.08
C ILE B 464 -27.94 26.47 -7.12
N ASP B 465 -26.73 26.99 -6.88
CA ASP B 465 -26.57 28.04 -5.88
C ASP B 465 -27.25 29.34 -6.29
N THR B 466 -27.18 29.71 -7.56
CA THR B 466 -27.69 31.00 -7.99
C THR B 466 -29.21 31.00 -8.07
N SER B 467 -29.80 32.17 -7.83
CA SER B 467 -31.24 32.32 -7.83
C SER B 467 -31.76 32.51 -9.26
N TYR B 468 -32.96 31.99 -9.51
CA TYR B 468 -33.61 32.09 -10.81
C TYR B 468 -34.59 33.26 -10.79
N VAL B 469 -34.24 34.33 -11.49
CA VAL B 469 -35.12 35.49 -11.63
C VAL B 469 -35.19 35.86 -13.10
N ARG B 470 -36.37 36.32 -13.52
CA ARG B 470 -36.57 36.71 -14.91
C ARG B 470 -35.72 37.94 -15.23
N GLN B 471 -34.96 37.87 -16.31
CA GLN B 471 -34.05 38.92 -16.72
C GLN B 471 -34.47 39.48 -18.07
N ASP B 472 -34.52 40.81 -18.17
CA ASP B 472 -34.88 41.48 -19.41
C ASP B 472 -33.73 42.25 -20.05
N ILE B 473 -32.82 42.81 -19.25
CA ILE B 473 -31.67 43.56 -19.76
C ILE B 473 -30.41 42.91 -19.24
N VAL B 474 -29.39 42.87 -20.08
CA VAL B 474 -28.10 42.28 -19.67
C VAL B 474 -27.46 43.16 -18.60
N PRO B 475 -27.14 42.62 -17.43
CA PRO B 475 -26.50 43.43 -16.39
C PRO B 475 -25.13 43.93 -16.83
N GLU B 476 -24.80 45.15 -16.41
CA GLU B 476 -23.53 45.78 -16.72
C GLU B 476 -22.87 46.24 -15.43
N ILE B 477 -21.66 45.76 -15.19
CA ILE B 477 -20.85 46.17 -14.04
C ILE B 477 -19.59 46.84 -14.57
N ASN B 478 -19.39 48.10 -14.21
CA ASN B 478 -18.27 48.91 -14.68
C ASN B 478 -18.21 48.91 -16.21
N GLY B 479 -19.38 48.95 -16.84
CA GLY B 479 -19.46 48.94 -18.29
C GLY B 479 -18.94 47.67 -18.93
N TRP B 480 -19.13 46.53 -18.28
CA TRP B 480 -18.71 45.23 -18.80
C TRP B 480 -19.95 44.38 -19.03
N ASN B 481 -20.07 43.83 -20.23
CA ASN B 481 -21.22 43.02 -20.62
C ASN B 481 -20.81 41.55 -20.67
N ILE B 482 -21.58 40.71 -19.98
CA ILE B 482 -21.26 39.28 -19.94
C ILE B 482 -21.41 38.65 -21.32
N ASP B 483 -22.46 39.03 -22.06
CA ASP B 483 -22.64 38.50 -23.41
C ASP B 483 -21.53 38.96 -24.33
N ARG B 484 -21.10 40.21 -24.19
CA ARG B 484 -19.96 40.69 -24.98
C ARG B 484 -18.68 39.97 -24.57
N TRP B 485 -18.55 39.63 -23.29
CA TRP B 485 -17.41 38.83 -22.85
C TRP B 485 -17.43 37.45 -23.50
N ILE B 486 -18.61 36.83 -23.59
CA ILE B 486 -18.73 35.53 -24.25
C ILE B 486 -18.36 35.66 -25.73
N GLU B 487 -18.82 36.73 -26.38
CA GLU B 487 -18.46 36.96 -27.78
C GLU B 487 -16.96 37.13 -27.94
N GLU B 488 -16.33 37.87 -27.02
CA GLU B 488 -14.88 38.05 -27.07
C GLU B 488 -14.15 36.72 -26.89
N ILE B 489 -14.65 35.87 -25.99
CA ILE B 489 -14.03 34.57 -25.77
C ILE B 489 -14.05 33.74 -27.04
N ALA B 490 -15.17 33.76 -27.75
CA ALA B 490 -15.34 32.97 -28.96
C ALA B 490 -14.87 33.70 -30.22
N CYS B 491 -14.25 34.87 -30.07
CA CYS B 491 -13.81 35.69 -31.20
C CYS B 491 -14.97 36.04 -32.13
N ASN B 492 -16.10 36.42 -31.53
CA ASN B 492 -17.29 36.85 -32.26
C ASN B 492 -17.78 35.78 -33.23
N ASP B 493 -17.87 34.54 -32.75
CA ASP B 493 -18.40 33.43 -33.53
C ASP B 493 -19.74 33.02 -32.96
N ASN B 494 -20.79 33.12 -33.79
CA ASN B 494 -22.13 32.79 -33.33
C ASN B 494 -22.25 31.32 -32.95
N GLN B 495 -21.67 30.43 -33.77
CA GLN B 495 -21.76 29.01 -33.46
C GLN B 495 -21.07 28.67 -32.15
N VAL B 496 -19.91 29.29 -31.90
CA VAL B 496 -19.16 28.96 -30.69
C VAL B 496 -19.87 29.50 -29.45
N VAL B 497 -20.45 30.70 -29.52
CA VAL B 497 -21.17 31.22 -28.35
C VAL B 497 -22.43 30.42 -28.11
N LYS B 498 -23.11 29.98 -29.18
CA LYS B 498 -24.26 29.10 -29.01
C LYS B 498 -23.84 27.79 -28.36
N LEU B 499 -22.70 27.24 -28.79
CA LEU B 499 -22.19 26.02 -28.18
C LEU B 499 -21.86 26.23 -26.70
N LEU B 500 -21.29 27.39 -26.36
CA LEU B 500 -20.97 27.67 -24.96
C LEU B 500 -22.24 27.76 -24.12
N TRP B 501 -23.28 28.42 -24.63
CA TRP B 501 -24.54 28.48 -23.90
C TRP B 501 -25.14 27.09 -23.73
N GLN B 502 -25.06 26.26 -24.78
CA GLN B 502 -25.53 24.89 -24.67
C GLN B 502 -24.72 24.09 -23.66
N VAL B 503 -23.42 24.34 -23.58
CA VAL B 503 -22.57 23.68 -22.61
C VAL B 503 -22.99 24.05 -21.19
N ILE B 504 -23.25 25.33 -20.96
CA ILE B 504 -23.74 25.74 -19.64
C ILE B 504 -25.08 25.08 -19.33
N ASN B 505 -25.98 25.02 -20.32
CA ASN B 505 -27.28 24.40 -20.11
C ASN B 505 -27.13 22.93 -19.75
N ASP B 506 -26.24 22.21 -20.43
CA ASP B 506 -25.98 20.82 -20.10
C ASP B 506 -25.34 20.70 -18.72
N SER B 507 -24.47 21.64 -18.37
CA SER B 507 -23.77 21.58 -17.09
C SER B 507 -24.74 21.70 -15.93
N MET B 508 -25.74 22.58 -16.04
CA MET B 508 -26.67 22.76 -14.93
C MET B 508 -27.46 21.48 -14.67
N ASN B 509 -27.87 20.78 -15.72
CA ASN B 509 -28.64 19.56 -15.55
C ASN B 509 -27.72 18.39 -15.22
N GLY B 510 -28.00 17.72 -14.12
CA GLY B 510 -27.21 16.58 -13.66
C GLY B 510 -27.80 15.21 -13.93
N ASN B 511 -28.91 15.14 -14.67
CA ASN B 511 -29.55 13.86 -14.97
C ASN B 511 -29.52 13.49 -16.44
N TYR B 512 -29.19 14.43 -17.31
CA TYR B 512 -29.11 14.19 -18.75
C TYR B 512 -27.69 14.48 -19.20
N THR B 513 -27.05 13.50 -19.84
CA THR B 513 -25.62 13.60 -20.14
C THR B 513 -25.33 14.04 -21.57
N ARG B 514 -26.22 13.75 -22.51
CA ARG B 514 -26.11 14.08 -23.93
C ARG B 514 -24.97 13.34 -24.63
N LYS B 515 -24.23 12.49 -23.92
CA LYS B 515 -23.24 11.58 -24.52
C LYS B 515 -22.16 12.34 -25.29
N LYS B 516 -21.72 13.47 -24.74
CA LYS B 516 -20.64 14.23 -25.35
C LYS B 516 -19.70 14.74 -24.26
N ALA B 517 -18.42 14.86 -24.62
CA ALA B 517 -17.39 15.39 -23.73
C ALA B 517 -16.87 16.69 -24.31
N ILE B 518 -16.73 17.70 -23.46
CA ILE B 518 -16.32 19.04 -23.88
C ILE B 518 -14.91 19.30 -23.37
N PHE B 519 -14.02 19.66 -24.28
CA PHE B 519 -12.63 19.95 -23.96
C PHE B 519 -12.32 21.39 -24.34
N PHE B 520 -11.65 22.11 -23.44
CA PHE B 520 -11.19 23.47 -23.70
C PHE B 520 -9.70 23.42 -24.05
N VAL B 521 -9.35 23.98 -25.21
CA VAL B 521 -7.96 24.05 -25.65
C VAL B 521 -7.57 25.52 -25.78
N GLY B 522 -6.43 25.88 -25.19
CA GLY B 522 -5.96 27.24 -25.23
C GLY B 522 -4.46 27.36 -25.16
N ASP B 523 -3.87 28.13 -26.08
CA ASP B 523 -2.42 28.31 -26.10
C ASP B 523 -1.92 29.06 -24.88
N GLY B 524 -2.54 30.19 -24.58
CA GLY B 524 -2.13 31.00 -23.45
C GLY B 524 -3.28 31.41 -22.55
N ASN B 525 -3.44 32.72 -22.35
CA ASN B 525 -4.55 33.25 -21.56
C ASN B 525 -5.77 33.39 -22.45
N ASN B 526 -6.45 32.26 -22.65
CA ASN B 526 -7.66 32.23 -23.46
C ASN B 526 -8.93 32.37 -22.64
N GLY B 527 -8.83 32.50 -21.32
CA GLY B 527 -10.00 32.64 -20.49
C GLY B 527 -10.70 31.34 -20.15
N LYS B 528 -10.06 30.20 -20.42
CA LYS B 528 -10.66 28.91 -20.06
C LYS B 528 -10.87 28.81 -18.56
N GLY B 529 -9.87 29.22 -17.77
CA GLY B 529 -10.02 29.21 -16.33
C GLY B 529 -11.12 30.16 -15.87
N THR B 530 -11.24 31.31 -16.52
CA THR B 530 -12.30 32.25 -16.18
C THR B 530 -13.67 31.67 -16.46
N PHE B 531 -13.83 30.97 -17.60
CA PHE B 531 -15.10 30.31 -17.90
C PHE B 531 -15.39 29.19 -16.90
N GLN B 532 -14.37 28.44 -16.50
CA GLN B 532 -14.56 27.40 -15.50
C GLN B 532 -14.99 27.99 -14.17
N GLU B 533 -14.39 29.13 -13.78
CA GLU B 533 -14.81 29.80 -12.55
C GLU B 533 -16.23 30.33 -12.67
N LEU B 534 -16.61 30.83 -13.85
CA LEU B 534 -17.99 31.28 -14.06
C LEU B 534 -18.96 30.13 -13.88
N LEU B 535 -18.62 28.96 -14.45
CA LEU B 535 -19.47 27.79 -14.27
C LEU B 535 -19.55 27.37 -12.82
N SER B 536 -18.40 27.37 -12.12
CA SER B 536 -18.39 27.02 -10.71
C SER B 536 -19.11 28.04 -9.84
N ASN B 537 -19.31 29.25 -10.35
CA ASN B 537 -20.05 30.27 -9.62
C ASN B 537 -21.55 30.20 -9.86
N VAL B 538 -21.97 30.07 -11.11
CA VAL B 538 -23.41 29.97 -11.40
C VAL B 538 -23.97 28.68 -10.81
N ILE B 539 -23.25 27.58 -10.98
CA ILE B 539 -23.61 26.34 -10.31
C ILE B 539 -23.03 26.37 -8.90
N GLY B 540 -23.58 25.54 -8.02
CA GLY B 540 -23.06 25.44 -6.67
C GLY B 540 -21.61 25.00 -6.65
N TYR B 541 -20.82 25.57 -5.73
CA TYR B 541 -19.42 25.19 -5.64
C TYR B 541 -19.28 23.72 -5.23
N SER B 542 -20.13 23.26 -4.31
CA SER B 542 -20.11 21.85 -3.92
C SER B 542 -20.66 20.95 -5.01
N ASN B 543 -21.40 21.52 -5.97
CA ASN B 543 -22.03 20.72 -7.02
C ASN B 543 -21.07 20.32 -8.13
N ILE B 544 -19.84 20.83 -8.14
CA ILE B 544 -18.89 20.56 -9.21
C ILE B 544 -17.79 19.65 -8.68
N ALA B 545 -17.29 18.79 -9.54
CA ALA B 545 -16.19 17.89 -9.23
C ALA B 545 -14.92 18.37 -9.93
N SER B 546 -13.77 18.04 -9.34
CA SER B 546 -12.47 18.43 -9.89
C SER B 546 -11.69 17.16 -10.21
N LEU B 547 -11.76 16.74 -11.47
CA LEU B 547 -11.06 15.55 -11.93
C LEU B 547 -10.58 15.76 -13.36
N LYS B 548 -9.35 15.34 -13.63
CA LYS B 548 -8.79 15.38 -14.97
C LYS B 548 -9.06 14.06 -15.69
N VAL B 549 -8.82 14.05 -17.00
CA VAL B 549 -9.07 12.85 -17.79
C VAL B 549 -8.15 11.72 -17.37
N ASN B 550 -6.85 11.98 -17.29
CA ASN B 550 -5.89 10.94 -16.92
C ASN B 550 -6.10 10.46 -15.49
N GLU B 551 -6.81 11.23 -14.67
CA GLU B 551 -7.11 10.84 -13.30
C GLU B 551 -8.41 10.05 -13.17
N PHE B 552 -9.14 9.83 -14.26
CA PHE B 552 -10.40 9.11 -14.16
C PHE B 552 -10.20 7.68 -13.68
N ASP B 553 -9.20 6.99 -14.20
CA ASP B 553 -8.97 5.59 -13.88
C ASP B 553 -8.11 5.38 -12.64
N GLU B 554 -7.64 6.46 -12.01
CA GLU B 554 -6.97 6.32 -10.72
C GLU B 554 -7.95 5.86 -9.66
N ARG B 555 -7.49 5.02 -8.74
CA ARG B 555 -8.36 4.46 -7.74
C ARG B 555 -8.88 5.54 -6.80
N PHE B 556 -10.16 5.43 -6.43
CA PHE B 556 -10.91 6.31 -5.53
C PHE B 556 -11.20 7.67 -6.15
N LYS B 557 -10.77 7.94 -7.39
CA LYS B 557 -11.01 9.24 -8.00
C LYS B 557 -12.46 9.41 -8.43
N LEU B 558 -13.13 8.32 -8.83
CA LEU B 558 -14.51 8.42 -9.25
C LEU B 558 -15.48 8.63 -8.09
N SER B 559 -15.02 8.41 -6.85
CA SER B 559 -15.92 8.46 -5.70
C SER B 559 -16.54 9.83 -5.55
N VAL B 560 -15.79 10.88 -5.85
CA VAL B 560 -16.31 12.24 -5.71
C VAL B 560 -17.43 12.50 -6.72
N LEU B 561 -17.44 11.75 -7.82
CA LEU B 561 -18.36 12.04 -8.91
C LEU B 561 -19.80 11.68 -8.58
N GLU B 562 -20.05 11.00 -7.46
CA GLU B 562 -21.38 10.48 -7.18
C GLU B 562 -22.40 11.61 -6.98
N GLY B 563 -22.00 12.68 -6.30
CA GLY B 563 -22.95 13.72 -5.94
C GLY B 563 -22.75 15.05 -6.66
N LYS B 564 -22.09 15.04 -7.81
CA LYS B 564 -21.74 16.25 -8.53
C LYS B 564 -22.55 16.35 -9.82
N THR B 565 -23.03 17.56 -10.10
CA THR B 565 -23.81 17.78 -11.33
C THR B 565 -22.92 17.76 -12.56
N ALA B 566 -21.64 18.13 -12.42
CA ALA B 566 -20.71 18.13 -13.54
C ALA B 566 -19.30 17.99 -13.00
N VAL B 567 -18.38 17.58 -13.87
CA VAL B 567 -16.98 17.44 -13.52
C VAL B 567 -16.16 18.37 -14.43
N ILE B 568 -15.21 19.07 -13.84
CA ILE B 568 -14.36 20.02 -14.53
C ILE B 568 -12.91 19.76 -14.16
N GLY B 569 -12.09 19.50 -15.17
CA GLY B 569 -10.65 19.41 -15.02
C GLY B 569 -10.01 20.77 -15.21
N ASP B 570 -9.47 21.32 -14.12
CA ASP B 570 -8.92 22.68 -14.17
C ASP B 570 -7.76 22.78 -15.14
N ASP B 571 -6.87 21.79 -15.14
CA ASP B 571 -5.73 21.79 -16.04
C ASP B 571 -5.39 20.36 -16.41
N VAL B 572 -5.08 20.16 -17.69
CA VAL B 572 -4.72 18.86 -18.24
C VAL B 572 -3.33 18.98 -18.85
N PRO B 573 -2.42 18.06 -18.59
CA PRO B 573 -1.08 18.16 -19.18
C PRO B 573 -1.13 18.18 -20.70
N VAL B 574 -0.23 18.96 -21.29
CA VAL B 574 -0.23 19.15 -22.74
C VAL B 574 0.07 17.83 -23.42
N GLY B 575 -0.91 17.32 -24.17
CA GLY B 575 -0.73 16.07 -24.89
C GLY B 575 -0.46 14.88 -24.00
N VAL B 576 -1.11 14.83 -22.83
CA VAL B 576 -0.92 13.69 -21.94
C VAL B 576 -1.48 12.43 -22.58
N TYR B 577 -0.71 11.35 -22.50
CA TYR B 577 -1.13 10.08 -23.08
C TYR B 577 -2.09 9.38 -22.12
N VAL B 578 -3.39 9.47 -22.43
CA VAL B 578 -4.40 8.80 -21.62
C VAL B 578 -4.42 7.34 -22.02
N ASP B 579 -3.71 6.50 -21.25
CA ASP B 579 -3.59 5.09 -21.56
C ASP B 579 -4.96 4.40 -21.57
N ASP B 580 -5.62 4.38 -20.43
CA ASP B 580 -6.94 3.76 -20.30
C ASP B 580 -7.99 4.86 -20.25
N SER B 581 -8.95 4.80 -21.17
CA SER B 581 -10.06 5.74 -21.23
C SER B 581 -11.41 5.06 -21.10
N SER B 582 -11.44 3.83 -20.55
CA SER B 582 -12.69 3.09 -20.45
C SER B 582 -13.69 3.80 -19.53
N ASN B 583 -13.25 4.15 -18.31
CA ASN B 583 -14.13 4.82 -17.36
C ASN B 583 -14.53 6.20 -17.87
N PHE B 584 -13.60 6.92 -18.48
CA PHE B 584 -13.94 8.23 -19.03
C PHE B 584 -14.99 8.12 -20.12
N LYS B 585 -14.83 7.14 -21.02
CA LYS B 585 -15.81 6.94 -22.07
C LYS B 585 -17.16 6.54 -21.50
N SER B 586 -17.17 5.67 -20.49
CA SER B 586 -18.41 5.26 -19.86
C SER B 586 -19.13 6.44 -19.21
N VAL B 587 -18.38 7.30 -18.52
CA VAL B 587 -18.98 8.46 -17.88
C VAL B 587 -19.53 9.42 -18.92
N VAL B 588 -18.78 9.63 -20.02
CA VAL B 588 -19.24 10.53 -21.07
C VAL B 588 -20.53 9.99 -21.68
N THR B 589 -20.57 8.69 -21.98
CA THR B 589 -21.78 8.09 -22.52
C THR B 589 -22.87 7.96 -21.46
N GLY B 590 -22.47 7.80 -20.20
CA GLY B 590 -23.43 7.60 -19.13
C GLY B 590 -23.65 6.17 -18.73
N ASP B 591 -22.86 5.23 -19.24
CA ASP B 591 -23.02 3.84 -18.87
C ASP B 591 -22.64 3.65 -17.41
N PRO B 592 -23.24 2.67 -16.71
CA PRO B 592 -22.87 2.42 -15.33
C PRO B 592 -21.40 2.02 -15.21
N VAL B 593 -20.77 2.46 -14.13
CA VAL B 593 -19.35 2.20 -13.90
C VAL B 593 -19.17 1.76 -12.45
N LEU B 594 -18.08 1.03 -12.21
CA LEU B 594 -17.72 0.57 -10.88
C LEU B 594 -16.91 1.64 -10.16
N VAL B 595 -17.37 2.03 -8.97
CA VAL B 595 -16.73 3.07 -8.18
C VAL B 595 -16.51 2.53 -6.77
N GLU B 596 -15.37 2.91 -6.18
CA GLU B 596 -15.02 2.50 -4.83
C GLU B 596 -14.55 3.71 -4.04
N PHE B 597 -15.10 3.88 -2.84
CA PHE B 597 -14.54 4.85 -1.91
C PHE B 597 -13.38 4.23 -1.15
N LYS B 598 -12.56 5.08 -0.55
CA LYS B 598 -11.41 4.58 0.21
C LYS B 598 -11.88 3.78 1.42
N ASN B 599 -11.43 2.54 1.50
CA ASN B 599 -11.80 1.62 2.59
C ASN B 599 -13.33 1.46 2.68
N LYS B 600 -13.97 1.38 1.52
CA LYS B 600 -15.40 1.16 1.43
C LYS B 600 -15.67 0.19 0.28
N PRO B 601 -16.78 -0.55 0.34
CA PRO B 601 -17.03 -1.57 -0.69
C PRO B 601 -17.24 -0.97 -2.07
N LEU B 602 -16.80 -1.71 -3.09
CA LEU B 602 -17.03 -1.33 -4.47
C LEU B 602 -18.51 -1.44 -4.80
N TYR B 603 -19.02 -0.52 -5.62
CA TYR B 603 -20.41 -0.59 -6.04
C TYR B 603 -20.57 0.04 -7.42
N ARG B 604 -21.64 -0.35 -8.10
CA ARG B 604 -21.91 0.08 -9.46
C ARG B 604 -22.89 1.25 -9.44
N ALA B 605 -22.55 2.31 -10.16
CA ALA B 605 -23.39 3.51 -10.17
C ALA B 605 -23.33 4.16 -11.54
N THR B 606 -24.37 4.93 -11.85
CA THR B 606 -24.51 5.61 -13.13
C THR B 606 -24.27 7.10 -12.95
N PHE B 607 -23.41 7.67 -13.78
CA PHE B 607 -23.08 9.10 -13.73
C PHE B 607 -23.65 9.77 -14.97
N LYS B 608 -24.43 10.83 -14.77
CA LYS B 608 -24.96 11.63 -15.87
C LYS B 608 -24.33 13.01 -15.93
N CYS B 609 -23.31 13.27 -15.11
CA CYS B 609 -22.65 14.57 -15.11
C CYS B 609 -21.87 14.77 -16.39
N THR B 610 -21.80 16.02 -16.84
CA THR B 610 -21.07 16.37 -18.05
C THR B 610 -19.61 16.68 -17.72
N VAL B 611 -18.75 16.46 -18.71
CA VAL B 611 -17.31 16.56 -18.54
C VAL B 611 -16.82 17.82 -19.26
N ILE B 612 -16.18 18.71 -18.50
CA ILE B 612 -15.52 19.89 -19.05
C ILE B 612 -14.07 19.82 -18.62
N GLN B 613 -13.15 20.02 -19.56
CA GLN B 613 -11.73 19.94 -19.24
C GLN B 613 -10.99 21.08 -19.92
N SER B 614 -9.95 21.59 -19.25
CA SER B 614 -9.11 22.63 -19.78
C SER B 614 -7.71 22.07 -20.02
N THR B 615 -7.21 22.24 -21.24
CA THR B 615 -5.89 21.76 -21.61
C THR B 615 -5.24 22.77 -22.56
N ASN B 616 -3.90 22.82 -22.51
CA ASN B 616 -3.13 23.67 -23.41
C ASN B 616 -2.67 22.83 -24.61
N GLY B 617 -3.65 22.24 -25.29
CA GLY B 617 -3.38 21.34 -26.38
C GLY B 617 -4.15 20.04 -26.27
N MET B 618 -4.63 19.53 -27.41
CA MET B 618 -5.48 18.35 -27.39
C MET B 618 -4.69 17.13 -26.95
N PRO B 619 -5.18 16.36 -25.97
CA PRO B 619 -4.45 15.18 -25.50
C PRO B 619 -4.56 14.03 -26.50
N LYS B 620 -3.78 12.98 -26.22
CA LYS B 620 -3.72 11.80 -27.06
C LYS B 620 -4.39 10.61 -26.37
N PHE B 621 -5.11 9.82 -27.14
CA PHE B 621 -5.78 8.62 -26.66
C PHE B 621 -5.29 7.41 -27.46
N LYS B 622 -5.05 6.30 -26.76
CA LYS B 622 -4.52 5.12 -27.43
C LYS B 622 -5.59 4.33 -28.16
N ASP B 623 -6.86 4.72 -28.06
CA ASP B 623 -7.94 3.91 -28.62
C ASP B 623 -7.88 3.90 -30.15
N LYS B 624 -7.78 5.07 -30.77
CA LYS B 624 -7.92 5.21 -32.22
C LYS B 624 -9.20 4.55 -32.71
N THR B 625 -10.29 4.75 -31.98
CA THR B 625 -11.57 4.10 -32.28
C THR B 625 -12.64 5.16 -32.51
N GLY B 626 -13.74 4.73 -33.12
CA GLY B 626 -14.83 5.65 -33.41
C GLY B 626 -15.51 6.18 -32.16
N GLY B 627 -15.52 5.39 -31.09
CA GLY B 627 -16.19 5.82 -29.87
C GLY B 627 -15.54 7.05 -29.25
N THR B 628 -14.21 7.04 -29.18
CA THR B 628 -13.51 8.20 -28.63
C THR B 628 -13.74 9.44 -29.48
N LEU B 629 -13.73 9.29 -30.81
CA LEU B 629 -13.96 10.42 -31.70
C LEU B 629 -15.37 10.97 -31.54
N ARG B 630 -16.37 10.08 -31.43
CA ARG B 630 -17.75 10.54 -31.36
C ARG B 630 -18.07 11.14 -29.99
N ARG B 631 -17.40 10.65 -28.94
CA ARG B 631 -17.68 11.18 -27.60
C ARG B 631 -17.04 12.55 -27.40
N LEU B 632 -15.97 12.84 -28.14
CA LEU B 632 -15.19 14.05 -27.87
C LEU B 632 -15.75 15.25 -28.62
N LEU B 633 -15.81 16.39 -27.94
CA LEU B 633 -16.13 17.68 -28.54
C LEU B 633 -15.16 18.72 -28.01
N ILE B 634 -14.67 19.58 -28.90
CA ILE B 634 -13.59 20.51 -28.58
C ILE B 634 -14.08 21.94 -28.84
N VAL B 635 -13.68 22.85 -27.96
CA VAL B 635 -14.00 24.28 -28.10
C VAL B 635 -12.73 25.01 -28.51
N PRO B 636 -12.77 25.83 -29.56
CA PRO B 636 -11.52 26.44 -30.05
C PRO B 636 -10.81 27.33 -29.04
N PHE B 637 -11.51 28.30 -28.47
CA PHE B 637 -10.92 29.28 -27.54
C PHE B 637 -9.74 30.00 -28.19
N ASN B 638 -9.96 30.48 -29.42
CA ASN B 638 -8.88 31.10 -30.17
C ASN B 638 -8.47 32.45 -29.58
N ALA B 639 -9.34 33.09 -28.82
CA ALA B 639 -9.02 34.39 -28.24
C ALA B 639 -7.88 34.27 -27.24
N ASN B 640 -7.04 35.29 -27.20
CA ASN B 640 -5.90 35.35 -26.30
C ASN B 640 -5.95 36.66 -25.51
N PHE B 641 -5.80 36.56 -24.20
CA PHE B 641 -5.78 37.73 -23.32
C PHE B 641 -4.38 38.12 -22.90
N ASN B 642 -3.35 37.52 -23.52
CA ASN B 642 -1.97 37.94 -23.22
C ASN B 642 -1.66 39.27 -23.88
N GLY B 643 -2.10 39.46 -25.12
CA GLY B 643 -1.89 40.71 -25.82
C GLY B 643 -2.70 41.85 -25.24
N ILE B 644 -4.03 41.70 -25.25
CA ILE B 644 -4.89 42.67 -24.58
C ILE B 644 -4.58 42.65 -23.10
N LYS B 645 -4.64 43.82 -22.46
CA LYS B 645 -4.32 43.92 -21.05
C LYS B 645 -5.25 43.04 -20.21
N GLU B 646 -4.66 42.24 -19.33
CA GLU B 646 -5.43 41.32 -18.51
C GLU B 646 -6.27 42.08 -17.50
N ASN B 647 -7.56 41.74 -17.41
CA ASN B 647 -8.47 42.33 -16.45
C ASN B 647 -8.68 41.32 -15.33
N PHE B 648 -7.90 41.46 -14.26
CA PHE B 648 -8.03 40.56 -13.12
C PHE B 648 -9.41 40.67 -12.47
N LYS B 649 -10.07 41.83 -12.65
CA LYS B 649 -11.41 42.00 -12.10
C LYS B 649 -12.41 41.04 -12.73
N ILE B 650 -12.14 40.61 -13.97
CA ILE B 650 -13.02 39.65 -14.62
C ILE B 650 -13.05 38.33 -13.85
N LYS B 651 -11.88 37.80 -13.54
CA LYS B 651 -11.82 36.50 -12.87
C LYS B 651 -12.09 36.62 -11.38
N GLU B 652 -11.70 37.74 -10.77
CA GLU B 652 -11.79 37.87 -9.32
C GLU B 652 -13.14 38.40 -8.85
N ASP B 653 -13.69 39.41 -9.53
CA ASP B 653 -14.87 40.11 -9.04
C ASP B 653 -16.06 40.03 -9.98
N TYR B 654 -15.86 40.29 -11.27
CA TYR B 654 -16.99 40.52 -12.17
C TYR B 654 -17.82 39.26 -12.35
N ILE B 655 -17.18 38.10 -12.50
CA ILE B 655 -17.95 36.86 -12.64
C ILE B 655 -18.58 36.41 -11.33
N LYS B 656 -18.18 37.00 -10.21
CA LYS B 656 -18.80 36.72 -8.93
C LYS B 656 -19.99 37.62 -8.63
N ASN B 657 -20.30 38.56 -9.52
CA ASN B 657 -21.45 39.43 -9.32
C ASN B 657 -22.74 38.62 -9.37
N GLN B 658 -23.64 38.90 -8.43
CA GLN B 658 -24.88 38.14 -8.33
C GLN B 658 -25.78 38.36 -9.54
N GLN B 659 -25.88 39.60 -10.02
CA GLN B 659 -26.74 39.89 -11.16
C GLN B 659 -26.27 39.19 -12.43
N VAL B 660 -24.96 39.20 -12.68
CA VAL B 660 -24.41 38.54 -13.86
C VAL B 660 -24.67 37.04 -13.78
N LEU B 661 -24.45 36.45 -12.60
CA LEU B 661 -24.69 35.02 -12.42
C LEU B 661 -26.16 34.69 -12.64
N GLU B 662 -27.06 35.52 -12.11
CA GLU B 662 -28.49 35.26 -12.29
C GLU B 662 -28.89 35.36 -13.75
N TYR B 663 -28.36 36.35 -14.46
CA TYR B 663 -28.67 36.47 -15.89
C TYR B 663 -28.15 35.27 -16.66
N VAL B 664 -26.93 34.82 -16.35
CA VAL B 664 -26.37 33.64 -17.02
C VAL B 664 -27.23 32.42 -16.75
N LEU B 665 -27.63 32.24 -15.49
CA LEU B 665 -28.49 31.12 -15.12
C LEU B 665 -29.79 31.16 -15.91
N TYR B 666 -30.44 32.31 -15.95
CA TYR B 666 -31.73 32.43 -16.63
C TYR B 666 -31.60 32.14 -18.12
N LYS B 667 -30.61 32.77 -18.77
CA LYS B 667 -30.45 32.58 -20.21
C LYS B 667 -30.09 31.15 -20.55
N ALA B 668 -29.23 30.52 -19.74
CA ALA B 668 -28.81 29.15 -20.03
C ALA B 668 -29.93 28.15 -19.79
N ILE B 669 -30.66 28.29 -18.69
CA ILE B 669 -31.70 27.31 -18.38
C ILE B 669 -32.90 27.48 -19.31
N ASN B 670 -33.17 28.73 -19.74
CA ASN B 670 -34.26 28.93 -20.69
C ASN B 670 -33.92 28.42 -22.08
N LEU B 671 -32.64 28.29 -22.41
CA LEU B 671 -32.25 27.74 -23.70
C LEU B 671 -32.67 26.28 -23.80
N ASP B 672 -33.25 25.92 -24.94
CA ASP B 672 -33.72 24.56 -25.17
C ASP B 672 -33.07 24.00 -26.43
N PHE B 673 -32.47 22.83 -26.32
CA PHE B 673 -31.85 22.16 -27.45
C PHE B 673 -31.78 20.68 -27.16
N GLU B 674 -31.67 19.88 -28.22
CA GLU B 674 -31.63 18.42 -28.09
C GLU B 674 -30.20 17.88 -28.16
N THR B 675 -29.48 18.22 -29.22
CA THR B 675 -28.13 17.73 -29.45
C THR B 675 -27.17 18.91 -29.53
N PHE B 676 -25.96 18.72 -29.02
CA PHE B 676 -24.94 19.77 -29.06
C PHE B 676 -24.70 20.24 -30.48
N ASP B 677 -24.99 21.52 -30.73
CA ASP B 677 -24.76 22.12 -32.05
C ASP B 677 -23.26 22.30 -32.24
N ILE B 678 -22.66 21.40 -32.99
CA ILE B 678 -21.20 21.41 -33.17
C ILE B 678 -20.83 22.54 -34.12
N PRO B 679 -19.96 23.46 -33.72
CA PRO B 679 -19.50 24.51 -34.64
C PRO B 679 -18.59 23.93 -35.71
N ASP B 680 -18.50 24.67 -36.83
CA ASP B 680 -17.62 24.25 -37.91
C ASP B 680 -16.15 24.27 -37.48
N ALA B 681 -15.77 25.24 -36.64
CA ALA B 681 -14.40 25.29 -36.15
C ALA B 681 -14.07 24.05 -35.34
N SER B 682 -14.99 23.60 -34.49
CA SER B 682 -14.78 22.37 -33.74
C SER B 682 -14.64 21.18 -34.68
N LYS B 683 -15.45 21.13 -35.74
CA LYS B 683 -15.36 20.03 -36.70
C LYS B 683 -13.96 19.97 -37.31
N LYS B 684 -13.44 21.12 -37.75
CA LYS B 684 -12.09 21.13 -38.33
C LYS B 684 -11.04 20.77 -37.29
N MET B 685 -11.18 21.29 -36.07
CA MET B 685 -10.20 20.95 -35.03
C MET B 685 -10.35 19.51 -34.59
N LEU B 686 -11.59 18.98 -34.60
CA LEU B 686 -11.81 17.56 -34.24
C LEU B 686 -11.12 16.68 -35.29
N GLU B 687 -11.21 17.06 -36.57
CA GLU B 687 -10.55 16.31 -37.66
C GLU B 687 -9.03 16.35 -37.47
N VAL B 688 -8.50 17.51 -37.05
CA VAL B 688 -7.03 17.65 -36.80
C VAL B 688 -6.63 16.68 -35.68
N PHE B 689 -7.46 16.57 -34.63
CA PHE B 689 -7.17 15.60 -33.54
C PHE B 689 -7.19 14.18 -34.10
N LYS B 690 -8.14 13.88 -34.98
CA LYS B 690 -8.26 12.51 -35.55
C LYS B 690 -6.98 12.20 -36.35
N GLU B 691 -6.48 13.16 -37.13
CA GLU B 691 -5.22 12.96 -37.90
C GLU B 691 -4.06 12.76 -36.91
N ASP B 692 -4.02 13.55 -35.84
CA ASP B 692 -2.95 13.42 -34.82
C ASP B 692 -3.05 12.04 -34.14
N ASN B 693 -4.27 11.62 -33.79
CA ASN B 693 -4.45 10.34 -33.05
C ASN B 693 -4.00 9.15 -33.91
N ASP B 694 -4.39 9.14 -35.19
CA ASP B 694 -4.04 7.99 -36.06
C ASP B 694 -3.08 8.45 -37.16
N PRO B 695 -1.83 7.92 -37.21
CA PRO B 695 -0.90 8.28 -38.28
C PRO B 695 -1.45 7.81 -39.64
N VAL B 696 -2.08 6.64 -39.68
CA VAL B 696 -2.59 6.08 -40.95
C VAL B 696 -3.65 7.03 -41.54
N TYR B 697 -4.55 7.53 -40.70
CA TYR B 697 -5.61 8.46 -41.18
C TYR B 697 -4.97 9.74 -41.71
N GLY B 698 -3.95 10.25 -41.00
CA GLY B 698 -3.26 11.48 -41.44
C GLY B 698 -2.57 11.26 -42.78
N PHE B 699 -1.93 10.10 -42.95
CA PHE B 699 -1.26 9.76 -44.24
C PHE B 699 -2.32 9.69 -45.35
N LYS B 700 -3.46 9.07 -45.07
CA LYS B 700 -4.52 8.91 -46.10
C LYS B 700 -5.04 10.29 -46.51
N VAL B 701 -5.21 11.21 -45.54
CA VAL B 701 -5.64 12.59 -45.86
C VAL B 701 -4.55 13.29 -46.69
N ASN B 702 -3.28 13.08 -46.34
CA ASN B 702 -2.18 13.80 -47.04
C ASN B 702 -1.81 13.10 -48.35
N MET B 703 -2.52 12.03 -48.72
CA MET B 703 -2.17 11.29 -49.93
C MET B 703 -2.14 12.21 -51.14
N PHE B 704 -3.29 12.79 -51.49
CA PHE B 704 -3.40 13.73 -52.61
C PHE B 704 -2.83 13.13 -53.90
N ASP B 705 -3.14 11.86 -54.15
CA ASP B 705 -2.62 11.13 -55.28
C ASP B 705 -3.76 10.73 -56.21
N GLN B 706 -3.45 10.63 -57.50
CA GLN B 706 -4.43 10.27 -58.51
C GLN B 706 -4.91 8.83 -58.32
N ARG B 710 -1.98 1.68 -58.77
CA ARG B 710 -1.61 2.31 -57.51
C ARG B 710 -2.18 1.53 -56.32
N LYS B 711 -3.38 0.96 -56.51
CA LYS B 711 -3.95 0.10 -55.48
C LYS B 711 -3.29 -1.27 -55.48
N VAL B 712 -2.94 -1.77 -56.67
CA VAL B 712 -2.30 -3.08 -56.75
C VAL B 712 -0.95 -3.13 -56.03
N PRO B 713 -0.01 -2.17 -56.23
CA PRO B 713 1.25 -2.25 -55.47
C PRO B 713 1.06 -1.79 -54.03
N LYS B 714 1.06 -2.75 -53.10
CA LYS B 714 0.88 -2.41 -51.69
C LYS B 714 2.06 -1.59 -51.17
N TYR B 715 3.27 -1.92 -51.60
CA TYR B 715 4.46 -1.20 -51.12
C TYR B 715 4.51 0.22 -51.66
N ILE B 716 4.07 0.44 -52.91
CA ILE B 716 4.08 1.78 -53.48
C ILE B 716 3.08 2.67 -52.75
N VAL B 717 1.86 2.19 -52.56
CA VAL B 717 0.86 2.98 -51.85
C VAL B 717 1.22 3.08 -50.37
N TYR B 718 2.08 2.18 -49.89
CA TYR B 718 2.54 2.24 -48.50
C TYR B 718 3.54 3.37 -48.32
N ALA B 719 4.67 3.30 -49.03
CA ALA B 719 5.71 4.33 -48.99
C ALA B 719 6.19 4.60 -47.56
N PHE B 720 6.15 3.56 -46.73
CA PHE B 720 6.48 3.67 -45.31
C PHE B 720 5.55 4.69 -44.64
N TYR B 721 4.33 4.78 -45.17
CA TYR B 721 3.36 5.82 -44.83
C TYR B 721 3.95 7.21 -45.00
N LYS B 722 4.45 7.48 -46.21
CA LYS B 722 5.14 8.73 -46.52
C LYS B 722 6.30 8.96 -45.55
N GLU B 723 6.99 7.86 -45.23
CA GLU B 723 8.11 7.88 -44.29
C GLU B 723 7.68 8.49 -42.94
N TYR B 724 6.77 7.80 -42.25
CA TYR B 724 6.16 8.24 -40.97
C TYR B 724 5.28 9.48 -41.09
N CYS B 725 4.98 9.97 -42.29
CA CYS B 725 4.17 11.17 -42.46
C CYS B 725 4.75 12.38 -41.74
N ASP B 726 6.07 12.34 -41.52
CA ASP B 726 6.79 13.44 -40.86
C ASP B 726 6.22 13.74 -39.48
N GLU B 727 5.84 12.68 -38.76
CA GLU B 727 5.33 12.84 -37.40
C GLU B 727 5.87 11.74 -36.47
N ASN B 728 7.00 11.13 -36.82
CA ASN B 728 7.73 10.12 -36.04
C ASN B 728 6.79 9.20 -35.25
N GLY B 729 5.80 8.66 -35.96
CA GLY B 729 4.88 7.72 -35.36
C GLY B 729 5.12 6.29 -35.85
N TYR B 730 5.35 5.37 -34.92
CA TYR B 730 5.61 3.99 -35.28
C TYR B 730 4.41 3.39 -36.01
N ASN B 731 4.68 2.70 -37.11
CA ASN B 731 3.62 2.16 -37.97
C ASN B 731 3.91 0.69 -38.25
N ALA B 732 2.86 -0.13 -38.19
CA ALA B 732 3.00 -1.54 -38.55
C ALA B 732 3.24 -1.68 -40.04
N LEU B 733 3.93 -2.76 -40.42
CA LEU B 733 4.27 -2.96 -41.83
C LEU B 733 3.04 -3.24 -42.68
N SER B 734 2.12 -4.08 -42.16
CA SER B 734 0.92 -4.43 -42.90
C SER B 734 -0.36 -4.41 -42.07
N SER B 735 -0.29 -4.49 -40.74
CA SER B 735 -1.49 -4.37 -39.94
C SER B 735 -2.14 -3.01 -40.10
N ASN B 736 -1.33 -1.96 -40.12
CA ASN B 736 -1.87 -0.62 -40.39
C ASN B 736 -2.43 -0.52 -41.79
N LYS B 737 -1.92 -1.33 -42.73
CA LYS B 737 -2.53 -1.39 -44.06
C LYS B 737 -3.95 -1.96 -43.99
N PHE B 738 -4.14 -3.00 -43.17
CA PHE B 738 -5.49 -3.52 -42.95
C PHE B 738 -6.38 -2.46 -42.30
N TYR B 739 -5.83 -1.73 -41.32
CA TYR B 739 -6.60 -0.65 -40.71
C TYR B 739 -6.96 0.43 -41.72
N LYS B 740 -6.06 0.72 -42.66
CA LYS B 740 -6.32 1.71 -43.70
C LYS B 740 -7.45 1.28 -44.62
N GLN B 741 -7.37 0.04 -45.12
CA GLN B 741 -8.43 -0.44 -46.01
C GLN B 741 -9.74 -0.59 -45.25
N PHE B 742 -9.67 -0.76 -43.92
CA PHE B 742 -10.91 -0.82 -43.11
C PHE B 742 -11.54 0.58 -43.12
N GLU B 743 -10.73 1.61 -42.87
CA GLU B 743 -11.23 3.01 -42.89
C GLU B 743 -11.72 3.37 -44.30
N HIS B 744 -11.00 2.95 -45.33
CA HIS B 744 -11.38 3.27 -46.73
C HIS B 744 -10.93 2.13 -47.66
N GLU B 747 -14.46 3.52 -51.20
CA GLU B 747 -15.05 3.60 -52.52
C GLU B 747 -14.31 2.70 -53.51
N ASN B 748 -13.04 3.04 -53.75
CA ASN B 748 -12.23 2.22 -54.66
C ASN B 748 -11.90 0.87 -54.03
N TYR B 749 -11.75 0.82 -52.72
CA TYR B 749 -11.43 -0.39 -51.95
C TYR B 749 -10.09 -0.92 -52.47
N TRP B 750 -9.93 -2.21 -52.72
CA TRP B 750 -8.66 -2.80 -53.12
C TRP B 750 -8.83 -3.53 -54.44
N LYS B 751 -7.89 -3.29 -55.36
CA LYS B 751 -7.84 -3.96 -56.66
C LYS B 751 -6.47 -4.61 -56.81
N THR B 752 -6.45 -5.88 -57.20
CA THR B 752 -5.22 -6.64 -57.31
C THR B 752 -4.84 -6.81 -58.78
N ASP B 753 -3.69 -6.25 -59.16
CA ASP B 753 -3.15 -6.38 -60.51
C ASP B 753 -1.68 -6.79 -60.40
N ALA B 754 -1.30 -7.82 -61.16
CA ALA B 754 0.08 -8.29 -61.12
C ALA B 754 1.04 -7.31 -61.79
N GLN B 755 0.59 -6.61 -62.83
CA GLN B 755 1.46 -5.70 -63.56
C GLN B 755 1.90 -4.53 -62.69
N ARG B 756 0.95 -3.86 -62.05
CA ARG B 756 1.28 -2.73 -61.20
C ARG B 756 2.08 -3.17 -59.97
N ARG B 757 1.71 -4.30 -59.37
CA ARG B 757 2.39 -4.80 -58.19
C ARG B 757 3.58 -5.66 -58.57
N ASN B 760 8.74 -4.99 -56.72
CA ASN B 760 9.52 -4.06 -55.92
C ASN B 760 10.42 -3.21 -56.83
N GLU B 761 9.83 -2.18 -57.45
CA GLU B 761 10.60 -1.30 -58.32
C GLU B 761 11.65 -0.53 -57.55
N GLU B 762 11.29 -0.02 -56.38
CA GLU B 762 12.20 0.77 -55.55
C GLU B 762 11.97 0.43 -54.08
N LEU B 763 13.06 0.35 -53.32
CA LEU B 763 12.95 0.07 -51.90
C LEU B 763 12.20 1.18 -51.17
N ALA B 764 12.50 2.44 -51.52
CA ALA B 764 11.85 3.61 -50.92
C ALA B 764 11.96 3.61 -49.40
N ARG B 766 14.27 9.94 -47.01
CA ARG B 766 14.49 8.62 -47.60
C ARG B 766 14.12 8.62 -49.09
N ILE B 767 12.85 8.90 -49.38
CA ILE B 767 12.34 8.94 -50.75
C ILE B 767 11.62 10.27 -50.95
N TYR B 768 11.88 10.91 -52.09
CA TYR B 768 11.26 12.18 -52.44
C TYR B 768 10.24 12.05 -53.56
N ASN B 769 9.93 10.82 -53.99
CA ASN B 769 8.94 10.59 -55.04
C ASN B 769 7.54 10.76 -54.43
N PHE B 770 7.14 12.03 -54.28
CA PHE B 770 5.84 12.32 -53.67
C PHE B 770 4.69 11.78 -54.52
N ASN B 771 4.77 11.95 -55.84
CA ASN B 771 3.74 11.48 -56.75
C ASN B 771 4.39 10.86 -57.97
N ASP B 772 4.02 9.61 -58.28
CA ASP B 772 4.56 8.91 -59.43
C ASP B 772 3.74 9.26 -60.67
N ASN B 773 3.97 8.54 -61.76
CA ASN B 773 3.26 8.76 -63.00
C ASN B 773 1.78 8.42 -62.87
N VAL C 323 -26.88 -33.22 21.92
CA VAL C 323 -26.42 -32.56 23.14
C VAL C 323 -27.35 -31.41 23.50
N LYS C 324 -28.20 -31.03 22.55
CA LYS C 324 -29.14 -29.95 22.79
C LYS C 324 -30.12 -30.29 23.92
N GLN C 325 -30.64 -31.52 23.91
CA GLN C 325 -31.57 -31.95 24.96
C GLN C 325 -30.87 -31.97 26.32
N LEU C 326 -29.66 -32.51 26.36
CA LEU C 326 -28.92 -32.58 27.62
C LEU C 326 -28.64 -31.19 28.17
N LEU C 327 -28.21 -30.27 27.30
CA LEU C 327 -27.90 -28.91 27.76
C LEU C 327 -29.16 -28.18 28.19
N ASN C 328 -30.27 -28.38 27.47
CA ASN C 328 -31.53 -27.76 27.87
C ASN C 328 -31.96 -28.25 29.24
N GLN C 329 -31.87 -29.57 29.47
CA GLN C 329 -32.25 -30.12 30.77
C GLN C 329 -31.35 -29.61 31.87
N LEU C 330 -30.03 -29.54 31.61
CA LEU C 330 -29.10 -29.04 32.62
C LEU C 330 -29.39 -27.58 32.95
N GLY C 331 -29.66 -26.76 31.93
CA GLY C 331 -29.97 -25.36 32.18
C GLY C 331 -31.25 -25.18 32.97
N HIS C 332 -32.28 -25.96 32.63
CA HIS C 332 -33.53 -25.89 33.38
C HIS C 332 -33.33 -26.31 34.82
N GLU C 333 -32.56 -27.38 35.05
CA GLU C 333 -32.30 -27.83 36.41
C GLU C 333 -31.53 -26.79 37.21
N GLU C 334 -30.52 -26.17 36.58
CA GLU C 334 -29.74 -25.16 37.28
C GLU C 334 -30.59 -23.93 37.60
N ARG C 335 -31.44 -23.50 36.66
CA ARG C 335 -32.32 -22.37 36.93
C ARG C 335 -33.29 -22.70 38.06
N THR C 336 -33.83 -23.93 38.07
CA THR C 336 -34.71 -24.34 39.16
C THR C 336 -33.98 -24.31 40.49
N LYS C 337 -32.73 -24.81 40.52
CA LYS C 337 -31.96 -24.80 41.76
C LYS C 337 -31.71 -23.39 42.25
N MET C 338 -31.37 -22.47 41.34
CA MET C 338 -31.17 -21.08 41.73
C MET C 338 -32.46 -20.48 42.27
N GLU C 339 -33.59 -20.79 41.63
CA GLU C 339 -34.87 -20.27 42.10
C GLU C 339 -35.20 -20.78 43.49
N GLU C 340 -34.96 -22.08 43.74
CA GLU C 340 -35.21 -22.62 45.07
C GLU C 340 -34.29 -21.99 46.11
N ASN C 341 -33.02 -21.76 45.77
CA ASN C 341 -32.11 -21.11 46.70
C ASN C 341 -32.57 -19.68 47.01
N TRP C 342 -33.03 -18.96 45.99
CA TRP C 342 -33.52 -17.59 46.20
C TRP C 342 -34.78 -17.59 47.04
N ILE C 343 -35.67 -18.55 46.83
CA ILE C 343 -36.87 -18.67 47.68
C ILE C 343 -36.46 -18.94 49.11
N GLU C 344 -35.47 -19.81 49.31
CA GLU C 344 -34.97 -20.07 50.66
C GLU C 344 -34.43 -18.80 51.30
N GLU C 345 -33.70 -18.00 50.54
CA GLU C 345 -33.21 -16.72 51.03
C GLU C 345 -34.23 -15.60 50.92
N GLY C 346 -35.39 -15.86 50.30
CA GLY C 346 -36.42 -14.86 50.17
C GLY C 346 -36.15 -13.87 49.05
N LYS C 347 -37.09 -12.93 48.89
CA LYS C 347 -37.00 -11.91 47.85
C LYS C 347 -36.00 -10.84 48.28
N ARG C 348 -34.72 -11.22 48.26
CA ARG C 348 -33.66 -10.28 48.59
C ARG C 348 -33.57 -9.16 47.55
N GLY C 349 -33.49 -9.54 46.27
CA GLY C 349 -33.50 -8.57 45.20
C GLY C 349 -33.73 -9.20 43.84
N ARG C 350 -34.71 -8.67 43.10
CA ARG C 350 -35.09 -9.15 41.76
C ARG C 350 -35.31 -10.66 41.84
N LYS C 351 -34.80 -11.44 40.90
CA LYS C 351 -34.93 -12.89 40.92
C LYS C 351 -33.88 -13.51 40.00
N PRO C 352 -33.07 -14.45 40.49
CA PRO C 352 -32.04 -15.05 39.63
C PRO C 352 -32.63 -16.01 38.61
N THR C 353 -32.67 -15.57 37.34
CA THR C 353 -33.17 -16.40 36.26
C THR C 353 -32.11 -16.72 35.21
N THR C 354 -30.96 -16.06 35.25
CA THR C 354 -29.89 -16.28 34.28
C THR C 354 -28.70 -16.91 34.98
N ILE C 355 -28.22 -18.03 34.43
CA ILE C 355 -27.04 -18.69 34.98
C ILE C 355 -25.82 -17.82 34.78
N SER C 356 -25.00 -17.70 35.82
CA SER C 356 -23.80 -16.89 35.71
C SER C 356 -22.84 -17.50 34.70
N PRO C 357 -22.06 -16.68 34.00
CA PRO C 357 -21.14 -17.22 32.98
C PRO C 357 -20.15 -18.23 33.52
N ILE C 358 -19.66 -18.03 34.75
CA ILE C 358 -18.71 -18.97 35.31
C ILE C 358 -19.38 -20.32 35.59
N LYS C 359 -20.62 -20.28 36.09
CA LYS C 359 -21.37 -21.52 36.30
C LYS C 359 -21.66 -22.22 34.98
N CYS C 360 -21.97 -21.44 33.94
CA CYS C 360 -22.16 -22.04 32.62
C CYS C 360 -20.90 -22.72 32.13
N ALA C 361 -19.75 -22.08 32.32
CA ALA C 361 -18.49 -22.69 31.92
C ALA C 361 -18.22 -23.96 32.69
N TYR C 362 -18.50 -23.95 34.00
CA TYR C 362 -18.32 -25.16 34.81
C TYR C 362 -19.20 -26.30 34.29
N ILE C 363 -20.47 -26.00 34.03
CA ILE C 363 -21.39 -27.05 33.57
C ILE C 363 -20.95 -27.59 32.22
N LEU C 364 -20.57 -26.70 31.30
CA LEU C 364 -20.15 -27.14 29.97
C LEU C 364 -18.88 -27.97 30.03
N ASN C 365 -17.91 -27.56 30.85
CA ASN C 365 -16.69 -28.35 30.98
C ASN C 365 -16.99 -29.71 31.58
N GLU C 366 -17.93 -29.77 32.54
CA GLU C 366 -18.29 -31.04 33.15
C GLU C 366 -18.96 -31.97 32.14
N HIS C 367 -19.87 -31.44 31.32
CA HIS C 367 -20.71 -32.28 30.48
C HIS C 367 -20.33 -32.24 29.00
N LEU C 368 -19.23 -31.59 28.64
CA LEU C 368 -18.78 -31.55 27.26
C LEU C 368 -17.25 -31.65 27.24
N THR C 369 -16.69 -31.61 26.04
CA THR C 369 -15.25 -31.74 25.83
C THR C 369 -14.74 -30.48 25.14
N PHE C 370 -14.15 -29.57 25.92
CA PHE C 370 -13.51 -28.38 25.40
C PHE C 370 -12.01 -28.47 25.66
N ILE C 371 -11.21 -28.15 24.63
CA ILE C 371 -9.76 -28.23 24.74
C ILE C 371 -9.15 -26.93 24.19
N LEU C 372 -7.83 -26.83 24.35
CA LEU C 372 -7.06 -25.70 23.85
C LEU C 372 -5.85 -26.28 23.11
N PHE C 373 -5.71 -25.92 21.83
CA PHE C 373 -4.70 -26.57 21.00
C PHE C 373 -3.30 -26.29 21.51
N ASP C 374 -3.01 -25.06 21.90
CA ASP C 374 -1.68 -24.71 22.39
C ASP C 374 -1.79 -23.50 23.30
N ASP C 375 -0.72 -23.26 24.05
CA ASP C 375 -0.69 -22.21 25.06
C ASP C 375 -0.28 -20.85 24.50
N GLU C 376 -0.12 -20.74 23.18
CA GLU C 376 0.25 -19.46 22.60
C GLU C 376 -0.87 -18.44 22.78
N GLU C 377 -0.51 -17.17 22.69
CA GLU C 377 -1.44 -16.09 23.00
C GLU C 377 -2.60 -16.07 22.02
N ASN C 378 -3.78 -15.74 22.55
CA ASN C 378 -5.01 -15.60 21.75
C ASN C 378 -5.39 -16.89 21.05
N THR C 379 -5.10 -18.03 21.68
CA THR C 379 -5.52 -19.31 21.12
C THR C 379 -7.03 -19.47 21.27
N LYS C 380 -7.68 -19.95 20.21
CA LYS C 380 -9.12 -20.12 20.23
C LYS C 380 -9.50 -21.45 20.85
N LEU C 381 -10.49 -21.42 21.75
CA LEU C 381 -11.00 -22.65 22.36
C LEU C 381 -11.59 -23.56 21.30
N ALA C 382 -11.35 -24.86 21.44
CA ALA C 382 -11.86 -25.85 20.52
C ALA C 382 -12.88 -26.74 21.23
N MET C 383 -13.98 -27.02 20.53
CA MET C 383 -15.05 -27.86 21.08
C MET C 383 -15.19 -29.11 20.24
N TYR C 384 -15.29 -30.26 20.92
CA TYR C 384 -15.48 -31.54 20.24
C TYR C 384 -16.98 -31.72 20.00
N GLN C 385 -17.42 -31.44 18.78
CA GLN C 385 -18.81 -31.70 18.41
C GLN C 385 -18.99 -33.19 18.17
N PHE C 386 -19.89 -33.80 18.95
CA PHE C 386 -19.96 -35.25 19.02
C PHE C 386 -20.37 -35.87 17.69
N ASP C 387 -21.37 -35.27 17.02
CA ASP C 387 -21.88 -35.85 15.78
C ASP C 387 -20.82 -35.84 14.69
N GLU C 388 -20.10 -34.74 14.54
CA GLU C 388 -19.08 -34.66 13.49
C GLU C 388 -17.83 -35.45 13.86
N GLY C 389 -17.51 -35.54 15.15
CA GLY C 389 -16.35 -36.28 15.60
C GLY C 389 -15.04 -35.55 15.49
N ILE C 390 -15.05 -34.26 15.14
CA ILE C 390 -13.83 -33.47 15.02
C ILE C 390 -13.97 -32.21 15.86
N TYR C 391 -12.84 -31.74 16.38
CA TYR C 391 -12.83 -30.50 17.15
C TYR C 391 -13.00 -29.30 16.22
N THR C 392 -13.74 -28.30 16.67
CA THR C 392 -13.97 -27.10 15.89
C THR C 392 -13.67 -25.86 16.72
N GLN C 393 -13.08 -24.87 16.09
CA GLN C 393 -12.82 -23.58 16.72
C GLN C 393 -13.81 -22.51 16.28
N ASN C 394 -14.86 -22.89 15.57
CA ASN C 394 -15.86 -21.93 15.12
C ASN C 394 -16.59 -21.34 16.32
N THR C 395 -16.51 -20.02 16.47
CA THR C 395 -17.13 -19.37 17.62
C THR C 395 -18.65 -19.44 17.56
N THR C 396 -19.22 -19.46 16.36
CA THR C 396 -20.67 -19.49 16.24
C THR C 396 -21.25 -20.79 16.80
N ILE C 397 -20.60 -21.93 16.51
CA ILE C 397 -21.08 -23.20 17.03
C ILE C 397 -21.00 -23.22 18.55
N ILE C 398 -19.88 -22.73 19.10
CA ILE C 398 -19.73 -22.69 20.54
C ILE C 398 -20.79 -21.80 21.18
N LYS C 399 -21.05 -20.64 20.58
CA LYS C 399 -22.06 -19.74 21.12
C LYS C 399 -23.45 -20.33 21.02
N ARG C 400 -23.72 -21.09 19.95
CA ARG C 400 -24.99 -21.81 19.86
C ARG C 400 -25.11 -22.83 20.98
N VAL C 401 -24.00 -23.49 21.32
CA VAL C 401 -24.00 -24.40 22.47
C VAL C 401 -24.30 -23.65 23.76
N ILE C 402 -23.69 -22.46 23.93
CA ILE C 402 -23.98 -21.64 25.11
C ILE C 402 -25.47 -21.34 25.18
N SER C 403 -26.05 -20.93 24.04
CA SER C 403 -27.47 -20.64 24.00
C SER C 403 -28.31 -21.85 24.33
N TYR C 404 -27.86 -23.04 23.90
CA TYR C 404 -28.51 -24.28 24.33
C TYR C 404 -28.52 -24.38 25.85
N LEU C 405 -27.37 -24.11 26.47
CA LEU C 405 -27.31 -24.16 27.93
C LEU C 405 -28.04 -22.97 28.55
N GLU C 406 -27.79 -21.76 28.02
CA GLU C 406 -28.37 -20.54 28.58
C GLU C 406 -28.74 -19.60 27.44
N PRO C 407 -30.01 -19.61 27.01
CA PRO C 407 -30.41 -18.76 25.88
C PRO C 407 -30.32 -17.27 26.17
N LYS C 408 -30.42 -16.86 27.43
CA LYS C 408 -30.51 -15.44 27.75
C LYS C 408 -29.19 -14.70 27.64
N HIS C 409 -28.08 -15.41 27.47
CA HIS C 409 -26.78 -14.74 27.34
C HIS C 409 -26.65 -14.10 25.96
N ASN C 410 -26.22 -12.84 25.94
CA ASN C 410 -25.95 -12.16 24.68
C ASN C 410 -24.52 -12.47 24.24
N SER C 411 -24.02 -11.73 23.25
CA SER C 411 -22.69 -12.01 22.72
C SER C 411 -21.61 -11.78 23.78
N ASN C 412 -21.75 -10.73 24.58
CA ASN C 412 -20.73 -10.43 25.59
C ASN C 412 -20.65 -11.52 26.64
N LYS C 413 -21.79 -11.99 27.15
CA LYS C 413 -21.76 -13.04 28.16
C LYS C 413 -21.32 -14.37 27.56
N ALA C 414 -21.65 -14.63 26.30
CA ALA C 414 -21.12 -15.83 25.63
C ALA C 414 -19.61 -15.76 25.51
N ASP C 415 -19.07 -14.58 25.19
CA ASP C 415 -17.63 -14.41 25.15
C ASP C 415 -17.02 -14.60 26.53
N GLU C 416 -17.71 -14.14 27.58
CA GLU C 416 -17.23 -14.36 28.93
C GLU C 416 -17.19 -15.85 29.28
N VAL C 417 -18.22 -16.60 28.87
CA VAL C 417 -18.23 -18.04 29.08
C VAL C 417 -17.08 -18.70 28.34
N ILE C 418 -16.83 -18.26 27.10
CA ILE C 418 -15.74 -18.82 26.32
C ILE C 418 -14.40 -18.53 26.99
N TYR C 419 -14.23 -17.32 27.52
CA TYR C 419 -12.99 -16.97 28.22
C TYR C 419 -12.81 -17.82 29.47
N HIS C 420 -13.88 -18.02 30.24
CA HIS C 420 -13.79 -18.86 31.43
C HIS C 420 -13.42 -20.29 31.06
N LEU C 421 -14.02 -20.82 29.99
CA LEU C 421 -13.68 -22.16 29.54
C LEU C 421 -12.22 -22.23 29.11
N THR C 422 -11.75 -21.20 28.39
CA THR C 422 -10.35 -21.17 27.96
C THR C 422 -9.42 -21.20 29.16
N ASN C 423 -9.76 -20.48 30.22
CA ASN C 423 -8.97 -20.54 31.45
C ASN C 423 -9.04 -21.92 32.09
N MET C 424 -10.21 -22.57 32.04
CA MET C 424 -10.43 -23.79 32.80
C MET C 424 -9.92 -25.05 32.10
N VAL C 425 -10.08 -25.14 30.78
CA VAL C 425 -9.79 -26.39 30.09
C VAL C 425 -8.28 -26.64 30.03
N ASP C 426 -7.92 -27.89 29.74
CA ASP C 426 -6.54 -28.31 29.61
C ASP C 426 -6.06 -28.11 28.17
N ILE C 427 -4.76 -28.27 27.98
CA ILE C 427 -4.11 -28.03 26.70
C ILE C 427 -3.69 -29.36 26.10
N LYS C 428 -4.16 -29.64 24.89
CA LYS C 428 -3.77 -30.83 24.14
C LYS C 428 -3.43 -30.44 22.71
N GLU C 429 -2.42 -31.10 22.16
CA GLU C 429 -1.98 -30.83 20.80
C GLU C 429 -2.72 -31.71 19.80
N LYS C 430 -2.84 -31.23 18.57
CA LYS C 430 -3.54 -31.97 17.54
C LYS C 430 -2.77 -33.24 17.17
N THR C 431 -3.51 -34.33 16.96
CA THR C 431 -2.91 -35.59 16.57
C THR C 431 -2.45 -35.49 15.11
N ASN C 432 -1.15 -35.29 14.91
CA ASN C 432 -0.59 -35.13 13.57
C ASN C 432 0.07 -36.40 13.07
N SER C 433 -0.37 -37.57 13.54
CA SER C 433 0.19 -38.83 13.10
C SER C 433 -0.15 -39.07 11.64
N PRO C 434 0.83 -39.29 10.76
CA PRO C 434 0.51 -39.58 9.35
C PRO C 434 -0.26 -40.86 9.14
N TYR C 435 -0.24 -41.77 10.12
CA TYR C 435 -0.92 -43.05 9.98
C TYR C 435 -2.42 -42.96 10.20
N LEU C 436 -2.93 -41.82 10.67
CA LEU C 436 -4.35 -41.64 10.94
C LEU C 436 -4.91 -40.60 9.97
N ILE C 437 -6.02 -40.95 9.32
CA ILE C 437 -6.69 -40.06 8.37
C ILE C 437 -8.14 -39.91 8.79
N PRO C 438 -8.61 -38.72 9.13
CA PRO C 438 -10.02 -38.57 9.52
C PRO C 438 -10.94 -38.66 8.31
N VAL C 439 -11.97 -39.50 8.43
CA VAL C 439 -12.96 -39.72 7.39
C VAL C 439 -14.33 -39.53 8.01
N LYS C 440 -15.34 -39.22 7.17
CA LYS C 440 -16.66 -38.90 7.68
C LYS C 440 -17.23 -40.01 8.55
N ASN C 441 -17.09 -41.27 8.13
CA ASN C 441 -17.55 -42.37 8.96
C ASN C 441 -16.74 -42.47 10.24
N GLY C 442 -15.42 -42.29 10.15
CA GLY C 442 -14.57 -42.35 11.33
C GLY C 442 -13.13 -42.25 10.91
N VAL C 443 -12.25 -42.32 11.91
CA VAL C 443 -10.82 -42.26 11.64
C VAL C 443 -10.40 -43.54 10.92
N PHE C 444 -9.38 -43.43 10.08
CA PHE C 444 -8.81 -44.58 9.38
C PHE C 444 -7.35 -44.73 9.79
N ASN C 445 -7.01 -45.89 10.34
CA ASN C 445 -5.64 -46.20 10.73
C ASN C 445 -4.98 -46.97 9.60
N ARG C 446 -3.96 -46.37 9.00
CA ARG C 446 -3.25 -47.01 7.89
C ARG C 446 -2.33 -48.11 8.37
N LYS C 447 -1.81 -48.01 9.60
CA LYS C 447 -1.00 -49.11 10.15
C LYS C 447 -1.82 -50.38 10.28
N THR C 448 -3.04 -50.26 10.79
CA THR C 448 -3.96 -51.39 10.86
C THR C 448 -4.93 -51.44 9.69
N LYS C 449 -4.96 -50.39 8.86
CA LYS C 449 -5.86 -50.31 7.71
C LYS C 449 -7.31 -50.54 8.14
N GLN C 450 -7.70 -49.93 9.25
CA GLN C 450 -8.99 -50.20 9.86
C GLN C 450 -9.71 -48.91 10.22
N LEU C 451 -11.03 -48.98 10.23
CA LEU C 451 -11.87 -47.83 10.58
C LEU C 451 -12.21 -47.87 12.06
N GLU C 452 -11.92 -46.76 12.75
CA GLU C 452 -12.19 -46.60 14.16
C GLU C 452 -13.20 -45.48 14.36
N SER C 453 -14.13 -45.70 15.30
CA SER C 453 -15.17 -44.72 15.56
C SER C 453 -14.57 -43.45 16.18
N PHE C 454 -15.32 -42.35 16.05
CA PHE C 454 -14.86 -41.07 16.59
C PHE C 454 -14.77 -41.12 18.10
N THR C 455 -13.70 -40.52 18.63
CA THR C 455 -13.50 -40.37 20.06
C THR C 455 -12.86 -39.02 20.31
N PRO C 456 -13.14 -38.41 21.48
CA PRO C 456 -12.46 -37.14 21.81
C PRO C 456 -10.96 -37.28 21.95
N ASP C 457 -10.44 -38.50 22.10
CA ASP C 457 -9.01 -38.69 22.24
C ASP C 457 -8.26 -38.25 20.99
N TYR C 458 -8.85 -38.48 19.82
CA TYR C 458 -8.26 -38.04 18.56
C TYR C 458 -8.64 -36.59 18.32
N ILE C 459 -7.63 -35.71 18.30
CA ILE C 459 -7.86 -34.29 18.06
C ILE C 459 -7.71 -34.03 16.56
N PHE C 460 -8.84 -33.82 15.89
CA PHE C 460 -8.85 -33.49 14.47
C PHE C 460 -9.67 -32.22 14.25
N THR C 461 -9.20 -31.38 13.33
CA THR C 461 -9.91 -30.14 13.00
C THR C 461 -10.66 -30.21 11.68
N SER C 462 -10.45 -31.25 10.88
CA SER C 462 -11.13 -31.40 9.61
C SER C 462 -11.10 -32.87 9.22
N LYS C 463 -11.98 -33.25 8.30
CA LYS C 463 -12.10 -34.64 7.89
C LYS C 463 -12.52 -34.71 6.43
N ILE C 464 -12.26 -35.87 5.82
CA ILE C 464 -12.68 -36.10 4.44
C ILE C 464 -14.19 -36.18 4.37
N ASP C 465 -14.77 -35.52 3.37
CA ASP C 465 -16.22 -35.41 3.28
C ASP C 465 -16.89 -36.76 3.03
N THR C 466 -16.32 -37.56 2.13
CA THR C 466 -16.97 -38.80 1.73
C THR C 466 -16.85 -39.86 2.83
N SER C 467 -17.89 -40.69 2.93
CA SER C 467 -17.92 -41.75 3.92
C SER C 467 -17.11 -42.96 3.45
N TYR C 468 -16.48 -43.64 4.39
CA TYR C 468 -15.68 -44.83 4.11
C TYR C 468 -16.55 -46.06 4.30
N VAL C 469 -16.88 -46.73 3.20
CA VAL C 469 -17.64 -47.97 3.22
C VAL C 469 -16.92 -48.99 2.35
N ARG C 470 -17.04 -50.27 2.74
CA ARG C 470 -16.39 -51.32 1.99
C ARG C 470 -17.09 -51.51 0.64
N GLN C 471 -16.29 -51.52 -0.43
CA GLN C 471 -16.79 -51.62 -1.79
C GLN C 471 -16.27 -52.90 -2.42
N ASP C 472 -17.16 -53.64 -3.06
CA ASP C 472 -16.81 -54.89 -3.74
C ASP C 472 -16.94 -54.83 -5.25
N ILE C 473 -17.91 -54.08 -5.77
CA ILE C 473 -18.12 -53.93 -7.20
C ILE C 473 -18.03 -52.46 -7.56
N VAL C 474 -17.44 -52.18 -8.72
CA VAL C 474 -17.29 -50.79 -9.17
C VAL C 474 -18.68 -50.23 -9.49
N PRO C 475 -19.08 -49.11 -8.88
CA PRO C 475 -20.39 -48.54 -9.19
C PRO C 475 -20.48 -48.08 -10.64
N GLU C 476 -21.66 -48.25 -11.22
CA GLU C 476 -21.93 -47.85 -12.60
C GLU C 476 -23.15 -46.95 -12.62
N ILE C 477 -22.99 -45.74 -13.17
CA ILE C 477 -24.10 -44.81 -13.35
C ILE C 477 -24.26 -44.56 -14.84
N ASN C 478 -25.43 -44.92 -15.37
CA ASN C 478 -25.71 -44.83 -16.81
C ASN C 478 -24.65 -45.57 -17.62
N GLY C 479 -24.22 -46.71 -17.10
CA GLY C 479 -23.21 -47.51 -17.78
C GLY C 479 -21.86 -46.82 -17.91
N TRP C 480 -21.48 -46.03 -16.91
CA TRP C 480 -20.19 -45.35 -16.89
C TRP C 480 -19.37 -45.89 -15.72
N ASN C 481 -18.16 -46.35 -16.01
CA ASN C 481 -17.29 -46.95 -15.01
C ASN C 481 -16.18 -45.95 -14.66
N ILE C 482 -16.02 -45.70 -13.35
CA ILE C 482 -15.01 -44.75 -12.90
C ILE C 482 -13.60 -45.26 -13.21
N ASP C 483 -13.36 -46.56 -13.00
CA ASP C 483 -12.05 -47.11 -13.32
C ASP C 483 -11.78 -47.05 -14.81
N ARG C 484 -12.79 -47.34 -15.63
CA ARG C 484 -12.61 -47.20 -17.07
C ARG C 484 -12.41 -45.74 -17.47
N TRP C 485 -13.04 -44.81 -16.75
CA TRP C 485 -12.79 -43.40 -16.99
C TRP C 485 -11.34 -43.03 -16.68
N ILE C 486 -10.81 -43.56 -15.58
CA ILE C 486 -9.41 -43.33 -15.24
C ILE C 486 -8.49 -43.90 -16.31
N GLU C 487 -8.82 -45.11 -16.80
CA GLU C 487 -8.03 -45.71 -17.86
C GLU C 487 -8.07 -44.85 -19.13
N GLU C 488 -9.25 -44.32 -19.46
CA GLU C 488 -9.37 -43.43 -20.62
C GLU C 488 -8.54 -42.16 -20.44
N ILE C 489 -8.53 -41.62 -19.22
CA ILE C 489 -7.73 -40.42 -18.95
C ILE C 489 -6.26 -40.69 -19.21
N ALA C 490 -5.77 -41.84 -18.78
CA ALA C 490 -4.37 -42.21 -18.91
C ALA C 490 -4.06 -42.92 -20.22
N CYS C 491 -5.02 -42.98 -21.14
CA CYS C 491 -4.85 -43.67 -22.42
C CYS C 491 -4.46 -45.14 -22.22
N ASN C 492 -5.15 -45.79 -21.27
CA ASN C 492 -4.95 -47.22 -20.98
C ASN C 492 -3.50 -47.53 -20.64
N ASP C 493 -2.91 -46.73 -19.76
CA ASP C 493 -1.56 -46.95 -19.27
C ASP C 493 -1.61 -47.38 -17.81
N ASN C 494 -1.10 -48.58 -17.53
CA ASN C 494 -1.16 -49.11 -16.16
C ASN C 494 -0.33 -48.26 -15.20
N GLN C 495 0.87 -47.84 -15.63
CA GLN C 495 1.71 -47.03 -14.77
C GLN C 495 1.04 -45.70 -14.44
N VAL C 496 0.40 -45.07 -15.42
CA VAL C 496 -0.19 -43.76 -15.19
C VAL C 496 -1.42 -43.86 -14.29
N VAL C 497 -2.24 -44.90 -14.46
CA VAL C 497 -3.40 -45.04 -13.57
C VAL C 497 -2.95 -45.39 -12.16
N LYS C 498 -1.90 -46.21 -12.02
CA LYS C 498 -1.34 -46.48 -10.70
C LYS C 498 -0.83 -45.19 -10.07
N LEU C 499 -0.16 -44.36 -10.85
CA LEU C 499 0.32 -43.07 -10.35
C LEU C 499 -0.83 -42.19 -9.92
N LEU C 500 -1.91 -42.18 -10.70
CA LEU C 500 -3.08 -41.35 -10.33
C LEU C 500 -3.69 -41.82 -9.03
N TRP C 501 -3.83 -43.13 -8.85
CA TRP C 501 -4.34 -43.65 -7.58
C TRP C 501 -3.42 -43.27 -6.42
N GLN C 502 -2.11 -43.36 -6.63
CA GLN C 502 -1.17 -42.96 -5.60
C GLN C 502 -1.29 -41.47 -5.30
N VAL C 503 -1.55 -40.65 -6.33
CA VAL C 503 -1.73 -39.22 -6.12
C VAL C 503 -2.96 -38.95 -5.27
N ILE C 504 -4.05 -39.66 -5.55
CA ILE C 504 -5.26 -39.51 -4.73
C ILE C 504 -4.96 -39.91 -3.28
N ASN C 505 -4.26 -41.03 -3.11
CA ASN C 505 -3.94 -41.49 -1.76
C ASN C 505 -3.09 -40.47 -1.00
N ASP C 506 -2.10 -39.88 -1.68
CA ASP C 506 -1.29 -38.84 -1.06
C ASP C 506 -2.11 -37.60 -0.76
N SER C 507 -3.04 -37.25 -1.66
CA SER C 507 -3.85 -36.05 -1.47
C SER C 507 -4.74 -36.17 -0.24
N MET C 508 -5.30 -37.36 0.01
CA MET C 508 -6.15 -37.51 1.17
C MET C 508 -5.38 -37.29 2.46
N ASN C 509 -4.16 -37.80 2.55
CA ASN C 509 -3.35 -37.66 3.76
C ASN C 509 -2.75 -36.27 3.82
N GLY C 510 -2.97 -35.57 4.93
CA GLY C 510 -2.48 -34.22 5.11
C GLY C 510 -1.24 -34.07 5.97
N ASN C 511 -0.73 -35.16 6.53
CA ASN C 511 0.45 -35.09 7.39
C ASN C 511 1.70 -35.68 6.75
N TYR C 512 1.57 -36.40 5.64
CA TYR C 512 2.71 -36.97 4.94
C TYR C 512 2.76 -36.36 3.54
N THR C 513 3.91 -35.78 3.19
CA THR C 513 4.03 -35.01 1.96
C THR C 513 4.70 -35.76 0.82
N ARG C 514 5.54 -36.75 1.11
CA ARG C 514 6.27 -37.58 0.16
C ARG C 514 7.27 -36.79 -0.68
N LYS C 515 7.41 -35.48 -0.45
CA LYS C 515 8.48 -34.67 -1.06
C LYS C 515 8.43 -34.70 -2.59
N LYS C 516 7.23 -34.67 -3.15
CA LYS C 516 7.07 -34.62 -4.60
C LYS C 516 5.96 -33.64 -4.96
N ALA C 517 6.11 -33.02 -6.13
CA ALA C 517 5.13 -32.10 -6.67
C ALA C 517 4.53 -32.69 -7.94
N ILE C 518 3.21 -32.60 -8.09
CA ILE C 518 2.50 -33.20 -9.20
C ILE C 518 1.94 -32.09 -10.08
N PHE C 519 2.27 -32.14 -11.37
CA PHE C 519 1.78 -31.18 -12.35
C PHE C 519 0.96 -31.91 -13.41
N PHE C 520 -0.19 -31.35 -13.75
CA PHE C 520 -1.03 -31.85 -14.83
C PHE C 520 -0.78 -31.00 -16.07
N VAL C 521 -0.39 -31.65 -17.17
CA VAL C 521 -0.13 -30.98 -18.44
C VAL C 521 -1.12 -31.50 -19.47
N GLY C 522 -1.82 -30.59 -20.14
CA GLY C 522 -2.79 -30.97 -21.14
C GLY C 522 -2.95 -29.94 -22.24
N ASP C 523 -2.88 -30.39 -23.50
CA ASP C 523 -3.01 -29.49 -24.63
C ASP C 523 -4.41 -28.89 -24.73
N GLY C 524 -5.44 -29.74 -24.65
CA GLY C 524 -6.81 -29.26 -24.76
C GLY C 524 -7.70 -29.79 -23.65
N ASN C 525 -8.80 -30.45 -24.05
CA ASN C 525 -9.73 -31.05 -23.10
C ASN C 525 -9.20 -32.44 -22.72
N ASN C 526 -8.22 -32.45 -21.82
CA ASN C 526 -7.63 -33.68 -21.33
C ASN C 526 -8.26 -34.18 -20.05
N GLY C 527 -9.26 -33.48 -19.53
CA GLY C 527 -9.91 -33.92 -18.31
C GLY C 527 -9.19 -33.57 -17.03
N LYS C 528 -8.19 -32.67 -17.09
CA LYS C 528 -7.52 -32.26 -15.87
C LYS C 528 -8.48 -31.59 -14.90
N GLY C 529 -9.35 -30.72 -15.41
CA GLY C 529 -10.35 -30.10 -14.55
C GLY C 529 -11.30 -31.11 -13.95
N THR C 530 -11.66 -32.14 -14.73
CA THR C 530 -12.53 -33.19 -14.19
C THR C 530 -11.86 -33.94 -13.06
N PHE C 531 -10.56 -34.26 -13.22
CA PHE C 531 -9.84 -34.93 -12.14
C PHE C 531 -9.72 -34.03 -10.91
N GLN C 532 -9.48 -32.74 -11.11
CA GLN C 532 -9.41 -31.82 -9.99
C GLN C 532 -10.74 -31.74 -9.26
N GLU C 533 -11.85 -31.71 -10.01
CA GLU C 533 -13.17 -31.69 -9.38
C GLU C 533 -13.45 -33.00 -8.66
N LEU C 534 -13.00 -34.13 -9.23
CA LEU C 534 -13.15 -35.41 -8.54
C LEU C 534 -12.41 -35.41 -7.22
N LEU C 535 -11.18 -34.88 -7.20
CA LEU C 535 -10.44 -34.76 -5.96
C LEU C 535 -11.13 -33.84 -4.97
N SER C 536 -11.64 -32.70 -5.46
CA SER C 536 -12.34 -31.75 -4.60
C SER C 536 -13.68 -32.30 -4.09
N ASN C 537 -14.22 -33.33 -4.75
CA ASN C 537 -15.46 -33.94 -4.31
C ASN C 537 -15.21 -35.08 -3.33
N VAL C 538 -14.26 -35.97 -3.63
CA VAL C 538 -13.96 -37.06 -2.70
C VAL C 538 -13.41 -36.50 -1.39
N ILE C 539 -12.51 -35.52 -1.49
CA ILE C 539 -12.05 -34.80 -0.31
C ILE C 539 -13.04 -33.67 -0.01
N GLY C 540 -13.01 -33.19 1.24
CA GLY C 540 -13.87 -32.08 1.59
C GLY C 540 -13.55 -30.85 0.75
N TYR C 541 -14.59 -30.10 0.40
CA TYR C 541 -14.40 -28.90 -0.40
C TYR C 541 -13.58 -27.87 0.37
N SER C 542 -13.83 -27.73 1.67
CA SER C 542 -13.04 -26.81 2.48
C SER C 542 -11.63 -27.33 2.71
N ASN C 543 -11.42 -28.65 2.57
CA ASN C 543 -10.11 -29.24 2.83
C ASN C 543 -9.09 -28.95 1.75
N ILE C 544 -9.50 -28.38 0.62
CA ILE C 544 -8.59 -28.13 -0.50
C ILE C 544 -8.31 -26.63 -0.59
N ALA C 545 -7.10 -26.29 -1.02
CA ALA C 545 -6.70 -24.92 -1.23
C ALA C 545 -6.53 -24.65 -2.72
N SER C 546 -6.67 -23.39 -3.11
CA SER C 546 -6.53 -22.97 -4.51
C SER C 546 -5.36 -21.98 -4.60
N LEU C 547 -4.31 -22.38 -5.32
CA LEU C 547 -3.14 -21.53 -5.47
C LEU C 547 -2.28 -22.05 -6.61
N LYS C 548 -1.87 -21.15 -7.50
CA LYS C 548 -0.96 -21.50 -8.57
C LYS C 548 0.48 -21.44 -8.09
N VAL C 549 1.39 -21.97 -8.90
CA VAL C 549 2.80 -22.00 -8.52
C VAL C 549 3.36 -20.59 -8.40
N ASN C 550 3.15 -19.76 -9.42
CA ASN C 550 3.71 -18.42 -9.44
C ASN C 550 3.14 -17.55 -8.33
N GLU C 551 2.04 -17.96 -7.72
CA GLU C 551 1.41 -17.20 -6.65
C GLU C 551 1.85 -17.64 -5.26
N PHE C 552 2.71 -18.65 -5.13
CA PHE C 552 3.16 -19.04 -3.80
C PHE C 552 3.94 -17.93 -3.11
N ASP C 553 4.82 -17.24 -3.84
CA ASP C 553 5.70 -16.25 -3.25
C ASP C 553 5.05 -14.87 -3.12
N GLU C 554 3.81 -14.70 -3.56
CA GLU C 554 3.11 -13.44 -3.33
C GLU C 554 2.65 -13.36 -1.88
N ARG C 555 2.42 -12.13 -1.42
CA ARG C 555 2.07 -11.91 -0.02
C ARG C 555 0.69 -12.46 0.29
N PHE C 556 0.56 -13.06 1.49
CA PHE C 556 -0.67 -13.59 2.06
C PHE C 556 -1.26 -14.75 1.28
N LYS C 557 -0.59 -15.25 0.24
CA LYS C 557 -1.15 -16.35 -0.53
C LYS C 557 -0.97 -17.68 0.21
N LEU C 558 0.13 -17.83 0.96
CA LEU C 558 0.31 -19.03 1.77
C LEU C 558 -0.68 -19.08 2.94
N SER C 559 -1.31 -17.95 3.27
CA SER C 559 -2.21 -17.90 4.42
C SER C 559 -3.37 -18.88 4.27
N VAL C 560 -3.80 -19.16 3.04
CA VAL C 560 -4.92 -20.06 2.84
C VAL C 560 -4.52 -21.52 3.02
N LEU C 561 -3.22 -21.82 3.13
CA LEU C 561 -2.74 -23.18 3.27
C LEU C 561 -2.71 -23.67 4.71
N GLU C 562 -3.45 -23.02 5.63
CA GLU C 562 -3.34 -23.35 7.04
C GLU C 562 -3.91 -24.73 7.33
N GLY C 563 -5.19 -24.93 7.07
CA GLY C 563 -5.85 -26.18 7.40
C GLY C 563 -6.30 -26.97 6.19
N LYS C 564 -5.47 -27.02 5.16
CA LYS C 564 -5.81 -27.67 3.90
C LYS C 564 -5.02 -28.95 3.73
N THR C 565 -5.71 -30.03 3.35
CA THR C 565 -5.04 -31.30 3.14
C THR C 565 -4.20 -31.29 1.87
N ALA C 566 -4.58 -30.50 0.88
CA ALA C 566 -3.83 -30.42 -0.37
C ALA C 566 -4.11 -29.07 -1.02
N VAL C 567 -3.22 -28.68 -1.92
CA VAL C 567 -3.36 -27.44 -2.69
C VAL C 567 -3.43 -27.81 -4.17
N ILE C 568 -4.36 -27.18 -4.89
CA ILE C 568 -4.61 -27.44 -6.30
C ILE C 568 -4.66 -26.11 -7.04
N GLY C 569 -3.82 -25.97 -8.05
CA GLY C 569 -3.87 -24.85 -8.97
C GLY C 569 -4.75 -25.18 -10.15
N ASP C 570 -5.88 -24.51 -10.26
CA ASP C 570 -6.88 -24.83 -11.27
C ASP C 570 -6.33 -24.62 -12.68
N ASP C 571 -5.62 -23.52 -12.89
CA ASP C 571 -5.09 -23.20 -14.21
C ASP C 571 -3.82 -22.38 -14.07
N VAL C 572 -2.72 -22.93 -14.53
CA VAL C 572 -1.41 -22.28 -14.48
C VAL C 572 -1.13 -21.69 -15.86
N PRO C 573 -0.67 -20.44 -15.96
CA PRO C 573 -0.38 -19.87 -17.28
C PRO C 573 0.67 -20.69 -18.02
N VAL C 574 0.50 -20.78 -19.34
CA VAL C 574 1.38 -21.60 -20.15
C VAL C 574 2.78 -21.01 -20.14
N GLY C 575 3.75 -21.80 -19.69
CA GLY C 575 5.13 -21.37 -19.68
C GLY C 575 5.39 -20.16 -18.81
N VAL C 576 4.70 -20.06 -17.66
CA VAL C 576 4.91 -18.93 -16.76
C VAL C 576 6.28 -19.06 -16.11
N TYR C 577 6.98 -17.92 -16.01
CA TYR C 577 8.34 -17.89 -15.47
C TYR C 577 8.27 -17.75 -13.95
N VAL C 578 8.63 -18.82 -13.24
CA VAL C 578 8.63 -18.80 -11.78
C VAL C 578 9.95 -18.21 -11.32
N ASP C 579 10.01 -16.88 -11.19
CA ASP C 579 11.29 -16.23 -10.92
C ASP C 579 11.86 -16.61 -9.55
N ASP C 580 11.00 -16.91 -8.57
CA ASP C 580 11.45 -17.49 -7.31
C ASP C 580 10.58 -18.70 -7.00
N SER C 581 11.20 -19.82 -6.62
CA SER C 581 10.47 -21.02 -6.25
C SER C 581 10.85 -21.52 -4.87
N SER C 582 11.37 -20.64 -4.01
CA SER C 582 11.85 -21.07 -2.70
C SER C 582 10.70 -21.61 -1.84
N ASN C 583 9.63 -20.83 -1.71
CA ASN C 583 8.51 -21.27 -0.87
C ASN C 583 7.82 -22.49 -1.48
N PHE C 584 7.68 -22.52 -2.80
CA PHE C 584 7.07 -23.68 -3.46
C PHE C 584 7.89 -24.94 -3.19
N LYS C 585 9.21 -24.86 -3.35
CA LYS C 585 10.06 -26.02 -3.10
C LYS C 585 10.04 -26.42 -1.63
N SER C 586 10.00 -25.45 -0.73
CA SER C 586 9.92 -25.76 0.70
C SER C 586 8.62 -26.48 1.03
N VAL C 587 7.50 -26.04 0.46
CA VAL C 587 6.21 -26.69 0.71
C VAL C 587 6.20 -28.10 0.11
N VAL C 588 6.78 -28.26 -1.08
CA VAL C 588 6.84 -29.58 -1.70
C VAL C 588 7.66 -30.54 -0.85
N THR C 589 8.82 -30.07 -0.37
CA THR C 589 9.65 -30.91 0.49
C THR C 589 9.05 -31.03 1.89
N GLY C 590 8.32 -30.01 2.33
CA GLY C 590 7.75 -30.00 3.66
C GLY C 590 8.53 -29.22 4.69
N ASP C 591 9.56 -28.48 4.28
CA ASP C 591 10.34 -27.70 5.23
C ASP C 591 9.49 -26.57 5.81
N PRO C 592 9.77 -26.12 7.03
CA PRO C 592 9.02 -24.99 7.59
C PRO C 592 9.20 -23.74 6.75
N VAL C 593 8.14 -22.94 6.66
CA VAL C 593 8.11 -21.74 5.84
C VAL C 593 7.50 -20.60 6.64
N LEU C 594 7.88 -19.36 6.30
CA LEU C 594 7.33 -18.18 7.01
C LEU C 594 6.00 -17.78 6.34
N VAL C 595 4.90 -17.85 7.09
CA VAL C 595 3.55 -17.55 6.52
C VAL C 595 2.95 -16.37 7.28
N GLU C 596 2.31 -15.43 6.57
CA GLU C 596 1.79 -14.22 7.24
C GLU C 596 0.34 -13.95 6.85
N PHE C 597 -0.57 -13.96 7.82
CA PHE C 597 -1.95 -13.58 7.54
C PHE C 597 -2.02 -12.07 7.32
N LYS C 598 -3.02 -11.64 6.54
CA LYS C 598 -3.16 -10.18 6.25
C LYS C 598 -3.33 -9.41 7.55
N ASN C 599 -2.46 -8.42 7.80
CA ASN C 599 -2.53 -7.58 9.02
C ASN C 599 -2.34 -8.45 10.27
N LYS C 600 -1.55 -9.52 10.16
CA LYS C 600 -1.26 -10.41 11.33
C LYS C 600 0.24 -10.73 11.34
N PRO C 601 0.88 -10.94 12.52
CA PRO C 601 2.33 -11.16 12.57
C PRO C 601 2.79 -12.42 11.83
N LEU C 602 3.93 -12.33 11.16
CA LEU C 602 4.48 -13.49 10.39
C LEU C 602 4.81 -14.62 11.37
N TYR C 603 4.48 -15.87 11.02
CA TYR C 603 4.77 -17.03 11.90
C TYR C 603 5.36 -18.18 11.08
N ARG C 604 6.12 -19.07 11.72
CA ARG C 604 6.78 -20.19 11.00
C ARG C 604 5.92 -21.44 11.12
N ALA C 605 5.54 -22.05 9.99
CA ALA C 605 4.68 -23.24 10.03
C ALA C 605 5.13 -24.23 8.97
N THR C 606 4.76 -25.49 9.19
CA THR C 606 5.12 -26.59 8.29
C THR C 606 3.87 -27.13 7.63
N PHE C 607 3.88 -27.20 6.30
CA PHE C 607 2.76 -27.71 5.53
C PHE C 607 3.17 -29.02 4.88
N LYS C 608 2.39 -30.07 5.14
CA LYS C 608 2.61 -31.37 4.53
C LYS C 608 1.63 -31.66 3.41
N CYS C 609 0.83 -30.67 3.01
CA CYS C 609 -0.13 -30.85 1.93
C CYS C 609 0.59 -31.05 0.61
N THR C 610 -0.01 -31.86 -0.26
CA THR C 610 0.55 -32.14 -1.58
C THR C 610 0.09 -31.11 -2.59
N VAL C 611 0.90 -30.91 -3.62
CA VAL C 611 0.69 -29.87 -4.62
C VAL C 611 0.25 -30.54 -5.92
N ILE C 612 -0.93 -30.16 -6.41
CA ILE C 612 -1.44 -30.58 -7.70
C ILE C 612 -1.71 -29.32 -8.51
N GLN C 613 -1.22 -29.28 -9.75
CA GLN C 613 -1.39 -28.10 -10.58
C GLN C 613 -1.78 -28.51 -11.99
N SER C 614 -2.69 -27.75 -12.61
CA SER C 614 -3.10 -27.99 -13.98
C SER C 614 -2.55 -26.87 -14.86
N THR C 615 -1.81 -27.24 -15.90
CA THR C 615 -1.24 -26.28 -16.83
C THR C 615 -1.34 -26.83 -18.24
N ASN C 616 -1.45 -25.91 -19.21
CA ASN C 616 -1.46 -26.29 -20.63
C ASN C 616 -0.04 -26.16 -21.18
N GLY C 617 0.88 -26.86 -20.54
CA GLY C 617 2.29 -26.78 -20.87
C GLY C 617 3.16 -26.55 -19.65
N MET C 618 4.32 -27.17 -19.63
CA MET C 618 5.19 -27.10 -18.46
C MET C 618 5.77 -25.70 -18.29
N PRO C 619 5.53 -25.03 -17.15
CA PRO C 619 6.15 -23.72 -16.93
C PRO C 619 7.65 -23.82 -16.69
N LYS C 620 8.33 -22.71 -16.91
CA LYS C 620 9.77 -22.63 -16.77
C LYS C 620 10.15 -22.17 -15.35
N PHE C 621 11.25 -22.71 -14.85
CA PHE C 621 11.76 -22.38 -13.53
C PHE C 621 13.14 -21.74 -13.64
N LYS C 622 13.36 -20.68 -12.87
CA LYS C 622 14.61 -19.95 -12.92
C LYS C 622 15.75 -20.68 -12.22
N ASP C 623 15.44 -21.68 -11.38
CA ASP C 623 16.47 -22.33 -10.58
C ASP C 623 17.47 -23.08 -11.45
N LYS C 624 16.97 -23.92 -12.36
CA LYS C 624 17.82 -24.78 -13.20
C LYS C 624 18.76 -25.63 -12.34
N THR C 625 18.26 -26.10 -11.20
CA THR C 625 19.03 -26.86 -10.23
C THR C 625 18.44 -28.24 -10.05
N GLY C 626 19.18 -29.10 -9.35
CA GLY C 626 18.73 -30.47 -9.14
C GLY C 626 17.54 -30.58 -8.19
N GLY C 627 17.38 -29.60 -7.29
CA GLY C 627 16.27 -29.67 -6.35
C GLY C 627 14.92 -29.56 -7.03
N THR C 628 14.79 -28.62 -7.97
CA THR C 628 13.54 -28.48 -8.71
C THR C 628 13.26 -29.74 -9.54
N LEU C 629 14.30 -30.29 -10.15
CA LEU C 629 14.13 -31.50 -10.96
C LEU C 629 13.67 -32.67 -10.11
N ARG C 630 14.27 -32.84 -8.92
CA ARG C 630 13.93 -33.98 -8.09
C ARG C 630 12.56 -33.81 -7.44
N ARG C 631 12.16 -32.56 -7.16
CA ARG C 631 10.87 -32.34 -6.51
C ARG C 631 9.71 -32.52 -7.49
N LEU C 632 9.96 -32.32 -8.78
CA LEU C 632 8.88 -32.26 -9.75
C LEU C 632 8.50 -33.66 -10.24
N LEU C 633 7.20 -33.89 -10.38
CA LEU C 633 6.64 -35.09 -11.00
C LEU C 633 5.53 -34.68 -11.95
N ILE C 634 5.44 -35.36 -13.09
CA ILE C 634 4.58 -34.95 -14.20
C ILE C 634 3.60 -36.07 -14.52
N VAL C 635 2.40 -35.70 -14.91
CA VAL C 635 1.38 -36.62 -15.39
C VAL C 635 1.13 -36.32 -16.87
N PRO C 636 1.17 -37.32 -17.76
CA PRO C 636 1.06 -37.02 -19.19
C PRO C 636 -0.27 -36.39 -19.60
N PHE C 637 -1.40 -37.02 -19.25
CA PHE C 637 -2.72 -36.57 -19.67
C PHE C 637 -2.82 -36.45 -21.19
N ASN C 638 -2.32 -37.48 -21.88
CA ASN C 638 -2.26 -37.44 -23.34
C ASN C 638 -3.65 -37.52 -23.96
N ALA C 639 -4.63 -38.06 -23.24
CA ALA C 639 -5.97 -38.19 -23.78
C ALA C 639 -6.58 -36.83 -24.05
N ASN C 640 -7.38 -36.74 -25.11
CA ASN C 640 -8.05 -35.51 -25.50
C ASN C 640 -9.54 -35.78 -25.67
N PHE C 641 -10.36 -34.92 -25.07
CA PHE C 641 -11.81 -35.03 -25.18
C PHE C 641 -12.39 -34.01 -26.16
N ASN C 642 -11.54 -33.35 -26.95
CA ASN C 642 -12.05 -32.45 -27.98
C ASN C 642 -12.61 -33.23 -29.16
N GLY C 643 -11.92 -34.29 -29.58
CA GLY C 643 -12.39 -35.13 -30.67
C GLY C 643 -13.59 -35.97 -30.29
N ILE C 644 -13.41 -36.81 -29.26
CA ILE C 644 -14.54 -37.56 -28.72
C ILE C 644 -15.55 -36.57 -28.14
N LYS C 645 -16.83 -36.87 -28.32
CA LYS C 645 -17.88 -35.97 -27.87
C LYS C 645 -17.79 -35.75 -26.36
N GLU C 646 -17.82 -34.49 -25.96
CA GLU C 646 -17.71 -34.15 -24.54
C GLU C 646 -18.95 -34.59 -23.79
N ASN C 647 -18.74 -35.16 -22.60
CA ASN C 647 -19.83 -35.60 -21.74
C ASN C 647 -19.88 -34.67 -20.54
N PHE C 648 -20.74 -33.67 -20.59
CA PHE C 648 -20.90 -32.76 -19.46
C PHE C 648 -21.45 -33.50 -18.24
N LYS C 649 -22.05 -34.68 -18.45
CA LYS C 649 -22.51 -35.49 -17.33
C LYS C 649 -21.34 -35.92 -16.45
N ILE C 650 -20.16 -36.12 -17.05
CA ILE C 650 -18.98 -36.50 -16.27
C ILE C 650 -18.61 -35.37 -15.31
N LYS C 651 -18.49 -34.15 -15.84
CA LYS C 651 -17.99 -33.03 -15.04
C LYS C 651 -19.03 -32.55 -14.04
N GLU C 652 -20.29 -32.43 -14.47
CA GLU C 652 -21.33 -31.84 -13.62
C GLU C 652 -22.02 -32.83 -12.70
N ASP C 653 -22.24 -34.07 -13.14
CA ASP C 653 -23.09 -34.98 -12.39
C ASP C 653 -22.38 -36.25 -11.92
N TYR C 654 -21.65 -36.92 -12.81
CA TYR C 654 -21.21 -38.28 -12.51
C TYR C 654 -20.15 -38.30 -11.41
N ILE C 655 -19.19 -37.36 -11.44
CA ILE C 655 -18.18 -37.32 -10.40
C ILE C 655 -18.74 -36.83 -9.07
N LYS C 656 -19.95 -36.30 -9.06
CA LYS C 656 -20.62 -35.91 -7.82
C LYS C 656 -21.47 -37.02 -7.23
N ASN C 657 -21.53 -38.18 -7.89
CA ASN C 657 -22.28 -39.30 -7.35
C ASN C 657 -21.65 -39.82 -6.07
N GLN C 658 -22.48 -40.09 -5.07
CA GLN C 658 -21.97 -40.51 -3.76
C GLN C 658 -21.30 -41.88 -3.85
N GLN C 659 -21.89 -42.82 -4.60
CA GLN C 659 -21.32 -44.16 -4.67
C GLN C 659 -19.96 -44.14 -5.36
N VAL C 660 -19.83 -43.38 -6.43
CA VAL C 660 -18.55 -43.30 -7.13
C VAL C 660 -17.48 -42.70 -6.23
N LEU C 661 -17.83 -41.63 -5.51
CA LEU C 661 -16.88 -41.01 -4.59
C LEU C 661 -16.48 -41.96 -3.48
N GLU C 662 -17.44 -42.71 -2.93
CA GLU C 662 -17.12 -43.67 -1.88
C GLU C 662 -16.20 -44.76 -2.40
N TYR C 663 -16.46 -45.27 -3.59
CA TYR C 663 -15.59 -46.29 -4.16
C TYR C 663 -14.18 -45.75 -4.40
N VAL C 664 -14.07 -44.53 -4.91
CA VAL C 664 -12.76 -43.92 -5.14
C VAL C 664 -12.01 -43.78 -3.82
N LEU C 665 -12.71 -43.28 -2.79
CA LEU C 665 -12.08 -43.12 -1.48
C LEU C 665 -11.60 -44.46 -0.94
N TYR C 666 -12.45 -45.49 -1.03
CA TYR C 666 -12.08 -46.81 -0.52
C TYR C 666 -10.86 -47.35 -1.23
N LYS C 667 -10.89 -47.36 -2.57
CA LYS C 667 -9.78 -47.92 -3.34
C LYS C 667 -8.50 -47.15 -3.11
N ALA C 668 -8.57 -45.82 -3.05
CA ALA C 668 -7.37 -45.02 -2.93
C ALA C 668 -6.78 -45.12 -1.52
N ILE C 669 -7.62 -45.12 -0.48
CA ILE C 669 -7.10 -45.17 0.87
C ILE C 669 -6.63 -46.57 1.22
N ASN C 670 -7.18 -47.61 0.58
CA ASN C 670 -6.66 -48.95 0.81
C ASN C 670 -5.33 -49.16 0.11
N LEU C 671 -5.04 -48.37 -0.92
CA LEU C 671 -3.77 -48.48 -1.61
C LEU C 671 -2.63 -48.11 -0.67
N ASP C 672 -1.58 -48.93 -0.65
CA ASP C 672 -0.43 -48.74 0.22
C ASP C 672 0.82 -48.66 -0.65
N PHE C 673 1.58 -47.57 -0.48
CA PHE C 673 2.82 -47.39 -1.23
C PHE C 673 3.72 -46.43 -0.44
N GLU C 674 5.03 -46.54 -0.68
CA GLU C 674 6.00 -45.72 0.03
C GLU C 674 6.42 -44.52 -0.80
N THR C 675 6.89 -44.74 -2.03
CA THR C 675 7.37 -43.68 -2.89
C THR C 675 6.54 -43.67 -4.17
N PHE C 676 6.32 -42.47 -4.71
CA PHE C 676 5.56 -42.31 -5.94
C PHE C 676 6.17 -43.13 -7.07
N ASP C 677 5.41 -44.09 -7.57
CA ASP C 677 5.86 -44.93 -8.68
C ASP C 677 5.85 -44.09 -9.96
N ILE C 678 7.02 -43.65 -10.39
CA ILE C 678 7.13 -42.76 -11.53
C ILE C 678 6.94 -43.54 -12.83
N PRO C 679 5.99 -43.17 -13.66
CA PRO C 679 5.84 -43.83 -14.96
C PRO C 679 6.96 -43.44 -15.91
N ASP C 680 7.18 -44.31 -16.90
CA ASP C 680 8.21 -44.04 -17.90
C ASP C 680 7.86 -42.82 -18.74
N ALA C 681 6.58 -42.59 -19.00
CA ALA C 681 6.18 -41.41 -19.75
C ALA C 681 6.53 -40.13 -19.01
N SER C 682 6.36 -40.15 -17.69
CA SER C 682 6.70 -38.97 -16.84
C SER C 682 8.22 -38.76 -16.87
N LYS C 683 8.97 -39.86 -16.81
CA LYS C 683 10.46 -39.76 -16.79
C LYS C 683 10.95 -39.11 -18.09
N LYS C 684 10.40 -39.53 -19.22
CA LYS C 684 10.79 -38.92 -20.53
C LYS C 684 10.38 -37.44 -20.51
N MET C 685 9.18 -37.13 -20.00
CA MET C 685 8.70 -35.73 -19.94
C MET C 685 9.62 -34.92 -19.02
N LEU C 686 10.04 -35.50 -17.89
CA LEU C 686 10.95 -34.80 -16.95
C LEU C 686 12.29 -34.51 -17.64
N GLU C 687 12.80 -35.47 -18.41
CA GLU C 687 14.07 -35.27 -19.15
C GLU C 687 13.89 -34.15 -20.19
N VAL C 688 12.72 -34.13 -20.86
CA VAL C 688 12.44 -33.06 -21.86
C VAL C 688 12.42 -31.71 -21.14
N PHE C 689 11.82 -31.66 -19.95
CA PHE C 689 11.81 -30.40 -19.16
C PHE C 689 13.24 -30.00 -18.81
N LYS C 690 14.08 -30.97 -18.44
CA LYS C 690 15.51 -30.68 -18.10
C LYS C 690 16.21 -30.11 -19.33
N GLU C 691 15.95 -30.68 -20.51
CA GLU C 691 16.56 -30.17 -21.78
C GLU C 691 16.06 -28.74 -22.03
N ASP C 692 14.78 -28.49 -21.78
CA ASP C 692 14.20 -27.14 -22.02
C ASP C 692 14.73 -26.15 -20.97
N ASN C 693 14.52 -26.45 -19.68
CA ASN C 693 14.96 -25.53 -18.62
C ASN C 693 16.43 -25.16 -18.77
N ASP C 694 17.28 -26.17 -18.98
CA ASP C 694 18.73 -25.93 -19.08
C ASP C 694 19.18 -26.14 -20.51
N PRO C 695 19.50 -25.08 -21.25
CA PRO C 695 19.99 -25.26 -22.63
C PRO C 695 21.27 -26.07 -22.70
N VAL C 696 22.09 -25.99 -21.64
CA VAL C 696 23.39 -26.73 -21.59
C VAL C 696 23.10 -28.24 -21.65
N TYR C 697 22.17 -28.72 -20.83
CA TYR C 697 21.82 -30.16 -20.83
C TYR C 697 21.24 -30.55 -22.18
N GLY C 698 20.38 -29.70 -22.75
CA GLY C 698 19.84 -29.97 -24.09
C GLY C 698 20.96 -30.15 -25.09
N PHE C 699 21.97 -29.28 -25.04
CA PHE C 699 23.10 -29.36 -25.94
C PHE C 699 23.88 -30.66 -25.73
N LYS C 700 24.08 -31.03 -24.46
CA LYS C 700 24.79 -32.28 -24.17
C LYS C 700 24.03 -33.47 -24.75
N VAL C 701 22.70 -33.47 -24.63
CA VAL C 701 21.90 -34.56 -25.19
C VAL C 701 22.00 -34.58 -26.71
N ASN C 702 21.89 -33.41 -27.34
CA ASN C 702 21.83 -33.32 -28.79
C ASN C 702 23.20 -33.33 -29.46
N MET C 703 24.27 -33.43 -28.67
CA MET C 703 25.62 -33.47 -29.23
C MET C 703 25.75 -34.54 -30.31
N PHE C 704 25.54 -35.80 -29.93
CA PHE C 704 25.56 -36.92 -30.88
C PHE C 704 26.87 -36.96 -31.68
N ASP C 705 27.98 -36.70 -30.99
CA ASP C 705 29.30 -36.74 -31.61
C ASP C 705 29.99 -38.03 -31.24
N GLN C 706 30.74 -38.58 -32.21
CA GLN C 706 31.42 -39.86 -32.06
C GLN C 706 32.35 -39.88 -30.86
N ARG C 710 38.64 -32.98 -29.78
CA ARG C 710 37.36 -32.31 -29.61
C ARG C 710 37.23 -31.70 -28.23
N LYS C 711 37.68 -32.44 -27.21
CA LYS C 711 37.66 -31.90 -25.86
C LYS C 711 38.61 -30.72 -25.71
N VAL C 712 39.78 -30.80 -26.33
CA VAL C 712 40.74 -29.70 -26.22
C VAL C 712 40.25 -28.40 -26.83
N PRO C 713 39.71 -28.35 -28.05
CA PRO C 713 39.20 -27.07 -28.58
C PRO C 713 37.91 -26.67 -27.88
N LYS C 714 37.98 -25.57 -27.12
CA LYS C 714 36.80 -25.11 -26.39
C LYS C 714 35.76 -24.51 -27.35
N TYR C 715 36.21 -23.90 -28.44
CA TYR C 715 35.28 -23.29 -29.39
C TYR C 715 34.48 -24.35 -30.14
N ILE C 716 35.10 -25.50 -30.43
CA ILE C 716 34.38 -26.57 -31.10
C ILE C 716 33.25 -27.09 -30.21
N VAL C 717 33.55 -27.29 -28.92
CA VAL C 717 32.52 -27.71 -27.98
C VAL C 717 31.48 -26.60 -27.84
N TYR C 718 31.91 -25.34 -27.89
CA TYR C 718 31.01 -24.21 -27.74
C TYR C 718 29.98 -24.19 -28.86
N ALA C 719 30.42 -23.99 -30.10
CA ALA C 719 29.52 -23.96 -31.27
C ALA C 719 28.36 -22.98 -31.06
N PHE C 720 28.64 -21.92 -30.29
CA PHE C 720 27.61 -20.99 -29.79
C PHE C 720 26.49 -21.78 -29.12
N TYR C 721 26.88 -22.89 -28.48
CA TYR C 721 25.97 -23.84 -27.84
C TYR C 721 24.87 -24.28 -28.80
N LYS C 722 25.29 -24.91 -29.90
CA LYS C 722 24.38 -25.34 -30.97
C LYS C 722 23.56 -24.15 -31.48
N GLU C 723 24.27 -23.06 -31.77
CA GLU C 723 23.68 -21.81 -32.27
C GLU C 723 22.38 -21.49 -31.53
N TYR C 724 22.53 -21.26 -30.22
CA TYR C 724 21.40 -21.01 -29.31
C TYR C 724 20.55 -22.26 -29.10
N CYS C 725 21.11 -23.44 -29.31
CA CYS C 725 20.38 -24.71 -29.29
C CYS C 725 19.25 -24.71 -30.29
N ASP C 726 19.36 -23.86 -31.30
CA ASP C 726 18.22 -23.51 -32.16
C ASP C 726 16.97 -23.24 -31.33
N GLU C 727 17.14 -22.58 -30.19
CA GLU C 727 16.04 -22.32 -29.27
C GLU C 727 16.11 -20.93 -28.63
N ASN C 728 16.92 -20.03 -29.18
CA ASN C 728 17.11 -18.64 -28.76
C ASN C 728 16.99 -18.45 -27.24
N GLY C 729 17.76 -19.25 -26.51
CA GLY C 729 17.92 -19.05 -25.08
C GLY C 729 19.32 -18.55 -24.75
N TYR C 730 19.42 -17.39 -24.10
CA TYR C 730 20.70 -16.73 -23.95
C TYR C 730 21.69 -17.62 -23.20
N ASN C 731 22.94 -17.63 -23.68
CA ASN C 731 23.98 -18.50 -23.19
C ASN C 731 25.22 -17.70 -22.82
N ALA C 732 25.96 -18.18 -21.82
CA ALA C 732 27.20 -17.55 -21.39
C ALA C 732 28.38 -18.16 -22.14
N LEU C 733 29.58 -17.71 -21.78
CA LEU C 733 30.82 -18.23 -22.36
C LEU C 733 31.80 -18.56 -21.24
N SER C 734 32.35 -19.78 -21.28
CA SER C 734 33.42 -20.22 -20.40
C SER C 734 32.99 -20.35 -18.94
N SER C 735 31.75 -19.95 -18.64
CA SER C 735 31.11 -20.22 -17.36
C SER C 735 30.06 -21.31 -17.47
N ASN C 736 29.21 -21.22 -18.50
CA ASN C 736 28.39 -22.36 -18.87
C ASN C 736 29.27 -23.53 -19.31
N LYS C 737 30.53 -23.29 -19.67
CA LYS C 737 31.49 -24.37 -19.82
C LYS C 737 31.68 -25.12 -18.50
N PHE C 738 31.84 -24.37 -17.40
CA PHE C 738 31.90 -24.98 -16.08
C PHE C 738 30.60 -25.68 -15.75
N TYR C 739 29.47 -25.09 -16.13
CA TYR C 739 28.18 -25.73 -15.91
C TYR C 739 28.09 -27.07 -16.65
N LYS C 740 28.57 -27.10 -17.89
CA LYS C 740 28.52 -28.32 -18.70
C LYS C 740 29.42 -29.39 -18.11
N GLN C 741 30.66 -29.03 -17.75
CA GLN C 741 31.55 -30.04 -17.18
C GLN C 741 31.05 -30.49 -15.81
N PHE C 742 30.29 -29.66 -15.12
CA PHE C 742 29.56 -30.12 -13.94
C PHE C 742 28.49 -31.13 -14.32
N GLU C 743 27.76 -30.86 -15.41
CA GLU C 743 26.74 -31.82 -15.87
C GLU C 743 27.38 -33.12 -16.30
N HIS C 744 28.52 -33.06 -16.98
CA HIS C 744 29.23 -34.24 -17.43
C HIS C 744 30.73 -33.99 -17.52
N GLU C 747 32.33 -38.62 -17.46
CA GLU C 747 33.17 -39.78 -17.74
C GLU C 747 34.49 -39.35 -18.38
N ASN C 748 34.42 -38.78 -19.58
CA ASN C 748 35.62 -38.30 -20.24
C ASN C 748 36.20 -37.06 -19.55
N TYR C 749 35.34 -36.24 -18.94
CA TYR C 749 35.72 -35.02 -18.23
C TYR C 749 36.44 -34.10 -19.22
N TRP C 750 37.57 -33.49 -18.84
CA TRP C 750 38.22 -32.49 -19.68
C TRP C 750 39.67 -32.91 -19.94
N LYS C 751 40.08 -32.85 -21.21
CA LYS C 751 41.44 -33.14 -21.61
C LYS C 751 42.01 -31.96 -22.37
N THR C 752 43.23 -31.56 -22.02
CA THR C 752 43.89 -30.40 -22.62
C THR C 752 44.96 -30.85 -23.60
N ASP C 753 44.78 -30.49 -24.87
CA ASP C 753 45.75 -30.77 -25.91
C ASP C 753 46.00 -29.50 -26.71
N ALA C 754 47.27 -29.14 -26.88
CA ALA C 754 47.59 -27.92 -27.63
C ALA C 754 47.33 -28.09 -29.12
N GLN C 755 47.52 -29.30 -29.65
CA GLN C 755 47.35 -29.51 -31.09
C GLN C 755 45.91 -29.33 -31.51
N ARG C 756 44.98 -30.00 -30.80
CA ARG C 756 43.58 -29.89 -31.15
C ARG C 756 43.04 -28.49 -30.88
N ARG C 757 43.45 -27.87 -29.78
CA ARG C 757 42.99 -26.53 -29.43
C ARG C 757 43.87 -25.47 -30.09
N ASN C 760 41.85 -21.52 -32.98
CA ASN C 760 40.67 -20.94 -33.60
C ASN C 760 40.71 -21.15 -35.12
N GLU C 761 40.41 -22.38 -35.55
CA GLU C 761 40.40 -22.69 -36.97
C GLU C 761 39.31 -21.90 -37.70
N GLU C 762 38.13 -21.81 -37.09
CA GLU C 762 36.99 -21.12 -37.70
C GLU C 762 36.22 -20.40 -36.61
N LEU C 763 35.72 -19.20 -36.94
CA LEU C 763 34.95 -18.43 -35.98
C LEU C 763 33.67 -19.17 -35.59
N ALA C 764 32.98 -19.76 -36.58
CA ALA C 764 31.76 -20.52 -36.35
C ALA C 764 30.71 -19.71 -35.61
N ARG C 766 24.18 -19.85 -38.63
CA ARG C 766 25.53 -19.34 -38.50
C ARG C 766 26.53 -20.29 -39.16
N ILE C 767 26.53 -21.55 -38.74
CA ILE C 767 27.41 -22.57 -39.28
C ILE C 767 26.60 -23.83 -39.54
N TYR C 768 27.11 -24.66 -40.45
CA TYR C 768 26.46 -25.92 -40.80
C TYR C 768 27.35 -27.13 -40.55
N ASN C 769 28.50 -26.94 -39.90
CA ASN C 769 29.41 -28.05 -39.60
C ASN C 769 28.89 -28.77 -38.35
N PHE C 770 27.86 -29.58 -38.55
CA PHE C 770 27.27 -30.31 -37.43
C PHE C 770 28.25 -31.28 -36.80
N ASN C 771 29.01 -32.01 -37.62
CA ASN C 771 29.99 -32.97 -37.12
C ASN C 771 31.26 -32.83 -37.94
N ASP C 772 32.39 -32.65 -37.25
CA ASP C 772 33.68 -32.53 -37.92
C ASP C 772 34.28 -33.92 -38.13
N ASN C 773 35.55 -33.96 -38.52
CA ASN C 773 36.24 -35.22 -38.75
C ASN C 773 36.44 -36.00 -37.44
N VAL D 323 9.97 9.55 46.01
CA VAL D 323 8.66 10.19 46.03
C VAL D 323 7.57 9.16 46.35
N LYS D 324 7.94 7.89 46.30
CA LYS D 324 6.98 6.83 46.60
C LYS D 324 6.49 6.92 48.04
N GLN D 325 7.41 7.16 48.99
CA GLN D 325 7.01 7.28 50.39
C GLN D 325 6.10 8.48 50.59
N LEU D 326 6.44 9.62 49.99
CA LEU D 326 5.64 10.83 50.14
C LEU D 326 4.24 10.61 49.58
N LEU D 327 4.14 10.00 48.40
CA LEU D 327 2.84 9.79 47.80
C LEU D 327 2.02 8.77 48.58
N ASN D 328 2.67 7.73 49.10
CA ASN D 328 1.96 6.76 49.93
C ASN D 328 1.40 7.42 51.17
N GLN D 329 2.21 8.24 51.84
CA GLN D 329 1.75 8.95 53.03
C GLN D 329 0.61 9.90 52.71
N LEU D 330 0.72 10.63 51.60
CA LEU D 330 -0.34 11.55 51.21
C LEU D 330 -1.64 10.81 50.91
N GLY D 331 -1.55 9.69 50.20
CA GLY D 331 -2.74 8.91 49.91
C GLY D 331 -3.38 8.36 51.16
N HIS D 332 -2.57 7.85 52.10
CA HIS D 332 -3.12 7.34 53.35
C HIS D 332 -3.79 8.46 54.14
N GLU D 333 -3.16 9.64 54.20
CA GLU D 333 -3.75 10.76 54.92
C GLU D 333 -5.06 11.19 54.28
N GLU D 334 -5.11 11.25 52.95
CA GLU D 334 -6.34 11.65 52.27
C GLU D 334 -7.45 10.63 52.48
N ARG D 335 -7.12 9.34 52.43
CA ARG D 335 -8.12 8.31 52.70
C ARG D 335 -8.62 8.40 54.13
N THR D 336 -7.72 8.65 55.09
CA THR D 336 -8.15 8.82 56.48
C THR D 336 -9.07 10.01 56.64
N LYS D 337 -8.75 11.13 55.99
CA LYS D 337 -9.60 12.31 56.06
C LYS D 337 -10.98 12.04 55.46
N MET D 338 -11.02 11.35 54.31
CA MET D 338 -12.29 11.01 53.69
C MET D 338 -13.12 10.10 54.59
N GLU D 339 -12.47 9.11 55.22
CA GLU D 339 -13.18 8.21 56.13
C GLU D 339 -13.71 8.98 57.33
N GLU D 340 -12.92 9.92 57.87
CA GLU D 340 -13.39 10.72 59.00
C GLU D 340 -14.59 11.57 58.61
N ASN D 341 -14.55 12.17 57.42
CA ASN D 341 -15.69 12.96 56.95
C ASN D 341 -16.93 12.09 56.78
N TRP D 342 -16.76 10.88 56.24
CA TRP D 342 -17.89 9.98 56.07
C TRP D 342 -18.46 9.54 57.42
N ILE D 343 -17.59 9.29 58.41
CA ILE D 343 -18.05 8.98 59.75
C ILE D 343 -18.84 10.15 60.33
N GLU D 344 -18.34 11.37 60.12
CA GLU D 344 -19.06 12.56 60.57
C GLU D 344 -20.45 12.63 59.93
N GLU D 345 -20.54 12.34 58.64
CA GLU D 345 -21.82 12.30 57.96
C GLU D 345 -22.55 10.97 58.13
N GLY D 346 -21.92 9.97 58.76
CA GLY D 346 -22.56 8.70 58.99
C GLY D 346 -22.53 7.81 57.76
N LYS D 347 -23.10 6.61 57.93
CA LYS D 347 -23.15 5.61 56.86
C LYS D 347 -24.25 5.99 55.87
N ARG D 348 -23.97 7.04 55.10
CA ARG D 348 -24.91 7.48 54.08
C ARG D 348 -25.03 6.44 52.96
N GLY D 349 -23.90 6.00 52.42
CA GLY D 349 -23.89 4.94 51.43
C GLY D 349 -22.51 4.36 51.21
N ARG D 350 -22.41 3.03 51.29
CA ARG D 350 -21.15 2.29 51.10
C ARG D 350 -20.09 2.91 52.00
N LYS D 351 -18.87 3.14 51.51
CA LYS D 351 -17.82 3.79 52.27
C LYS D 351 -16.77 4.34 51.32
N PRO D 352 -16.45 5.63 51.38
CA PRO D 352 -15.47 6.20 50.46
C PRO D 352 -14.04 5.80 50.81
N THR D 353 -13.47 4.91 50.00
CA THR D 353 -12.10 4.45 50.20
C THR D 353 -11.16 4.78 49.05
N THR D 354 -11.69 5.25 47.93
CA THR D 354 -10.89 5.58 46.75
C THR D 354 -10.90 7.08 46.53
N ILE D 355 -9.71 7.67 46.42
CA ILE D 355 -9.61 9.11 46.16
C ILE D 355 -10.12 9.40 44.76
N SER D 356 -10.94 10.44 44.64
CA SER D 356 -11.48 10.82 43.35
C SER D 356 -10.36 11.25 42.41
N PRO D 357 -10.50 11.01 41.11
CA PRO D 357 -9.42 11.38 40.17
C PRO D 357 -9.05 12.85 40.21
N ILE D 358 -10.03 13.73 40.38
CA ILE D 358 -9.74 15.16 40.42
C ILE D 358 -8.94 15.50 41.68
N LYS D 359 -9.29 14.88 42.81
CA LYS D 359 -8.52 15.10 44.03
C LYS D 359 -7.10 14.57 43.89
N CYS D 360 -6.94 13.42 43.23
CA CYS D 360 -5.60 12.89 42.97
C CYS D 360 -4.80 13.86 42.11
N ALA D 361 -5.42 14.42 41.08
CA ALA D 361 -4.74 15.40 40.23
C ALA D 361 -4.32 16.62 41.03
N TYR D 362 -5.20 17.11 41.90
CA TYR D 362 -4.87 18.25 42.74
C TYR D 362 -3.67 17.95 43.62
N ILE D 363 -3.69 16.78 44.27
CA ILE D 363 -2.60 16.41 45.19
C ILE D 363 -1.28 16.31 44.43
N LEU D 364 -1.31 15.65 43.26
CA LEU D 364 -0.10 15.48 42.48
C LEU D 364 0.44 16.81 41.98
N ASN D 365 -0.44 17.70 41.51
CA ASN D 365 0.01 19.01 41.06
C ASN D 365 0.61 19.80 42.22
N GLU D 366 0.03 19.65 43.42
CA GLU D 366 0.58 20.34 44.58
C GLU D 366 1.97 19.82 44.96
N HIS D 367 2.13 18.49 44.96
CA HIS D 367 3.34 17.88 45.51
C HIS D 367 4.28 17.31 44.45
N LEU D 368 4.05 17.61 43.17
CA LEU D 368 4.94 17.15 42.11
C LEU D 368 5.00 18.23 41.04
N THR D 369 5.78 17.95 40.00
CA THR D 369 6.00 18.90 38.90
C THR D 369 5.54 18.26 37.60
N PHE D 370 4.34 18.64 37.15
CA PHE D 370 3.80 18.22 35.87
C PHE D 370 3.68 19.43 34.97
N ILE D 371 4.14 19.30 33.72
CA ILE D 371 4.10 20.39 32.75
C ILE D 371 3.52 19.87 31.44
N LEU D 372 3.30 20.81 30.52
CA LEU D 372 2.82 20.52 29.19
C LEU D 372 3.72 21.25 28.20
N PHE D 373 4.33 20.49 27.28
CA PHE D 373 5.34 21.08 26.41
C PHE D 373 4.78 22.19 25.54
N ASP D 374 3.60 21.97 24.96
CA ASP D 374 2.99 22.99 24.12
C ASP D 374 1.48 22.77 24.10
N ASP D 375 0.77 23.82 23.70
CA ASP D 375 -0.68 23.82 23.66
C ASP D 375 -1.26 23.08 22.46
N GLU D 376 -0.44 22.32 21.74
CA GLU D 376 -0.93 21.59 20.58
C GLU D 376 -1.90 20.49 21.00
N GLU D 377 -2.75 20.11 20.05
CA GLU D 377 -3.77 19.11 20.34
C GLU D 377 -3.14 17.76 20.65
N ASN D 378 -3.72 17.06 21.63
CA ASN D 378 -3.27 15.73 22.04
C ASN D 378 -1.82 15.73 22.52
N THR D 379 -1.38 16.83 23.10
CA THR D 379 -0.04 16.90 23.66
C THR D 379 0.02 16.09 24.96
N LYS D 380 1.05 15.26 25.10
CA LYS D 380 1.18 14.40 26.25
C LYS D 380 1.73 15.16 27.45
N LEU D 381 1.14 14.90 28.62
CA LEU D 381 1.63 15.50 29.86
C LEU D 381 3.04 14.99 30.16
N ALA D 382 3.89 15.88 30.67
CA ALA D 382 5.25 15.54 31.02
C ALA D 382 5.44 15.64 32.53
N MET D 383 6.11 14.66 33.10
CA MET D 383 6.37 14.61 34.54
C MET D 383 7.87 14.70 34.79
N TYR D 384 8.26 15.55 35.74
CA TYR D 384 9.65 15.69 36.13
C TYR D 384 9.97 14.63 37.16
N GLN D 385 10.63 13.56 36.74
CA GLN D 385 11.09 12.54 37.67
C GLN D 385 12.36 13.04 38.37
N PHE D 386 12.29 13.13 39.70
CA PHE D 386 13.31 13.84 40.45
C PHE D 386 14.67 13.17 40.35
N ASP D 387 14.71 11.84 40.44
CA ASP D 387 15.99 11.13 40.44
C ASP D 387 16.70 11.29 39.10
N GLU D 388 15.97 11.15 37.99
CA GLU D 388 16.61 11.28 36.68
C GLU D 388 16.90 12.74 36.34
N GLY D 389 16.07 13.67 36.79
CA GLY D 389 16.28 15.07 36.51
C GLY D 389 15.79 15.53 35.16
N ILE D 390 15.10 14.68 34.41
CA ILE D 390 14.60 15.04 33.09
C ILE D 390 13.10 14.75 33.02
N TYR D 391 12.38 15.62 32.35
CA TYR D 391 10.94 15.42 32.16
C TYR D 391 10.71 14.23 31.24
N THR D 392 9.68 13.44 31.55
CA THR D 392 9.33 12.27 30.75
C THR D 392 7.85 12.30 30.40
N GLN D 393 7.54 11.83 29.19
CA GLN D 393 6.16 11.70 28.73
C GLN D 393 5.69 10.26 28.72
N ASN D 394 6.45 9.35 29.32
CA ASN D 394 6.07 7.95 29.35
C ASN D 394 4.83 7.77 30.24
N THR D 395 3.74 7.28 29.65
CA THR D 395 2.51 7.14 30.39
C THR D 395 2.62 6.08 31.47
N THR D 396 3.47 5.07 31.28
CA THR D 396 3.60 4.01 32.28
C THR D 396 4.19 4.55 33.58
N ILE D 397 5.21 5.41 33.48
CA ILE D 397 5.81 6.00 34.68
C ILE D 397 4.80 6.86 35.42
N ILE D 398 4.05 7.67 34.67
CA ILE D 398 3.04 8.53 35.28
C ILE D 398 1.98 7.71 35.97
N LYS D 399 1.52 6.64 35.32
CA LYS D 399 0.49 5.78 35.91
C LYS D 399 1.03 5.04 37.14
N ARG D 400 2.32 4.68 37.13
CA ARG D 400 2.92 4.11 38.33
C ARG D 400 2.92 5.13 39.46
N VAL D 401 3.16 6.40 39.14
CA VAL D 401 3.06 7.45 40.15
C VAL D 401 1.63 7.55 40.68
N ILE D 402 0.64 7.48 39.79
CA ILE D 402 -0.76 7.49 40.22
C ILE D 402 -1.02 6.34 41.19
N SER D 403 -0.54 5.15 40.84
CA SER D 403 -0.71 3.99 41.72
C SER D 403 -0.03 4.20 43.05
N TYR D 404 1.13 4.87 43.06
CA TYR D 404 1.75 5.25 44.32
C TYR D 404 0.81 6.11 45.15
N LEU D 405 0.18 7.10 44.51
CA LEU D 405 -0.78 7.92 45.24
C LEU D 405 -2.07 7.15 45.53
N GLU D 406 -2.60 6.45 44.53
CA GLU D 406 -3.86 5.73 44.68
C GLU D 406 -3.78 4.40 43.93
N PRO D 407 -3.46 3.32 44.63
CA PRO D 407 -3.34 2.02 43.94
C PRO D 407 -4.63 1.51 43.33
N LYS D 408 -5.79 1.86 43.89
CA LYS D 408 -7.04 1.26 43.47
C LYS D 408 -7.53 1.74 42.10
N HIS D 409 -6.91 2.78 41.53
CA HIS D 409 -7.33 3.26 40.23
C HIS D 409 -6.88 2.30 39.14
N ASN D 410 -7.78 1.98 38.23
CA ASN D 410 -7.46 1.17 37.07
C ASN D 410 -6.92 2.06 35.95
N SER D 411 -6.81 1.51 34.74
CA SER D 411 -6.28 2.29 33.63
C SER D 411 -7.17 3.48 33.29
N ASN D 412 -8.48 3.30 33.31
CA ASN D 412 -9.39 4.37 32.95
C ASN D 412 -9.32 5.53 33.94
N LYS D 413 -9.30 5.24 35.24
CA LYS D 413 -9.20 6.31 36.22
C LYS D 413 -7.82 6.97 36.20
N ALA D 414 -6.77 6.20 35.92
CA ALA D 414 -5.46 6.81 35.75
C ALA D 414 -5.44 7.76 34.57
N ASP D 415 -6.09 7.37 33.46
CA ASP D 415 -6.21 8.26 32.31
C ASP D 415 -7.01 9.50 32.67
N GLU D 416 -8.05 9.35 33.50
CA GLU D 416 -8.83 10.50 33.94
C GLU D 416 -7.96 11.45 34.78
N VAL D 417 -7.13 10.90 35.66
CA VAL D 417 -6.21 11.72 36.45
C VAL D 417 -5.24 12.46 35.54
N ILE D 418 -4.71 11.76 34.53
CA ILE D 418 -3.79 12.39 33.59
C ILE D 418 -4.48 13.52 32.84
N TYR D 419 -5.74 13.31 32.43
CA TYR D 419 -6.49 14.35 31.73
C TYR D 419 -6.72 15.56 32.63
N HIS D 420 -7.08 15.33 33.89
CA HIS D 420 -7.26 16.44 34.81
C HIS D 420 -5.98 17.21 35.02
N LEU D 421 -4.85 16.49 35.16
CA LEU D 421 -3.56 17.16 35.30
C LEU D 421 -3.23 17.97 34.06
N THR D 422 -3.50 17.42 32.88
CA THR D 422 -3.27 18.15 31.64
C THR D 422 -4.08 19.44 31.61
N ASN D 423 -5.33 19.39 32.06
CA ASN D 423 -6.14 20.59 32.14
C ASN D 423 -5.60 21.57 33.18
N MET D 424 -5.00 21.08 34.25
CA MET D 424 -4.62 21.94 35.37
C MET D 424 -3.23 22.54 35.24
N VAL D 425 -2.26 21.80 34.71
CA VAL D 425 -0.88 22.27 34.73
C VAL D 425 -0.68 23.40 33.72
N ASP D 426 0.44 24.10 33.86
CA ASP D 426 0.82 25.19 32.98
C ASP D 426 1.65 24.67 31.81
N ILE D 427 1.88 25.55 30.84
CA ILE D 427 2.55 25.20 29.59
C ILE D 427 3.93 25.85 29.60
N LYS D 428 4.96 25.02 29.45
CA LYS D 428 6.34 25.49 29.33
C LYS D 428 7.00 24.77 28.16
N GLU D 429 7.89 25.48 27.48
CA GLU D 429 8.60 24.94 26.33
C GLU D 429 9.94 24.36 26.75
N LYS D 430 10.40 23.38 25.99
CA LYS D 430 11.67 22.72 26.28
C LYS D 430 12.84 23.69 26.11
N THR D 431 13.78 23.64 27.05
CA THR D 431 14.96 24.48 26.98
C THR D 431 15.86 23.97 25.86
N ASN D 432 15.86 24.68 24.73
CA ASN D 432 16.64 24.29 23.56
C ASN D 432 17.92 25.11 23.40
N SER D 433 18.46 25.62 24.50
CA SER D 433 19.67 26.41 24.44
C SER D 433 20.85 25.52 24.06
N PRO D 434 21.59 25.85 23.00
CA PRO D 434 22.75 25.03 22.64
C PRO D 434 23.86 25.04 23.69
N TYR D 435 23.86 26.01 24.59
CA TYR D 435 24.90 26.12 25.60
C TYR D 435 24.71 25.15 26.77
N LEU D 436 23.57 24.47 26.84
CA LEU D 436 23.28 23.55 27.92
C LEU D 436 23.17 22.14 27.36
N ILE D 437 23.88 21.20 27.98
CA ILE D 437 23.87 19.81 27.57
C ILE D 437 23.51 18.94 28.77
N PRO D 438 22.41 18.21 28.74
CA PRO D 438 22.05 17.37 29.90
C PRO D 438 22.95 16.14 29.99
N VAL D 439 23.49 15.91 31.18
CA VAL D 439 24.37 14.78 31.47
C VAL D 439 23.81 14.07 32.68
N LYS D 440 24.24 12.81 32.88
CA LYS D 440 23.69 11.99 33.94
C LYS D 440 23.84 12.63 35.32
N ASN D 441 25.02 13.16 35.61
CA ASN D 441 25.21 13.86 36.88
C ASN D 441 24.36 15.11 36.94
N GLY D 442 24.30 15.88 35.86
CA GLY D 442 23.53 17.09 35.82
C GLY D 442 23.74 17.82 34.51
N VAL D 443 23.16 19.01 34.43
CA VAL D 443 23.30 19.82 33.23
C VAL D 443 24.74 20.35 33.16
N PHE D 444 25.22 20.55 31.94
CA PHE D 444 26.53 21.13 31.70
C PHE D 444 26.36 22.43 30.91
N ASN D 445 26.81 23.53 31.48
CA ASN D 445 26.75 24.83 30.84
C ASN D 445 28.08 25.08 30.13
N ARG D 446 28.03 25.17 28.81
CA ARG D 446 29.24 25.39 28.02
C ARG D 446 29.71 26.83 28.11
N LYS D 447 28.80 27.78 28.32
CA LYS D 447 29.22 29.17 28.53
C LYS D 447 30.09 29.29 29.77
N THR D 448 29.66 28.68 30.87
CA THR D 448 30.46 28.64 32.09
C THR D 448 31.30 27.37 32.20
N LYS D 449 31.09 26.41 31.31
CA LYS D 449 31.83 25.13 31.34
C LYS D 449 31.72 24.48 32.71
N GLN D 450 30.52 24.50 33.29
CA GLN D 450 30.33 24.07 34.67
C GLN D 450 29.15 23.11 34.77
N LEU D 451 29.22 22.24 35.77
CA LEU D 451 28.16 21.27 36.03
C LEU D 451 27.16 21.85 37.04
N GLU D 452 25.89 21.82 36.69
CA GLU D 452 24.81 22.31 37.53
C GLU D 452 23.86 21.15 37.86
N SER D 453 23.40 21.12 39.11
CA SER D 453 22.51 20.05 39.56
C SER D 453 21.16 20.15 38.86
N PHE D 454 20.45 19.03 38.84
CA PHE D 454 19.15 18.97 38.19
C PHE D 454 18.15 19.85 38.92
N THR D 455 17.34 20.56 38.14
CA THR D 455 16.26 21.38 38.66
C THR D 455 15.07 21.27 37.72
N PRO D 456 13.85 21.40 38.23
CA PRO D 456 12.67 21.41 37.34
C PRO D 456 12.66 22.58 36.38
N ASP D 457 13.45 23.63 36.64
CA ASP D 457 13.47 24.79 35.75
C ASP D 457 13.98 24.41 34.36
N TYR D 458 14.98 23.55 34.29
CA TYR D 458 15.49 23.07 33.01
C TYR D 458 14.60 21.96 32.49
N ILE D 459 13.93 22.19 31.36
CA ILE D 459 13.05 21.20 30.76
C ILE D 459 13.88 20.39 29.77
N PHE D 460 14.19 19.15 30.12
CA PHE D 460 14.91 18.24 29.25
C PHE D 460 14.15 16.93 29.15
N THR D 461 14.15 16.33 27.95
CA THR D 461 13.47 15.07 27.72
C THR D 461 14.43 13.89 27.63
N SER D 462 15.73 14.14 27.54
CA SER D 462 16.72 13.06 27.47
C SER D 462 18.06 13.63 27.89
N LYS D 463 18.97 12.74 28.28
CA LYS D 463 20.28 13.13 28.77
C LYS D 463 21.32 12.11 28.36
N ILE D 464 22.58 12.55 28.37
CA ILE D 464 23.69 11.66 28.07
C ILE D 464 23.83 10.62 29.17
N ASP D 465 24.00 9.36 28.77
CA ASP D 465 24.00 8.26 29.74
C ASP D 465 25.19 8.33 30.68
N THR D 466 26.37 8.63 30.17
CA THR D 466 27.58 8.56 30.98
C THR D 466 27.64 9.70 31.99
N SER D 467 28.22 9.41 33.15
CA SER D 467 28.37 10.40 34.21
C SER D 467 29.54 11.33 33.91
N TYR D 468 29.37 12.60 34.29
CA TYR D 468 30.38 13.62 34.08
C TYR D 468 31.18 13.78 35.38
N VAL D 469 32.43 13.32 35.36
CA VAL D 469 33.33 13.45 36.49
C VAL D 469 34.66 14.00 35.99
N ARG D 470 35.32 14.78 36.84
CA ARG D 470 36.61 15.37 36.47
C ARG D 470 37.67 14.27 36.39
N GLN D 471 38.37 14.22 35.26
CA GLN D 471 39.39 13.22 35.01
C GLN D 471 40.75 13.90 34.87
N ASP D 472 41.76 13.34 35.54
CA ASP D 472 43.12 13.86 35.48
C ASP D 472 44.11 12.95 34.78
N ILE D 473 43.92 11.63 34.88
CA ILE D 473 44.79 10.66 34.22
C ILE D 473 43.94 9.79 33.30
N VAL D 474 44.50 9.45 32.15
CA VAL D 474 43.80 8.61 31.17
C VAL D 474 43.61 7.22 31.75
N PRO D 475 42.38 6.71 31.83
CA PRO D 475 42.19 5.36 32.36
C PRO D 475 42.84 4.32 31.47
N GLU D 476 43.35 3.27 32.11
CA GLU D 476 44.01 2.17 31.40
C GLU D 476 43.38 0.86 31.86
N ILE D 477 42.85 0.09 30.91
CA ILE D 477 42.32 -1.23 31.18
C ILE D 477 43.14 -2.25 30.39
N ASN D 478 43.72 -3.21 31.11
CA ASN D 478 44.62 -4.21 30.52
C ASN D 478 45.74 -3.55 29.72
N GLY D 479 46.22 -2.41 30.22
CA GLY D 479 47.26 -1.68 29.52
C GLY D 479 46.84 -1.14 28.17
N TRP D 480 45.58 -0.73 28.03
CA TRP D 480 45.06 -0.15 26.79
C TRP D 480 44.66 1.28 27.06
N ASN D 481 45.18 2.21 26.25
CA ASN D 481 44.93 3.63 26.41
C ASN D 481 43.96 4.09 25.33
N ILE D 482 42.89 4.77 25.76
CA ILE D 482 41.87 5.22 24.81
C ILE D 482 42.43 6.28 23.87
N ASP D 483 43.23 7.21 24.40
CA ASP D 483 43.84 8.23 23.55
C ASP D 483 44.82 7.60 22.55
N ARG D 484 45.59 6.62 23.00
CA ARG D 484 46.47 5.90 22.07
C ARG D 484 45.66 5.11 21.05
N TRP D 485 44.50 4.60 21.45
CA TRP D 485 43.61 3.94 20.48
C TRP D 485 43.13 4.92 19.43
N ILE D 486 42.77 6.13 19.84
CA ILE D 486 42.36 7.16 18.89
C ILE D 486 43.50 7.50 17.94
N GLU D 487 44.72 7.62 18.49
CA GLU D 487 45.88 7.90 17.66
C GLU D 487 46.12 6.77 16.65
N GLU D 488 45.96 5.53 17.08
CA GLU D 488 46.10 4.39 16.17
C GLU D 488 45.04 4.41 15.08
N ILE D 489 43.82 4.79 15.44
CA ILE D 489 42.74 4.88 14.45
C ILE D 489 43.07 5.89 13.37
N ALA D 490 43.62 7.03 13.77
CA ALA D 490 43.90 8.13 12.85
C ALA D 490 45.30 8.09 12.28
N CYS D 491 46.02 6.96 12.43
CA CYS D 491 47.40 6.82 11.94
C CYS D 491 48.31 7.90 12.53
N ASN D 492 48.12 8.19 13.81
CA ASN D 492 48.95 9.16 14.53
C ASN D 492 48.94 10.53 13.85
N ASP D 493 47.77 10.96 13.39
CA ASP D 493 47.60 12.27 12.77
C ASP D 493 46.91 13.19 13.77
N ASN D 494 47.60 14.27 14.15
CA ASN D 494 47.07 15.18 15.15
C ASN D 494 45.78 15.86 14.67
N GLN D 495 45.76 16.26 13.40
CA GLN D 495 44.57 16.92 12.86
C GLN D 495 43.37 15.98 12.88
N VAL D 496 43.59 14.71 12.54
CA VAL D 496 42.47 13.77 12.48
C VAL D 496 41.94 13.44 13.86
N VAL D 497 42.83 13.29 14.86
CA VAL D 497 42.35 13.03 16.22
C VAL D 497 41.64 14.26 16.78
N LYS D 498 42.13 15.46 16.46
CA LYS D 498 41.42 16.67 16.86
C LYS D 498 40.04 16.72 16.22
N LEU D 499 39.95 16.35 14.95
CA LEU D 499 38.66 16.30 14.26
C LEU D 499 37.74 15.28 14.91
N LEU D 500 38.27 14.12 15.30
CA LEU D 500 37.46 13.10 15.95
C LEU D 500 36.91 13.59 17.29
N TRP D 501 37.75 14.26 18.08
CA TRP D 501 37.28 14.82 19.34
C TRP D 501 36.20 15.88 19.09
N GLN D 502 36.39 16.71 18.07
CA GLN D 502 35.37 17.70 17.72
C GLN D 502 34.08 17.03 17.30
N VAL D 503 34.18 15.90 16.58
CA VAL D 503 33.00 15.17 16.15
C VAL D 503 32.24 14.62 17.36
N ILE D 504 32.97 14.08 18.34
CA ILE D 504 32.31 13.61 19.55
C ILE D 504 31.63 14.77 20.27
N ASN D 505 32.32 15.91 20.37
CA ASN D 505 31.74 17.08 21.04
C ASN D 505 30.45 17.53 20.34
N ASP D 506 30.47 17.57 19.01
CA ASP D 506 29.27 17.95 18.26
C ASP D 506 28.17 16.91 18.44
N SER D 507 28.54 15.62 18.48
CA SER D 507 27.55 14.57 18.62
C SER D 507 26.81 14.66 19.94
N MET D 508 27.52 15.00 21.03
CA MET D 508 26.86 15.09 22.31
C MET D 508 25.80 16.19 22.31
N ASN D 509 26.11 17.33 21.71
CA ASN D 509 25.17 18.45 21.68
C ASN D 509 24.10 18.22 20.62
N GLY D 510 22.84 18.29 21.04
CA GLY D 510 21.71 18.05 20.16
C GLY D 510 21.00 19.28 19.65
N ASN D 511 21.44 20.48 20.05
CA ASN D 511 20.79 21.71 19.63
C ASN D 511 21.63 22.55 18.67
N TYR D 512 22.92 22.24 18.52
CA TYR D 512 23.80 22.95 17.59
C TYR D 512 24.29 21.94 16.55
N THR D 513 24.08 22.26 15.28
CA THR D 513 24.34 21.29 14.21
C THR D 513 25.66 21.53 13.50
N ARG D 514 26.16 22.76 13.48
CA ARG D 514 27.41 23.18 12.85
C ARG D 514 27.38 23.04 11.32
N LYS D 515 26.27 22.59 10.74
CA LYS D 515 26.07 22.61 9.28
C LYS D 515 27.13 21.81 8.54
N LYS D 516 27.51 20.65 9.10
CA LYS D 516 28.46 19.76 8.44
C LYS D 516 28.01 18.32 8.60
N ALA D 517 28.35 17.50 7.61
CA ALA D 517 28.04 16.07 7.61
C ALA D 517 29.34 15.29 7.70
N ILE D 518 29.35 14.24 8.52
CA ILE D 518 30.54 13.44 8.77
C ILE D 518 30.31 12.05 8.19
N PHE D 519 31.21 11.62 7.31
CA PHE D 519 31.17 10.29 6.73
C PHE D 519 32.43 9.54 7.11
N PHE D 520 32.28 8.30 7.56
CA PHE D 520 33.41 7.43 7.85
C PHE D 520 33.64 6.52 6.65
N VAL D 521 34.85 6.57 6.08
CA VAL D 521 35.19 5.78 4.91
C VAL D 521 36.31 4.83 5.33
N GLY D 522 36.07 3.54 5.16
CA GLY D 522 37.06 2.52 5.47
C GLY D 522 36.95 1.32 4.55
N ASP D 523 38.09 0.90 3.98
CA ASP D 523 38.07 -0.24 3.07
C ASP D 523 37.74 -1.53 3.80
N GLY D 524 38.31 -1.74 4.97
CA GLY D 524 38.08 -2.97 5.71
C GLY D 524 37.85 -2.76 7.19
N ASN D 525 38.62 -3.47 8.02
CA ASN D 525 38.52 -3.34 9.48
C ASN D 525 39.30 -2.11 9.95
N ASN D 526 38.73 -0.95 9.63
CA ASN D 526 39.34 0.33 9.97
C ASN D 526 38.90 0.84 11.34
N GLY D 527 38.03 0.13 12.04
CA GLY D 527 37.57 0.55 13.34
C GLY D 527 36.42 1.54 13.34
N LYS D 528 35.78 1.76 12.19
CA LYS D 528 34.64 2.67 12.14
C LYS D 528 33.50 2.17 13.02
N GLY D 529 33.23 0.87 12.99
CA GLY D 529 32.21 0.32 13.85
C GLY D 529 32.54 0.47 15.32
N THR D 530 33.82 0.31 15.66
CA THR D 530 34.24 0.51 17.05
C THR D 530 34.01 1.94 17.49
N PHE D 531 34.32 2.91 16.63
CA PHE D 531 34.07 4.32 16.97
C PHE D 531 32.59 4.59 17.10
N GLN D 532 31.78 4.01 16.22
CA GLN D 532 30.33 4.19 16.32
C GLN D 532 29.79 3.60 17.62
N GLU D 533 30.29 2.43 18.02
CA GLU D 533 29.87 1.85 19.29
C GLU D 533 30.35 2.68 20.47
N LEU D 534 31.55 3.26 20.38
CA LEU D 534 32.03 4.14 21.43
C LEU D 534 31.11 5.35 21.58
N LEU D 535 30.70 5.94 20.45
CA LEU D 535 29.76 7.06 20.49
C LEU D 535 28.42 6.62 21.08
N SER D 536 27.92 5.46 20.66
CA SER D 536 26.65 4.96 21.17
C SER D 536 26.72 4.57 22.64
N ASN D 537 27.92 4.36 23.18
CA ASN D 537 28.09 4.04 24.59
C ASN D 537 28.26 5.30 25.44
N VAL D 538 29.08 6.25 24.99
CA VAL D 538 29.27 7.49 25.75
C VAL D 538 27.96 8.27 25.77
N ILE D 539 27.28 8.34 24.62
CA ILE D 539 25.93 8.90 24.59
C ILE D 539 24.93 7.81 24.94
N GLY D 540 23.72 8.22 25.33
CA GLY D 540 22.68 7.26 25.61
C GLY D 540 22.35 6.43 24.39
N TYR D 541 22.06 5.14 24.62
CA TYR D 541 21.71 4.25 23.52
C TYR D 541 20.42 4.71 22.84
N SER D 542 19.44 5.14 23.63
CA SER D 542 18.20 5.66 23.06
C SER D 542 18.41 7.02 22.41
N ASN D 543 19.46 7.75 22.81
CA ASN D 543 19.69 9.09 22.29
C ASN D 543 20.21 9.10 20.85
N ILE D 544 20.58 7.96 20.30
CA ILE D 544 21.13 7.89 18.96
C ILE D 544 20.09 7.30 18.01
N ALA D 545 20.10 7.76 16.77
CA ALA D 545 19.23 7.26 15.73
C ALA D 545 20.03 6.43 14.74
N SER D 546 19.35 5.48 14.09
CA SER D 546 19.97 4.61 13.09
C SER D 546 19.29 4.88 11.75
N LEU D 547 20.00 5.54 10.84
CA LEU D 547 19.48 5.83 9.51
C LEU D 547 20.63 6.03 8.54
N LYS D 548 20.46 5.53 7.33
CA LYS D 548 21.44 5.64 6.26
C LYS D 548 21.11 6.84 5.38
N VAL D 549 22.10 7.24 4.56
CA VAL D 549 21.91 8.42 3.71
C VAL D 549 20.79 8.17 2.70
N ASN D 550 20.89 7.07 1.96
CA ASN D 550 19.90 6.77 0.93
C ASN D 550 18.51 6.53 1.51
N GLU D 551 18.41 6.32 2.82
CA GLU D 551 17.14 6.08 3.48
C GLU D 551 16.53 7.34 4.08
N PHE D 552 17.17 8.51 3.95
CA PHE D 552 16.55 9.73 4.49
C PHE D 552 15.25 10.06 3.77
N ASP D 553 15.21 9.91 2.45
CA ASP D 553 14.06 10.33 1.66
C ASP D 553 12.98 9.27 1.56
N GLU D 554 13.15 8.11 2.19
CA GLU D 554 12.09 7.12 2.23
C GLU D 554 11.04 7.52 3.28
N ARG D 555 9.83 6.97 3.12
CA ARG D 555 8.72 7.36 3.98
C ARG D 555 8.94 6.87 5.41
N PHE D 556 8.57 7.72 6.37
CA PHE D 556 8.58 7.46 7.81
C PHE D 556 9.98 7.25 8.37
N LYS D 557 11.04 7.39 7.56
CA LYS D 557 12.38 7.17 8.09
C LYS D 557 12.86 8.35 8.93
N LEU D 558 12.45 9.57 8.58
CA LEU D 558 12.79 10.71 9.41
C LEU D 558 12.07 10.69 10.75
N SER D 559 11.01 9.88 10.87
CA SER D 559 10.22 9.85 12.10
C SER D 559 11.05 9.42 13.31
N VAL D 560 12.08 8.61 13.09
CA VAL D 560 12.90 8.15 14.22
C VAL D 560 13.83 9.24 14.72
N LEU D 561 13.95 10.36 13.99
CA LEU D 561 14.86 11.44 14.36
C LEU D 561 14.22 12.46 15.29
N GLU D 562 13.15 12.11 16.00
CA GLU D 562 12.42 13.09 16.80
C GLU D 562 13.25 13.54 18.00
N GLY D 563 13.59 12.60 18.89
CA GLY D 563 14.29 12.95 20.11
C GLY D 563 15.69 12.39 20.18
N LYS D 564 16.43 12.45 19.07
CA LYS D 564 17.75 11.88 18.98
C LYS D 564 18.80 12.98 18.91
N THR D 565 19.86 12.84 19.71
CA THR D 565 20.92 13.84 19.71
C THR D 565 21.78 13.75 18.45
N ALA D 566 21.88 12.57 17.86
CA ALA D 566 22.65 12.40 16.63
C ALA D 566 22.13 11.19 15.88
N VAL D 567 22.42 11.14 14.59
CA VAL D 567 22.06 10.01 13.74
C VAL D 567 23.32 9.36 13.21
N ILE D 568 23.36 8.03 13.26
CA ILE D 568 24.51 7.24 12.84
C ILE D 568 24.03 6.13 11.91
N GLY D 569 24.57 6.11 10.69
CA GLY D 569 24.38 5.02 9.77
C GLY D 569 25.47 3.98 9.95
N ASP D 570 25.08 2.80 10.43
CA ASP D 570 26.05 1.76 10.74
C ASP D 570 26.80 1.32 9.50
N ASP D 571 26.10 1.18 8.37
CA ASP D 571 26.73 0.82 7.11
C ASP D 571 26.05 1.58 5.98
N VAL D 572 26.82 1.84 4.92
CA VAL D 572 26.33 2.51 3.73
C VAL D 572 26.80 1.69 2.53
N PRO D 573 25.94 1.39 1.57
CA PRO D 573 26.38 0.62 0.39
C PRO D 573 27.48 1.35 -0.36
N VAL D 574 28.42 0.58 -0.89
CA VAL D 574 29.57 1.15 -1.57
C VAL D 574 29.11 1.84 -2.85
N GLY D 575 29.36 3.15 -2.94
CA GLY D 575 28.99 3.90 -4.12
C GLY D 575 27.51 3.93 -4.40
N VAL D 576 26.68 3.95 -3.35
CA VAL D 576 25.24 4.01 -3.54
C VAL D 576 24.85 5.36 -4.12
N TYR D 577 23.96 5.33 -5.12
CA TYR D 577 23.55 6.54 -5.82
C TYR D 577 22.45 7.23 -5.02
N VAL D 578 22.76 8.39 -4.44
CA VAL D 578 21.78 9.17 -3.71
C VAL D 578 20.99 10.00 -4.71
N ASP D 579 19.90 9.43 -5.24
CA ASP D 579 19.15 10.10 -6.29
C ASP D 579 18.58 11.43 -5.83
N ASP D 580 18.08 11.50 -4.59
CA ASP D 580 17.65 12.77 -4.01
C ASP D 580 18.32 12.91 -2.65
N SER D 581 18.86 14.11 -2.38
CA SER D 581 19.49 14.39 -1.09
C SER D 581 18.91 15.65 -0.43
N SER D 582 17.68 16.02 -0.77
CA SER D 582 17.10 17.26 -0.24
C SER D 582 16.94 17.18 1.27
N ASN D 583 16.31 16.12 1.77
CA ASN D 583 16.09 15.99 3.20
C ASN D 583 17.41 15.83 3.95
N PHE D 584 18.34 15.06 3.38
CA PHE D 584 19.64 14.89 4.02
C PHE D 584 20.37 16.22 4.14
N LYS D 585 20.39 17.00 3.05
CA LYS D 585 21.06 18.30 3.10
C LYS D 585 20.37 19.25 4.06
N SER D 586 19.03 19.20 4.11
CA SER D 586 18.30 20.05 5.05
C SER D 586 18.63 19.69 6.48
N VAL D 587 18.70 18.40 6.79
CA VAL D 587 19.04 17.98 8.15
C VAL D 587 20.47 18.37 8.49
N VAL D 588 21.39 18.21 7.54
CA VAL D 588 22.78 18.60 7.78
C VAL D 588 22.88 20.09 8.06
N THR D 589 22.19 20.91 7.26
CA THR D 589 22.18 22.35 7.48
C THR D 589 21.33 22.72 8.68
N GLY D 590 20.29 21.94 8.97
CA GLY D 590 19.39 22.23 10.05
C GLY D 590 18.12 22.95 9.66
N ASP D 591 17.83 23.06 8.36
CA ASP D 591 16.61 23.71 7.93
C ASP D 591 15.40 22.87 8.33
N PRO D 592 14.24 23.49 8.55
CA PRO D 592 13.04 22.71 8.85
C PRO D 592 12.68 21.77 7.71
N VAL D 593 12.18 20.58 8.07
CA VAL D 593 11.86 19.54 7.12
C VAL D 593 10.49 18.96 7.46
N LEU D 594 9.84 18.38 6.45
CA LEU D 594 8.55 17.73 6.61
C LEU D 594 8.75 16.30 7.08
N VAL D 595 8.15 15.95 8.21
CA VAL D 595 8.27 14.61 8.78
C VAL D 595 6.88 14.09 9.10
N GLU D 596 6.67 12.79 8.89
CA GLU D 596 5.39 12.14 9.17
C GLU D 596 5.64 10.83 9.88
N PHE D 597 4.97 10.63 11.01
CA PHE D 597 4.93 9.32 11.63
C PHE D 597 3.97 8.42 10.85
N LYS D 598 4.17 7.11 10.96
CA LYS D 598 3.30 6.19 10.24
C LYS D 598 1.87 6.30 10.75
N ASN D 599 0.93 6.44 9.81
CA ASN D 599 -0.49 6.65 10.12
C ASN D 599 -0.68 7.85 11.06
N LYS D 600 0.07 8.91 10.81
CA LYS D 600 -0.01 10.13 11.58
C LYS D 600 0.08 11.32 10.63
N PRO D 601 -0.49 12.47 11.00
CA PRO D 601 -0.44 13.63 10.11
C PRO D 601 0.99 14.14 9.91
N LEU D 602 1.25 14.63 8.70
CA LEU D 602 2.54 15.25 8.41
C LEU D 602 2.67 16.57 9.16
N TYR D 603 3.89 16.88 9.60
CA TYR D 603 4.15 18.14 10.28
C TYR D 603 5.58 18.58 9.95
N ARG D 604 5.96 19.73 10.51
CA ARG D 604 7.21 20.39 10.20
C ARG D 604 8.08 20.42 11.45
N ALA D 605 9.34 20.02 11.30
CA ALA D 605 10.23 19.96 12.46
C ALA D 605 11.65 20.29 12.05
N THR D 606 12.43 20.79 13.00
CA THR D 606 13.82 21.15 12.79
C THR D 606 14.71 20.24 13.60
N PHE D 607 15.67 19.60 12.94
CA PHE D 607 16.60 18.67 13.58
C PHE D 607 17.99 19.28 13.57
N LYS D 608 18.59 19.38 14.75
CA LYS D 608 19.96 19.87 14.89
C LYS D 608 20.94 18.74 15.16
N CYS D 609 20.50 17.49 15.08
CA CYS D 609 21.37 16.35 15.30
C CYS D 609 22.41 16.25 14.19
N THR D 610 23.60 15.79 14.56
CA THR D 610 24.68 15.63 13.60
C THR D 610 24.61 14.25 12.94
N VAL D 611 25.15 14.18 11.72
CA VAL D 611 25.06 13.00 10.88
C VAL D 611 26.43 12.33 10.84
N ILE D 612 26.47 11.06 11.25
CA ILE D 612 27.65 10.22 11.15
C ILE D 612 27.26 9.01 10.31
N GLN D 613 28.09 8.65 9.34
CA GLN D 613 27.80 7.50 8.50
C GLN D 613 29.08 6.71 8.24
N SER D 614 28.97 5.38 8.27
CA SER D 614 30.08 4.50 7.97
C SER D 614 29.86 3.89 6.59
N THR D 615 30.84 4.08 5.70
CA THR D 615 30.76 3.57 4.34
C THR D 615 32.10 2.96 3.95
N ASN D 616 32.05 1.94 3.11
CA ASN D 616 33.26 1.35 2.53
C ASN D 616 33.51 1.96 1.15
N GLY D 617 33.62 3.28 1.16
CA GLY D 617 33.76 4.03 -0.07
C GLY D 617 32.74 5.14 -0.18
N MET D 618 33.16 6.28 -0.72
CA MET D 618 32.29 7.45 -0.77
C MET D 618 31.11 7.20 -1.70
N PRO D 619 29.88 7.46 -1.27
CA PRO D 619 28.73 7.30 -2.16
C PRO D 619 28.69 8.38 -3.24
N LYS D 620 27.82 8.15 -4.22
CA LYS D 620 27.64 9.07 -5.34
C LYS D 620 26.40 9.91 -5.14
N PHE D 621 26.52 11.22 -5.36
CA PHE D 621 25.42 12.16 -5.19
C PHE D 621 25.04 12.74 -6.55
N LYS D 622 23.73 12.76 -6.82
CA LYS D 622 23.23 13.25 -8.09
C LYS D 622 23.27 14.77 -8.20
N ASP D 623 23.44 15.47 -7.07
CA ASP D 623 23.35 16.93 -7.08
C ASP D 623 24.47 17.56 -7.91
N LYS D 624 25.71 17.15 -7.65
CA LYS D 624 26.90 17.74 -8.28
C LYS D 624 26.94 19.26 -8.12
N THR D 625 26.50 19.75 -6.97
CA THR D 625 26.40 21.16 -6.69
C THR D 625 27.30 21.54 -5.51
N GLY D 626 27.44 22.85 -5.29
CA GLY D 626 28.30 23.32 -4.23
C GLY D 626 27.75 23.07 -2.84
N GLY D 627 26.43 22.97 -2.70
CA GLY D 627 25.85 22.74 -1.39
C GLY D 627 26.24 21.38 -0.81
N THR D 628 26.15 20.33 -1.63
CA THR D 628 26.54 19.01 -1.18
C THR D 628 28.02 18.96 -0.83
N LEU D 629 28.86 19.60 -1.64
CA LEU D 629 30.30 19.63 -1.37
C LEU D 629 30.59 20.35 -0.06
N ARG D 630 29.91 21.48 0.19
CA ARG D 630 30.20 22.26 1.39
C ARG D 630 29.64 21.58 2.64
N ARG D 631 28.57 20.79 2.49
CA ARG D 631 27.97 20.16 3.65
C ARG D 631 28.73 18.90 4.08
N LEU D 632 29.60 18.38 3.23
CA LEU D 632 30.22 17.09 3.49
C LEU D 632 31.60 17.25 4.10
N LEU D 633 31.89 16.43 5.11
CA LEU D 633 33.22 16.30 5.68
C LEU D 633 33.54 14.83 5.86
N ILE D 634 34.80 14.46 5.63
CA ILE D 634 35.21 13.07 5.52
C ILE D 634 36.30 12.79 6.54
N VAL D 635 36.31 11.58 7.07
CA VAL D 635 37.33 11.09 8.00
C VAL D 635 38.11 9.99 7.30
N PRO D 636 39.45 10.04 7.28
CA PRO D 636 40.21 9.09 6.45
C PRO D 636 40.06 7.63 6.87
N PHE D 637 40.31 7.31 8.14
CA PHE D 637 40.36 5.92 8.61
C PHE D 637 41.33 5.09 7.78
N ASN D 638 42.54 5.62 7.58
CA ASN D 638 43.55 4.91 6.78
C ASN D 638 43.96 3.62 7.45
N ALA D 639 44.10 3.62 8.77
CA ALA D 639 44.54 2.42 9.48
C ALA D 639 43.51 1.31 9.36
N ASN D 640 44.00 0.08 9.25
CA ASN D 640 43.16 -1.10 9.16
C ASN D 640 43.63 -2.16 10.16
N PHE D 641 42.68 -2.90 10.71
CA PHE D 641 42.97 -3.95 11.68
C PHE D 641 42.91 -5.34 11.09
N ASN D 642 42.88 -5.46 9.75
CA ASN D 642 42.95 -6.77 9.12
C ASN D 642 44.33 -7.40 9.33
N GLY D 643 45.39 -6.60 9.22
CA GLY D 643 46.74 -7.10 9.40
C GLY D 643 47.09 -7.31 10.86
N ILE D 644 47.07 -6.23 11.65
CA ILE D 644 47.26 -6.36 13.08
C ILE D 644 46.16 -7.22 13.67
N LYS D 645 46.52 -8.08 14.63
CA LYS D 645 45.56 -9.01 15.18
C LYS D 645 44.38 -8.27 15.80
N GLU D 646 43.17 -8.69 15.44
CA GLU D 646 41.97 -8.02 15.93
C GLU D 646 41.77 -8.28 17.42
N ASN D 647 41.48 -7.20 18.15
CA ASN D 647 41.21 -7.28 19.58
C ASN D 647 39.70 -7.18 19.77
N PHE D 648 39.03 -8.33 19.90
CA PHE D 648 37.59 -8.32 20.11
C PHE D 648 37.23 -7.65 21.43
N LYS D 649 38.17 -7.61 22.38
CA LYS D 649 37.92 -6.94 23.65
C LYS D 649 37.68 -5.45 23.45
N ILE D 650 38.28 -4.86 22.41
CA ILE D 650 38.05 -3.45 22.10
C ILE D 650 36.58 -3.21 21.80
N LYS D 651 36.02 -4.01 20.89
CA LYS D 651 34.65 -3.79 20.46
C LYS D 651 33.65 -4.25 21.51
N GLU D 652 33.96 -5.32 22.23
CA GLU D 652 32.98 -5.93 23.13
C GLU D 652 33.06 -5.42 24.56
N ASP D 653 34.26 -5.21 25.10
CA ASP D 653 34.41 -4.92 26.52
C ASP D 653 35.06 -3.57 26.80
N TYR D 654 36.17 -3.26 26.13
CA TYR D 654 36.99 -2.13 26.55
C TYR D 654 36.26 -0.80 26.37
N ILE D 655 35.56 -0.63 25.25
CA ILE D 655 34.81 0.61 25.03
C ILE D 655 33.58 0.70 25.90
N LYS D 656 33.17 -0.39 26.54
CA LYS D 656 32.05 -0.38 27.46
C LYS D 656 32.48 -0.10 28.90
N ASN D 657 33.78 0.08 29.14
CA ASN D 657 34.25 0.41 30.48
C ASN D 657 33.73 1.78 30.91
N GLN D 658 33.24 1.86 32.15
CA GLN D 658 32.66 3.11 32.63
C GLN D 658 33.70 4.22 32.73
N GLN D 659 34.90 3.89 33.21
CA GLN D 659 35.93 4.92 33.37
C GLN D 659 36.37 5.49 32.03
N VAL D 660 36.54 4.63 31.02
CA VAL D 660 36.93 5.10 29.69
C VAL D 660 35.87 6.01 29.11
N LEU D 661 34.60 5.60 29.24
CA LEU D 661 33.51 6.42 28.74
C LEU D 661 33.45 7.77 29.45
N GLU D 662 33.63 7.77 30.77
CA GLU D 662 33.62 9.02 31.52
C GLU D 662 34.75 9.94 31.09
N TYR D 663 35.95 9.37 30.89
CA TYR D 663 37.07 10.19 30.44
C TYR D 663 36.80 10.77 29.06
N VAL D 664 36.25 9.96 28.15
CA VAL D 664 35.95 10.44 26.81
C VAL D 664 34.93 11.57 26.87
N LEU D 665 33.88 11.39 27.68
CA LEU D 665 32.87 12.42 27.83
C LEU D 665 33.47 13.71 28.37
N TYR D 666 34.30 13.60 29.41
CA TYR D 666 34.91 14.78 30.01
C TYR D 666 35.79 15.51 29.01
N LYS D 667 36.69 14.80 28.35
CA LYS D 667 37.61 15.43 27.42
C LYS D 667 36.87 16.05 26.25
N ALA D 668 35.87 15.37 25.72
CA ALA D 668 35.17 15.87 24.54
C ALA D 668 34.28 17.06 24.88
N ILE D 669 33.58 17.02 26.02
CA ILE D 669 32.69 18.11 26.36
C ILE D 669 33.49 19.32 26.84
N ASN D 670 34.68 19.13 27.40
CA ASN D 670 35.51 20.27 27.75
C ASN D 670 36.14 20.92 26.53
N LEU D 671 36.26 20.18 25.43
CA LEU D 671 36.80 20.76 24.20
C LEU D 671 35.87 21.85 23.70
N ASP D 672 36.45 22.99 23.33
CA ASP D 672 35.70 24.14 22.83
C ASP D 672 36.20 24.51 21.45
N PHE D 673 35.28 24.58 20.50
CA PHE D 673 35.62 24.95 19.13
C PHE D 673 34.37 25.51 18.45
N GLU D 674 34.59 26.35 17.44
CA GLU D 674 33.49 26.98 16.73
C GLU D 674 33.15 26.25 15.43
N THR D 675 34.15 26.02 14.58
CA THR D 675 33.95 25.38 13.29
C THR D 675 34.81 24.12 13.23
N PHE D 676 34.30 23.09 12.55
CA PHE D 676 35.02 21.84 12.39
C PHE D 676 36.38 22.08 11.75
N ASP D 677 37.44 21.77 12.48
CA ASP D 677 38.79 21.93 11.98
C ASP D 677 39.05 20.84 10.94
N ILE D 678 39.02 21.23 9.67
CA ILE D 678 39.14 20.28 8.56
C ILE D 678 40.60 19.85 8.42
N PRO D 679 40.89 18.55 8.50
CA PRO D 679 42.26 18.08 8.26
C PRO D 679 42.62 18.16 6.78
N ASP D 680 43.92 18.21 6.52
CA ASP D 680 44.40 18.26 5.15
C ASP D 680 44.09 16.96 4.41
N ALA D 681 44.08 15.83 5.11
CA ALA D 681 43.73 14.56 4.48
C ALA D 681 42.29 14.57 3.98
N SER D 682 41.37 15.11 4.79
CA SER D 682 39.98 15.24 4.36
C SER D 682 39.87 16.18 3.15
N LYS D 683 40.64 17.27 3.16
CA LYS D 683 40.61 18.19 2.03
C LYS D 683 41.04 17.49 0.75
N LYS D 684 42.10 16.71 0.80
CA LYS D 684 42.54 15.97 -0.38
C LYS D 684 41.51 14.93 -0.81
N MET D 685 40.98 14.17 0.16
CA MET D 685 39.96 13.18 -0.19
C MET D 685 38.64 13.84 -0.57
N LEU D 686 38.35 15.00 0.00
CA LEU D 686 37.18 15.76 -0.46
C LEU D 686 37.34 16.20 -1.90
N GLU D 687 38.55 16.64 -2.26
CA GLU D 687 38.82 17.00 -3.66
C GLU D 687 38.71 15.78 -4.57
N VAL D 688 39.17 14.62 -4.09
CA VAL D 688 39.04 13.39 -4.87
C VAL D 688 37.57 13.05 -5.10
N PHE D 689 36.75 13.18 -4.05
CA PHE D 689 35.32 12.94 -4.21
C PHE D 689 34.69 13.94 -5.16
N LYS D 690 35.12 15.20 -5.11
CA LYS D 690 34.60 16.21 -6.03
C LYS D 690 34.95 15.85 -7.47
N GLU D 691 36.17 15.37 -7.70
CA GLU D 691 36.56 14.92 -9.03
C GLU D 691 35.70 13.75 -9.48
N ASP D 692 35.48 12.79 -8.59
CA ASP D 692 34.69 11.61 -8.95
C ASP D 692 33.25 11.98 -9.28
N ASN D 693 32.64 12.85 -8.48
CA ASN D 693 31.24 13.19 -8.67
C ASN D 693 31.03 14.02 -9.93
N ASP D 694 31.88 15.01 -10.17
CA ASP D 694 31.75 15.87 -11.33
C ASP D 694 32.85 15.53 -12.34
N PRO D 695 32.52 14.88 -13.46
CA PRO D 695 33.56 14.61 -14.47
C PRO D 695 34.20 15.86 -15.02
N VAL D 696 33.46 16.98 -15.05
CA VAL D 696 34.01 18.23 -15.58
C VAL D 696 35.16 18.71 -14.72
N TYR D 697 35.01 18.67 -13.40
CA TYR D 697 36.08 19.13 -12.52
C TYR D 697 37.29 18.22 -12.61
N GLY D 698 37.07 16.92 -12.75
CA GLY D 698 38.18 16.00 -12.98
C GLY D 698 38.90 16.30 -14.28
N PHE D 699 38.15 16.62 -15.34
CA PHE D 699 38.75 17.06 -16.59
C PHE D 699 39.61 18.29 -16.37
N LYS D 700 39.09 19.26 -15.63
CA LYS D 700 39.84 20.49 -15.38
C LYS D 700 41.13 20.19 -14.62
N VAL D 701 41.05 19.28 -13.65
CA VAL D 701 42.24 18.92 -12.86
C VAL D 701 43.27 18.22 -13.73
N ASN D 702 42.84 17.27 -14.56
CA ASN D 702 43.74 16.45 -15.36
C ASN D 702 44.08 17.08 -16.71
N MET D 703 43.63 18.31 -16.97
CA MET D 703 43.96 18.97 -18.23
C MET D 703 45.46 19.06 -18.43
N PHE D 704 46.15 19.82 -17.57
CA PHE D 704 47.61 19.98 -17.65
C PHE D 704 48.05 20.43 -19.03
N ASP D 705 47.30 21.37 -19.62
CA ASP D 705 47.56 21.85 -20.96
C ASP D 705 47.91 23.33 -20.93
N GLN D 706 48.70 23.75 -21.91
CA GLN D 706 49.12 25.15 -22.01
C GLN D 706 47.95 26.05 -22.36
N ARG D 710 44.45 29.44 -27.81
CA ARG D 710 44.39 28.09 -27.27
C ARG D 710 42.98 27.72 -26.84
N LYS D 711 42.23 28.72 -26.36
CA LYS D 711 40.86 28.50 -25.91
C LYS D 711 39.86 28.50 -27.05
N VAL D 712 40.26 28.98 -28.23
CA VAL D 712 39.33 29.05 -29.36
C VAL D 712 38.84 27.68 -29.84
N PRO D 713 39.69 26.66 -30.09
CA PRO D 713 39.18 25.39 -30.64
C PRO D 713 38.46 24.58 -29.58
N LYS D 714 37.13 24.53 -29.68
CA LYS D 714 36.33 23.82 -28.69
C LYS D 714 36.54 22.32 -28.77
N TYR D 715 36.75 21.79 -29.99
CA TYR D 715 36.95 20.36 -30.16
C TYR D 715 38.21 19.89 -29.44
N ILE D 716 39.30 20.66 -29.55
CA ILE D 716 40.48 20.38 -28.74
C ILE D 716 40.16 20.59 -27.26
N VAL D 717 39.26 21.52 -26.95
CA VAL D 717 38.92 21.80 -25.57
C VAL D 717 38.30 20.58 -24.90
N TYR D 718 37.46 19.83 -25.63
CA TYR D 718 36.83 18.69 -24.95
C TYR D 718 37.52 17.36 -25.27
N ALA D 719 37.64 17.01 -26.55
CA ALA D 719 38.14 15.68 -26.94
C ALA D 719 37.32 14.58 -26.24
N PHE D 720 36.01 14.65 -26.44
CA PHE D 720 35.04 13.74 -25.81
C PHE D 720 35.12 13.85 -24.29
N TYR D 721 35.43 15.06 -23.80
CA TYR D 721 35.80 15.30 -22.41
C TYR D 721 36.82 14.28 -21.94
N LYS D 722 37.99 14.26 -22.59
CA LYS D 722 39.02 13.23 -22.36
C LYS D 722 38.42 11.82 -22.44
N GLU D 723 37.69 11.58 -23.53
CA GLU D 723 37.05 10.29 -23.83
C GLU D 723 36.42 9.69 -22.58
N TYR D 724 35.40 10.40 -22.05
CA TYR D 724 34.75 10.06 -20.77
C TYR D 724 35.66 10.26 -19.58
N CYS D 725 36.70 11.09 -19.70
CA CYS D 725 37.72 11.29 -18.66
C CYS D 725 38.41 9.98 -18.32
N ASP D 726 38.38 9.04 -19.26
CA ASP D 726 38.80 7.66 -19.00
C ASP D 726 38.16 7.13 -17.71
N GLU D 727 36.86 7.40 -17.54
CA GLU D 727 36.14 6.99 -16.34
C GLU D 727 34.74 6.45 -16.65
N ASN D 728 34.43 6.20 -17.92
CA ASN D 728 33.12 5.70 -18.37
C ASN D 728 31.96 6.42 -17.67
N GLY D 729 31.92 7.74 -17.85
CA GLY D 729 30.81 8.54 -17.38
C GLY D 729 30.15 9.29 -18.52
N TYR D 730 28.84 9.12 -18.69
CA TYR D 730 28.14 9.77 -19.79
C TYR D 730 28.25 11.29 -19.66
N ASN D 731 28.56 11.95 -20.77
CA ASN D 731 28.81 13.39 -20.77
C ASN D 731 28.09 14.03 -21.95
N ALA D 732 27.60 15.26 -21.73
CA ALA D 732 26.95 16.03 -22.78
C ALA D 732 27.99 16.88 -23.49
N LEU D 733 27.53 17.70 -24.45
CA LEU D 733 28.41 18.56 -25.22
C LEU D 733 27.78 19.94 -25.38
N SER D 734 28.62 20.97 -25.23
CA SER D 734 28.28 22.38 -25.48
C SER D 734 27.35 22.94 -24.40
N SER D 735 26.89 22.09 -23.49
CA SER D 735 26.22 22.54 -22.28
C SER D 735 27.04 22.25 -21.03
N ASN D 736 27.65 21.08 -20.95
CA ASN D 736 28.69 20.86 -19.96
C ASN D 736 29.90 21.75 -20.24
N LYS D 737 30.02 22.30 -21.45
CA LYS D 737 30.97 23.39 -21.68
C LYS D 737 30.59 24.61 -20.87
N PHE D 738 29.30 24.95 -20.83
CA PHE D 738 28.83 26.00 -19.94
C PHE D 738 29.11 25.65 -18.49
N TYR D 739 28.92 24.38 -18.13
CA TYR D 739 29.24 23.94 -16.78
C TYR D 739 30.73 24.15 -16.47
N LYS D 740 31.60 23.82 -17.43
CA LYS D 740 33.03 23.99 -17.23
C LYS D 740 33.41 25.45 -17.06
N GLN D 741 32.91 26.31 -17.95
CA GLN D 741 33.24 27.74 -17.82
C GLN D 741 32.62 28.35 -16.56
N PHE D 742 31.54 27.76 -16.05
CA PHE D 742 31.09 28.10 -14.71
C PHE D 742 32.10 27.67 -13.65
N GLU D 743 32.65 26.46 -13.81
CA GLU D 743 33.68 25.99 -12.88
C GLU D 743 34.93 26.87 -12.94
N HIS D 744 35.34 27.26 -14.15
CA HIS D 744 36.50 28.11 -14.33
C HIS D 744 36.36 28.98 -15.58
N GLU D 747 39.61 32.50 -14.84
CA GLU D 747 40.61 33.53 -15.09
C GLU D 747 40.72 33.82 -16.59
N ASN D 748 41.10 32.81 -17.36
CA ASN D 748 41.22 32.97 -18.80
C ASN D 748 39.85 33.14 -19.44
N TYR D 749 38.83 32.47 -18.89
CA TYR D 749 37.45 32.52 -19.39
C TYR D 749 37.45 32.02 -20.83
N TRP D 750 36.73 32.66 -21.75
CA TRP D 750 36.60 32.19 -23.13
C TRP D 750 37.11 33.24 -24.10
N LYS D 751 37.88 32.80 -25.09
CA LYS D 751 38.37 33.64 -26.16
C LYS D 751 38.04 33.01 -27.50
N THR D 752 37.62 33.83 -28.45
CA THR D 752 37.20 33.37 -29.77
C THR D 752 38.17 33.92 -30.81
N ASP D 753 39.07 33.05 -31.29
CA ASP D 753 40.03 33.40 -32.33
C ASP D 753 39.77 32.52 -33.55
N ALA D 754 39.56 33.15 -34.70
CA ALA D 754 39.31 32.41 -35.93
C ALA D 754 40.54 31.60 -36.35
N GLN D 755 41.73 32.18 -36.22
CA GLN D 755 42.95 31.48 -36.63
C GLN D 755 43.20 30.26 -35.77
N ARG D 756 43.04 30.39 -34.45
CA ARG D 756 43.26 29.26 -33.56
C ARG D 756 42.19 28.19 -33.75
N ARG D 757 40.95 28.60 -33.96
CA ARG D 757 39.85 27.66 -34.15
C ARG D 757 39.60 27.40 -35.63
N GLU D 761 38.89 20.64 -37.19
CA GLU D 761 39.91 19.94 -37.94
C GLU D 761 39.82 18.43 -37.73
N GLU D 762 40.69 17.91 -36.87
CA GLU D 762 40.69 16.48 -36.58
C GLU D 762 39.42 16.10 -35.83
N LEU D 763 38.84 14.95 -36.20
CA LEU D 763 37.64 14.47 -35.54
C LEU D 763 37.90 14.17 -34.07
N ALA D 764 39.03 13.53 -33.77
CA ALA D 764 39.43 13.19 -32.41
C ALA D 764 38.35 12.39 -31.68
N ARG D 766 40.24 6.37 -28.35
CA ARG D 766 39.81 7.12 -29.51
C ARG D 766 40.97 7.91 -30.12
N ILE D 767 41.59 8.76 -29.31
CA ILE D 767 42.72 9.57 -29.73
C ILE D 767 43.80 9.49 -28.66
N TYR D 768 45.05 9.75 -29.08
CA TYR D 768 46.18 9.72 -28.17
C TYR D 768 46.94 11.04 -28.14
N ASN D 769 46.38 12.11 -28.73
CA ASN D 769 47.01 13.43 -28.71
C ASN D 769 46.71 14.09 -27.37
N PHE D 770 47.46 13.68 -26.35
CA PHE D 770 47.25 14.21 -25.01
C PHE D 770 47.54 15.70 -24.95
N ASN D 771 48.63 16.13 -25.56
CA ASN D 771 49.02 17.54 -25.57
C ASN D 771 49.49 17.91 -26.97
N ASP D 772 48.93 18.97 -27.52
CA ASP D 772 49.31 19.46 -28.85
C ASP D 772 50.43 20.49 -28.71
N ASN D 773 50.72 21.18 -29.81
CA ASN D 773 51.77 22.20 -29.82
C ASN D 773 51.37 23.40 -28.96
N VAL E 323 1.54 -24.47 41.18
CA VAL E 323 1.10 -23.21 41.79
C VAL E 323 -0.42 -23.13 41.77
N LYS E 324 -1.05 -24.02 41.00
CA LYS E 324 -2.51 -24.05 40.93
C LYS E 324 -3.11 -24.39 42.29
N GLN E 325 -2.52 -25.36 42.99
CA GLN E 325 -3.01 -25.73 44.32
C GLN E 325 -2.83 -24.57 45.29
N LEU E 326 -1.68 -23.91 45.24
CA LEU E 326 -1.40 -22.80 46.16
C LEU E 326 -2.39 -21.66 45.96
N LEU E 327 -2.65 -21.30 44.71
CA LEU E 327 -3.55 -20.18 44.44
C LEU E 327 -5.00 -20.55 44.73
N ASN E 328 -5.38 -21.80 44.48
CA ASN E 328 -6.74 -22.23 44.81
C ASN E 328 -6.98 -22.14 46.30
N GLN E 329 -6.00 -22.58 47.11
CA GLN E 329 -6.13 -22.47 48.56
C GLN E 329 -6.17 -21.01 49.00
N LEU E 330 -5.31 -20.17 48.40
CA LEU E 330 -5.29 -18.76 48.75
C LEU E 330 -6.59 -18.07 48.40
N GLY E 331 -7.17 -18.39 47.24
CA GLY E 331 -8.41 -17.76 46.83
C GLY E 331 -9.56 -18.12 47.75
N HIS E 332 -9.66 -19.39 48.14
CA HIS E 332 -10.71 -19.80 49.06
C HIS E 332 -10.53 -19.15 50.43
N GLU E 333 -9.29 -19.07 50.90
CA GLU E 333 -9.02 -18.45 52.19
C GLU E 333 -9.38 -16.97 52.18
N GLU E 334 -9.01 -16.26 51.11
CA GLU E 334 -9.34 -14.84 51.02
C GLU E 334 -10.84 -14.62 50.88
N ARG E 335 -11.52 -15.45 50.09
CA ARG E 335 -12.96 -15.34 49.95
C ARG E 335 -13.65 -15.61 51.28
N THR E 336 -13.16 -16.59 52.05
CA THR E 336 -13.72 -16.83 53.37
C THR E 336 -13.51 -15.64 54.29
N LYS E 337 -12.34 -15.02 54.24
CA LYS E 337 -12.07 -13.86 55.07
C LYS E 337 -12.99 -12.70 54.71
N MET E 338 -13.25 -12.49 53.42
CA MET E 338 -14.16 -11.43 53.01
C MET E 338 -15.57 -11.69 53.53
N GLU E 339 -16.02 -12.94 53.48
CA GLU E 339 -17.36 -13.27 53.97
C GLU E 339 -17.46 -13.04 55.47
N GLU E 340 -16.42 -13.40 56.23
CA GLU E 340 -16.46 -13.24 57.68
C GLU E 340 -16.61 -11.77 58.08
N ASN E 341 -15.87 -10.88 57.41
CA ASN E 341 -16.01 -9.45 57.70
C ASN E 341 -17.41 -8.96 57.36
N TRP E 342 -17.97 -9.43 56.25
CA TRP E 342 -19.33 -9.03 55.88
C TRP E 342 -20.35 -9.55 56.88
N ILE E 343 -20.14 -10.77 57.39
CA ILE E 343 -20.99 -11.28 58.46
C ILE E 343 -20.87 -10.40 59.69
N GLU E 344 -19.65 -9.97 60.01
CA GLU E 344 -19.45 -9.09 61.15
C GLU E 344 -20.21 -7.78 60.98
N GLU E 345 -20.19 -7.21 59.77
CA GLU E 345 -20.93 -5.99 59.48
C GLU E 345 -22.38 -6.25 59.10
N GLY E 346 -22.78 -7.51 58.96
CA GLY E 346 -24.15 -7.83 58.60
C GLY E 346 -24.39 -7.69 57.11
N LYS E 347 -25.64 -7.99 56.72
CA LYS E 347 -26.05 -7.95 55.33
C LYS E 347 -26.25 -6.49 54.90
N ARG E 348 -25.12 -5.79 54.75
CA ARG E 348 -25.16 -4.40 54.32
C ARG E 348 -25.67 -4.30 52.88
N GLY E 349 -25.06 -5.07 51.97
CA GLY E 349 -25.54 -5.13 50.60
C GLY E 349 -24.96 -6.29 49.83
N ARG E 350 -25.83 -7.08 49.20
CA ARG E 350 -25.44 -8.25 48.41
C ARG E 350 -24.52 -9.12 49.25
N LYS E 351 -23.41 -9.63 48.71
CA LYS E 351 -22.46 -10.44 49.47
C LYS E 351 -21.13 -10.47 48.74
N PRO E 352 -20.03 -10.14 49.42
CA PRO E 352 -18.73 -10.14 48.74
C PRO E 352 -18.22 -11.55 48.46
N THR E 353 -18.26 -11.96 47.19
CA THR E 353 -17.78 -13.27 46.78
C THR E 353 -16.62 -13.20 45.79
N THR E 354 -16.33 -12.04 45.23
CA THR E 354 -15.26 -11.87 44.26
C THR E 354 -14.15 -11.01 44.85
N ILE E 355 -12.93 -11.52 44.80
CA ILE E 355 -11.78 -10.75 45.27
C ILE E 355 -11.56 -9.57 44.33
N SER E 356 -11.39 -8.38 44.90
CA SER E 356 -11.20 -7.19 44.09
C SER E 356 -9.90 -7.30 43.29
N PRO E 357 -9.87 -6.72 42.09
CA PRO E 357 -8.65 -6.85 41.26
C PRO E 357 -7.40 -6.31 41.94
N ILE E 358 -7.52 -5.24 42.71
CA ILE E 358 -6.36 -4.71 43.42
C ILE E 358 -5.89 -5.69 44.49
N LYS E 359 -6.84 -6.33 45.19
CA LYS E 359 -6.47 -7.32 46.19
C LYS E 359 -5.80 -8.53 45.55
N CYS E 360 -6.26 -8.92 44.36
CA CYS E 360 -5.64 -10.05 43.66
C CYS E 360 -4.18 -9.77 43.35
N ALA E 361 -3.87 -8.54 42.93
CA ALA E 361 -2.49 -8.18 42.65
C ALA E 361 -1.62 -8.28 43.89
N TYR E 362 -2.16 -7.88 45.04
CA TYR E 362 -1.41 -7.97 46.29
C TYR E 362 -1.08 -9.42 46.62
N ILE E 363 -2.05 -10.32 46.44
CA ILE E 363 -1.82 -11.73 46.74
C ILE E 363 -0.83 -12.33 45.76
N LEU E 364 -1.03 -12.07 44.46
CA LEU E 364 -0.18 -12.68 43.44
C LEU E 364 1.26 -12.20 43.55
N ASN E 365 1.46 -10.91 43.79
CA ASN E 365 2.82 -10.38 43.90
C ASN E 365 3.56 -11.02 45.06
N GLU E 366 2.85 -11.26 46.17
CA GLU E 366 3.48 -11.84 47.35
C GLU E 366 3.90 -13.29 47.11
N HIS E 367 3.02 -14.08 46.49
CA HIS E 367 3.22 -15.52 46.38
C HIS E 367 3.71 -15.95 44.99
N LEU E 368 4.05 -15.01 44.12
CA LEU E 368 4.57 -15.33 42.80
C LEU E 368 5.64 -14.33 42.44
N THR E 369 6.26 -14.53 41.28
CA THR E 369 7.36 -13.69 40.81
C THR E 369 6.94 -13.03 39.50
N PHE E 370 6.54 -11.76 39.59
CA PHE E 370 6.22 -10.94 38.43
C PHE E 370 7.24 -9.82 38.33
N ILE E 371 7.81 -9.64 37.14
CA ILE E 371 8.79 -8.59 36.89
C ILE E 371 8.39 -7.83 35.64
N LEU E 372 9.03 -6.67 35.45
CA LEU E 372 8.82 -5.84 34.28
C LEU E 372 10.18 -5.64 33.61
N PHE E 373 10.27 -5.98 32.33
CA PHE E 373 11.57 -6.01 31.66
C PHE E 373 12.19 -4.61 31.59
N ASP E 374 11.40 -3.61 31.26
CA ASP E 374 11.91 -2.24 31.16
C ASP E 374 10.77 -1.27 31.34
N ASP E 375 11.13 -0.01 31.59
CA ASP E 375 10.17 1.05 31.89
C ASP E 375 9.60 1.71 30.65
N GLU E 376 9.93 1.21 29.45
CA GLU E 376 9.40 1.79 28.24
C GLU E 376 7.88 1.61 28.17
N GLU E 377 7.23 2.48 27.40
CA GLU E 377 5.78 2.54 27.38
C GLU E 377 5.19 1.23 26.85
N ASN E 378 4.05 0.84 27.42
CA ASN E 378 3.30 -0.35 27.00
C ASN E 378 4.14 -1.63 27.12
N THR E 379 4.98 -1.71 28.14
CA THR E 379 5.74 -2.93 28.39
C THR E 379 4.82 -4.00 28.96
N LYS E 380 4.90 -5.21 28.40
CA LYS E 380 4.06 -6.30 28.85
C LYS E 380 4.61 -6.91 30.13
N LEU E 381 3.72 -7.22 31.06
CA LEU E 381 4.13 -7.84 32.32
C LEU E 381 4.70 -9.23 32.07
N ALA E 382 5.75 -9.57 32.81
CA ALA E 382 6.41 -10.86 32.69
C ALA E 382 6.23 -11.66 33.96
N MET E 383 5.86 -12.92 33.81
CA MET E 383 5.63 -13.83 34.92
C MET E 383 6.63 -14.98 34.86
N TYR E 384 7.21 -15.31 36.01
CA TYR E 384 8.14 -16.43 36.10
C TYR E 384 7.34 -17.70 36.38
N GLN E 385 7.14 -18.51 35.35
CA GLN E 385 6.49 -19.80 35.53
C GLN E 385 7.49 -20.79 36.09
N PHE E 386 7.17 -21.34 37.26
CA PHE E 386 8.15 -22.09 38.04
C PHE E 386 8.60 -23.36 37.32
N ASP E 387 7.65 -24.11 36.74
CA ASP E 387 8.00 -25.38 36.11
C ASP E 387 8.92 -25.18 34.91
N GLU E 388 8.63 -24.20 34.06
CA GLU E 388 9.47 -23.97 32.89
C GLU E 388 10.78 -23.30 33.25
N GLY E 389 10.80 -22.49 34.30
CA GLY E 389 12.00 -21.81 34.72
C GLY E 389 12.36 -20.57 33.96
N ILE E 390 11.50 -20.12 33.05
CA ILE E 390 11.76 -18.92 32.25
C ILE E 390 10.60 -17.97 32.39
N TYR E 391 10.90 -16.67 32.29
CA TYR E 391 9.85 -15.66 32.35
C TYR E 391 9.08 -15.63 31.04
N THR E 392 7.76 -15.42 31.14
CA THR E 392 6.89 -15.38 29.98
C THR E 392 6.05 -14.12 30.02
N GLN E 393 5.78 -13.56 28.83
CA GLN E 393 4.91 -12.41 28.69
C GLN E 393 3.57 -12.76 28.05
N ASN E 394 3.28 -14.05 27.90
CA ASN E 394 2.02 -14.49 27.30
C ASN E 394 0.87 -14.14 28.24
N THR E 395 -0.04 -13.29 27.77
CA THR E 395 -1.16 -12.87 28.60
C THR E 395 -2.08 -14.03 28.95
N THR E 396 -2.31 -14.94 28.00
CA THR E 396 -3.19 -16.08 28.27
C THR E 396 -2.63 -16.96 29.38
N ILE E 397 -1.30 -17.16 29.39
CA ILE E 397 -0.69 -17.90 30.50
C ILE E 397 -0.88 -17.13 31.80
N ILE E 398 -0.65 -15.82 31.77
CA ILE E 398 -0.84 -15.01 32.97
C ILE E 398 -2.31 -15.00 33.38
N LYS E 399 -3.22 -14.79 32.42
CA LYS E 399 -4.63 -14.73 32.74
C LYS E 399 -5.15 -16.05 33.30
N ARG E 400 -4.61 -17.17 32.82
CA ARG E 400 -4.97 -18.46 33.40
C ARG E 400 -4.57 -18.53 34.87
N VAL E 401 -3.40 -17.97 35.19
CA VAL E 401 -2.95 -17.94 36.59
C VAL E 401 -3.91 -17.11 37.44
N ILE E 402 -4.45 -16.02 36.86
CA ILE E 402 -5.43 -15.21 37.59
C ILE E 402 -6.65 -16.05 37.93
N SER E 403 -7.10 -16.88 36.98
CA SER E 403 -8.28 -17.71 37.21
C SER E 403 -8.09 -18.68 38.36
N TYR E 404 -6.85 -19.10 38.61
CA TYR E 404 -6.59 -19.96 39.75
C TYR E 404 -6.93 -19.26 41.06
N LEU E 405 -6.59 -17.98 41.17
CA LEU E 405 -6.90 -17.24 42.40
C LEU E 405 -8.38 -16.86 42.45
N GLU E 406 -8.85 -16.10 41.47
CA GLU E 406 -10.25 -15.68 41.41
C GLU E 406 -10.83 -16.03 40.05
N PRO E 407 -11.47 -17.19 39.91
CA PRO E 407 -11.98 -17.60 38.59
C PRO E 407 -13.08 -16.73 38.04
N LYS E 408 -13.78 -15.94 38.87
CA LYS E 408 -14.95 -15.23 38.40
C LYS E 408 -14.61 -13.92 37.68
N HIS E 409 -13.35 -13.53 37.63
CA HIS E 409 -12.98 -12.36 36.84
C HIS E 409 -13.07 -12.68 35.35
N ASN E 410 -13.65 -11.75 34.59
CA ASN E 410 -13.69 -11.88 33.13
C ASN E 410 -12.39 -11.31 32.56
N SER E 411 -12.35 -11.12 31.24
CA SER E 411 -11.15 -10.60 30.60
C SER E 411 -10.84 -9.18 31.06
N ASN E 412 -11.87 -8.35 31.21
CA ASN E 412 -11.64 -6.96 31.60
C ASN E 412 -11.06 -6.85 33.00
N LYS E 413 -11.64 -7.56 33.97
CA LYS E 413 -11.11 -7.51 35.32
C LYS E 413 -9.76 -8.20 35.43
N ALA E 414 -9.52 -9.24 34.64
CA ALA E 414 -8.20 -9.86 34.60
C ALA E 414 -7.16 -8.87 34.09
N ASP E 415 -7.53 -8.07 33.09
CA ASP E 415 -6.64 -7.01 32.62
C ASP E 415 -6.36 -6.00 33.73
N GLU E 416 -7.38 -5.70 34.53
CA GLU E 416 -7.19 -4.80 35.67
C GLU E 416 -6.20 -5.38 36.67
N VAL E 417 -6.27 -6.69 36.91
CA VAL E 417 -5.29 -7.35 37.77
C VAL E 417 -3.90 -7.23 37.18
N ILE E 418 -3.78 -7.45 35.87
CA ILE E 418 -2.49 -7.31 35.20
C ILE E 418 -2.00 -5.87 35.29
N TYR E 419 -2.90 -4.90 35.08
CA TYR E 419 -2.51 -3.51 35.16
C TYR E 419 -2.00 -3.13 36.54
N HIS E 420 -2.68 -3.61 37.59
CA HIS E 420 -2.23 -3.33 38.95
C HIS E 420 -0.87 -3.94 39.22
N LEU E 421 -0.64 -5.17 38.73
CA LEU E 421 0.65 -5.82 38.91
C LEU E 421 1.76 -5.04 38.20
N THR E 422 1.44 -4.45 37.04
CA THR E 422 2.45 -3.69 36.30
C THR E 422 2.99 -2.54 37.13
N ASN E 423 2.12 -1.86 37.88
CA ASN E 423 2.57 -0.76 38.72
C ASN E 423 3.31 -1.25 39.96
N MET E 424 2.94 -2.40 40.49
CA MET E 424 3.54 -2.90 41.72
C MET E 424 4.96 -3.41 41.52
N VAL E 425 5.16 -4.22 40.47
CA VAL E 425 6.40 -4.99 40.36
C VAL E 425 7.58 -4.08 40.05
N ASP E 426 8.76 -4.55 40.43
CA ASP E 426 10.01 -3.87 40.15
C ASP E 426 10.47 -4.14 38.72
N ILE E 427 11.43 -3.35 38.27
CA ILE E 427 11.93 -3.42 36.90
C ILE E 427 13.29 -4.10 36.90
N LYS E 428 13.40 -5.20 36.16
CA LYS E 428 14.66 -5.92 36.01
C LYS E 428 14.89 -6.22 34.54
N GLU E 429 16.14 -6.12 34.11
CA GLU E 429 16.51 -6.37 32.73
C GLU E 429 16.86 -7.84 32.52
N LYS E 430 16.68 -8.29 31.28
CA LYS E 430 16.97 -9.69 30.96
C LYS E 430 18.46 -9.97 31.07
N THR E 431 18.80 -11.13 31.62
CA THR E 431 20.20 -11.53 31.75
C THR E 431 20.74 -11.89 30.38
N ASN E 432 21.50 -10.97 29.79
CA ASN E 432 22.04 -11.15 28.44
C ASN E 432 23.50 -11.58 28.46
N SER E 433 23.94 -12.23 29.53
CA SER E 433 25.32 -12.69 29.63
C SER E 433 25.56 -13.80 28.60
N PRO E 434 26.54 -13.66 27.72
CA PRO E 434 26.82 -14.74 26.75
C PRO E 434 27.29 -16.02 27.39
N TYR E 435 27.77 -15.97 28.64
CA TYR E 435 28.27 -17.15 29.32
C TYR E 435 27.16 -18.05 29.84
N LEU E 436 25.91 -17.59 29.83
CA LEU E 436 24.77 -18.35 30.35
C LEU E 436 23.87 -18.74 29.18
N ILE E 437 23.61 -20.03 29.04
CA ILE E 437 22.74 -20.57 27.99
C ILE E 437 21.64 -21.37 28.68
N PRO E 438 20.39 -20.92 28.61
CA PRO E 438 19.31 -21.67 29.28
C PRO E 438 19.00 -22.96 28.52
N VAL E 439 18.81 -24.04 29.26
CA VAL E 439 18.51 -25.35 28.72
C VAL E 439 17.31 -25.89 29.49
N LYS E 440 16.59 -26.83 28.87
CA LYS E 440 15.37 -27.37 29.47
C LYS E 440 15.58 -27.84 30.90
N ASN E 441 16.70 -28.53 31.16
CA ASN E 441 17.00 -28.94 32.53
C ASN E 441 17.30 -27.73 33.41
N GLY E 442 18.07 -26.78 32.91
CA GLY E 442 18.42 -25.61 33.68
C GLY E 442 19.41 -24.75 32.93
N VAL E 443 19.82 -23.67 33.60
CA VAL E 443 20.78 -22.74 33.01
C VAL E 443 22.16 -23.38 32.95
N PHE E 444 22.84 -23.21 31.82
CA PHE E 444 24.18 -23.73 31.61
C PHE E 444 25.16 -22.56 31.64
N ASN E 445 26.11 -22.61 32.56
CA ASN E 445 27.13 -21.57 32.69
C ASN E 445 28.37 -22.03 31.93
N ARG E 446 28.68 -21.34 30.84
CA ARG E 446 29.82 -21.73 30.02
C ARG E 446 31.15 -21.45 30.71
N LYS E 447 31.19 -20.47 31.62
CA LYS E 447 32.41 -20.20 32.36
C LYS E 447 32.81 -21.39 33.22
N THR E 448 31.85 -21.96 33.95
CA THR E 448 32.12 -23.09 34.82
C THR E 448 31.81 -24.43 34.16
N LYS E 449 31.24 -24.43 32.95
CA LYS E 449 30.86 -25.65 32.24
C LYS E 449 29.98 -26.55 33.12
N GLN E 450 29.05 -25.92 33.83
CA GLN E 450 28.20 -26.62 34.79
C GLN E 450 26.75 -26.21 34.58
N LEU E 451 25.84 -27.11 34.92
CA LEU E 451 24.40 -26.86 34.82
C LEU E 451 23.87 -26.34 36.15
N GLU E 452 23.07 -25.29 36.08
CA GLU E 452 22.49 -24.67 37.27
C GLU E 452 20.98 -24.75 37.21
N SER E 453 20.36 -25.04 38.35
CA SER E 453 18.92 -25.16 38.43
C SER E 453 18.24 -23.82 38.18
N PHE E 454 16.98 -23.88 37.77
CA PHE E 454 16.21 -22.67 37.48
C PHE E 454 15.98 -21.86 38.74
N THR E 455 16.13 -20.55 38.63
CA THR E 455 15.84 -19.62 39.70
C THR E 455 15.23 -18.35 39.11
N PRO E 456 14.38 -17.64 39.86
CA PRO E 456 13.86 -16.37 39.36
C PRO E 456 14.93 -15.31 39.16
N ASP E 457 16.12 -15.49 39.74
CA ASP E 457 17.19 -14.50 39.57
C ASP E 457 17.63 -14.40 38.12
N TYR E 458 17.66 -15.51 37.40
CA TYR E 458 18.01 -15.51 35.99
C TYR E 458 16.78 -15.17 35.17
N ILE E 459 16.79 -14.01 34.52
CA ILE E 459 15.67 -13.57 33.70
C ILE E 459 15.89 -14.08 32.28
N PHE E 460 15.17 -15.13 31.90
CA PHE E 460 15.22 -15.68 30.56
C PHE E 460 13.82 -15.75 29.97
N THR E 461 13.71 -15.45 28.68
CA THR E 461 12.44 -15.50 27.98
C THR E 461 12.28 -16.72 27.10
N SER E 462 13.34 -17.49 26.88
CA SER E 462 13.27 -18.69 26.07
C SER E 462 14.43 -19.60 26.45
N LYS E 463 14.29 -20.88 26.13
CA LYS E 463 15.28 -21.88 26.48
C LYS E 463 15.36 -22.94 25.41
N ILE E 464 16.49 -23.66 25.38
CA ILE E 464 16.67 -24.75 24.44
C ILE E 464 15.73 -25.89 24.78
N ASP E 465 15.06 -26.43 23.77
CA ASP E 465 14.04 -27.45 23.99
C ASP E 465 14.62 -28.74 24.55
N THR E 466 15.77 -29.18 24.04
CA THR E 466 16.33 -30.46 24.43
C THR E 466 16.92 -30.41 25.83
N SER E 467 16.85 -31.54 26.52
CA SER E 467 17.37 -31.65 27.87
C SER E 467 18.88 -31.87 27.85
N TYR E 468 19.56 -31.37 28.89
CA TYR E 468 21.00 -31.49 29.04
C TYR E 468 21.30 -32.62 30.01
N VAL E 469 21.81 -33.74 29.49
CA VAL E 469 22.20 -34.87 30.30
C VAL E 469 23.60 -35.31 29.88
N ARG E 470 24.39 -35.75 30.84
CA ARG E 470 25.74 -36.19 30.55
C ARG E 470 25.71 -37.46 29.70
N GLN E 471 26.46 -37.45 28.61
CA GLN E 471 26.48 -38.55 27.65
C GLN E 471 27.87 -39.15 27.59
N ASP E 472 27.95 -40.47 27.65
CA ASP E 472 29.21 -41.20 27.60
C ASP E 472 29.38 -42.04 26.34
N ILE E 473 28.30 -42.59 25.80
CA ILE E 473 28.33 -43.39 24.58
C ILE E 473 27.40 -42.75 23.55
N VAL E 474 27.83 -42.78 22.29
CA VAL E 474 27.02 -42.21 21.22
C VAL E 474 25.76 -43.05 21.04
N PRO E 475 24.57 -42.47 21.11
CA PRO E 475 23.35 -43.25 20.92
C PRO E 475 23.26 -43.80 19.50
N GLU E 476 22.70 -45.01 19.40
CA GLU E 476 22.53 -45.68 18.12
C GLU E 476 21.08 -46.09 17.97
N ILE E 477 20.44 -45.64 16.89
CA ILE E 477 19.08 -46.04 16.56
C ILE E 477 19.11 -46.79 15.23
N ASN E 478 18.65 -48.03 15.24
CA ASN E 478 18.69 -48.91 14.07
C ASN E 478 20.09 -48.98 13.49
N GLY E 479 21.09 -49.01 14.38
CA GLY E 479 22.47 -49.06 13.93
C GLY E 479 22.92 -47.85 13.16
N TRP E 480 22.40 -46.67 13.49
CA TRP E 480 22.80 -45.42 12.85
C TRP E 480 23.48 -44.54 13.88
N ASN E 481 24.69 -44.08 13.56
CA ASN E 481 25.49 -43.26 14.45
C ASN E 481 25.42 -41.80 14.00
N ILE E 482 25.04 -40.92 14.92
CA ILE E 482 24.91 -39.50 14.59
C ILE E 482 26.28 -38.90 14.26
N ASP E 483 27.31 -39.27 15.01
CA ASP E 483 28.65 -38.75 14.74
C ASP E 483 29.15 -39.22 13.37
N ARG E 484 28.89 -40.48 13.03
CA ARG E 484 29.26 -40.98 11.70
C ARG E 484 28.46 -40.27 10.62
N TRP E 485 27.21 -39.90 10.91
CA TRP E 485 26.43 -39.13 9.95
C TRP E 485 27.07 -37.77 9.68
N ILE E 486 27.58 -37.13 10.72
CA ILE E 486 28.31 -35.87 10.53
C ILE E 486 29.55 -36.10 9.68
N GLU E 487 30.26 -37.20 9.92
CA GLU E 487 31.41 -37.54 9.09
C GLU E 487 30.98 -37.79 7.65
N GLU E 488 29.84 -38.47 7.45
CA GLU E 488 29.34 -38.72 6.10
C GLU E 488 28.97 -37.41 5.41
N ILE E 489 28.38 -36.47 6.16
CA ILE E 489 27.98 -35.19 5.58
C ILE E 489 29.20 -34.43 5.07
N ALA E 490 30.27 -34.42 5.86
CA ALA E 490 31.47 -33.67 5.53
C ALA E 490 32.47 -34.50 4.71
N CYS E 491 32.08 -35.68 4.25
CA CYS E 491 32.96 -36.56 3.47
C CYS E 491 34.23 -36.89 4.25
N ASN E 492 34.06 -37.20 5.55
CA ASN E 492 35.16 -37.62 6.42
C ASN E 492 36.27 -36.57 6.45
N ASP E 493 35.89 -35.30 6.58
CA ASP E 493 36.83 -34.19 6.70
C ASP E 493 36.88 -33.74 8.15
N ASN E 494 38.06 -33.87 8.77
CA ASN E 494 38.19 -33.55 10.19
C ASN E 494 37.93 -32.08 10.47
N GLN E 495 38.42 -31.19 9.60
CA GLN E 495 38.21 -29.76 9.81
C GLN E 495 36.75 -29.39 9.70
N VAL E 496 36.04 -29.97 8.72
CA VAL E 496 34.65 -29.59 8.50
C VAL E 496 33.75 -30.08 9.64
N VAL E 497 33.96 -31.32 10.09
CA VAL E 497 33.15 -31.82 11.21
C VAL E 497 33.45 -31.04 12.48
N LYS E 498 34.70 -30.62 12.66
CA LYS E 498 35.02 -29.72 13.77
C LYS E 498 34.30 -28.40 13.61
N LEU E 499 34.27 -27.86 12.39
CA LEU E 499 33.50 -26.64 12.14
C LEU E 499 32.01 -26.85 12.36
N LEU E 500 31.49 -28.00 11.90
CA LEU E 500 30.06 -28.26 12.03
C LEU E 500 29.62 -28.29 13.48
N TRP E 501 30.41 -28.93 14.35
CA TRP E 501 30.11 -28.89 15.77
C TRP E 501 30.19 -27.46 16.31
N GLN E 502 31.17 -26.69 15.85
CA GLN E 502 31.28 -25.29 16.25
C GLN E 502 30.07 -24.49 15.78
N VAL E 503 29.55 -24.79 14.59
CA VAL E 503 28.35 -24.11 14.09
C VAL E 503 27.18 -24.35 15.04
N ILE E 504 27.02 -25.59 15.50
CA ILE E 504 25.96 -25.89 16.46
C ILE E 504 26.20 -25.16 17.77
N ASN E 505 27.45 -25.10 18.21
CA ASN E 505 27.76 -24.43 19.48
C ASN E 505 27.37 -22.96 19.44
N ASP E 506 27.65 -22.30 18.31
CA ASP E 506 27.25 -20.91 18.17
C ASP E 506 25.74 -20.77 18.06
N SER E 507 25.07 -21.83 17.61
CA SER E 507 23.64 -21.73 17.31
C SER E 507 22.82 -21.44 18.57
N MET E 508 23.04 -22.19 19.65
CA MET E 508 22.16 -22.06 20.81
C MET E 508 22.37 -20.73 21.52
N ASN E 509 23.62 -20.27 21.59
CA ASN E 509 23.92 -19.03 22.29
C ASN E 509 23.42 -17.84 21.47
N GLY E 510 22.42 -17.15 22.01
CA GLY E 510 21.81 -16.01 21.36
C GLY E 510 22.36 -14.66 21.77
N ASN E 511 23.44 -14.63 22.56
CA ASN E 511 24.04 -13.39 23.01
C ASN E 511 25.43 -13.14 22.44
N TYR E 512 26.06 -14.16 21.86
CA TYR E 512 27.38 -14.03 21.26
C TYR E 512 27.27 -14.40 19.79
N THR E 513 27.73 -13.52 18.91
CA THR E 513 27.49 -13.69 17.48
C THR E 513 28.71 -14.20 16.72
N ARG E 514 29.91 -13.93 17.20
CA ARG E 514 31.19 -14.31 16.61
C ARG E 514 31.46 -13.64 15.27
N LYS E 515 30.55 -12.77 14.80
CA LYS E 515 30.79 -11.93 13.62
C LYS E 515 31.11 -12.75 12.37
N LYS E 516 30.42 -13.87 12.21
CA LYS E 516 30.57 -14.69 11.02
C LYS E 516 29.22 -15.18 10.55
N ALA E 517 29.08 -15.35 9.23
CA ALA E 517 27.87 -15.87 8.60
C ALA E 517 28.17 -17.21 7.97
N ILE E 518 27.27 -18.18 8.19
CA ILE E 518 27.46 -19.55 7.73
C ILE E 518 26.50 -19.81 6.58
N PHE E 519 27.05 -20.21 5.44
CA PHE E 519 26.27 -20.53 4.24
C PHE E 519 26.46 -21.99 3.89
N PHE E 520 25.35 -22.67 3.60
CA PHE E 520 25.38 -24.06 3.16
C PHE E 520 25.21 -24.10 1.65
N VAL E 521 26.15 -24.74 0.96
CA VAL E 521 26.09 -24.88 -0.49
C VAL E 521 26.03 -26.37 -0.83
N GLY E 522 25.08 -26.75 -1.67
CA GLY E 522 24.92 -28.13 -2.07
C GLY E 522 24.29 -28.29 -3.43
N ASP E 523 24.92 -29.10 -4.29
CA ASP E 523 24.43 -29.31 -5.64
C ASP E 523 23.08 -30.02 -5.66
N GLY E 524 22.97 -31.12 -4.92
CA GLY E 524 21.73 -31.89 -4.88
C GLY E 524 21.29 -32.24 -3.48
N ASN E 525 21.12 -33.53 -3.21
CA ASN E 525 20.74 -34.01 -1.89
C ASN E 525 22.00 -34.15 -1.05
N ASN E 526 22.46 -33.02 -0.53
CA ASN E 526 23.64 -32.98 0.33
C ASN E 526 23.30 -33.03 1.81
N GLY E 527 22.02 -33.12 2.16
CA GLY E 527 21.62 -33.16 3.55
C GLY E 527 21.62 -31.83 4.25
N LYS E 528 21.66 -30.72 3.50
CA LYS E 528 21.62 -29.40 4.12
C LYS E 528 20.31 -29.20 4.87
N GLY E 529 19.19 -29.59 4.28
CA GLY E 529 17.91 -29.47 4.97
C GLY E 529 17.83 -30.36 6.20
N THR E 530 18.40 -31.57 6.11
CA THR E 530 18.41 -32.46 7.27
C THR E 530 19.22 -31.87 8.41
N PHE E 531 20.37 -31.28 8.11
CA PHE E 531 21.17 -30.64 9.14
C PHE E 531 20.42 -29.46 9.75
N GLN E 532 19.73 -28.67 8.93
CA GLN E 532 18.92 -27.58 9.46
C GLN E 532 17.81 -28.11 10.34
N GLU E 533 17.18 -29.22 9.94
CA GLU E 533 16.14 -29.82 10.78
C GLU E 533 16.74 -30.34 12.10
N LEU E 534 17.99 -30.79 12.07
CA LEU E 534 18.66 -31.19 13.31
C LEU E 534 18.80 -30.01 14.25
N LEU E 535 19.23 -28.87 13.73
CA LEU E 535 19.31 -27.66 14.54
C LEU E 535 17.94 -27.22 15.00
N SER E 536 16.94 -27.30 14.12
CA SER E 536 15.57 -26.97 14.50
C SER E 536 15.01 -27.93 15.53
N ASN E 537 15.62 -29.11 15.70
CA ASN E 537 15.16 -30.07 16.69
C ASN E 537 15.93 -29.96 18.00
N VAL E 538 17.25 -29.87 17.95
CA VAL E 538 18.04 -29.73 19.18
C VAL E 538 17.72 -28.40 19.85
N ILE E 539 17.59 -27.33 19.05
CA ILE E 539 17.14 -26.06 19.58
C ILE E 539 15.61 -26.02 19.52
N GLY E 540 15.02 -25.14 20.31
CA GLY E 540 13.57 -25.00 20.33
C GLY E 540 13.00 -24.64 18.97
N TYR E 541 11.81 -25.17 18.66
CA TYR E 541 11.19 -24.90 17.37
C TYR E 541 10.87 -23.41 17.24
N SER E 542 10.37 -22.79 18.31
CA SER E 542 10.04 -21.37 18.27
C SER E 542 11.29 -20.50 18.41
N ASN E 543 12.42 -21.09 18.81
CA ASN E 543 13.64 -20.32 19.02
C ASN E 543 14.39 -20.03 17.73
N ILE E 544 13.97 -20.59 16.61
CA ILE E 544 14.69 -20.44 15.35
C ILE E 544 13.91 -19.51 14.44
N ALA E 545 14.63 -18.83 13.54
CA ALA E 545 14.05 -17.90 12.59
C ALA E 545 14.25 -18.40 11.17
N SER E 546 13.28 -18.10 10.31
CA SER E 546 13.31 -18.51 8.90
C SER E 546 13.33 -17.25 8.04
N LEU E 547 14.53 -16.82 7.68
CA LEU E 547 14.72 -15.66 6.81
C LEU E 547 15.86 -15.94 5.84
N LYS E 548 15.68 -15.52 4.59
CA LYS E 548 16.69 -15.70 3.56
C LYS E 548 17.59 -14.47 3.47
N VAL E 549 18.70 -14.62 2.77
CA VAL E 549 19.68 -13.53 2.67
C VAL E 549 19.09 -12.35 1.93
N ASN E 550 18.29 -12.60 0.88
CA ASN E 550 17.69 -11.52 0.13
C ASN E 550 16.48 -10.93 0.83
N GLU E 551 15.94 -11.61 1.84
CA GLU E 551 14.74 -11.15 2.52
C GLU E 551 15.03 -10.29 3.74
N PHE E 552 16.30 -10.10 4.11
CA PHE E 552 16.61 -9.33 5.31
C PHE E 552 16.15 -7.88 5.17
N ASP E 553 16.38 -7.27 4.01
CA ASP E 553 16.06 -5.86 3.82
C ASP E 553 14.60 -5.62 3.44
N GLU E 554 13.80 -6.67 3.28
CA GLU E 554 12.38 -6.48 3.05
C GLU E 554 11.71 -5.95 4.31
N ARG E 555 10.67 -5.15 4.14
CA ARG E 555 10.05 -4.46 5.26
C ARG E 555 9.23 -5.44 6.09
N PHE E 556 9.37 -5.32 7.42
CA PHE E 556 8.82 -6.17 8.47
C PHE E 556 9.53 -7.50 8.61
N LYS E 557 10.51 -7.82 7.77
CA LYS E 557 11.15 -9.13 7.85
C LYS E 557 12.08 -9.25 9.04
N LEU E 558 12.63 -8.13 9.52
CA LEU E 558 13.52 -8.19 10.68
C LEU E 558 12.75 -8.28 12.00
N SER E 559 11.43 -8.17 11.97
CA SER E 559 10.64 -8.21 13.21
C SER E 559 10.73 -9.57 13.87
N VAL E 560 10.70 -10.64 13.07
CA VAL E 560 10.70 -12.00 13.64
C VAL E 560 12.00 -12.29 14.36
N LEU E 561 13.09 -11.61 13.98
CA LEU E 561 14.40 -11.92 14.52
C LEU E 561 14.57 -11.50 15.97
N GLU E 562 13.59 -10.78 16.53
CA GLU E 562 13.75 -10.20 17.86
C GLU E 562 13.93 -11.30 18.93
N GLY E 563 13.09 -12.33 18.89
CA GLY E 563 13.09 -13.33 19.95
C GLY E 563 13.70 -14.66 19.57
N LYS E 564 14.52 -14.69 18.52
CA LYS E 564 15.07 -15.94 18.01
C LYS E 564 16.55 -16.05 18.37
N THR E 565 16.95 -17.25 18.80
CA THR E 565 18.35 -17.49 19.12
C THR E 565 19.21 -17.57 17.87
N ALA E 566 18.63 -18.03 16.75
CA ALA E 566 19.36 -18.13 15.50
C ALA E 566 18.37 -18.07 14.35
N VAL E 567 18.89 -17.74 13.17
CA VAL E 567 18.09 -17.64 11.96
C VAL E 567 18.65 -18.62 10.93
N ILE E 568 17.76 -19.40 10.33
CA ILE E 568 18.11 -20.39 9.32
C ILE E 568 17.38 -20.07 8.02
N GLY E 569 18.12 -20.06 6.92
CA GLY E 569 17.50 -19.90 5.61
C GLY E 569 17.15 -21.25 5.02
N ASP E 570 15.85 -21.53 4.91
CA ASP E 570 15.42 -22.85 4.42
C ASP E 570 15.90 -23.09 3.00
N ASP E 571 15.81 -22.08 2.14
CA ASP E 571 16.31 -22.18 0.77
C ASP E 571 16.63 -20.79 0.25
N VAL E 572 17.71 -20.69 -0.52
CA VAL E 572 18.16 -19.45 -1.10
C VAL E 572 18.23 -19.64 -2.62
N PRO E 573 17.69 -18.72 -3.42
CA PRO E 573 17.75 -18.88 -4.88
C PRO E 573 19.20 -18.96 -5.37
N VAL E 574 19.42 -19.79 -6.38
CA VAL E 574 20.77 -20.02 -6.88
C VAL E 574 21.30 -18.73 -7.50
N GLY E 575 22.39 -18.22 -6.93
CA GLY E 575 23.01 -17.01 -7.43
C GLY E 575 22.12 -15.79 -7.38
N VAL E 576 21.31 -15.67 -6.32
CA VAL E 576 20.45 -14.51 -6.17
C VAL E 576 21.30 -13.26 -5.93
N TYR E 577 20.94 -12.18 -6.62
CA TYR E 577 21.69 -10.93 -6.53
C TYR E 577 21.20 -10.14 -5.32
N VAL E 578 22.01 -10.08 -4.28
CA VAL E 578 21.67 -9.33 -3.08
C VAL E 578 22.05 -7.87 -3.30
N ASP E 579 21.12 -7.10 -3.86
CA ASP E 579 21.45 -5.73 -4.26
C ASP E 579 21.80 -4.86 -3.06
N ASP E 580 21.16 -5.08 -1.91
CA ASP E 580 21.58 -4.41 -0.67
C ASP E 580 21.85 -5.50 0.37
N SER E 581 23.02 -5.42 1.01
CA SER E 581 23.38 -6.35 2.07
C SER E 581 23.70 -5.65 3.37
N SER E 582 23.13 -4.46 3.59
CA SER E 582 23.50 -3.65 4.75
C SER E 582 23.02 -4.30 6.05
N ASN E 583 21.71 -4.54 6.17
CA ASN E 583 21.18 -5.11 7.41
C ASN E 583 21.72 -6.51 7.64
N PHE E 584 21.89 -7.29 6.56
CA PHE E 584 22.46 -8.63 6.70
C PHE E 584 23.86 -8.58 7.27
N LYS E 585 24.69 -7.65 6.77
CA LYS E 585 26.04 -7.50 7.32
C LYS E 585 26.00 -6.98 8.75
N SER E 586 25.05 -6.10 9.05
CA SER E 586 24.93 -5.57 10.40
C SER E 586 24.54 -6.67 11.39
N VAL E 587 23.61 -7.53 11.01
CA VAL E 587 23.20 -8.62 11.90
C VAL E 587 24.34 -9.60 12.12
N VAL E 588 25.08 -9.93 11.05
CA VAL E 588 26.21 -10.85 11.18
C VAL E 588 27.25 -10.27 12.13
N THR E 589 27.60 -9.00 11.96
CA THR E 589 28.55 -8.37 12.86
C THR E 589 27.96 -8.14 14.24
N GLY E 590 26.64 -7.94 14.31
CA GLY E 590 25.98 -7.66 15.57
C GLY E 590 25.71 -6.20 15.84
N ASP E 591 25.93 -5.34 14.87
CA ASP E 591 25.65 -3.92 15.06
C ASP E 591 24.14 -3.69 15.18
N PRO E 592 23.71 -2.68 15.90
CA PRO E 592 22.27 -2.38 15.98
C PRO E 592 21.70 -2.07 14.60
N VAL E 593 20.47 -2.52 14.37
CA VAL E 593 19.80 -2.35 13.08
C VAL E 593 18.39 -1.84 13.33
N LEU E 594 17.87 -1.11 12.34
CA LEU E 594 16.52 -0.57 12.43
C LEU E 594 15.50 -1.65 12.12
N VAL E 595 14.62 -1.94 13.08
CA VAL E 595 13.61 -2.97 12.95
C VAL E 595 12.24 -2.36 13.22
N GLU E 596 11.26 -2.74 12.41
CA GLU E 596 9.90 -2.24 12.56
C GLU E 596 8.92 -3.40 12.41
N PHE E 597 7.93 -3.46 13.30
CA PHE E 597 6.86 -4.49 13.18
C PHE E 597 5.71 -3.84 12.40
N LYS E 598 4.76 -4.66 11.92
CA LYS E 598 3.65 -4.09 11.10
C LYS E 598 2.80 -3.16 11.96
N ASN E 599 2.42 -1.99 11.42
CA ASN E 599 1.57 -1.01 12.15
C ASN E 599 2.12 -0.77 13.55
N LYS E 600 3.46 -0.81 13.73
CA LYS E 600 4.05 -0.53 15.02
C LYS E 600 5.24 0.40 14.82
N PRO E 601 5.56 1.21 15.83
CA PRO E 601 6.63 2.20 15.65
C PRO E 601 7.98 1.55 15.43
N LEU E 602 8.81 2.22 14.63
CA LEU E 602 10.16 1.74 14.38
C LEU E 602 11.03 1.94 15.62
N TYR E 603 11.80 0.91 15.96
CA TYR E 603 12.68 0.96 17.13
C TYR E 603 14.01 0.31 16.78
N ARG E 604 14.99 0.55 17.64
CA ARG E 604 16.37 0.11 17.44
C ARG E 604 16.69 -1.02 18.39
N ALA E 605 17.26 -2.10 17.86
CA ALA E 605 17.61 -3.26 18.67
C ALA E 605 18.83 -3.94 18.07
N THR E 606 19.49 -4.76 18.89
CA THR E 606 20.71 -5.45 18.51
C THR E 606 20.44 -6.95 18.47
N PHE E 607 20.85 -7.59 17.37
CA PHE E 607 20.69 -9.02 17.18
C PHE E 607 22.05 -9.70 17.27
N LYS E 608 22.14 -10.72 18.11
CA LYS E 608 23.37 -11.51 18.25
C LYS E 608 23.20 -12.92 17.70
N CYS E 609 22.09 -13.21 17.02
CA CYS E 609 21.85 -14.54 16.48
C CYS E 609 22.78 -14.82 15.32
N THR E 610 23.17 -16.09 15.19
CA THR E 610 24.01 -16.53 14.08
C THR E 610 23.15 -16.73 12.84
N VAL E 611 23.80 -16.67 11.67
CA VAL E 611 23.13 -16.71 10.38
C VAL E 611 23.44 -18.05 9.72
N ILE E 612 22.38 -18.81 9.40
CA ILE E 612 22.50 -20.07 8.68
C ILE E 612 21.65 -19.96 7.42
N GLN E 613 22.25 -20.27 6.28
CA GLN E 613 21.54 -20.23 5.01
C GLN E 613 21.92 -21.43 4.16
N SER E 614 20.93 -22.00 3.47
CA SER E 614 21.13 -23.12 2.57
C SER E 614 20.85 -22.66 1.14
N THR E 615 21.82 -22.87 0.26
CA THR E 615 21.69 -22.46 -1.13
C THR E 615 22.31 -23.52 -2.03
N ASN E 616 21.79 -23.61 -3.25
CA ASN E 616 22.34 -24.53 -4.25
C ASN E 616 23.31 -23.77 -5.15
N GLY E 617 24.31 -23.18 -4.50
CA GLY E 617 25.29 -22.36 -5.18
C GLY E 617 25.51 -21.03 -4.48
N MET E 618 26.75 -20.57 -4.46
CA MET E 618 27.10 -19.37 -3.72
C MET E 618 26.43 -18.15 -4.35
N PRO E 619 25.71 -17.33 -3.57
CA PRO E 619 25.05 -16.15 -4.14
C PRO E 619 26.04 -15.04 -4.44
N LYS E 620 25.56 -14.08 -5.23
CA LYS E 620 26.35 -12.92 -5.63
C LYS E 620 25.96 -11.70 -4.81
N PHE E 621 26.96 -10.92 -4.42
CA PHE E 621 26.76 -9.71 -3.63
C PHE E 621 27.26 -8.50 -4.41
N LYS E 622 26.50 -7.41 -4.34
CA LYS E 622 26.86 -6.19 -5.06
C LYS E 622 28.02 -5.43 -4.41
N ASP E 623 28.30 -5.72 -3.13
CA ASP E 623 29.30 -4.93 -2.40
C ASP E 623 30.68 -5.07 -3.03
N LYS E 624 31.14 -6.30 -3.23
CA LYS E 624 32.49 -6.57 -3.73
C LYS E 624 33.55 -5.87 -2.89
N THR E 625 33.35 -5.90 -1.58
CA THR E 625 34.24 -5.23 -0.64
C THR E 625 34.72 -6.21 0.41
N GLY E 626 35.75 -5.80 1.15
CA GLY E 626 36.31 -6.66 2.18
C GLY E 626 35.36 -6.89 3.35
N GLY E 627 34.40 -5.99 3.54
CA GLY E 627 33.45 -6.16 4.63
C GLY E 627 32.59 -7.39 4.46
N THR E 628 32.12 -7.63 3.25
CA THR E 628 31.29 -8.81 2.99
C THR E 628 32.12 -10.10 3.07
N LEU E 629 33.35 -10.06 2.53
CA LEU E 629 34.16 -11.27 2.48
C LEU E 629 34.51 -11.78 3.88
N ARG E 630 34.86 -10.87 4.80
CA ARG E 630 35.28 -11.29 6.12
C ARG E 630 34.12 -11.89 6.91
N ARG E 631 32.89 -11.43 6.66
CA ARG E 631 31.74 -11.94 7.39
C ARG E 631 31.33 -13.32 6.91
N LEU E 632 31.59 -13.63 5.64
CA LEU E 632 31.05 -14.84 5.04
C LEU E 632 31.88 -16.07 5.38
N LEU E 633 31.20 -17.17 5.70
CA LEU E 633 31.83 -18.48 5.86
C LEU E 633 30.97 -19.51 5.14
N ILE E 634 31.63 -20.42 4.42
CA ILE E 634 30.95 -21.38 3.55
C ILE E 634 31.30 -22.79 4.00
N VAL E 635 30.31 -23.66 3.98
CA VAL E 635 30.46 -25.07 4.32
C VAL E 635 30.40 -25.88 3.03
N PRO E 636 31.36 -26.77 2.77
CA PRO E 636 31.38 -27.45 1.46
C PRO E 636 30.15 -28.30 1.18
N PHE E 637 29.79 -29.22 2.07
CA PHE E 637 28.68 -30.14 1.86
C PHE E 637 28.85 -30.92 0.56
N ASN E 638 30.06 -31.42 0.34
CA ASN E 638 30.37 -32.10 -0.92
C ASN E 638 29.64 -33.42 -1.05
N ALA E 639 29.22 -34.02 0.07
CA ALA E 639 28.54 -35.31 0.01
C ALA E 639 27.20 -35.18 -0.70
N ASN E 640 26.84 -36.22 -1.44
CA ASN E 640 25.59 -36.27 -2.17
C ASN E 640 24.83 -37.53 -1.81
N PHE E 641 23.55 -37.39 -1.49
CA PHE E 641 22.68 -38.52 -1.16
C PHE E 641 21.78 -38.92 -2.32
N ASN E 642 22.02 -38.38 -3.52
CA ASN E 642 21.26 -38.81 -4.69
C ASN E 642 21.72 -40.19 -5.16
N GLY E 643 23.02 -40.43 -5.16
CA GLY E 643 23.56 -41.72 -5.55
C GLY E 643 23.28 -42.80 -4.53
N ILE E 644 23.77 -42.62 -3.31
CA ILE E 644 23.43 -43.52 -2.22
C ILE E 644 21.93 -43.43 -1.96
N LYS E 645 21.31 -44.57 -1.65
CA LYS E 645 19.88 -44.61 -1.46
C LYS E 645 19.45 -43.68 -0.33
N GLU E 646 18.45 -42.86 -0.60
CA GLU E 646 17.99 -41.89 0.39
C GLU E 646 17.31 -42.59 1.56
N ASN E 647 17.69 -42.20 2.77
CA ASN E 647 17.09 -42.72 3.99
C ASN E 647 16.14 -41.66 4.54
N PHE E 648 14.85 -41.79 4.19
CA PHE E 648 13.86 -40.83 4.68
C PHE E 648 13.75 -40.89 6.20
N LYS E 649 14.12 -42.01 6.81
CA LYS E 649 14.08 -42.13 8.25
C LYS E 649 15.04 -41.15 8.93
N ILE E 650 16.11 -40.77 8.21
CA ILE E 650 17.07 -39.82 8.78
C ILE E 650 16.40 -38.48 9.03
N LYS E 651 15.71 -37.94 8.02
CA LYS E 651 15.11 -36.62 8.14
C LYS E 651 13.80 -36.67 8.93
N GLU E 652 13.06 -37.77 8.82
CA GLU E 652 11.73 -37.84 9.41
C GLU E 652 11.75 -38.32 10.86
N ASP E 653 12.54 -39.34 11.18
CA ASP E 653 12.47 -39.97 12.48
C ASP E 653 13.78 -39.90 13.26
N TYR E 654 14.91 -40.22 12.64
CA TYR E 654 16.13 -40.45 13.39
C TYR E 654 16.63 -39.17 14.06
N ILE E 655 16.59 -38.04 13.37
CA ILE E 655 17.02 -36.78 13.97
C ILE E 655 16.03 -36.26 15.00
N LYS E 656 14.82 -36.80 15.03
CA LYS E 656 13.83 -36.42 16.04
C LYS E 656 13.93 -37.27 17.30
N ASN E 657 14.84 -38.25 17.33
CA ASN E 657 15.01 -39.07 18.52
C ASN E 657 15.56 -38.23 19.66
N GLN E 658 14.97 -38.40 20.86
CA GLN E 658 15.39 -37.61 22.01
C GLN E 658 16.82 -37.94 22.41
N GLN E 659 17.18 -39.23 22.41
CA GLN E 659 18.54 -39.62 22.81
C GLN E 659 19.58 -39.06 21.85
N VAL E 660 19.27 -39.08 20.55
CA VAL E 660 20.19 -38.51 19.56
C VAL E 660 20.34 -37.01 19.79
N LEU E 661 19.21 -36.33 20.03
CA LEU E 661 19.26 -34.88 20.23
C LEU E 661 20.03 -34.51 21.48
N GLU E 662 19.84 -35.27 22.56
CA GLU E 662 20.51 -34.95 23.82
C GLU E 662 22.02 -35.06 23.69
N TYR E 663 22.50 -36.08 22.98
CA TYR E 663 23.93 -36.21 22.77
C TYR E 663 24.49 -35.05 21.96
N VAL E 664 23.74 -34.61 20.94
CA VAL E 664 24.17 -33.47 20.13
C VAL E 664 24.27 -32.23 21.00
N LEU E 665 23.27 -32.00 21.85
CA LEU E 665 23.29 -30.85 22.75
C LEU E 665 24.48 -30.92 23.71
N TYR E 666 24.72 -32.10 24.28
CA TYR E 666 25.79 -32.22 25.27
C TYR E 666 27.16 -31.98 24.65
N LYS E 667 27.40 -32.56 23.47
CA LYS E 667 28.71 -32.42 22.83
C LYS E 667 28.93 -31.00 22.34
N ALA E 668 27.92 -30.39 21.73
CA ALA E 668 28.09 -29.07 21.15
C ALA E 668 28.27 -28.00 22.23
N ILE E 669 27.45 -28.03 23.28
CA ILE E 669 27.52 -26.99 24.29
C ILE E 669 28.79 -27.12 25.11
N ASN E 670 29.29 -28.35 25.28
CA ASN E 670 30.54 -28.54 26.02
C ASN E 670 31.75 -28.09 25.20
N LEU E 671 31.63 -28.11 23.87
CA LEU E 671 32.71 -27.66 23.02
C LEU E 671 33.01 -26.19 23.27
N ASP E 672 34.29 -25.86 23.43
CA ASP E 672 34.73 -24.50 23.73
C ASP E 672 35.69 -24.04 22.64
N PHE E 673 35.40 -22.89 22.04
CA PHE E 673 36.27 -22.30 21.04
C PHE E 673 35.99 -20.80 20.99
N GLU E 674 37.01 -20.05 20.58
CA GLU E 674 36.90 -18.59 20.51
C GLU E 674 36.48 -18.11 19.13
N THR E 675 37.19 -18.53 18.09
CA THR E 675 36.92 -18.11 16.73
C THR E 675 36.61 -19.34 15.87
N PHE E 676 35.71 -19.16 14.90
CA PHE E 676 35.35 -20.24 13.98
C PHE E 676 36.59 -20.78 13.28
N ASP E 677 36.89 -22.06 13.52
CA ASP E 677 38.02 -22.71 12.88
C ASP E 677 37.67 -22.96 11.42
N ILE E 678 38.17 -22.10 10.53
CA ILE E 678 37.85 -22.17 9.12
C ILE E 678 38.59 -23.34 8.47
N PRO E 679 37.88 -24.27 7.84
CA PRO E 679 38.56 -25.36 7.13
C PRO E 679 39.23 -24.86 5.87
N ASP E 680 40.23 -25.61 5.43
CA ASP E 680 40.93 -25.27 4.19
C ASP E 680 40.00 -25.35 2.98
N ALA E 681 39.03 -26.27 3.00
CA ALA E 681 38.07 -26.35 1.91
C ALA E 681 37.23 -25.08 1.84
N SER E 682 36.82 -24.55 2.98
CA SER E 682 36.07 -23.30 3.00
C SER E 682 36.91 -22.15 2.44
N LYS E 683 38.19 -22.10 2.82
CA LYS E 683 39.06 -21.03 2.33
C LYS E 683 39.18 -21.09 0.81
N LYS E 684 39.37 -22.28 0.25
CA LYS E 684 39.48 -22.42 -1.19
C LYS E 684 38.18 -22.04 -1.88
N MET E 685 37.04 -22.49 -1.36
CA MET E 685 35.76 -22.14 -1.96
C MET E 685 35.42 -20.67 -1.73
N LEU E 686 35.82 -20.11 -0.59
CA LEU E 686 35.65 -18.67 -0.39
C LEU E 686 36.49 -17.89 -1.38
N GLU E 687 37.69 -18.39 -1.70
CA GLU E 687 38.49 -17.76 -2.74
C GLU E 687 37.80 -17.83 -4.10
N VAL E 688 37.12 -18.94 -4.37
CA VAL E 688 36.37 -19.06 -5.63
C VAL E 688 35.25 -18.03 -5.68
N PHE E 689 34.54 -17.84 -4.57
CA PHE E 689 33.50 -16.82 -4.52
C PHE E 689 34.08 -15.43 -4.72
N LYS E 690 35.27 -15.17 -4.14
CA LYS E 690 35.90 -13.87 -4.31
C LYS E 690 36.24 -13.62 -5.77
N GLU E 691 36.70 -14.67 -6.48
CA GLU E 691 36.94 -14.54 -7.91
C GLU E 691 35.64 -14.25 -8.66
N ASP E 692 34.57 -14.95 -8.30
CA ASP E 692 33.28 -14.72 -8.94
C ASP E 692 32.72 -13.35 -8.59
N ASN E 693 32.88 -12.93 -7.34
CA ASN E 693 32.31 -11.66 -6.90
C ASN E 693 33.00 -10.48 -7.58
N ASP E 694 34.33 -10.46 -7.55
CA ASP E 694 35.08 -9.35 -8.14
C ASP E 694 35.78 -9.83 -9.40
N PRO E 695 35.32 -9.42 -10.60
CA PRO E 695 36.02 -9.82 -11.83
C PRO E 695 37.46 -9.37 -11.88
N VAL E 696 37.77 -8.20 -11.30
CA VAL E 696 39.14 -7.68 -11.33
C VAL E 696 40.09 -8.61 -10.59
N TYR E 697 39.68 -9.09 -9.41
CA TYR E 697 40.54 -9.98 -8.63
C TYR E 697 40.77 -11.30 -9.36
N GLY E 698 39.73 -11.82 -10.02
CA GLY E 698 39.90 -13.03 -10.80
C GLY E 698 40.91 -12.86 -11.92
N PHE E 699 40.95 -11.67 -12.53
CA PHE E 699 41.97 -11.38 -13.54
C PHE E 699 43.36 -11.43 -12.93
N LYS E 700 43.51 -10.88 -11.71
CA LYS E 700 44.80 -10.92 -11.03
C LYS E 700 45.25 -12.35 -10.76
N VAL E 701 44.32 -13.21 -10.33
CA VAL E 701 44.64 -14.60 -10.08
C VAL E 701 45.06 -15.30 -11.36
N ASN E 702 44.34 -15.05 -12.45
CA ASN E 702 44.55 -15.74 -13.71
C ASN E 702 45.60 -15.07 -14.59
N MET E 703 46.31 -14.05 -14.07
CA MET E 703 47.30 -13.35 -14.88
C MET E 703 48.39 -14.31 -15.37
N PHE E 704 49.16 -14.88 -14.43
CA PHE E 704 50.23 -15.83 -14.76
C PHE E 704 51.19 -15.24 -15.79
N ASP E 705 51.53 -13.96 -15.62
CA ASP E 705 52.38 -13.25 -16.55
C ASP E 705 53.61 -12.73 -15.84
N GLN E 706 54.70 -12.57 -16.60
CA GLN E 706 55.95 -12.07 -16.05
C GLN E 706 55.85 -10.59 -15.70
N ARG E 710 56.62 -4.36 -16.93
CA ARG E 710 55.37 -4.97 -17.39
C ARG E 710 54.17 -4.15 -16.92
N LYS E 711 54.39 -3.32 -15.90
CA LYS E 711 53.32 -2.47 -15.39
C LYS E 711 53.07 -1.28 -16.31
N VAL E 712 54.10 -0.84 -17.03
CA VAL E 712 53.95 0.31 -17.93
C VAL E 712 52.91 0.08 -19.02
N PRO E 713 52.90 -1.07 -19.75
CA PRO E 713 51.81 -1.23 -20.75
C PRO E 713 50.46 -1.51 -20.10
N LYS E 714 49.83 -0.42 -19.65
CA LYS E 714 48.54 -0.54 -18.97
C LYS E 714 47.47 -1.12 -19.89
N TYR E 715 47.47 -0.72 -21.16
CA TYR E 715 46.51 -1.26 -22.11
C TYR E 715 46.72 -2.76 -22.32
N ILE E 716 47.98 -3.20 -22.34
CA ILE E 716 48.27 -4.63 -22.36
C ILE E 716 47.76 -5.28 -21.08
N VAL E 717 48.02 -4.64 -19.93
CA VAL E 717 47.51 -5.14 -18.65
C VAL E 717 45.99 -5.07 -18.65
N TYR E 718 45.41 -4.04 -19.25
CA TYR E 718 43.95 -3.95 -19.36
C TYR E 718 43.40 -5.14 -20.14
N ALA E 719 43.75 -5.24 -21.42
CA ALA E 719 43.38 -6.38 -22.27
C ALA E 719 41.90 -6.69 -22.20
N PHE E 720 41.07 -5.66 -22.01
CA PHE E 720 39.64 -5.81 -21.79
C PHE E 720 39.34 -6.73 -20.60
N TYR E 721 40.28 -6.79 -19.67
CA TYR E 721 40.22 -7.67 -18.50
C TYR E 721 39.94 -9.11 -18.92
N LYS E 722 40.84 -9.64 -19.75
CA LYS E 722 40.75 -10.99 -20.28
C LYS E 722 39.41 -11.22 -20.98
N GLU E 723 39.04 -10.24 -21.81
CA GLU E 723 37.76 -10.23 -22.54
C GLU E 723 36.61 -10.67 -21.65
N TYR E 724 36.33 -9.83 -20.64
CA TYR E 724 35.32 -10.09 -19.61
C TYR E 724 35.72 -11.23 -18.69
N CYS E 725 37.02 -11.53 -18.62
CA CYS E 725 37.55 -12.66 -17.87
C CYS E 725 36.90 -13.98 -18.27
N ASP E 726 36.36 -14.04 -19.49
CA ASP E 726 35.62 -15.20 -19.98
C ASP E 726 34.50 -15.57 -19.00
N GLU E 727 33.80 -14.56 -18.49
CA GLU E 727 32.70 -14.76 -17.55
C GLU E 727 31.51 -13.84 -17.85
N ASN E 728 31.50 -13.18 -19.01
CA ASN E 728 30.46 -12.23 -19.42
C ASN E 728 30.07 -11.29 -18.28
N GLY E 729 31.09 -10.73 -17.63
CA GLY E 729 30.89 -9.71 -16.63
C GLY E 729 31.39 -8.36 -17.09
N TYR E 730 30.50 -7.37 -17.14
CA TYR E 730 30.87 -6.07 -17.68
C TYR E 730 31.98 -5.42 -16.85
N ASN E 731 32.90 -4.77 -17.54
CA ASN E 731 34.06 -4.15 -16.92
C ASN E 731 34.18 -2.71 -17.37
N ALA E 732 34.71 -1.87 -16.48
CA ALA E 732 34.95 -0.46 -16.79
C ALA E 732 36.35 -0.30 -17.38
N LEU E 733 36.71 0.92 -17.76
CA LEU E 733 38.02 1.21 -18.33
C LEU E 733 38.70 2.30 -17.52
N SER E 734 39.96 2.06 -17.14
CA SER E 734 40.80 3.04 -16.46
C SER E 734 40.28 3.39 -15.07
N SER E 735 39.14 2.81 -14.69
CA SER E 735 38.59 2.97 -13.35
C SER E 735 38.83 1.75 -12.46
N ASN E 736 38.65 0.55 -13.02
CA ASN E 736 39.02 -0.66 -12.30
C ASN E 736 40.53 -0.81 -12.19
N LYS E 737 41.30 -0.06 -12.98
CA LYS E 737 42.75 -0.06 -12.83
C LYS E 737 43.14 0.45 -11.44
N PHE E 738 42.47 1.50 -10.97
CA PHE E 738 42.64 1.92 -9.58
C PHE E 738 42.16 0.82 -8.63
N TYR E 739 41.06 0.16 -8.97
CA TYR E 739 40.60 -0.98 -8.18
C TYR E 739 41.61 -2.12 -8.22
N LYS E 740 42.22 -2.36 -9.39
CA LYS E 740 43.19 -3.44 -9.50
C LYS E 740 44.42 -3.18 -8.65
N GLN E 741 45.00 -1.97 -8.74
CA GLN E 741 46.16 -1.65 -7.92
C GLN E 741 45.79 -1.57 -6.45
N PHE E 742 44.53 -1.29 -6.14
CA PHE E 742 44.06 -1.39 -4.76
C PHE E 742 44.14 -2.83 -4.27
N GLU E 743 43.75 -3.79 -5.11
CA GLU E 743 43.88 -5.19 -4.75
C GLU E 743 45.34 -5.59 -4.61
N HIS E 744 46.19 -5.11 -5.52
CA HIS E 744 47.61 -5.44 -5.48
C HIS E 744 48.46 -4.25 -5.89
N GLU E 747 52.93 -5.18 -4.16
CA GLU E 747 54.39 -5.34 -4.13
C GLU E 747 55.04 -4.54 -5.25
N ASN E 748 54.78 -4.94 -6.49
CA ASN E 748 55.34 -4.22 -7.63
C ASN E 748 54.68 -2.84 -7.79
N TYR E 749 53.39 -2.74 -7.46
CA TYR E 749 52.62 -1.50 -7.53
C TYR E 749 52.64 -1.02 -8.98
N TRP E 750 52.87 0.25 -9.27
CA TRP E 750 52.81 0.79 -10.62
C TRP E 750 54.11 1.48 -10.96
N LYS E 751 54.66 1.15 -12.13
CA LYS E 751 55.86 1.80 -12.66
C LYS E 751 55.54 2.35 -14.04
N THR E 752 55.92 3.60 -14.28
CA THR E 752 55.59 4.29 -15.52
C THR E 752 56.82 4.35 -16.42
N ASP E 753 56.72 3.72 -17.59
CA ASP E 753 57.77 3.77 -18.61
C ASP E 753 57.15 4.14 -19.94
N ALA E 754 57.71 5.18 -20.58
CA ALA E 754 57.18 5.61 -21.87
C ALA E 754 57.49 4.61 -22.98
N GLN E 755 58.65 3.97 -22.90
CA GLN E 755 59.03 3.02 -23.95
C GLN E 755 58.10 1.83 -23.99
N ARG E 756 57.70 1.31 -22.84
CA ARG E 756 56.83 0.14 -22.77
C ARG E 756 55.35 0.48 -22.85
N ARG E 757 55.01 1.77 -22.90
CA ARG E 757 53.61 2.18 -23.00
C ARG E 757 53.38 3.06 -24.22
N ASN E 760 50.18 1.97 -27.90
CA ASN E 760 49.08 1.21 -28.47
C ASN E 760 49.57 0.36 -29.66
N GLU E 761 50.34 -0.68 -29.36
CA GLU E 761 50.84 -1.55 -30.42
C GLU E 761 49.70 -2.28 -31.12
N GLU E 762 48.74 -2.78 -30.36
CA GLU E 762 47.62 -3.53 -30.90
C GLU E 762 46.35 -3.13 -30.16
N LEU E 763 45.24 -3.03 -30.90
CA LEU E 763 43.96 -2.69 -30.29
C LEU E 763 43.54 -3.75 -29.28
N ALA E 764 43.72 -5.03 -29.61
CA ALA E 764 43.39 -6.15 -28.73
C ALA E 764 41.94 -6.09 -28.23
N ARG E 766 38.44 -12.36 -29.02
CA ARG E 766 38.94 -11.08 -29.50
C ARG E 766 40.43 -11.17 -29.87
N ILE E 767 41.24 -11.58 -28.89
CA ILE E 767 42.68 -11.74 -29.09
C ILE E 767 43.10 -13.06 -28.49
N TYR E 768 44.24 -13.58 -28.98
CA TYR E 768 44.78 -14.84 -28.49
C TYR E 768 46.20 -14.69 -27.94
N ASN E 769 46.69 -13.46 -27.78
CA ASN E 769 48.01 -13.21 -27.23
C ASN E 769 47.93 -13.31 -25.70
N PHE E 770 47.88 -14.56 -25.22
CA PHE E 770 47.77 -14.78 -23.78
C PHE E 770 48.98 -14.26 -23.04
N ASN E 771 50.19 -14.50 -23.57
CA ASN E 771 51.42 -14.04 -22.93
C ASN E 771 52.33 -13.48 -24.01
N ASP E 772 52.83 -12.26 -23.81
CA ASP E 772 53.72 -11.63 -24.75
C ASP E 772 55.17 -11.99 -24.40
N ASN E 773 56.13 -11.31 -25.03
CA ASN E 773 57.54 -11.56 -24.79
C ASN E 773 57.94 -11.15 -23.37
N VAL F 323 -10.26 35.35 31.75
CA VAL F 323 -11.22 34.34 31.32
C VAL F 323 -11.30 33.24 32.37
N LYS F 324 -10.14 32.75 32.83
CA LYS F 324 -10.12 31.71 33.84
C LYS F 324 -10.74 32.21 35.14
N GLN F 325 -10.43 33.44 35.54
CA GLN F 325 -11.01 34.00 36.75
C GLN F 325 -12.52 34.17 36.61
N LEU F 326 -12.99 34.50 35.40
CA LEU F 326 -14.42 34.66 35.18
C LEU F 326 -15.15 33.33 35.29
N LEU F 327 -14.63 32.29 34.64
CA LEU F 327 -15.30 30.99 34.65
C LEU F 327 -15.22 30.35 36.03
N ASN F 328 -14.11 30.55 36.74
CA ASN F 328 -14.01 30.01 38.10
C ASN F 328 -15.07 30.60 39.01
N GLN F 329 -15.29 31.92 38.91
CA GLN F 329 -16.35 32.55 39.69
C GLN F 329 -17.72 32.03 39.28
N LEU F 330 -17.95 31.87 37.97
CA LEU F 330 -19.24 31.36 37.49
C LEU F 330 -19.47 29.94 37.95
N GLY F 331 -18.43 29.10 37.90
CA GLY F 331 -18.58 27.71 38.32
C GLY F 331 -18.93 27.57 39.78
N HIS F 332 -18.26 28.35 40.64
CA HIS F 332 -18.58 28.31 42.07
C HIS F 332 -19.99 28.83 42.33
N GLU F 333 -20.39 29.89 41.64
CA GLU F 333 -21.73 30.43 41.82
C GLU F 333 -22.79 29.41 41.39
N GLU F 334 -22.59 28.76 40.24
CA GLU F 334 -23.55 27.76 39.78
C GLU F 334 -23.58 26.55 40.71
N ARG F 335 -22.42 26.11 41.18
CA ARG F 335 -22.38 24.98 42.11
C ARG F 335 -23.10 25.33 43.42
N THR F 336 -22.92 26.56 43.90
CA THR F 336 -23.64 27.00 45.09
C THR F 336 -25.15 27.00 44.86
N LYS F 337 -25.58 27.48 43.69
CA LYS F 337 -27.00 27.53 43.39
C LYS F 337 -27.62 26.14 43.37
N MET F 338 -26.91 25.16 42.79
CA MET F 338 -27.41 23.79 42.77
C MET F 338 -27.54 23.23 44.18
N GLU F 339 -26.57 23.51 45.04
CA GLU F 339 -26.63 23.04 46.42
C GLU F 339 -27.80 23.64 47.17
N GLU F 340 -28.06 24.93 46.96
CA GLU F 340 -29.16 25.59 47.66
C GLU F 340 -30.50 24.98 47.30
N ASN F 341 -30.71 24.68 46.02
CA ASN F 341 -31.94 24.04 45.60
C ASN F 341 -32.07 22.64 46.20
N TRP F 342 -30.96 21.90 46.27
CA TRP F 342 -30.98 20.57 46.87
C TRP F 342 -31.25 20.65 48.37
N ILE F 343 -30.71 21.67 49.04
CA ILE F 343 -31.04 21.89 50.44
C ILE F 343 -32.54 22.18 50.59
N GLU F 344 -33.08 22.98 49.66
CA GLU F 344 -34.52 23.28 49.70
C GLU F 344 -35.34 22.01 49.55
N GLU F 345 -34.94 21.11 48.66
CA GLU F 345 -35.63 19.84 48.49
C GLU F 345 -35.15 18.76 49.45
N GLY F 346 -34.13 19.04 50.26
CA GLY F 346 -33.62 18.07 51.20
C GLY F 346 -32.71 17.05 50.55
N LYS F 347 -32.22 16.14 51.38
CA LYS F 347 -31.29 15.09 50.94
C LYS F 347 -32.09 14.01 50.19
N ARG F 348 -32.52 14.37 48.98
CA ARG F 348 -33.24 13.42 48.15
C ARG F 348 -32.33 12.27 47.72
N GLY F 349 -31.17 12.58 47.18
CA GLY F 349 -30.19 11.57 46.84
C GLY F 349 -28.82 12.16 46.55
N ARG F 350 -27.80 11.62 47.22
CA ARG F 350 -26.39 12.05 47.08
C ARG F 350 -26.35 13.56 47.26
N LYS F 351 -25.63 14.30 46.40
CA LYS F 351 -25.57 15.75 46.48
C LYS F 351 -25.06 16.31 45.15
N PRO F 352 -25.78 17.25 44.54
CA PRO F 352 -25.32 17.80 43.26
C PRO F 352 -24.12 18.72 43.41
N THR F 353 -22.95 18.23 43.00
CA THR F 353 -21.73 19.00 43.04
C THR F 353 -21.11 19.25 41.67
N THR F 354 -21.56 18.56 40.64
CA THR F 354 -21.02 18.70 39.29
C THR F 354 -22.06 19.32 38.38
N ILE F 355 -21.68 20.39 37.70
CA ILE F 355 -22.59 21.03 36.74
C ILE F 355 -22.83 20.09 35.57
N SER F 356 -24.09 19.93 35.18
CA SER F 356 -24.43 19.04 34.09
C SER F 356 -23.82 19.56 32.79
N PRO F 357 -23.44 18.66 31.87
CA PRO F 357 -22.82 19.12 30.61
C PRO F 357 -23.68 20.08 29.82
N ILE F 358 -25.00 19.88 29.81
CA ILE F 358 -25.87 20.79 29.09
C ILE F 358 -25.87 22.16 29.75
N LYS F 359 -25.86 22.20 31.09
CA LYS F 359 -25.82 23.48 31.79
C LYS F 359 -24.50 24.20 31.54
N CYS F 360 -23.41 23.46 31.43
CA CYS F 360 -22.12 24.07 31.13
C CYS F 360 -22.14 24.77 29.78
N ALA F 361 -22.77 24.15 28.79
CA ALA F 361 -22.86 24.77 27.47
C ALA F 361 -23.66 26.06 27.53
N TYR F 362 -24.72 26.09 28.34
CA TYR F 362 -25.51 27.30 28.50
C TYR F 362 -24.68 28.44 29.07
N ILE F 363 -23.87 28.14 30.09
CA ILE F 363 -23.05 29.17 30.72
C ILE F 363 -21.95 29.64 29.76
N LEU F 364 -21.26 28.70 29.13
CA LEU F 364 -20.13 29.05 28.29
C LEU F 364 -20.56 29.86 27.07
N ASN F 365 -21.68 29.47 26.45
CA ASN F 365 -22.14 30.21 25.27
C ASN F 365 -22.49 31.64 25.63
N GLU F 366 -23.04 31.85 26.83
CA GLU F 366 -23.42 33.19 27.23
C GLU F 366 -22.20 34.09 27.48
N HIS F 367 -21.20 33.57 28.17
CA HIS F 367 -20.06 34.38 28.61
C HIS F 367 -18.84 34.22 27.72
N LEU F 368 -18.93 33.48 26.62
CA LEU F 368 -17.82 33.32 25.70
C LEU F 368 -18.35 33.37 24.28
N THR F 369 -17.43 33.29 23.31
CA THR F 369 -17.77 33.38 21.89
C THR F 369 -17.36 32.07 21.22
N PHE F 370 -18.32 31.19 21.01
CA PHE F 370 -18.13 29.95 20.26
C PHE F 370 -18.90 30.05 18.96
N ILE F 371 -18.23 29.73 17.85
CA ILE F 371 -18.84 29.77 16.53
C ILE F 371 -18.55 28.46 15.82
N LEU F 372 -19.26 28.23 14.73
CA LEU F 372 -19.09 27.05 13.88
C LEU F 372 -18.81 27.54 12.47
N PHE F 373 -17.68 27.10 11.91
CA PHE F 373 -17.23 27.64 10.63
C PHE F 373 -18.23 27.33 9.51
N ASP F 374 -18.73 26.11 9.46
CA ASP F 374 -19.67 25.73 8.41
C ASP F 374 -20.50 24.55 8.89
N ASP F 375 -21.59 24.29 8.17
CA ASP F 375 -22.56 23.26 8.53
C ASP F 375 -22.18 21.89 8.00
N GLU F 376 -21.02 21.74 7.38
CA GLU F 376 -20.61 20.44 6.87
C GLU F 376 -20.41 19.46 8.01
N GLU F 377 -20.52 18.17 7.69
CA GLU F 377 -20.52 17.12 8.70
C GLU F 377 -19.19 17.09 9.46
N ASN F 378 -19.27 16.81 10.76
CA ASN F 378 -18.11 16.67 11.63
C ASN F 378 -17.26 17.93 11.68
N THR F 379 -17.91 19.10 11.62
CA THR F 379 -17.19 20.36 11.77
C THR F 379 -16.77 20.55 13.22
N LYS F 380 -15.51 20.92 13.42
CA LYS F 380 -14.99 21.12 14.77
C LYS F 380 -15.43 22.48 15.31
N LEU F 381 -15.83 22.50 16.57
CA LEU F 381 -16.23 23.75 17.20
C LEU F 381 -15.05 24.70 17.32
N ALA F 382 -15.30 25.98 17.09
CA ALA F 382 -14.28 27.01 17.15
C ALA F 382 -14.55 27.96 18.30
N MET F 383 -13.51 28.29 19.06
CA MET F 383 -13.61 29.18 20.20
C MET F 383 -12.74 30.40 19.99
N TYR F 384 -13.28 31.57 20.32
CA TYR F 384 -12.53 32.82 20.21
C TYR F 384 -11.77 33.04 21.52
N GLN F 385 -10.48 32.75 21.51
CA GLN F 385 -9.63 33.03 22.66
C GLN F 385 -9.30 34.52 22.68
N PHE F 386 -9.70 35.19 23.77
CA PHE F 386 -9.69 36.65 23.79
C PHE F 386 -8.28 37.22 23.69
N ASP F 387 -7.33 36.62 24.42
CA ASP F 387 -5.98 37.17 24.43
C ASP F 387 -5.31 37.07 23.06
N GLU F 388 -5.46 35.94 22.38
CA GLU F 388 -4.85 35.80 21.06
C GLU F 388 -5.60 36.57 19.99
N GLY F 389 -6.92 36.70 20.15
CA GLY F 389 -7.73 37.42 19.19
C GLY F 389 -8.11 36.64 17.95
N ILE F 390 -7.82 35.35 17.89
CA ILE F 390 -8.15 34.52 16.74
C ILE F 390 -8.92 33.30 17.22
N TYR F 391 -9.81 32.81 16.35
CA TYR F 391 -10.57 31.60 16.68
C TYR F 391 -9.69 30.38 16.55
N THR F 392 -9.89 29.41 17.44
CA THR F 392 -9.13 28.18 17.45
C THR F 392 -10.06 26.99 17.51
N GLN F 393 -9.67 25.91 16.81
CA GLN F 393 -10.41 24.66 16.84
C GLN F 393 -9.70 23.58 17.66
N ASN F 394 -8.65 23.96 18.39
CA ASN F 394 -7.92 23.00 19.20
C ASN F 394 -8.79 22.53 20.36
N THR F 395 -9.07 21.23 20.40
CA THR F 395 -9.93 20.69 21.45
C THR F 395 -9.29 20.83 22.83
N THR F 396 -7.98 20.62 22.93
CA THR F 396 -7.33 20.74 24.23
C THR F 396 -7.44 22.15 24.79
N ILE F 397 -7.30 23.16 23.93
CA ILE F 397 -7.54 24.54 24.37
C ILE F 397 -8.98 24.71 24.84
N ILE F 398 -9.92 24.18 24.06
CA ILE F 398 -11.33 24.27 24.44
C ILE F 398 -11.60 23.46 25.71
N LYS F 399 -11.08 22.24 25.77
CA LYS F 399 -11.32 21.39 26.93
C LYS F 399 -10.73 21.98 28.19
N ARG F 400 -9.59 22.67 28.09
CA ARG F 400 -9.04 23.37 29.25
C ARG F 400 -10.00 24.45 29.73
N VAL F 401 -10.65 25.15 28.79
CA VAL F 401 -11.63 26.15 29.16
C VAL F 401 -12.81 25.51 29.90
N ILE F 402 -13.21 24.32 29.48
CA ILE F 402 -14.28 23.61 30.18
C ILE F 402 -13.88 23.35 31.63
N SER F 403 -12.61 22.97 31.83
CA SER F 403 -12.15 22.65 33.19
C SER F 403 -12.24 23.84 34.12
N TYR F 404 -12.12 25.06 33.58
CA TYR F 404 -12.26 26.25 34.42
C TYR F 404 -13.66 26.33 35.01
N LEU F 405 -14.68 26.09 34.18
CA LEU F 405 -16.05 26.14 34.68
C LEU F 405 -16.38 24.93 35.54
N GLU F 406 -15.99 23.73 35.09
CA GLU F 406 -16.30 22.49 35.80
C GLU F 406 -15.10 21.57 35.75
N PRO F 407 -14.21 21.65 36.74
CA PRO F 407 -13.01 20.80 36.72
C PRO F 407 -13.30 19.31 36.83
N LYS F 408 -14.44 18.93 37.39
CA LYS F 408 -14.71 17.52 37.64
C LYS F 408 -15.09 16.74 36.38
N HIS F 409 -15.32 17.41 35.26
CA HIS F 409 -15.69 16.71 34.04
C HIS F 409 -14.49 15.98 33.46
N ASN F 410 -14.68 14.72 33.09
CA ASN F 410 -13.65 13.94 32.42
C ASN F 410 -13.69 14.25 30.93
N SER F 411 -12.91 13.49 30.15
CA SER F 411 -12.85 13.74 28.71
C SER F 411 -14.20 13.48 28.04
N ASN F 412 -14.88 12.41 28.43
CA ASN F 412 -16.17 12.09 27.82
C ASN F 412 -17.20 13.17 28.11
N LYS F 413 -17.28 13.63 29.36
CA LYS F 413 -18.23 14.69 29.69
C LYS F 413 -17.84 16.01 29.05
N ALA F 414 -16.54 16.29 28.94
CA ALA F 414 -16.10 17.49 28.23
C ALA F 414 -16.50 17.43 26.77
N ASP F 415 -16.40 16.25 26.16
CA ASP F 415 -16.87 16.07 24.79
C ASP F 415 -18.36 16.34 24.70
N GLU F 416 -19.12 15.92 25.71
CA GLU F 416 -20.56 16.19 25.73
C GLU F 416 -20.82 17.69 25.78
N VAL F 417 -20.01 18.43 26.56
CA VAL F 417 -20.15 19.88 26.60
C VAL F 417 -19.85 20.48 25.23
N ILE F 418 -18.81 19.98 24.57
CA ILE F 418 -18.47 20.45 23.23
C ILE F 418 -19.59 20.12 22.25
N TYR F 419 -20.16 18.92 22.35
CA TYR F 419 -21.24 18.52 21.47
C TYR F 419 -22.47 19.41 21.65
N HIS F 420 -22.82 19.72 22.90
CA HIS F 420 -23.95 20.60 23.14
C HIS F 420 -23.71 22.00 22.58
N LEU F 421 -22.48 22.51 22.72
CA LEU F 421 -22.16 23.82 22.17
C LEU F 421 -22.27 23.82 20.65
N THR F 422 -21.86 22.72 20.01
CA THR F 422 -21.92 22.63 18.56
C THR F 422 -23.35 22.84 18.06
N ASN F 423 -24.33 22.28 18.76
CA ASN F 423 -25.72 22.45 18.36
C ASN F 423 -26.21 23.86 18.64
N MET F 424 -25.76 24.47 19.73
CA MET F 424 -26.24 25.79 20.14
C MET F 424 -25.72 26.93 19.27
N VAL F 425 -24.42 26.91 18.95
CA VAL F 425 -23.80 28.10 18.38
C VAL F 425 -24.26 28.32 16.94
N ASP F 426 -24.18 29.57 16.51
CA ASP F 426 -24.53 29.97 15.15
C ASP F 426 -23.36 29.68 14.22
N ILE F 427 -23.65 29.71 12.93
CA ILE F 427 -22.69 29.34 11.89
C ILE F 427 -22.22 30.63 11.21
N LYS F 428 -20.91 30.87 11.26
CA LYS F 428 -20.31 32.01 10.61
C LYS F 428 -19.09 31.55 9.81
N GLU F 429 -18.91 32.15 8.64
CA GLU F 429 -17.80 31.79 7.77
C GLU F 429 -16.58 32.66 8.08
N LYS F 430 -15.40 32.11 7.79
CA LYS F 430 -14.16 32.82 8.05
C LYS F 430 -14.05 34.04 7.15
N THR F 431 -13.58 35.15 7.73
CA THR F 431 -13.38 36.38 6.97
C THR F 431 -12.19 36.20 6.04
N ASN F 432 -12.46 35.95 4.76
CA ASN F 432 -11.42 35.72 3.77
C ASN F 432 -11.14 36.95 2.92
N SER F 433 -11.39 38.14 3.46
CA SER F 433 -11.14 39.36 2.71
C SER F 433 -9.64 39.56 2.52
N PRO F 434 -9.16 39.70 1.27
CA PRO F 434 -7.72 39.92 1.07
C PRO F 434 -7.23 41.23 1.65
N TYR F 435 -8.12 42.19 1.93
CA TYR F 435 -7.71 43.48 2.46
C TYR F 435 -7.39 43.45 3.94
N LEU F 436 -7.69 42.35 4.64
CA LEU F 436 -7.45 42.24 6.06
C LEU F 436 -6.36 41.18 6.30
N ILE F 437 -5.32 41.57 7.04
CA ILE F 437 -4.22 40.68 7.38
C ILE F 437 -4.07 40.67 8.89
N PRO F 438 -4.33 39.54 9.56
CA PRO F 438 -4.19 39.52 11.03
C PRO F 438 -2.73 39.55 11.45
N VAL F 439 -2.44 40.37 12.45
CA VAL F 439 -1.10 40.52 13.01
C VAL F 439 -1.21 40.34 14.51
N LYS F 440 -0.07 40.08 15.16
CA LYS F 440 -0.07 39.79 16.59
C LYS F 440 -0.72 40.92 17.39
N ASN F 441 -0.39 42.16 17.08
CA ASN F 441 -1.04 43.28 17.75
C ASN F 441 -2.52 43.35 17.43
N GLY F 442 -2.88 43.15 16.18
CA GLY F 442 -4.28 43.22 15.78
C GLY F 442 -4.41 43.05 14.28
N VAL F 443 -5.66 43.14 13.83
CA VAL F 443 -5.94 43.01 12.40
C VAL F 443 -5.46 44.26 11.66
N PHE F 444 -4.83 44.04 10.52
CA PHE F 444 -4.34 45.12 9.66
C PHE F 444 -5.23 45.21 8.43
N ASN F 445 -5.85 46.38 8.23
CA ASN F 445 -6.70 46.63 7.08
C ASN F 445 -5.87 47.33 6.01
N ARG F 446 -5.66 46.63 4.88
CA ARG F 446 -4.83 47.20 3.82
C ARG F 446 -5.52 48.34 3.09
N LYS F 447 -6.86 48.34 3.07
CA LYS F 447 -7.59 49.45 2.44
C LYS F 447 -7.31 50.76 3.16
N THR F 448 -7.36 50.75 4.49
CA THR F 448 -7.12 51.95 5.28
C THR F 448 -5.68 52.07 5.76
N LYS F 449 -4.85 51.04 5.55
CA LYS F 449 -3.47 51.03 6.01
C LYS F 449 -3.38 51.33 7.51
N GLN F 450 -4.31 50.74 8.27
CA GLN F 450 -4.42 50.99 9.70
C GLN F 450 -4.58 49.68 10.45
N LEU F 451 -4.15 49.70 11.71
CA LEU F 451 -4.25 48.52 12.57
C LEU F 451 -5.51 48.59 13.41
N GLU F 452 -6.24 47.48 13.48
CA GLU F 452 -7.49 47.39 14.23
C GLU F 452 -7.35 46.37 15.34
N SER F 453 -7.91 46.68 16.50
CA SER F 453 -7.85 45.79 17.64
C SER F 453 -8.67 44.53 17.38
N PHE F 454 -8.32 43.46 18.08
CA PHE F 454 -9.00 42.19 17.91
C PHE F 454 -10.46 42.29 18.35
N THR F 455 -11.36 41.80 17.50
CA THR F 455 -12.77 41.69 17.81
C THR F 455 -13.25 40.29 17.45
N PRO F 456 -14.26 39.78 18.16
CA PRO F 456 -14.85 38.49 17.77
C PRO F 456 -15.49 38.52 16.39
N ASP F 457 -15.83 39.71 15.87
CA ASP F 457 -16.46 39.80 14.56
C ASP F 457 -15.52 39.33 13.45
N TYR F 458 -14.22 39.54 13.60
CA TYR F 458 -13.24 39.07 12.63
C TYR F 458 -12.91 37.62 12.93
N ILE F 459 -13.33 36.72 12.05
CA ILE F 459 -13.10 35.29 12.21
C ILE F 459 -11.76 34.96 11.55
N PHE F 460 -10.73 34.76 12.37
CA PHE F 460 -9.41 34.38 11.88
C PHE F 460 -8.94 33.14 12.63
N THR F 461 -8.30 32.23 11.91
CA THR F 461 -7.77 31.00 12.50
C THR F 461 -6.26 31.05 12.72
N SER F 462 -5.57 32.06 12.19
CA SER F 462 -4.13 32.19 12.38
C SER F 462 -3.74 33.63 12.15
N LYS F 463 -2.56 34.00 12.65
CA LYS F 463 -2.08 35.36 12.56
C LYS F 463 -0.57 35.37 12.45
N ILE F 464 -0.04 36.49 11.93
CA ILE F 464 1.40 36.67 11.82
C ILE F 464 2.00 36.80 13.21
N ASP F 465 3.11 36.09 13.45
CA ASP F 465 3.69 36.03 14.78
C ASP F 465 4.23 37.38 15.24
N THR F 466 4.91 38.11 14.36
CA THR F 466 5.58 39.33 14.76
C THR F 466 4.57 40.44 15.06
N SER F 467 4.94 41.32 15.99
CA SER F 467 4.10 42.44 16.37
C SER F 467 4.26 43.59 15.40
N TYR F 468 3.15 44.29 15.16
CA TYR F 468 3.13 45.42 14.23
C TYR F 468 3.27 46.72 15.02
N VAL F 469 4.42 47.36 14.91
CA VAL F 469 4.67 48.64 15.55
C VAL F 469 5.25 49.59 14.51
N ARG F 470 4.98 50.88 14.70
CA ARG F 470 5.49 51.89 13.78
C ARG F 470 7.00 52.02 13.93
N GLN F 471 7.71 51.96 12.80
CA GLN F 471 9.16 52.02 12.78
C GLN F 471 9.62 53.25 12.03
N ASP F 472 10.55 54.00 12.62
CA ASP F 472 11.10 55.19 12.00
C ASP F 472 12.56 55.07 11.60
N ILE F 473 13.36 54.32 12.34
CA ILE F 473 14.77 54.11 12.05
C ILE F 473 15.02 52.62 11.91
N VAL F 474 15.88 52.26 10.96
CA VAL F 474 16.22 50.86 10.72
C VAL F 474 16.99 50.33 11.92
N PRO F 475 16.54 49.25 12.54
CA PRO F 475 17.26 48.69 13.70
C PRO F 475 18.64 48.18 13.29
N GLU F 476 19.60 48.35 14.19
CA GLU F 476 20.97 47.91 13.97
C GLU F 476 21.39 47.05 15.16
N ILE F 477 21.81 45.82 14.87
CA ILE F 477 22.35 44.91 15.88
C ILE F 477 23.79 44.61 15.51
N ASN F 478 24.71 44.97 16.43
CA ASN F 478 26.14 44.82 16.20
C ASN F 478 26.57 45.50 14.90
N GLY F 479 25.97 46.65 14.62
CA GLY F 479 26.27 47.39 13.40
C GLY F 479 25.91 46.66 12.12
N TRP F 480 24.82 45.91 12.14
CA TRP F 480 24.32 45.20 10.96
C TRP F 480 22.97 45.77 10.58
N ASN F 481 22.83 46.18 9.32
CA ASN F 481 21.60 46.80 8.83
C ASN F 481 20.84 45.78 7.98
N ILE F 482 19.58 45.56 8.33
CA ILE F 482 18.76 44.59 7.59
C ILE F 482 18.53 45.05 6.17
N ASP F 483 18.26 46.35 5.96
CA ASP F 483 18.05 46.85 4.62
C ASP F 483 19.32 46.72 3.77
N ARG F 484 20.47 47.01 4.36
CA ARG F 484 21.73 46.80 3.64
C ARG F 484 21.97 45.33 3.35
N TRP F 485 21.54 44.44 4.25
CA TRP F 485 21.65 43.02 4.00
C TRP F 485 20.82 42.61 2.78
N ILE F 486 19.62 43.18 2.64
CA ILE F 486 18.83 42.94 1.45
C ILE F 486 19.55 43.45 0.21
N GLU F 487 20.17 44.62 0.31
CA GLU F 487 20.97 45.13 -0.80
C GLU F 487 22.13 44.20 -1.12
N GLU F 488 22.79 43.67 -0.09
CA GLU F 488 23.88 42.73 -0.31
C GLU F 488 23.40 41.46 -1.00
N ILE F 489 22.22 40.98 -0.62
CA ILE F 489 21.66 39.77 -1.22
C ILE F 489 21.43 39.97 -2.71
N ALA F 490 20.87 41.12 -3.09
CA ALA F 490 20.53 41.42 -4.46
C ALA F 490 21.66 42.07 -5.23
N CYS F 491 22.87 42.15 -4.65
CA CYS F 491 24.02 42.78 -5.28
C CYS F 491 23.73 44.23 -5.64
N ASN F 492 23.08 44.95 -4.71
CA ASN F 492 22.76 46.37 -4.88
C ASN F 492 21.96 46.63 -6.15
N ASP F 493 20.95 45.80 -6.38
CA ASP F 493 20.04 45.97 -7.51
C ASP F 493 18.72 46.55 -7.00
N ASN F 494 18.37 47.74 -7.49
CA ASN F 494 17.17 48.41 -7.00
C ASN F 494 15.91 47.64 -7.35
N GLN F 495 15.85 47.08 -8.56
CA GLN F 495 14.66 46.34 -8.96
C GLN F 495 14.48 45.07 -8.11
N VAL F 496 15.57 44.37 -7.82
CA VAL F 496 15.47 43.10 -7.11
C VAL F 496 15.07 43.34 -5.66
N VAL F 497 15.66 44.33 -5.00
CA VAL F 497 15.29 44.62 -3.61
C VAL F 497 13.84 45.09 -3.54
N LYS F 498 13.39 45.83 -4.55
CA LYS F 498 11.98 46.18 -4.62
C LYS F 498 11.13 44.94 -4.78
N LEU F 499 11.55 44.01 -5.63
CA LEU F 499 10.84 42.74 -5.77
C LEU F 499 10.87 41.93 -4.49
N LEU F 500 12.02 41.92 -3.80
CA LEU F 500 12.15 41.13 -2.58
C LEU F 500 11.18 41.63 -1.50
N TRP F 501 11.05 42.95 -1.35
CA TRP F 501 10.07 43.49 -0.42
C TRP F 501 8.66 43.13 -0.85
N GLN F 502 8.39 43.18 -2.16
CA GLN F 502 7.07 42.77 -2.65
C GLN F 502 6.82 41.30 -2.37
N VAL F 503 7.86 40.47 -2.42
CA VAL F 503 7.70 39.04 -2.12
C VAL F 503 7.26 38.86 -0.68
N ILE F 504 7.88 39.57 0.25
CA ILE F 504 7.50 39.47 1.65
C ILE F 504 6.07 39.94 1.85
N ASN F 505 5.68 41.01 1.14
CA ASN F 505 4.32 41.52 1.24
C ASN F 505 3.31 40.47 0.78
N ASP F 506 3.59 39.78 -0.33
CA ASP F 506 2.67 38.78 -0.83
C ASP F 506 2.63 37.55 0.07
N SER F 507 3.75 37.25 0.75
CA SER F 507 3.83 36.04 1.55
C SER F 507 2.83 36.08 2.71
N MET F 508 2.71 37.22 3.38
CA MET F 508 1.87 37.30 4.57
C MET F 508 0.39 37.18 4.22
N ASN F 509 -0.03 37.77 3.11
CA ASN F 509 -1.43 37.74 2.72
C ASN F 509 -1.77 36.37 2.16
N GLY F 510 -2.62 35.62 2.88
CA GLY F 510 -3.02 34.29 2.50
C GLY F 510 -4.30 34.21 1.70
N ASN F 511 -4.91 35.33 1.34
CA ASN F 511 -6.14 35.34 0.56
C ASN F 511 -5.96 35.88 -0.85
N TYR F 512 -4.83 36.52 -1.14
CA TYR F 512 -4.53 37.03 -2.47
C TYR F 512 -3.25 36.37 -2.96
N THR F 513 -3.30 35.77 -4.14
CA THR F 513 -2.20 34.95 -4.63
C THR F 513 -1.35 35.64 -5.68
N ARG F 514 -1.89 36.62 -6.40
CA ARG F 514 -1.21 37.38 -7.46
C ARG F 514 -0.81 36.54 -8.66
N LYS F 515 -1.13 35.23 -8.66
CA LYS F 515 -0.96 34.37 -9.82
C LYS F 515 0.49 34.33 -10.31
N LYS F 516 1.44 34.31 -9.38
CA LYS F 516 2.85 34.20 -9.72
C LYS F 516 3.54 33.26 -8.74
N ALA F 517 4.56 32.57 -9.26
CA ALA F 517 5.37 31.65 -8.46
C ALA F 517 6.79 32.20 -8.36
N ILE F 518 7.35 32.17 -7.16
CA ILE F 518 8.66 32.73 -6.88
C ILE F 518 9.65 31.59 -6.67
N PHE F 519 10.72 31.59 -7.45
CA PHE F 519 11.78 30.59 -7.34
C PHE F 519 13.09 31.28 -6.97
N PHE F 520 13.80 30.71 -6.01
CA PHE F 520 15.11 31.18 -5.61
C PHE F 520 16.17 30.29 -6.24
N VAL F 521 17.01 30.88 -7.10
CA VAL F 521 18.05 30.14 -7.80
C VAL F 521 19.39 30.64 -7.28
N GLY F 522 20.16 29.75 -6.68
CA GLY F 522 21.48 30.08 -6.18
C GLY F 522 22.38 28.87 -6.17
N ASP F 523 23.58 29.04 -6.73
CA ASP F 523 24.51 27.92 -6.83
C ASP F 523 24.91 27.42 -5.44
N GLY F 524 25.20 28.34 -4.53
CA GLY F 524 25.59 27.96 -3.18
C GLY F 524 25.98 29.15 -2.32
N ASN F 525 25.56 29.14 -1.06
CA ASN F 525 25.84 30.22 -0.11
C ASN F 525 25.42 31.57 -0.67
N ASN F 526 24.24 31.60 -1.28
CA ASN F 526 23.66 32.84 -1.80
C ASN F 526 22.70 33.50 -0.82
N GLY F 527 22.51 32.93 0.37
CA GLY F 527 21.59 33.49 1.33
C GLY F 527 20.15 33.10 1.14
N LYS F 528 19.86 32.14 0.27
CA LYS F 528 18.48 31.71 0.06
C LYS F 528 17.88 31.13 1.35
N GLY F 529 18.66 30.31 2.06
CA GLY F 529 18.15 29.75 3.31
C GLY F 529 17.92 30.81 4.36
N THR F 530 18.80 31.80 4.46
CA THR F 530 18.61 32.88 5.41
C THR F 530 17.36 33.68 5.10
N PHE F 531 17.12 33.99 3.82
CA PHE F 531 15.91 34.70 3.45
C PHE F 531 14.66 33.88 3.76
N GLN F 532 14.70 32.58 3.49
CA GLN F 532 13.58 31.72 3.85
C GLN F 532 13.38 31.68 5.36
N GLU F 533 14.48 31.62 6.12
CA GLU F 533 14.37 31.66 7.57
C GLU F 533 13.86 33.02 8.04
N LEU F 534 14.19 34.10 7.32
CA LEU F 534 13.64 35.40 7.66
C LEU F 534 12.12 35.41 7.50
N LEU F 535 11.63 34.86 6.39
CA LEU F 535 10.18 34.75 6.20
C LEU F 535 9.57 33.83 7.25
N SER F 536 10.25 32.72 7.56
CA SER F 536 9.77 31.82 8.59
C SER F 536 9.79 32.45 9.98
N ASN F 537 10.51 33.56 10.15
CA ASN F 537 10.57 34.25 11.42
C ASN F 537 9.59 35.42 11.49
N VAL F 538 9.54 36.26 10.46
CA VAL F 538 8.58 37.36 10.45
C VAL F 538 7.15 36.82 10.42
N ILE F 539 6.92 35.79 9.61
CA ILE F 539 5.64 35.09 9.63
C ILE F 539 5.70 33.99 10.68
N GLY F 540 4.52 33.58 11.16
CA GLY F 540 4.47 32.52 12.15
C GLY F 540 5.08 31.24 11.63
N TYR F 541 5.72 30.51 12.55
CA TYR F 541 6.36 29.25 12.18
C TYR F 541 5.32 28.24 11.67
N SER F 542 4.17 28.16 12.32
CA SER F 542 3.13 27.25 11.88
C SER F 542 2.44 27.75 10.62
N ASN F 543 2.52 29.04 10.34
CA ASN F 543 1.83 29.61 9.18
C ASN F 543 2.50 29.28 7.86
N ILE F 544 3.70 28.71 7.87
CA ILE F 544 4.45 28.43 6.65
C ILE F 544 4.37 26.95 6.34
N ALA F 545 4.46 26.61 5.06
CA ALA F 545 4.42 25.24 4.59
C ALA F 545 5.72 24.87 3.89
N SER F 546 6.14 23.63 4.08
CA SER F 546 7.36 23.10 3.48
C SER F 546 6.98 22.03 2.46
N LEU F 547 7.22 22.32 1.18
CA LEU F 547 6.91 21.39 0.12
C LEU F 547 7.62 21.82 -1.16
N LYS F 548 8.16 20.85 -1.89
CA LYS F 548 8.91 21.11 -3.10
C LYS F 548 7.99 21.11 -4.32
N VAL F 549 8.53 21.56 -5.45
CA VAL F 549 7.76 21.63 -6.69
C VAL F 549 7.36 20.23 -7.15
N ASN F 550 8.33 19.30 -7.13
CA ASN F 550 8.06 17.96 -7.61
C ASN F 550 7.18 17.16 -6.67
N GLU F 551 7.00 17.62 -5.43
CA GLU F 551 6.24 16.89 -4.43
C GLU F 551 4.79 17.33 -4.35
N PHE F 552 4.37 18.32 -5.12
CA PHE F 552 2.98 18.79 -5.05
C PHE F 552 2.01 17.70 -5.49
N ASP F 553 2.35 16.96 -6.54
CA ASP F 553 1.44 15.98 -7.12
C ASP F 553 1.44 14.65 -6.37
N GLU F 554 2.28 14.48 -5.37
CA GLU F 554 2.28 13.24 -4.60
C GLU F 554 1.04 13.18 -3.70
N ARG F 555 0.69 11.96 -3.30
CA ARG F 555 -0.49 11.76 -2.46
C ARG F 555 -0.27 12.36 -1.08
N PHE F 556 -1.31 12.99 -0.56
CA PHE F 556 -1.39 13.58 0.77
C PHE F 556 -0.41 14.74 0.97
N LYS F 557 0.33 15.15 -0.06
CA LYS F 557 1.28 16.24 0.10
C LYS F 557 0.56 17.58 0.15
N LEU F 558 -0.51 17.74 -0.63
CA LEU F 558 -1.28 18.98 -0.59
C LEU F 558 -2.04 19.15 0.71
N SER F 559 -2.10 18.12 1.54
CA SER F 559 -2.82 18.19 2.81
C SER F 559 -2.21 19.21 3.76
N VAL F 560 -0.90 19.44 3.66
CA VAL F 560 -0.22 20.33 4.61
C VAL F 560 -0.55 21.79 4.36
N LEU F 561 -1.06 22.13 3.18
CA LEU F 561 -1.33 23.51 2.80
C LEU F 561 -2.72 23.99 3.21
N GLU F 562 -3.32 23.36 4.23
CA GLU F 562 -4.68 23.71 4.61
C GLU F 562 -4.75 25.14 5.17
N GLY F 563 -4.03 25.39 6.26
CA GLY F 563 -4.08 26.68 6.90
C GLY F 563 -2.76 27.42 6.88
N LYS F 564 -2.07 27.37 5.74
CA LYS F 564 -0.75 27.97 5.59
C LYS F 564 -0.85 29.24 4.77
N THR F 565 -0.24 30.32 5.28
CA THR F 565 -0.24 31.59 4.56
C THR F 565 0.64 31.52 3.32
N ALA F 566 1.70 30.72 3.36
CA ALA F 566 2.61 30.58 2.23
C ALA F 566 3.31 29.24 2.31
N VAL F 567 3.85 28.80 1.18
CA VAL F 567 4.58 27.54 1.08
C VAL F 567 6.01 27.85 0.67
N ILE F 568 6.97 27.26 1.38
CA ILE F 568 8.39 27.47 1.14
C ILE F 568 9.04 26.14 0.80
N GLY F 569 9.73 26.08 -0.34
CA GLY F 569 10.53 24.93 -0.68
C GLY F 569 11.95 25.08 -0.18
N ASP F 570 12.31 24.32 0.85
CA ASP F 570 13.62 24.50 1.49
C ASP F 570 14.75 24.23 0.51
N ASP F 571 14.64 23.16 -0.27
CA ASP F 571 15.68 22.81 -1.23
C ASP F 571 15.07 21.97 -2.33
N VAL F 572 15.20 22.42 -3.57
CA VAL F 572 14.68 21.74 -4.75
C VAL F 572 15.86 21.06 -5.45
N PRO F 573 15.74 19.80 -5.86
CA PRO F 573 16.85 19.15 -6.57
C PRO F 573 17.20 19.89 -7.85
N VAL F 574 18.50 19.90 -8.16
CA VAL F 574 18.99 20.65 -9.32
C VAL F 574 18.45 20.02 -10.59
N GLY F 575 17.71 20.80 -11.37
CA GLY F 575 17.19 20.32 -12.64
C GLY F 575 16.23 19.16 -12.51
N VAL F 576 15.42 19.14 -11.44
CA VAL F 576 14.44 18.07 -11.27
C VAL F 576 13.38 18.17 -12.35
N TYR F 577 13.01 17.02 -12.92
CA TYR F 577 12.02 16.97 -13.99
C TYR F 577 10.63 16.91 -13.38
N VAL F 578 9.88 18.00 -13.51
CA VAL F 578 8.50 18.05 -13.03
C VAL F 578 7.60 17.39 -14.08
N ASP F 579 7.31 16.11 -13.89
CA ASP F 579 6.52 15.37 -14.87
C ASP F 579 5.12 15.96 -15.01
N ASP F 580 4.49 16.29 -13.88
CA ASP F 580 3.15 16.86 -13.86
C ASP F 580 3.15 18.11 -13.00
N SER F 581 2.98 19.27 -13.63
CA SER F 581 2.90 20.54 -12.93
C SER F 581 1.46 21.06 -12.81
N SER F 582 0.48 20.22 -13.11
CA SER F 582 -0.92 20.66 -13.05
C SER F 582 -1.31 21.11 -11.64
N ASN F 583 -0.94 20.32 -10.64
CA ASN F 583 -1.20 20.72 -9.26
C ASN F 583 -0.42 21.97 -8.89
N PHE F 584 0.85 22.05 -9.32
CA PHE F 584 1.64 23.24 -9.05
C PHE F 584 1.05 24.46 -9.73
N LYS F 585 0.63 24.32 -10.99
CA LYS F 585 0.09 25.46 -11.73
C LYS F 585 -1.23 25.92 -11.14
N SER F 586 -2.06 24.98 -10.67
CA SER F 586 -3.35 25.35 -10.10
C SER F 586 -3.17 26.18 -8.83
N VAL F 587 -2.24 25.78 -7.96
CA VAL F 587 -2.02 26.50 -6.72
C VAL F 587 -1.47 27.89 -6.99
N VAL F 588 -0.56 28.01 -7.95
CA VAL F 588 0.03 29.31 -8.27
C VAL F 588 -1.05 30.27 -8.79
N THR F 589 -1.88 29.79 -9.71
CA THR F 589 -2.96 30.62 -10.23
C THR F 589 -4.05 30.82 -9.19
N GLY F 590 -4.25 29.85 -8.30
CA GLY F 590 -5.29 29.91 -7.30
C GLY F 590 -6.54 29.15 -7.64
N ASP F 591 -6.54 28.36 -8.71
CA ASP F 591 -7.70 27.57 -9.07
C ASP F 591 -7.91 26.47 -8.02
N PRO F 592 -9.16 26.04 -7.79
CA PRO F 592 -9.39 24.94 -6.85
C PRO F 592 -8.68 23.67 -7.30
N VAL F 593 -8.17 22.92 -6.33
CA VAL F 593 -7.40 21.70 -6.59
C VAL F 593 -7.93 20.59 -5.69
N LEU F 594 -7.80 19.36 -6.15
CA LEU F 594 -8.26 18.20 -5.40
C LEU F 594 -7.23 17.85 -4.33
N VAL F 595 -7.63 17.91 -3.07
CA VAL F 595 -6.76 17.63 -1.94
C VAL F 595 -7.40 16.55 -1.08
N GLU F 596 -6.58 15.61 -0.61
CA GLU F 596 -7.05 14.51 0.23
C GLU F 596 -6.12 14.36 1.42
N PHE F 597 -6.70 14.34 2.62
CA PHE F 597 -5.93 13.98 3.80
C PHE F 597 -5.73 12.47 3.85
N LYS F 598 -4.69 12.04 4.54
CA LYS F 598 -4.41 10.62 4.64
C LYS F 598 -5.52 9.91 5.41
N ASN F 599 -6.05 8.83 4.84
CA ASN F 599 -7.15 8.07 5.42
C ASN F 599 -8.35 8.96 5.73
N LYS F 600 -8.62 9.91 4.84
CA LYS F 600 -9.75 10.82 4.95
C LYS F 600 -10.30 11.09 3.56
N PRO F 601 -11.59 11.41 3.45
CA PRO F 601 -12.21 11.54 2.12
C PRO F 601 -11.65 12.73 1.35
N LEU F 602 -11.59 12.57 0.03
CA LEU F 602 -11.13 13.64 -0.84
C LEU F 602 -12.15 14.78 -0.85
N TYR F 603 -11.64 16.02 -0.84
CA TYR F 603 -12.49 17.20 -0.90
C TYR F 603 -11.82 18.25 -1.77
N ARG F 604 -12.54 19.34 -2.00
CA ARG F 604 -12.10 20.41 -2.89
C ARG F 604 -11.92 21.70 -2.10
N ALA F 605 -10.79 22.37 -2.33
CA ALA F 605 -10.48 23.61 -1.64
C ALA F 605 -9.59 24.47 -2.52
N THR F 606 -9.54 25.76 -2.19
CA THR F 606 -8.77 26.74 -2.94
C THR F 606 -7.68 27.33 -2.06
N PHE F 607 -6.46 27.34 -2.56
CA PHE F 607 -5.30 27.88 -1.84
C PHE F 607 -4.84 29.15 -2.53
N LYS F 608 -4.72 30.23 -1.77
CA LYS F 608 -4.21 31.50 -2.29
C LYS F 608 -2.80 31.80 -1.80
N CYS F 609 -2.14 30.82 -1.16
CA CYS F 609 -0.79 31.03 -0.66
C CYS F 609 0.20 31.17 -1.81
N THR F 610 1.21 32.00 -1.60
CA THR F 610 2.27 32.18 -2.58
C THR F 610 3.26 31.02 -2.50
N VAL F 611 4.03 30.85 -3.57
CA VAL F 611 4.97 29.74 -3.70
C VAL F 611 6.39 30.28 -3.65
N ILE F 612 7.16 29.79 -2.68
CA ILE F 612 8.58 30.12 -2.55
C ILE F 612 9.37 28.82 -2.62
N GLN F 613 10.35 28.77 -3.51
CA GLN F 613 11.17 27.57 -3.67
C GLN F 613 12.63 27.98 -3.86
N SER F 614 13.53 27.27 -3.18
CA SER F 614 14.97 27.50 -3.30
C SER F 614 15.59 26.33 -4.05
N THR F 615 16.31 26.64 -5.13
CA THR F 615 16.93 25.61 -5.96
C THR F 615 18.31 26.10 -6.40
N ASN F 616 19.20 25.13 -6.62
CA ASN F 616 20.53 25.42 -7.17
C ASN F 616 20.52 25.19 -8.68
N GLY F 617 19.61 25.91 -9.34
CA GLY F 617 19.43 25.75 -10.77
C GLY F 617 17.98 25.60 -11.15
N MET F 618 17.59 26.20 -12.27
CA MET F 618 16.19 26.21 -12.67
C MET F 618 15.74 24.80 -13.03
N PRO F 619 14.66 24.30 -12.42
CA PRO F 619 14.17 22.95 -12.78
C PRO F 619 13.55 22.92 -14.16
N LYS F 620 13.51 21.73 -14.73
CA LYS F 620 12.91 21.50 -16.04
C LYS F 620 11.44 21.12 -15.89
N PHE F 621 10.60 21.69 -16.73
CA PHE F 621 9.17 21.42 -16.73
C PHE F 621 8.76 20.74 -18.03
N LYS F 622 7.94 19.69 -17.91
CA LYS F 622 7.53 18.93 -19.07
C LYS F 622 6.51 19.65 -19.93
N ASP F 623 5.87 20.71 -19.41
CA ASP F 623 4.79 21.37 -20.14
C ASP F 623 5.29 22.02 -21.42
N LYS F 624 6.34 22.82 -21.32
CA LYS F 624 6.87 23.58 -22.46
C LYS F 624 5.78 24.43 -23.11
N THR F 625 4.91 25.00 -22.29
CA THR F 625 3.78 25.78 -22.75
C THR F 625 3.82 27.18 -22.15
N GLY F 626 2.97 28.06 -22.69
CA GLY F 626 2.93 29.43 -22.19
C GLY F 626 2.29 29.55 -20.82
N GLY F 627 1.50 28.56 -20.42
CA GLY F 627 0.89 28.61 -19.10
C GLY F 627 1.90 28.54 -17.98
N THR F 628 2.90 27.67 -18.13
CA THR F 628 3.95 27.56 -17.12
C THR F 628 4.83 28.81 -17.11
N LEU F 629 5.13 29.35 -18.29
CA LEU F 629 6.06 30.47 -18.38
C LEU F 629 5.52 31.71 -17.66
N ARG F 630 4.23 31.99 -17.82
CA ARG F 630 3.66 33.21 -17.23
C ARG F 630 3.62 33.12 -15.72
N ARG F 631 3.45 31.91 -15.17
CA ARG F 631 3.32 31.76 -13.73
C ARG F 631 4.66 31.93 -13.01
N LEU F 632 5.75 31.56 -13.68
CA LEU F 632 7.04 31.49 -13.01
C LEU F 632 7.68 32.87 -12.89
N LEU F 633 8.25 33.15 -11.72
CA LEU F 633 9.09 34.32 -11.48
C LEU F 633 10.37 33.87 -10.80
N ILE F 634 11.49 34.44 -11.22
CA ILE F 634 12.81 33.98 -10.79
C ILE F 634 13.53 35.14 -10.11
N VAL F 635 14.24 34.83 -9.03
CA VAL F 635 15.06 35.78 -8.30
C VAL F 635 16.52 35.45 -8.55
N PRO F 636 17.34 36.40 -9.01
CA PRO F 636 18.71 36.03 -9.42
C PRO F 636 19.56 35.46 -8.30
N PHE F 637 19.61 36.12 -7.14
CA PHE F 637 20.45 35.69 -6.02
C PHE F 637 21.91 35.53 -6.44
N ASN F 638 22.40 36.52 -7.20
CA ASN F 638 23.77 36.43 -7.74
C ASN F 638 24.82 36.51 -6.65
N ALA F 639 24.50 37.13 -5.52
CA ALA F 639 25.48 37.28 -4.46
C ALA F 639 25.91 35.93 -3.90
N ASN F 640 27.18 35.83 -3.54
CA ASN F 640 27.75 34.61 -2.97
C ASN F 640 28.39 34.95 -1.63
N PHE F 641 28.13 34.11 -0.62
CA PHE F 641 28.70 34.28 0.70
C PHE F 641 29.81 33.28 1.00
N ASN F 642 30.37 32.65 -0.04
CA ASN F 642 31.48 31.72 0.17
C ASN F 642 32.80 32.46 0.17
N GLY F 643 33.03 33.33 -0.82
CA GLY F 643 34.24 34.13 -0.82
C GLY F 643 34.30 35.08 0.35
N ILE F 644 33.20 35.79 0.62
CA ILE F 644 33.10 36.59 1.82
C ILE F 644 32.95 35.66 3.02
N LYS F 645 33.52 36.08 4.15
CA LYS F 645 33.46 35.24 5.34
C LYS F 645 32.02 35.03 5.79
N GLU F 646 31.65 33.78 6.04
CA GLU F 646 30.30 33.46 6.45
C GLU F 646 30.02 33.98 7.84
N ASN F 647 28.86 34.63 8.01
CA ASN F 647 28.44 35.15 9.30
C ASN F 647 27.29 34.27 9.80
N PHE F 648 27.62 33.27 10.61
CA PHE F 648 26.60 32.41 11.18
C PHE F 648 25.65 33.19 12.08
N LYS F 649 26.09 34.34 12.58
CA LYS F 649 25.24 35.19 13.40
C LYS F 649 24.02 35.66 12.63
N ILE F 650 24.16 35.86 11.31
CA ILE F 650 23.03 36.28 10.49
C ILE F 650 21.95 35.20 10.48
N LYS F 651 22.35 33.96 10.20
CA LYS F 651 21.38 32.89 10.06
C LYS F 651 20.81 32.46 11.41
N GLU F 652 21.65 32.45 12.45
CA GLU F 652 21.24 31.91 13.75
C GLU F 652 20.62 32.94 14.68
N ASP F 653 21.14 34.17 14.72
CA ASP F 653 20.73 35.13 15.73
C ASP F 653 20.10 36.39 15.16
N TYR F 654 20.72 37.01 14.14
CA TYR F 654 20.33 38.35 13.76
C TYR F 654 18.92 38.38 13.16
N ILE F 655 18.59 37.41 12.31
CA ILE F 655 17.25 37.37 11.73
C ILE F 655 16.19 36.96 12.74
N LYS F 656 16.59 36.44 13.90
CA LYS F 656 15.67 36.11 14.96
C LYS F 656 15.43 37.26 15.93
N ASN F 657 16.11 38.39 15.74
CA ASN F 657 15.92 39.54 16.60
C ASN F 657 14.52 40.11 16.42
N GLN F 658 13.85 40.41 17.53
CA GLN F 658 12.49 40.92 17.46
C GLN F 658 12.43 42.28 16.79
N GLN F 659 13.38 43.17 17.12
CA GLN F 659 13.38 44.51 16.54
C GLN F 659 13.61 44.45 15.03
N VAL F 660 14.51 43.57 14.58
CA VAL F 660 14.74 43.41 13.14
C VAL F 660 13.48 42.89 12.47
N LEU F 661 12.84 41.88 13.08
CA LEU F 661 11.64 41.30 12.49
C LEU F 661 10.51 42.31 12.39
N GLU F 662 10.33 43.13 13.43
CA GLU F 662 9.22 44.09 13.44
C GLU F 662 9.38 45.11 12.32
N TYR F 663 10.60 45.59 12.08
CA TYR F 663 10.83 46.54 11.00
C TYR F 663 10.51 45.92 9.65
N VAL F 664 10.89 44.65 9.45
CA VAL F 664 10.59 43.97 8.19
C VAL F 664 9.09 43.89 7.99
N LEU F 665 8.36 43.52 9.04
CA LEU F 665 6.91 43.45 8.96
C LEU F 665 6.30 44.81 8.67
N TYR F 666 6.79 45.86 9.33
CA TYR F 666 6.23 47.19 9.12
C TYR F 666 6.43 47.67 7.69
N LYS F 667 7.65 47.51 7.17
CA LYS F 667 7.94 48.01 5.83
C LYS F 667 7.22 47.19 4.77
N ALA F 668 7.18 45.86 4.93
CA ALA F 668 6.61 45.01 3.89
C ALA F 668 5.09 45.16 3.81
N ILE F 669 4.41 45.15 4.96
CA ILE F 669 2.96 45.22 4.95
C ILE F 669 2.48 46.60 4.49
N ASN F 670 3.26 47.65 4.77
CA ASN F 670 2.89 48.98 4.31
C ASN F 670 3.11 49.16 2.83
N LEU F 671 4.02 48.39 2.23
CA LEU F 671 4.25 48.47 0.79
C LEU F 671 2.98 48.07 0.04
N ASP F 672 2.60 48.89 -0.94
CA ASP F 672 1.39 48.69 -1.73
C ASP F 672 1.77 48.53 -3.20
N PHE F 673 1.34 47.44 -3.80
CA PHE F 673 1.58 47.20 -5.22
C PHE F 673 0.52 46.24 -5.73
N GLU F 674 0.24 46.33 -7.03
CA GLU F 674 -0.79 45.50 -7.65
C GLU F 674 -0.20 44.23 -8.28
N THR F 675 0.79 44.39 -9.14
CA THR F 675 1.41 43.29 -9.85
C THR F 675 2.90 43.24 -9.51
N PHE F 676 3.45 42.03 -9.43
CA PHE F 676 4.86 41.84 -9.13
C PHE F 676 5.72 42.58 -10.13
N ASP F 677 6.48 43.55 -9.63
CA ASP F 677 7.39 44.33 -10.48
C ASP F 677 8.57 43.44 -10.89
N ILE F 678 8.52 42.91 -12.10
CA ILE F 678 9.53 41.97 -12.58
C ILE F 678 10.82 42.72 -12.89
N PRO F 679 11.94 42.35 -12.26
CA PRO F 679 13.22 42.97 -12.61
C PRO F 679 13.70 42.53 -13.98
N ASP F 680 14.55 43.37 -14.58
CA ASP F 680 15.14 43.03 -15.88
C ASP F 680 16.02 41.80 -15.78
N ALA F 681 16.69 41.59 -14.65
CA ALA F 681 17.51 40.40 -14.48
C ALA F 681 16.67 39.14 -14.51
N SER F 682 15.49 39.18 -13.87
CA SER F 682 14.59 38.04 -13.93
C SER F 682 14.11 37.78 -15.36
N LYS F 683 13.79 38.85 -16.10
CA LYS F 683 13.35 38.68 -17.47
C LYS F 683 14.43 38.02 -18.32
N LYS F 684 15.67 38.47 -18.19
CA LYS F 684 16.77 37.88 -18.95
C LYS F 684 16.99 36.42 -18.53
N MET F 685 16.95 36.14 -17.23
CA MET F 685 17.13 34.77 -16.77
C MET F 685 15.89 33.92 -17.06
N LEU F 686 14.72 34.53 -17.08
CA LEU F 686 13.52 33.81 -17.51
C LEU F 686 13.62 33.39 -18.97
N GLU F 687 14.19 34.26 -19.82
CA GLU F 687 14.42 33.90 -21.21
C GLU F 687 15.39 32.73 -21.33
N VAL F 688 16.38 32.68 -20.43
CA VAL F 688 17.34 31.57 -20.43
C VAL F 688 16.61 30.26 -20.14
N PHE F 689 15.70 30.28 -19.16
CA PHE F 689 14.92 29.08 -18.86
C PHE F 689 14.04 28.68 -20.04
N LYS F 690 13.46 29.67 -20.73
CA LYS F 690 12.64 29.38 -21.90
C LYS F 690 13.46 28.70 -22.98
N GLU F 691 14.70 29.16 -23.20
CA GLU F 691 15.59 28.48 -24.13
C GLU F 691 15.88 27.06 -23.69
N ASP F 692 16.16 26.88 -22.39
CA ASP F 692 16.44 25.54 -21.87
C ASP F 692 15.20 24.66 -21.94
N ASN F 693 14.03 25.21 -21.60
CA ASN F 693 12.81 24.41 -21.57
C ASN F 693 12.39 23.97 -22.96
N ASP F 694 12.35 24.91 -23.91
CA ASP F 694 11.94 24.61 -25.27
C ASP F 694 13.15 24.68 -26.20
N PRO F 695 13.66 23.55 -26.68
CA PRO F 695 14.79 23.61 -27.63
C PRO F 695 14.46 24.37 -28.90
N VAL F 696 13.21 24.33 -29.35
CA VAL F 696 12.83 25.00 -30.59
C VAL F 696 13.01 26.51 -30.44
N TYR F 697 12.56 27.07 -29.32
CA TYR F 697 12.69 28.52 -29.12
C TYR F 697 14.16 28.93 -29.05
N GLY F 698 15.01 28.09 -28.44
CA GLY F 698 16.43 28.37 -28.45
C GLY F 698 17.01 28.39 -29.85
N PHE F 699 16.53 27.49 -30.71
CA PHE F 699 16.96 27.51 -32.10
C PHE F 699 16.53 28.80 -32.80
N LYS F 700 15.32 29.26 -32.51
CA LYS F 700 14.85 30.53 -33.08
C LYS F 700 15.71 31.69 -32.62
N VAL F 701 16.06 31.71 -31.32
CA VAL F 701 16.92 32.77 -30.80
C VAL F 701 18.31 32.67 -31.40
N ASN F 702 18.85 31.47 -31.50
CA ASN F 702 20.21 31.25 -31.96
C ASN F 702 20.33 31.18 -33.47
N MET F 703 19.26 31.48 -34.21
CA MET F 703 19.29 31.46 -35.67
C MET F 703 20.37 32.40 -36.21
N PHE F 704 20.20 33.70 -35.96
CA PHE F 704 21.15 34.72 -36.40
C PHE F 704 21.43 34.62 -37.89
N ASP F 705 20.37 34.38 -38.66
CA ASP F 705 20.47 34.24 -40.11
C ASP F 705 19.75 35.40 -40.79
N GLN F 706 20.27 35.79 -41.95
CA GLN F 706 19.71 36.89 -42.73
C GLN F 706 18.26 36.61 -43.13
N ARG F 710 15.16 30.20 -48.08
CA ARG F 710 15.42 29.88 -46.69
C ARG F 710 14.17 29.34 -45.99
N LYS F 711 13.05 30.07 -46.16
CA LYS F 711 11.79 29.59 -45.60
C LYS F 711 11.24 28.43 -46.43
N VAL F 712 11.40 28.50 -47.76
CA VAL F 712 10.90 27.43 -48.62
C VAL F 712 11.56 26.07 -48.34
N PRO F 713 12.89 25.95 -48.24
CA PRO F 713 13.46 24.64 -47.91
C PRO F 713 13.27 24.28 -46.45
N LYS F 714 12.37 23.33 -46.18
CA LYS F 714 12.12 22.92 -44.80
C LYS F 714 13.33 22.23 -44.20
N TYR F 715 14.03 21.42 -45.00
CA TYR F 715 15.20 20.71 -44.49
C TYR F 715 16.34 21.66 -44.13
N ILE F 716 16.53 22.73 -44.91
CA ILE F 716 17.56 23.71 -44.57
C ILE F 716 17.22 24.44 -43.27
N VAL F 717 15.99 24.92 -43.13
CA VAL F 717 15.61 25.61 -41.91
C VAL F 717 15.54 24.64 -40.74
N TYR F 718 15.35 23.35 -41.03
CA TYR F 718 15.42 22.34 -39.97
C TYR F 718 16.86 22.16 -39.49
N ALA F 719 17.74 21.71 -40.40
CA ALA F 719 19.17 21.53 -40.12
C ALA F 719 19.39 20.70 -38.87
N PHE F 720 18.48 19.76 -38.60
CA PHE F 720 18.48 18.96 -37.38
C PHE F 720 18.48 19.85 -36.13
N TYR F 721 17.90 21.04 -36.26
CA TYR F 721 17.87 22.04 -35.19
C TYR F 721 19.29 22.32 -34.67
N LYS F 722 20.19 22.64 -35.60
CA LYS F 722 21.58 22.97 -35.28
C LYS F 722 22.25 21.86 -34.48
N GLU F 723 22.00 20.62 -34.90
CA GLU F 723 22.51 19.44 -34.21
C GLU F 723 22.05 19.42 -32.75
N TYR F 724 20.73 19.33 -32.56
CA TYR F 724 20.08 19.37 -31.25
C TYR F 724 20.32 20.69 -30.53
N CYS F 725 20.58 21.77 -31.28
CA CYS F 725 20.93 23.07 -30.71
C CYS F 725 22.15 22.99 -29.81
N ASP F 726 22.99 21.98 -30.05
CA ASP F 726 24.19 21.73 -29.24
C ASP F 726 23.84 21.64 -27.76
N GLU F 727 22.75 20.94 -27.46
CA GLU F 727 22.32 20.75 -26.08
C GLU F 727 22.03 19.30 -25.72
N ASN F 728 22.16 18.37 -26.67
CA ASN F 728 21.90 16.95 -26.44
C ASN F 728 20.47 16.71 -25.96
N GLY F 729 19.52 17.46 -26.54
CA GLY F 729 18.12 17.27 -26.25
C GLY F 729 17.37 16.78 -27.47
N TYR F 730 16.65 15.66 -27.33
CA TYR F 730 15.99 15.04 -28.48
C TYR F 730 14.99 15.97 -29.12
N ASN F 731 14.95 15.96 -30.46
CA ASN F 731 14.07 16.82 -31.24
C ASN F 731 13.31 15.97 -32.24
N ALA F 732 11.99 16.18 -32.32
CA ALA F 732 11.18 15.46 -33.28
C ALA F 732 11.38 16.04 -34.68
N LEU F 733 10.92 15.29 -35.68
CA LEU F 733 11.08 15.67 -37.08
C LEU F 733 9.76 16.18 -37.63
N SER F 734 9.75 17.45 -38.04
CA SER F 734 8.61 18.08 -38.72
C SER F 734 7.40 18.24 -37.81
N SER F 735 7.48 17.73 -36.58
CA SER F 735 6.42 18.01 -35.61
C SER F 735 6.72 19.28 -34.84
N ASN F 736 7.98 19.46 -34.43
CA ASN F 736 8.41 20.72 -33.84
C ASN F 736 8.42 21.83 -34.88
N LYS F 737 8.51 21.46 -36.16
CA LYS F 737 8.39 22.45 -37.24
C LYS F 737 7.04 23.14 -37.18
N PHE F 738 5.97 22.38 -36.97
CA PHE F 738 4.67 22.99 -36.70
C PHE F 738 4.70 23.81 -35.43
N TYR F 739 5.39 23.32 -34.40
CA TYR F 739 5.55 24.07 -33.17
C TYR F 739 6.45 25.29 -33.37
N LYS F 740 7.39 25.23 -34.31
CA LYS F 740 8.29 26.35 -34.55
C LYS F 740 7.55 27.55 -35.12
N GLN F 741 6.73 27.32 -36.15
CA GLN F 741 5.97 28.43 -36.72
C GLN F 741 4.92 28.96 -35.75
N PHE F 742 4.50 28.13 -34.79
CA PHE F 742 3.66 28.62 -33.71
C PHE F 742 4.39 29.66 -32.87
N GLU F 743 5.67 29.42 -32.57
CA GLU F 743 6.46 30.39 -31.85
C GLU F 743 6.65 31.67 -32.66
N HIS F 744 6.89 31.53 -33.96
CA HIS F 744 7.07 32.68 -34.85
C HIS F 744 6.63 32.34 -36.26
N GLU F 747 6.16 36.75 -38.10
CA GLU F 747 6.13 37.87 -39.03
C GLU F 747 6.22 37.39 -40.48
N ASN F 748 7.34 36.76 -40.82
CA ASN F 748 7.50 36.21 -42.17
C ASN F 748 6.61 35.00 -42.38
N TYR F 749 6.35 34.23 -41.33
CA TYR F 749 5.49 33.03 -41.38
C TYR F 749 6.12 32.04 -42.36
N TRP F 750 5.35 31.41 -43.23
CA TRP F 750 5.85 30.35 -44.11
C TRP F 750 5.60 30.73 -45.56
N LYS F 751 6.63 30.60 -46.39
CA LYS F 751 6.55 30.86 -47.82
C LYS F 751 7.01 29.62 -48.57
N THR F 752 6.27 29.25 -49.61
CA THR F 752 6.53 28.04 -50.38
C THR F 752 7.10 28.42 -51.74
N ASP F 753 8.35 28.04 -52.00
CA ASP F 753 9.00 28.23 -53.28
C ASP F 753 9.64 26.92 -53.71
N ALA F 754 9.36 26.50 -54.95
CA ALA F 754 9.91 25.24 -55.44
C ALA F 754 11.41 25.34 -55.71
N GLN F 755 11.88 26.52 -56.14
CA GLN F 755 13.29 26.68 -56.48
C GLN F 755 14.17 26.54 -55.25
N ARG F 756 13.84 27.27 -54.17
CA ARG F 756 14.64 27.19 -52.96
C ARG F 756 14.54 25.82 -52.31
N ARG F 757 13.36 25.23 -52.30
CA ARG F 757 13.16 23.91 -51.70
C ARG F 757 13.47 22.80 -52.70
N ASN F 760 16.81 18.64 -51.76
CA ASN F 760 17.79 18.13 -50.82
C ASN F 760 19.21 18.32 -51.36
N GLU F 761 19.71 19.55 -51.27
CA GLU F 761 21.06 19.83 -51.74
C GLU F 761 22.11 19.08 -50.93
N GLU F 762 21.95 19.05 -49.61
CA GLU F 762 22.90 18.40 -48.72
C GLU F 762 22.13 17.69 -47.61
N LEU F 763 22.60 16.49 -47.25
CA LEU F 763 21.96 15.74 -46.17
C LEU F 763 22.07 16.49 -44.84
N ALA F 764 23.24 17.06 -44.56
CA ALA F 764 23.49 17.82 -43.34
C ALA F 764 23.17 17.01 -42.09
N ARG F 766 28.58 17.38 -37.38
CA ARG F 766 27.94 16.84 -38.58
C ARG F 766 28.02 17.83 -39.73
N ILE F 767 27.44 19.01 -39.54
CA ILE F 767 27.42 20.07 -40.55
C ILE F 767 27.98 21.33 -39.92
N TYR F 768 28.89 22.00 -40.64
CA TYR F 768 29.50 23.23 -40.19
C TYR F 768 29.04 24.46 -40.96
N ASN F 769 28.08 24.30 -41.86
CA ASN F 769 27.55 25.43 -42.64
C ASN F 769 26.58 26.20 -41.76
N PHE F 770 27.15 27.06 -40.90
CA PHE F 770 26.33 27.85 -39.97
C PHE F 770 25.41 28.80 -40.73
N ASN F 771 25.94 29.49 -41.73
CA ASN F 771 25.15 30.43 -42.53
C ASN F 771 25.46 30.21 -44.00
N ASP F 772 24.41 30.05 -44.80
CA ASP F 772 24.56 29.85 -46.24
C ASP F 772 24.59 31.21 -46.95
N ASN F 773 24.50 31.18 -48.27
CA ASN F 773 24.50 32.41 -49.06
C ASN F 773 23.23 33.22 -48.82
#